data_5GQC
#
_entry.id   5GQC
#
_cell.length_a   128.317
_cell.length_b   142.716
_cell.length_c   157.008
_cell.angle_alpha   90.00
_cell.angle_beta   114.04
_cell.angle_gamma   90.00
#
_symmetry.space_group_name_H-M   'P 1 21 1'
#
loop_
_entity.id
_entity.type
_entity.pdbx_description
1 polymer Lacto-N-biosidase
2 non-polymer 'SODIUM ION'
3 non-polymer 'CALCIUM ION'
4 water water
#
_entity_poly.entity_id   1
_entity_poly.type   'polypeptide(L)'
_entity_poly.pdbx_seq_one_letter_code
;MQSATQGKETATTTSSGTTYYVSSAHGDDANAGTSENAPWKSLTKVNDIASDLGPGDSVLLEYGSEFNDQYLHIKDTAGN
ADAPITISAYGDADEGKPVIASNGVKGSQWEQDYRANVGNHKNKGTVSTTLLLKDVSYITVSNLEITNDDADVYDPIDTW
KWTDTPDSDGTKLDRSASRMDRTGVAGIAENGATMSNVTLDNLYIHDVDGNIYNKHMANGGIYFMAHYPMENTSAETDVW
LREHVSRFDHVTIRNSTVKDVDRWGIAVGYTAYLNYIDANYGDGSIDDALIAKYGSTNVRIENNYVKGAGGDAITLMYCD
RPVIEHNVGDSVSKHINTQDYTQPGSYGGRVAAGIWPWRCKDPVFQYNEMYNNLNAEHGNGDGQAWDADYGDGTLYQYNY
SYGNSFASLMICNWYAVNTTFRYNISQNDRQGVFDLPSNGPGNHIYNNTVYVDADSQVLTKRSNSQSLFENNIFINATNT
KKTETWNRGSQNGGQTYDNNMYVNYANKPTSDANAIEADDVSAVLAGAGSAPTSALKSGAEHARTGEKAAFDGYRPVAGS
KAINAGKVVSDLNDYAVENDFLGNAVKGRPDLGAVEAALEHHHHHH
;
_entity_poly.pdbx_strand_id   A,B,C,D,E,F,G,H
#
# COMPACT_ATOMS: atom_id res chain seq x y z
N GLY A 17 -51.29 6.63 -13.44
CA GLY A 17 -50.64 6.92 -12.11
C GLY A 17 -49.87 5.78 -11.43
N THR A 18 -49.07 5.04 -12.22
CA THR A 18 -48.15 3.96 -11.75
C THR A 18 -47.02 4.57 -10.92
N THR A 19 -46.35 3.75 -10.12
CA THR A 19 -45.36 4.23 -9.12
C THR A 19 -44.43 3.11 -8.67
N TYR A 20 -43.17 3.17 -9.09
CA TYR A 20 -42.20 2.10 -8.86
C TYR A 20 -41.42 2.40 -7.56
N TYR A 21 -40.83 1.36 -6.97
CA TYR A 21 -40.06 1.48 -5.73
C TYR A 21 -38.76 0.71 -5.88
N VAL A 22 -37.63 1.39 -5.58
CA VAL A 22 -36.33 0.72 -5.62
C VAL A 22 -35.60 0.89 -4.29
N SER A 23 -35.21 -0.25 -3.71
CA SER A 23 -34.63 -0.28 -2.40
C SER A 23 -33.14 -0.61 -2.46
N SER A 24 -32.79 -1.86 -2.67
CA SER A 24 -31.44 -2.36 -2.35
C SER A 24 -31.37 -2.40 -0.84
N ALA A 25 -30.70 -3.40 -0.30
CA ALA A 25 -30.78 -3.75 1.14
C ALA A 25 -32.04 -4.56 1.44
N HIS A 26 -33.23 -4.01 1.15
CA HIS A 26 -34.54 -4.76 1.24
C HIS A 26 -35.06 -5.30 -0.08
N GLY A 27 -34.54 -4.81 -1.19
CA GLY A 27 -35.14 -5.09 -2.49
C GLY A 27 -34.85 -6.44 -3.08
N ASP A 28 -35.42 -6.65 -4.25
CA ASP A 28 -35.24 -7.87 -5.02
C ASP A 28 -35.80 -7.54 -6.42
N ASP A 29 -34.96 -7.77 -7.42
CA ASP A 29 -35.30 -7.46 -8.82
C ASP A 29 -36.29 -8.42 -9.47
N ALA A 30 -36.47 -9.61 -8.90
CA ALA A 30 -37.52 -10.54 -9.33
C ALA A 30 -38.94 -10.01 -9.03
N ASN A 31 -39.06 -9.03 -8.11
CA ASN A 31 -40.35 -8.48 -7.68
C ASN A 31 -41.05 -7.66 -8.76
N ALA A 32 -42.33 -7.42 -8.50
CA ALA A 32 -43.21 -6.68 -9.38
C ALA A 32 -42.77 -5.24 -9.53
N GLY A 33 -42.16 -4.71 -8.48
CA GLY A 33 -41.58 -3.33 -8.49
C GLY A 33 -42.54 -2.21 -8.11
N THR A 34 -43.83 -2.46 -8.35
CA THR A 34 -44.92 -1.62 -7.90
C THR A 34 -45.15 -1.87 -6.41
N SER A 35 -45.80 -0.93 -5.72
CA SER A 35 -46.04 -1.00 -4.26
C SER A 35 -44.78 -1.09 -3.34
N GLU A 36 -44.90 -0.49 -2.16
CA GLU A 36 -43.82 -0.39 -1.16
C GLU A 36 -43.31 -1.74 -0.62
N ASN A 37 -44.23 -2.72 -0.57
CA ASN A 37 -43.91 -4.11 -0.19
C ASN A 37 -42.91 -4.83 -1.07
N ALA A 38 -43.00 -4.58 -2.39
CA ALA A 38 -42.27 -5.33 -3.42
C ALA A 38 -41.30 -4.44 -4.24
N PRO A 39 -40.25 -3.89 -3.57
CA PRO A 39 -39.39 -2.96 -4.28
C PRO A 39 -38.36 -3.69 -5.11
N TRP A 40 -37.98 -3.06 -6.23
CA TRP A 40 -36.82 -3.50 -7.00
C TRP A 40 -35.51 -3.31 -6.22
N LYS A 41 -34.51 -4.08 -6.60
CA LYS A 41 -33.19 -4.06 -5.94
C LYS A 41 -32.26 -3.01 -6.60
N SER A 42 -32.36 -2.90 -7.92
CA SER A 42 -31.44 -2.12 -8.72
C SER A 42 -32.15 -1.17 -9.67
N LEU A 43 -31.36 -0.26 -10.23
CA LEU A 43 -31.81 0.73 -11.18
C LEU A 43 -31.74 0.25 -12.62
N THR A 44 -31.11 -0.91 -12.85
CA THR A 44 -31.20 -1.61 -14.14
C THR A 44 -32.64 -1.76 -14.60
N LYS A 45 -33.51 -2.07 -13.65
CA LYS A 45 -34.92 -2.28 -13.92
C LYS A 45 -35.60 -0.99 -14.28
N VAL A 46 -35.30 0.08 -13.54
CA VAL A 46 -35.89 1.39 -13.85
C VAL A 46 -35.58 1.79 -15.30
N ASN A 47 -34.35 1.51 -15.75
CA ASN A 47 -33.88 1.88 -17.10
C ASN A 47 -34.61 1.15 -18.24
N ASP A 48 -34.94 -0.12 -18.02
CA ASP A 48 -35.74 -0.92 -18.98
C ASP A 48 -37.14 -0.31 -19.24
N ILE A 49 -37.79 0.22 -18.18
CA ILE A 49 -39.12 0.90 -18.26
C ILE A 49 -39.04 2.41 -18.54
N ALA A 50 -37.90 3.02 -18.21
CA ALA A 50 -37.70 4.51 -18.20
C ALA A 50 -38.21 5.31 -19.43
N SER A 51 -38.18 4.70 -20.61
CA SER A 51 -38.56 5.40 -21.83
C SER A 51 -40.06 5.44 -22.03
N ASP A 52 -40.79 4.59 -21.31
CA ASP A 52 -42.25 4.54 -21.44
C ASP A 52 -43.00 5.43 -20.42
N LEU A 53 -42.35 5.74 -19.29
CA LEU A 53 -42.85 6.73 -18.31
C LEU A 53 -43.16 8.01 -19.06
N GLY A 54 -44.31 8.67 -18.94
CA GLY A 54 -45.46 8.30 -18.15
C GLY A 54 -46.00 9.48 -17.36
N PRO A 55 -46.97 10.24 -17.91
CA PRO A 55 -47.58 11.31 -17.11
C PRO A 55 -48.29 10.80 -15.86
N GLY A 56 -47.90 11.34 -14.71
CA GLY A 56 -48.38 10.91 -13.40
C GLY A 56 -47.58 9.76 -12.84
N ASP A 57 -46.58 9.29 -13.59
CA ASP A 57 -45.76 8.17 -13.14
C ASP A 57 -44.62 8.67 -12.26
N SER A 58 -44.09 7.77 -11.46
CA SER A 58 -43.04 8.09 -10.50
C SER A 58 -42.11 6.90 -10.23
N VAL A 59 -40.95 7.19 -9.67
CA VAL A 59 -39.97 6.19 -9.33
C VAL A 59 -39.33 6.66 -8.03
N LEU A 60 -39.66 5.99 -6.93
CA LEU A 60 -39.17 6.42 -5.63
C LEU A 60 -38.05 5.49 -5.16
N LEU A 61 -36.93 6.10 -4.83
CA LEU A 61 -35.76 5.40 -4.33
C LEU A 61 -35.82 5.43 -2.81
N GLU A 62 -35.31 4.40 -2.15
CA GLU A 62 -35.44 4.36 -0.71
C GLU A 62 -34.30 5.12 -0.02
N TYR A 63 -34.66 6.15 0.76
CA TYR A 63 -33.74 6.77 1.72
C TYR A 63 -32.93 5.67 2.39
N GLY A 64 -31.61 5.84 2.43
CA GLY A 64 -30.71 4.81 2.88
C GLY A 64 -30.07 4.01 1.77
N SER A 65 -30.77 3.85 0.64
CA SER A 65 -30.24 3.08 -0.51
C SER A 65 -28.90 3.60 -1.05
N GLU A 66 -28.10 2.66 -1.56
CA GLU A 66 -26.85 2.97 -2.23
C GLU A 66 -26.75 2.10 -3.48
N PHE A 67 -26.99 2.74 -4.63
CA PHE A 67 -26.90 2.14 -5.95
C PHE A 67 -25.52 2.34 -6.55
N ASN A 68 -24.57 1.54 -6.09
CA ASN A 68 -23.23 1.55 -6.57
C ASN A 68 -23.12 0.95 -7.95
N ASP A 69 -22.25 1.54 -8.76
CA ASP A 69 -22.06 1.20 -10.18
C ASP A 69 -23.37 1.27 -10.99
N GLN A 70 -24.26 2.18 -10.64
CA GLN A 70 -25.56 2.29 -11.31
C GLN A 70 -25.80 3.70 -11.80
N TYR A 71 -26.91 3.89 -12.50
CA TYR A 71 -27.24 5.13 -13.17
C TYR A 71 -28.67 5.02 -13.66
N LEU A 72 -29.26 6.17 -13.92
CA LEU A 72 -30.66 6.30 -14.33
C LEU A 72 -30.74 7.19 -15.55
N HIS A 73 -30.72 6.60 -16.75
CA HIS A 73 -30.93 7.38 -17.98
C HIS A 73 -32.40 7.34 -18.35
N ILE A 74 -32.88 8.44 -18.90
CA ILE A 74 -34.27 8.58 -19.34
C ILE A 74 -34.21 9.33 -20.65
N LYS A 75 -34.68 8.69 -21.72
CA LYS A 75 -34.58 9.21 -23.08
C LYS A 75 -35.96 9.32 -23.76
N ASP A 76 -36.17 10.42 -24.48
CA ASP A 76 -37.26 10.63 -25.46
C ASP A 76 -38.69 10.41 -24.95
N THR A 77 -39.04 11.03 -23.84
CA THR A 77 -40.40 10.91 -23.23
C THR A 77 -40.86 12.16 -22.40
N ALA A 78 -42.02 12.08 -21.75
CA ALA A 78 -42.63 13.25 -21.05
C ALA A 78 -43.84 13.00 -20.09
N GLY A 79 -44.12 14.05 -19.31
CA GLY A 79 -45.37 14.26 -18.57
C GLY A 79 -46.24 15.15 -19.44
N ASN A 80 -47.16 15.93 -18.86
CA ASN A 80 -48.13 16.74 -19.72
C ASN A 80 -48.52 18.19 -19.28
N ALA A 81 -48.40 18.44 -17.96
CA ALA A 81 -48.67 19.68 -17.21
C ALA A 81 -49.64 19.43 -16.09
N ASP A 82 -50.36 18.31 -16.13
CA ASP A 82 -51.25 17.91 -15.04
C ASP A 82 -50.62 16.83 -14.19
N ALA A 83 -49.58 16.22 -14.74
CA ALA A 83 -48.95 15.08 -14.13
C ALA A 83 -47.56 14.90 -14.76
N PRO A 84 -46.52 15.34 -14.03
CA PRO A 84 -45.19 15.13 -14.52
C PRO A 84 -44.64 13.79 -14.08
N ILE A 85 -43.56 13.39 -14.71
CA ILE A 85 -42.79 12.24 -14.22
C ILE A 85 -42.06 12.69 -12.95
N THR A 86 -41.98 11.86 -11.92
CA THR A 86 -41.25 12.27 -10.71
C THR A 86 -39.77 11.85 -10.68
N ILE A 87 -39.47 10.65 -10.23
CA ILE A 87 -38.11 10.31 -9.73
C ILE A 87 -37.82 11.07 -8.42
N SER A 88 -38.05 10.40 -7.29
CA SER A 88 -37.73 10.96 -5.97
C SER A 88 -37.40 9.85 -4.96
N ALA A 89 -37.58 10.16 -3.67
CA ALA A 89 -37.26 9.23 -2.59
C ALA A 89 -38.53 8.69 -1.91
N TYR A 90 -38.36 7.66 -1.08
CA TYR A 90 -39.42 7.18 -0.16
C TYR A 90 -38.84 6.62 1.14
N GLY A 91 -39.70 6.55 2.15
CA GLY A 91 -39.36 6.06 3.49
C GLY A 91 -38.95 7.14 4.49
N ASP A 92 -37.96 6.83 5.31
CA ASP A 92 -37.59 7.68 6.43
C ASP A 92 -36.55 8.71 6.00
N ALA A 93 -36.98 9.97 5.80
CA ALA A 93 -36.06 11.11 5.62
C ALA A 93 -34.72 10.90 6.32
N ASP A 94 -34.78 10.65 7.63
CA ASP A 94 -33.62 10.53 8.53
C ASP A 94 -32.55 9.48 8.19
N GLU A 95 -32.90 8.48 7.37
CA GLU A 95 -31.91 7.51 6.81
C GLU A 95 -30.94 8.11 5.76
N GLY A 96 -31.17 9.35 5.33
CA GLY A 96 -30.28 10.05 4.39
C GLY A 96 -30.67 9.77 2.93
N LYS A 97 -30.48 10.75 2.06
CA LYS A 97 -30.97 10.69 0.66
C LYS A 97 -30.36 9.51 -0.08
N PRO A 98 -31.16 8.89 -0.96
CA PRO A 98 -30.64 7.75 -1.70
C PRO A 98 -29.51 8.15 -2.67
N VAL A 99 -28.43 7.37 -2.70
CA VAL A 99 -27.25 7.62 -3.54
C VAL A 99 -27.38 6.83 -4.85
N ILE A 100 -27.24 7.53 -5.97
CA ILE A 100 -26.96 6.92 -7.26
C ILE A 100 -25.50 7.24 -7.55
N ALA A 101 -24.67 6.21 -7.65
CA ALA A 101 -23.22 6.36 -7.89
C ALA A 101 -22.80 5.54 -9.08
N SER A 102 -22.46 6.19 -10.20
CA SER A 102 -22.11 5.48 -11.46
C SER A 102 -20.64 5.05 -11.56
N ASN A 103 -19.82 5.61 -10.69
CA ASN A 103 -18.38 5.38 -10.67
C ASN A 103 -17.70 5.30 -12.03
N GLY A 104 -18.17 6.10 -12.97
CA GLY A 104 -17.70 6.04 -14.36
C GLY A 104 -18.03 4.81 -15.22
N VAL A 105 -18.82 3.85 -14.72
CA VAL A 105 -19.03 2.56 -15.45
C VAL A 105 -19.52 2.64 -16.90
N LYS A 106 -19.21 1.58 -17.65
CA LYS A 106 -19.54 1.47 -19.08
C LYS A 106 -20.97 1.80 -19.41
N GLY A 107 -21.91 1.35 -18.60
CA GLY A 107 -23.33 1.65 -18.85
C GLY A 107 -23.77 3.11 -18.85
N SER A 108 -23.13 3.90 -17.99
CA SER A 108 -23.41 5.32 -17.87
C SER A 108 -22.87 6.15 -19.04
N GLN A 109 -22.12 5.51 -19.95
CA GLN A 109 -21.38 6.21 -21.01
C GLN A 109 -22.19 6.32 -22.32
N TRP A 110 -22.23 7.52 -22.92
CA TRP A 110 -22.99 7.76 -24.17
C TRP A 110 -22.20 8.64 -25.14
N GLU A 111 -22.42 8.53 -26.45
CA GLU A 111 -21.76 9.42 -27.43
C GLU A 111 -22.55 10.80 -27.58
N GLN A 112 -21.84 11.88 -27.19
CA GLN A 112 -22.34 13.25 -27.24
C GLN A 112 -21.82 13.88 -28.51
N ASP A 113 -22.66 14.63 -29.19
CA ASP A 113 -22.27 15.23 -30.44
C ASP A 113 -23.17 16.43 -30.76
N TYR A 114 -22.64 17.64 -30.62
CA TYR A 114 -23.37 18.88 -30.99
C TYR A 114 -23.76 18.96 -32.48
N ARG A 115 -23.04 18.22 -33.34
CA ARG A 115 -23.26 18.15 -34.80
C ARG A 115 -23.06 19.47 -35.56
N ALA A 116 -22.10 20.25 -35.01
CA ALA A 116 -21.77 21.61 -35.43
C ALA A 116 -20.59 22.15 -34.66
N ASN A 117 -19.87 23.08 -35.27
CA ASN A 117 -18.80 23.74 -34.59
C ASN A 117 -19.43 24.60 -33.49
N VAL A 118 -19.03 24.38 -32.26
CA VAL A 118 -19.44 25.26 -31.17
C VAL A 118 -18.25 26.01 -30.54
N GLY A 119 -17.39 26.53 -31.41
CA GLY A 119 -16.25 27.31 -31.04
C GLY A 119 -15.05 26.43 -30.73
N ASN A 120 -14.02 27.04 -30.15
CA ASN A 120 -12.75 26.36 -29.95
C ASN A 120 -12.84 25.36 -28.77
N HIS A 121 -13.50 24.23 -29.01
CA HIS A 121 -13.85 23.31 -27.90
C HIS A 121 -14.16 21.91 -28.39
N LYS A 122 -13.83 20.94 -27.54
CA LYS A 122 -14.38 19.58 -27.65
C LYS A 122 -15.92 19.62 -27.71
N ASN A 123 -16.45 19.15 -28.85
CA ASN A 123 -17.88 19.26 -29.19
C ASN A 123 -18.54 17.91 -29.41
N LYS A 124 -17.86 16.84 -28.99
CA LYS A 124 -18.07 15.50 -29.53
C LYS A 124 -17.28 14.50 -28.68
N GLY A 125 -17.89 13.38 -28.30
CA GLY A 125 -17.15 12.32 -27.57
C GLY A 125 -17.91 11.48 -26.53
N THR A 126 -17.15 10.67 -25.79
CA THR A 126 -17.71 9.80 -24.76
C THR A 126 -17.97 10.65 -23.50
N VAL A 127 -19.10 10.37 -22.84
CA VAL A 127 -19.48 11.03 -21.60
C VAL A 127 -20.10 10.03 -20.61
N SER A 128 -19.63 10.00 -19.37
CA SER A 128 -20.35 9.25 -18.33
C SER A 128 -21.27 10.25 -17.70
N THR A 129 -22.54 9.88 -17.56
CA THR A 129 -23.56 10.65 -16.87
C THR A 129 -24.34 9.72 -15.91
N THR A 130 -24.47 10.13 -14.64
CA THR A 130 -25.14 9.35 -13.64
C THR A 130 -26.68 9.44 -13.81
N LEU A 131 -27.20 10.62 -14.08
CA LEU A 131 -28.62 10.86 -14.31
C LEU A 131 -28.78 11.66 -15.60
N LEU A 132 -29.14 10.97 -16.69
CA LEU A 132 -29.22 11.58 -18.01
C LEU A 132 -30.69 11.79 -18.37
N LEU A 133 -31.02 13.00 -18.79
CA LEU A 133 -32.38 13.34 -19.22
C LEU A 133 -32.33 13.81 -20.67
N LYS A 134 -32.48 12.89 -21.59
CA LYS A 134 -32.41 13.27 -22.99
C LYS A 134 -33.82 13.43 -23.53
N ASP A 135 -34.21 14.68 -23.75
CA ASP A 135 -35.50 15.05 -24.36
C ASP A 135 -36.62 14.40 -23.59
N VAL A 136 -36.66 14.79 -22.32
CA VAL A 136 -37.66 14.38 -21.37
C VAL A 136 -38.21 15.72 -20.91
N SER A 137 -39.51 15.91 -21.01
CA SER A 137 -40.18 17.15 -20.58
C SER A 137 -41.14 16.82 -19.46
N TYR A 138 -41.56 17.83 -18.72
CA TYR A 138 -42.47 17.66 -17.59
C TYR A 138 -41.98 16.48 -16.74
N ILE A 139 -40.80 16.67 -16.17
CA ILE A 139 -40.21 15.73 -15.23
C ILE A 139 -39.68 16.57 -14.08
N THR A 140 -39.57 15.93 -12.93
CA THR A 140 -39.14 16.62 -11.75
C THR A 140 -38.30 15.64 -10.97
N VAL A 141 -37.03 15.94 -10.75
CA VAL A 141 -36.20 15.08 -9.95
C VAL A 141 -35.92 15.79 -8.62
N SER A 142 -36.00 15.02 -7.54
CA SER A 142 -35.87 15.56 -6.21
C SER A 142 -35.28 14.57 -5.18
N ASN A 143 -34.71 15.14 -4.13
CA ASN A 143 -34.22 14.44 -2.97
C ASN A 143 -33.24 13.31 -3.21
N LEU A 144 -32.44 13.42 -4.26
CA LEU A 144 -31.44 12.40 -4.59
C LEU A 144 -30.05 12.91 -4.28
N GLU A 145 -29.10 11.99 -4.34
CA GLU A 145 -27.68 12.25 -4.13
C GLU A 145 -26.88 11.54 -5.22
N ILE A 146 -26.11 12.31 -6.00
CA ILE A 146 -25.52 11.86 -7.26
C ILE A 146 -23.98 12.05 -7.23
N THR A 147 -23.28 10.98 -7.52
CA THR A 147 -21.84 11.01 -7.65
C THR A 147 -21.43 10.48 -9.02
N ASN A 148 -20.24 10.86 -9.43
CA ASN A 148 -19.62 10.17 -10.53
C ASN A 148 -18.15 10.00 -10.25
N ASP A 149 -17.87 9.30 -9.16
CA ASP A 149 -16.55 9.25 -8.59
C ASP A 149 -15.58 8.35 -9.35
N ASP A 150 -14.31 8.73 -9.31
CA ASP A 150 -13.15 7.90 -9.68
C ASP A 150 -12.21 7.83 -8.46
N ALA A 151 -12.04 6.65 -7.91
CA ALA A 151 -11.18 6.41 -6.75
C ALA A 151 -9.74 6.83 -6.94
N ASP A 152 -9.30 6.90 -8.19
CA ASP A 152 -7.99 7.45 -8.54
C ASP A 152 -7.90 8.97 -8.32
N VAL A 153 -9.05 9.65 -8.26
CA VAL A 153 -9.11 11.10 -8.12
C VAL A 153 -9.72 11.52 -6.78
N TYR A 154 -9.02 12.41 -6.08
CA TYR A 154 -9.44 12.87 -4.78
C TYR A 154 -8.70 14.19 -4.51
N ASP A 155 -9.45 15.27 -4.36
CA ASP A 155 -8.84 16.57 -4.05
C ASP A 155 -9.96 17.39 -3.45
N PRO A 156 -10.31 17.12 -2.19
CA PRO A 156 -11.54 17.67 -1.65
C PRO A 156 -11.38 19.15 -1.31
N ILE A 157 -12.47 19.91 -1.49
CA ILE A 157 -12.45 21.36 -1.32
C ILE A 157 -12.37 21.74 0.16
N ASP A 158 -12.96 20.92 1.00
CA ASP A 158 -12.98 21.20 2.41
C ASP A 158 -11.58 21.33 3.02
N THR A 159 -10.60 20.59 2.50
CA THR A 159 -9.19 20.66 2.94
C THR A 159 -8.18 21.14 1.85
N TRP A 160 -8.67 21.80 0.81
CA TRP A 160 -7.79 22.25 -0.28
C TRP A 160 -6.97 23.47 0.13
N LYS A 161 -5.68 23.37 -0.10
CA LYS A 161 -4.76 24.47 0.04
C LYS A 161 -3.76 24.39 -1.08
N TRP A 162 -3.20 25.54 -1.38
CA TRP A 162 -2.15 25.65 -2.34
C TRP A 162 -0.86 25.23 -1.62
N THR A 163 -0.16 24.24 -2.20
CA THR A 163 1.19 23.83 -1.74
C THR A 163 2.25 24.01 -2.83
N ASP A 164 3.49 24.09 -2.37
CA ASP A 164 4.63 24.17 -3.26
C ASP A 164 4.80 22.93 -4.16
N THR A 165 4.26 21.78 -3.76
CA THR A 165 4.31 20.58 -4.58
C THR A 165 2.89 20.09 -4.96
N PRO A 166 2.68 19.73 -6.24
CA PRO A 166 1.34 19.31 -6.66
C PRO A 166 0.93 18.03 -6.00
N ASP A 167 -0.38 17.87 -5.78
CA ASP A 167 -0.93 16.73 -5.07
C ASP A 167 -0.13 16.41 -3.80
N SER A 168 0.25 17.43 -3.05
CA SER A 168 0.97 17.23 -1.79
C SER A 168 0.04 16.74 -0.70
N ASP A 169 -1.24 17.12 -0.78
CA ASP A 169 -2.08 17.14 0.43
C ASP A 169 -2.65 15.74 0.78
N GLY A 170 -1.96 14.68 0.38
CA GLY A 170 -2.57 13.35 0.22
C GLY A 170 -3.64 13.31 -0.91
N THR A 171 -3.46 14.12 -1.95
CA THR A 171 -4.48 14.31 -2.98
C THR A 171 -3.92 13.79 -4.31
N LYS A 172 -4.79 13.65 -5.31
CA LYS A 172 -4.43 12.99 -6.56
C LYS A 172 -5.39 13.38 -7.68
N LEU A 173 -4.83 13.82 -8.80
CA LEU A 173 -5.67 14.22 -9.95
C LEU A 173 -5.28 13.58 -11.26
N ASP A 174 -6.23 13.48 -12.16
CA ASP A 174 -5.93 13.03 -13.51
C ASP A 174 -5.90 14.25 -14.40
N ARG A 175 -4.69 14.68 -14.72
CA ARG A 175 -4.47 15.86 -15.54
C ARG A 175 -4.50 15.62 -17.07
N SER A 176 -4.88 14.43 -17.52
CA SER A 176 -5.06 14.16 -18.94
C SER A 176 -6.18 15.03 -19.60
N ALA A 177 -5.77 15.77 -20.66
CA ALA A 177 -6.66 16.40 -21.62
C ALA A 177 -7.75 15.50 -22.18
N SER A 178 -7.46 14.23 -22.36
CA SER A 178 -8.42 13.25 -22.95
C SER A 178 -9.22 12.49 -21.91
N ARG A 179 -8.98 12.77 -20.62
CA ARG A 179 -9.85 12.27 -19.57
C ARG A 179 -11.33 12.26 -20.02
N MET A 180 -12.03 11.18 -19.71
CA MET A 180 -13.41 11.06 -20.05
C MET A 180 -14.24 12.14 -19.28
N ASP A 181 -15.10 12.78 -20.05
CA ASP A 181 -16.03 13.77 -19.54
C ASP A 181 -17.02 13.03 -18.67
N ARG A 182 -17.28 13.60 -17.51
CA ARG A 182 -18.32 13.07 -16.60
C ARG A 182 -19.29 14.14 -16.13
N THR A 183 -20.56 13.80 -16.05
CA THR A 183 -21.59 14.65 -15.44
C THR A 183 -22.32 13.95 -14.31
N GLY A 184 -22.88 14.78 -13.45
CA GLY A 184 -23.78 14.33 -12.38
C GLY A 184 -25.15 14.17 -12.97
N VAL A 185 -25.67 15.28 -13.50
CA VAL A 185 -26.89 15.34 -14.23
C VAL A 185 -26.68 16.06 -15.55
N ALA A 186 -27.15 15.46 -16.64
CA ALA A 186 -27.21 16.16 -17.90
C ALA A 186 -28.62 16.15 -18.41
N GLY A 187 -29.15 17.32 -18.79
CA GLY A 187 -30.31 17.46 -19.66
C GLY A 187 -29.91 17.83 -21.11
N ILE A 188 -30.37 17.04 -22.08
CA ILE A 188 -29.90 17.11 -23.46
C ILE A 188 -31.10 17.23 -24.40
N ALA A 189 -31.09 18.28 -25.21
CA ALA A 189 -32.10 18.43 -26.25
C ALA A 189 -31.41 18.26 -27.55
N GLU A 190 -31.74 17.20 -28.29
CA GLU A 190 -31.13 16.97 -29.60
C GLU A 190 -32.09 16.39 -30.66
N ASN A 191 -33.37 16.70 -30.54
CA ASN A 191 -34.40 16.24 -31.51
C ASN A 191 -34.88 17.32 -32.43
N GLY A 192 -34.38 18.55 -32.25
CA GLY A 192 -34.89 19.71 -32.97
C GLY A 192 -36.15 20.29 -32.34
N ALA A 193 -36.48 19.80 -31.14
CA ALA A 193 -37.66 20.16 -30.36
C ALA A 193 -37.23 20.83 -29.05
N THR A 194 -38.19 21.52 -28.44
CA THR A 194 -38.08 22.03 -27.09
C THR A 194 -38.10 20.87 -26.09
N MET A 195 -37.33 21.03 -25.02
CA MET A 195 -37.40 20.19 -23.82
C MET A 195 -37.83 21.18 -22.73
N SER A 196 -38.90 20.83 -22.01
CA SER A 196 -39.55 21.82 -21.12
C SER A 196 -39.96 21.28 -19.76
N ASN A 197 -40.24 22.19 -18.84
CA ASN A 197 -40.76 21.88 -17.51
C ASN A 197 -39.97 20.76 -16.84
N VAL A 198 -38.66 21.01 -16.77
CA VAL A 198 -37.74 20.15 -16.07
C VAL A 198 -37.41 20.81 -14.76
N THR A 199 -37.62 20.09 -13.68
CA THR A 199 -37.29 20.66 -12.40
C THR A 199 -36.38 19.76 -11.58
N LEU A 200 -35.31 20.33 -11.06
CA LEU A 200 -34.35 19.63 -10.21
C LEU A 200 -34.42 20.29 -8.85
N ASP A 201 -34.73 19.51 -7.82
CA ASP A 201 -34.97 20.04 -6.49
C ASP A 201 -34.23 19.24 -5.44
N ASN A 202 -33.50 19.93 -4.56
CA ASN A 202 -32.89 19.32 -3.37
C ASN A 202 -31.98 18.11 -3.67
N LEU A 203 -31.23 18.22 -4.77
CA LEU A 203 -30.26 17.18 -5.17
C LEU A 203 -28.97 17.53 -4.49
N TYR A 204 -28.15 16.52 -4.28
CA TYR A 204 -26.84 16.71 -3.69
C TYR A 204 -25.85 15.97 -4.58
N ILE A 205 -25.23 16.74 -5.49
CA ILE A 205 -24.33 16.19 -6.49
C ILE A 205 -22.94 16.45 -5.97
N HIS A 206 -22.06 15.45 -6.06
CA HIS A 206 -20.69 15.61 -5.60
C HIS A 206 -19.79 14.54 -6.13
N ASP A 207 -18.50 14.81 -6.05
CA ASP A 207 -17.48 13.87 -6.51
C ASP A 207 -17.85 13.38 -7.91
N VAL A 208 -18.02 14.34 -8.82
CA VAL A 208 -18.12 14.10 -10.26
C VAL A 208 -16.74 14.40 -10.82
N ASP A 209 -15.92 13.35 -10.91
CA ASP A 209 -14.56 13.50 -11.38
C ASP A 209 -14.43 13.52 -12.90
N GLY A 210 -14.85 14.64 -13.48
CA GLY A 210 -14.78 14.90 -14.91
C GLY A 210 -13.46 15.37 -15.47
N ASN A 211 -13.50 15.85 -16.70
CA ASN A 211 -12.31 16.38 -17.39
C ASN A 211 -12.00 17.80 -16.85
N ILE A 212 -10.76 18.02 -16.44
CA ILE A 212 -10.40 19.32 -15.85
C ILE A 212 -10.64 20.49 -16.82
N TYR A 213 -10.50 20.25 -18.12
CA TYR A 213 -10.43 21.29 -19.17
C TYR A 213 -11.71 21.61 -19.92
N ASN A 214 -12.48 20.59 -20.28
CA ASN A 214 -13.51 20.75 -21.29
C ASN A 214 -14.68 21.53 -20.75
N LYS A 215 -15.00 22.61 -21.44
CA LYS A 215 -16.02 23.55 -21.01
C LYS A 215 -17.42 23.23 -21.48
N HIS A 216 -17.56 22.62 -22.67
CA HIS A 216 -18.88 22.49 -23.32
C HIS A 216 -19.34 21.09 -23.68
N MET A 217 -18.59 20.10 -23.20
CA MET A 217 -19.07 18.75 -22.99
C MET A 217 -19.89 18.72 -21.69
N ALA A 218 -20.68 17.68 -21.51
CA ALA A 218 -21.51 17.49 -20.30
C ALA A 218 -20.57 17.09 -19.23
N ASN A 219 -19.87 18.08 -18.71
CA ASN A 219 -18.70 17.85 -17.91
C ASN A 219 -18.70 18.74 -16.68
N GLY A 220 -19.21 18.15 -15.61
CA GLY A 220 -19.30 18.80 -14.32
C GLY A 220 -20.60 18.42 -13.63
N GLY A 221 -21.03 19.23 -12.68
CA GLY A 221 -22.09 18.87 -11.75
C GLY A 221 -23.44 18.63 -12.41
N ILE A 222 -23.95 19.68 -13.03
CA ILE A 222 -25.18 19.67 -13.76
C ILE A 222 -24.83 20.39 -15.04
N TYR A 223 -25.29 19.86 -16.16
CA TYR A 223 -25.13 20.56 -17.42
C TYR A 223 -26.34 20.29 -18.35
N PHE A 224 -26.98 21.37 -18.78
CA PHE A 224 -27.99 21.40 -19.82
C PHE A 224 -27.41 21.98 -21.10
N MET A 225 -27.65 21.31 -22.22
CA MET A 225 -27.16 21.80 -23.51
C MET A 225 -27.88 21.18 -24.68
N ALA A 226 -27.85 21.86 -25.82
CA ALA A 226 -28.68 21.51 -26.94
C ALA A 226 -27.85 21.23 -28.16
N HIS A 227 -28.25 20.24 -28.95
CA HIS A 227 -27.54 19.87 -30.21
C HIS A 227 -28.47 19.94 -31.42
N TYR A 228 -27.88 20.14 -32.58
CA TYR A 228 -28.54 19.93 -33.86
C TYR A 228 -28.88 18.43 -33.95
N PRO A 229 -30.07 18.05 -34.47
CA PRO A 229 -30.34 16.59 -34.65
C PRO A 229 -29.53 15.91 -35.73
N MET A 230 -29.01 16.70 -36.66
CA MET A 230 -28.11 16.24 -37.68
C MET A 230 -27.18 17.42 -38.06
N GLU A 231 -26.07 17.05 -38.72
CA GLU A 231 -25.09 17.95 -39.28
C GLU A 231 -25.73 18.79 -40.35
N ASN A 232 -25.32 20.06 -40.39
CA ASN A 232 -25.86 21.01 -41.34
C ASN A 232 -25.01 21.01 -42.62
N THR A 233 -25.42 20.20 -43.60
CA THR A 233 -24.61 19.97 -44.80
C THR A 233 -25.19 20.54 -46.09
N SER A 234 -26.42 21.04 -46.08
CA SER A 234 -27.04 21.50 -47.32
C SER A 234 -28.04 22.62 -47.12
N ALA A 235 -28.43 23.22 -48.23
CA ALA A 235 -29.54 24.16 -48.27
C ALA A 235 -30.71 23.65 -47.44
N GLU A 236 -31.01 22.37 -47.60
CA GLU A 236 -32.23 21.81 -47.02
C GLU A 236 -32.04 21.49 -45.51
N THR A 237 -30.89 20.98 -45.08
CA THR A 237 -30.63 20.92 -43.62
C THR A 237 -30.77 22.31 -42.93
N ASP A 238 -30.27 23.36 -43.58
CA ASP A 238 -30.25 24.72 -43.05
C ASP A 238 -31.63 25.43 -42.98
N VAL A 239 -32.56 25.10 -43.89
CA VAL A 239 -33.95 25.57 -43.78
C VAL A 239 -34.63 24.91 -42.55
N TRP A 240 -34.50 23.60 -42.45
CA TRP A 240 -35.08 22.80 -41.37
C TRP A 240 -34.55 23.23 -39.97
N LEU A 241 -33.22 23.24 -39.83
CA LEU A 241 -32.57 23.61 -38.56
C LEU A 241 -32.95 25.03 -38.09
N ARG A 242 -33.04 25.96 -39.05
CA ARG A 242 -33.57 27.33 -38.78
C ARG A 242 -34.95 27.38 -38.09
N GLU A 243 -35.78 26.39 -38.36
CA GLU A 243 -37.13 26.28 -37.80
C GLU A 243 -37.25 25.28 -36.66
N HIS A 244 -36.45 24.22 -36.68
CA HIS A 244 -36.62 23.13 -35.73
C HIS A 244 -35.42 23.08 -34.78
N VAL A 245 -35.69 23.57 -33.56
CA VAL A 245 -34.68 24.00 -32.60
C VAL A 245 -34.71 23.14 -31.33
N SER A 246 -33.61 22.42 -31.09
CA SER A 246 -33.34 21.92 -29.76
C SER A 246 -33.03 23.12 -28.84
N ARG A 247 -33.87 23.29 -27.84
CA ARG A 247 -33.79 24.43 -26.90
C ARG A 247 -34.47 24.03 -25.60
N PHE A 248 -34.30 24.83 -24.56
CA PHE A 248 -34.95 24.55 -23.26
C PHE A 248 -35.98 25.62 -22.93
N ASP A 249 -36.99 25.23 -22.15
CA ASP A 249 -37.99 26.17 -21.59
C ASP A 249 -38.51 25.72 -20.23
N HIS A 250 -38.60 26.64 -19.27
CA HIS A 250 -39.08 26.37 -17.92
C HIS A 250 -38.20 25.29 -17.23
N VAL A 251 -36.91 25.53 -17.28
CA VAL A 251 -35.99 24.71 -16.55
C VAL A 251 -35.82 25.38 -15.19
N THR A 252 -36.04 24.63 -14.12
CA THR A 252 -35.82 25.15 -12.78
C THR A 252 -34.90 24.24 -11.98
N ILE A 253 -33.85 24.84 -11.41
CA ILE A 253 -32.85 24.11 -10.60
C ILE A 253 -32.77 24.83 -9.27
N ARG A 254 -33.33 24.22 -8.22
CA ARG A 254 -33.34 24.82 -6.91
C ARG A 254 -32.98 23.90 -5.75
N ASN A 255 -32.61 24.53 -4.62
CA ASN A 255 -32.31 23.87 -3.34
C ASN A 255 -31.25 22.76 -3.35
N SER A 256 -30.37 22.78 -4.37
CA SER A 256 -29.37 21.73 -4.57
C SER A 256 -27.98 22.17 -4.17
N THR A 257 -27.15 21.19 -3.87
CA THR A 257 -25.76 21.40 -3.60
C THR A 257 -24.96 20.66 -4.68
N VAL A 258 -23.99 21.36 -5.28
CA VAL A 258 -23.00 20.76 -6.15
C VAL A 258 -21.63 21.01 -5.50
N LYS A 259 -20.81 19.98 -5.45
CA LYS A 259 -19.61 20.06 -4.67
C LYS A 259 -18.59 19.08 -5.23
N ASP A 260 -17.33 19.46 -5.27
CA ASP A 260 -16.22 18.61 -5.69
C ASP A 260 -16.47 17.93 -7.05
N VAL A 261 -16.57 18.79 -8.05
CA VAL A 261 -16.96 18.42 -9.42
C VAL A 261 -16.01 19.13 -10.36
N ASP A 262 -15.71 18.47 -11.47
CA ASP A 262 -14.86 19.02 -12.55
C ASP A 262 -15.69 18.82 -13.80
N ARG A 263 -15.79 19.78 -14.72
CA ARG A 263 -15.31 21.16 -14.59
C ARG A 263 -16.37 22.11 -14.01
N TRP A 264 -17.49 22.23 -14.68
CA TRP A 264 -18.49 23.24 -14.33
C TRP A 264 -19.34 22.79 -13.16
N GLY A 265 -19.72 23.71 -12.27
CA GLY A 265 -20.64 23.37 -11.20
C GLY A 265 -22.00 23.12 -11.83
N ILE A 266 -22.63 24.23 -12.23
CA ILE A 266 -23.97 24.23 -12.84
C ILE A 266 -23.92 25.08 -14.09
N ALA A 267 -24.26 24.50 -15.24
CA ALA A 267 -24.24 25.23 -16.51
C ALA A 267 -25.47 24.89 -17.27
N VAL A 268 -26.14 25.90 -17.86
CA VAL A 268 -27.37 25.70 -18.59
C VAL A 268 -27.46 26.55 -19.85
N GLY A 269 -27.63 25.88 -21.01
CA GLY A 269 -28.14 26.51 -22.24
C GLY A 269 -27.25 26.57 -23.48
N TYR A 270 -26.04 26.07 -23.37
CA TYR A 270 -25.15 26.00 -24.53
C TYR A 270 -25.75 25.16 -25.65
N THR A 271 -25.57 25.60 -26.88
CA THR A 271 -26.36 25.10 -28.00
C THR A 271 -25.70 25.19 -29.36
N ALA A 272 -25.92 24.18 -30.20
CA ALA A 272 -25.46 24.24 -31.57
C ALA A 272 -26.08 25.42 -32.29
N TYR A 273 -27.20 25.90 -31.81
CA TYR A 273 -27.88 27.01 -32.44
C TYR A 273 -27.26 28.38 -32.13
N LEU A 274 -26.12 28.38 -31.44
CA LEU A 274 -25.27 29.56 -31.45
C LEU A 274 -24.80 29.89 -32.89
N ASN A 275 -24.73 28.88 -33.76
CA ASN A 275 -24.44 29.16 -35.19
C ASN A 275 -25.37 30.14 -35.82
N TYR A 276 -26.58 30.30 -35.28
CA TYR A 276 -27.49 31.40 -35.69
C TYR A 276 -27.56 32.58 -34.72
N ILE A 277 -27.39 32.30 -33.44
CA ILE A 277 -27.43 33.41 -32.46
C ILE A 277 -26.23 34.29 -32.63
N ASP A 278 -25.05 33.69 -32.89
CA ASP A 278 -23.81 34.43 -32.99
C ASP A 278 -23.33 34.68 -34.44
N ALA A 279 -24.20 34.47 -35.41
CA ALA A 279 -23.84 34.69 -36.80
C ALA A 279 -23.42 36.16 -37.05
N ASN A 280 -24.14 37.13 -36.46
CA ASN A 280 -23.83 38.57 -36.58
C ASN A 280 -23.73 39.17 -35.18
N TYR A 281 -22.52 39.37 -34.70
CA TYR A 281 -22.35 39.99 -33.38
C TYR A 281 -22.83 41.44 -33.37
N GLY A 282 -22.73 42.15 -34.51
CA GLY A 282 -23.27 43.51 -34.65
C GLY A 282 -22.63 44.37 -33.58
N ASP A 283 -23.43 45.15 -32.86
CA ASP A 283 -22.91 45.99 -31.79
C ASP A 283 -22.98 45.34 -30.40
N GLY A 284 -23.36 44.06 -30.34
CA GLY A 284 -23.55 43.38 -29.11
C GLY A 284 -24.97 43.39 -28.60
N SER A 285 -25.86 44.22 -29.16
CA SER A 285 -27.27 44.05 -28.84
C SER A 285 -27.73 42.71 -29.36
N ILE A 286 -28.76 42.19 -28.71
CA ILE A 286 -29.29 40.88 -29.04
C ILE A 286 -30.79 41.02 -29.20
N ASP A 287 -31.25 40.71 -30.42
CA ASP A 287 -32.63 40.84 -30.78
C ASP A 287 -33.47 39.93 -29.90
N ASP A 288 -34.59 40.48 -29.38
CA ASP A 288 -35.58 39.71 -28.57
C ASP A 288 -36.14 38.44 -29.23
N ALA A 289 -36.36 38.47 -30.53
CA ALA A 289 -37.00 37.37 -31.27
C ALA A 289 -35.95 36.33 -31.61
N LEU A 290 -34.71 36.76 -31.82
CA LEU A 290 -33.58 35.81 -32.01
C LEU A 290 -33.38 34.91 -30.78
N ILE A 291 -33.26 35.52 -29.60
CA ILE A 291 -32.90 34.81 -28.40
C ILE A 291 -34.08 33.97 -27.91
N ALA A 292 -35.29 34.50 -28.02
CA ALA A 292 -36.53 33.72 -27.80
C ALA A 292 -36.61 32.46 -28.71
N LYS A 293 -36.44 32.62 -30.02
CA LYS A 293 -36.49 31.45 -30.91
C LYS A 293 -35.38 30.38 -30.71
N TYR A 294 -34.13 30.79 -30.77
CA TYR A 294 -32.99 29.86 -30.73
C TYR A 294 -32.41 29.61 -29.32
N GLY A 295 -32.74 30.47 -28.36
CA GLY A 295 -32.25 30.36 -26.96
C GLY A 295 -33.21 29.68 -25.98
N SER A 296 -32.79 29.51 -24.73
CA SER A 296 -33.64 28.88 -23.70
C SER A 296 -34.40 29.95 -22.88
N THR A 297 -35.73 29.81 -22.77
CA THR A 297 -36.64 30.74 -22.03
C THR A 297 -37.08 30.21 -20.62
N ASN A 298 -37.46 31.12 -19.74
CA ASN A 298 -37.87 30.81 -18.36
C ASN A 298 -36.91 29.84 -17.63
N VAL A 299 -35.62 30.08 -17.76
CA VAL A 299 -34.68 29.31 -16.93
C VAL A 299 -34.64 30.00 -15.58
N ARG A 300 -34.73 29.22 -14.51
CA ARG A 300 -34.62 29.74 -13.16
C ARG A 300 -33.64 28.86 -12.37
N ILE A 301 -32.76 29.51 -11.59
CA ILE A 301 -31.65 28.88 -10.88
C ILE A 301 -31.65 29.48 -9.45
N GLU A 302 -32.31 28.81 -8.53
CA GLU A 302 -32.64 29.44 -7.26
C GLU A 302 -32.14 28.62 -6.10
N ASN A 303 -31.57 29.31 -5.11
CA ASN A 303 -31.35 28.72 -3.80
C ASN A 303 -30.40 27.52 -3.81
N ASN A 304 -29.45 27.56 -4.75
CA ASN A 304 -28.40 26.54 -4.85
C ASN A 304 -27.11 26.92 -4.11
N TYR A 305 -26.34 25.93 -3.73
CA TYR A 305 -24.99 26.16 -3.22
C TYR A 305 -24.02 25.46 -4.19
N VAL A 306 -22.98 26.18 -4.69
CA VAL A 306 -21.92 25.52 -5.44
C VAL A 306 -20.56 25.75 -4.79
N LYS A 307 -19.85 24.65 -4.48
CA LYS A 307 -18.56 24.71 -3.79
C LYS A 307 -17.54 23.76 -4.39
N GLY A 308 -16.33 24.22 -4.67
CA GLY A 308 -15.29 23.36 -5.19
C GLY A 308 -15.52 22.72 -6.55
N ALA A 309 -16.26 23.41 -7.41
CA ALA A 309 -16.14 23.15 -8.85
C ALA A 309 -14.69 23.47 -9.26
N GLY A 310 -14.16 22.65 -10.17
CA GLY A 310 -12.88 22.91 -10.82
C GLY A 310 -12.82 24.20 -11.61
N GLY A 311 -13.93 24.53 -12.25
CA GLY A 311 -14.04 25.73 -13.04
C GLY A 311 -15.06 26.68 -12.46
N ASP A 312 -15.98 27.14 -13.32
CA ASP A 312 -16.96 28.17 -12.98
C ASP A 312 -18.05 27.62 -12.05
N ALA A 313 -18.65 28.47 -11.23
CA ALA A 313 -19.71 28.03 -10.31
C ALA A 313 -20.99 27.76 -11.06
N ILE A 314 -21.60 28.82 -11.58
CA ILE A 314 -22.95 28.78 -12.18
C ILE A 314 -22.88 29.67 -13.39
N THR A 315 -23.36 29.18 -14.53
CA THR A 315 -23.30 29.95 -15.78
C THR A 315 -24.50 29.71 -16.70
N LEU A 316 -25.12 30.80 -17.16
CA LEU A 316 -26.27 30.74 -18.02
C LEU A 316 -25.79 31.14 -19.34
N MET A 317 -26.14 30.35 -20.35
CA MET A 317 -25.69 30.54 -21.72
C MET A 317 -26.86 30.56 -22.68
N TYR A 318 -26.96 31.58 -23.51
CA TYR A 318 -27.92 31.63 -24.64
C TYR A 318 -29.35 31.53 -24.14
N CYS A 319 -29.57 32.21 -23.00
CA CYS A 319 -30.82 32.19 -22.28
C CYS A 319 -31.46 33.55 -22.40
N ASP A 320 -32.80 33.51 -22.44
CA ASP A 320 -33.65 34.67 -22.60
C ASP A 320 -34.24 34.97 -21.24
N ARG A 321 -33.76 36.07 -20.63
CA ARG A 321 -34.30 36.57 -19.35
C ARG A 321 -34.39 35.49 -18.26
N PRO A 322 -33.25 34.86 -17.95
CA PRO A 322 -33.23 33.93 -16.85
C PRO A 322 -33.09 34.68 -15.55
N VAL A 323 -33.44 33.99 -14.48
CA VAL A 323 -33.46 34.52 -13.15
C VAL A 323 -32.54 33.62 -12.35
N ILE A 324 -31.59 34.27 -11.68
CA ILE A 324 -30.59 33.60 -10.88
C ILE A 324 -30.59 34.30 -9.53
N GLU A 325 -31.20 33.64 -8.54
CA GLU A 325 -31.36 34.25 -7.25
C GLU A 325 -31.12 33.34 -6.05
N HIS A 326 -30.66 33.96 -4.96
CA HIS A 326 -30.42 33.29 -3.67
C HIS A 326 -29.42 32.13 -3.73
N ASN A 327 -28.54 32.12 -4.74
CA ASN A 327 -27.55 31.06 -4.81
C ASN A 327 -26.29 31.49 -4.05
N VAL A 328 -25.48 30.52 -3.60
CA VAL A 328 -24.23 30.84 -2.95
C VAL A 328 -23.18 30.04 -3.63
N GLY A 329 -22.19 30.72 -4.21
CA GLY A 329 -21.00 30.13 -4.85
C GLY A 329 -19.86 30.32 -3.90
N ASP A 330 -18.89 29.42 -3.95
CA ASP A 330 -17.90 29.35 -2.88
C ASP A 330 -16.72 28.51 -3.32
N SER A 331 -15.56 29.12 -3.41
CA SER A 331 -14.31 28.39 -3.57
C SER A 331 -14.29 27.53 -4.86
N VAL A 332 -14.52 28.19 -5.98
CA VAL A 332 -14.52 27.50 -7.27
C VAL A 332 -13.20 27.84 -7.95
N SER A 333 -13.04 27.38 -9.19
CA SER A 333 -11.78 27.52 -9.96
C SER A 333 -10.70 26.75 -9.27
N LYS A 334 -11.03 25.61 -8.68
CA LYS A 334 -10.04 24.89 -7.87
C LYS A 334 -8.89 24.34 -8.72
N HIS A 335 -9.20 23.93 -9.96
CA HIS A 335 -8.20 23.35 -10.85
C HIS A 335 -7.71 24.29 -11.96
N ILE A 336 -8.10 25.56 -11.88
CA ILE A 336 -7.63 26.60 -12.82
C ILE A 336 -6.37 27.24 -12.26
N ASN A 337 -5.29 26.47 -12.35
CA ASN A 337 -3.97 26.89 -11.87
C ASN A 337 -2.90 26.17 -12.65
N THR A 338 -1.67 26.61 -12.46
CA THR A 338 -0.52 26.07 -13.15
C THR A 338 -0.06 24.70 -12.74
N GLN A 339 -0.43 24.20 -11.58
CA GLN A 339 -0.06 22.84 -11.24
C GLN A 339 -1.14 21.78 -11.51
N ASP A 340 -2.38 22.20 -11.78
CA ASP A 340 -3.47 21.29 -12.14
C ASP A 340 -3.93 21.35 -13.60
N TYR A 341 -3.79 22.51 -14.22
CA TYR A 341 -4.32 22.77 -15.57
C TYR A 341 -3.14 22.68 -16.50
N THR A 342 -2.57 21.50 -16.58
CA THR A 342 -1.27 21.32 -17.23
C THR A 342 -1.34 20.89 -18.68
N GLN A 343 -2.53 20.52 -19.17
CA GLN A 343 -2.70 20.08 -20.57
C GLN A 343 -3.77 20.79 -21.41
N PRO A 344 -3.74 22.13 -21.46
CA PRO A 344 -4.80 22.93 -22.11
C PRO A 344 -4.81 22.79 -23.64
N GLY A 345 -3.75 22.23 -24.20
CA GLY A 345 -3.77 21.90 -25.61
C GLY A 345 -3.91 23.18 -26.39
N SER A 346 -4.65 23.15 -27.50
CA SER A 346 -4.97 24.38 -28.23
C SER A 346 -6.34 24.99 -27.82
N TYR A 347 -7.06 24.32 -26.92
CA TYR A 347 -8.34 24.79 -26.38
C TYR A 347 -8.21 25.94 -25.36
N GLY A 348 -7.15 25.95 -24.57
CA GLY A 348 -6.89 27.05 -23.62
C GLY A 348 -7.86 26.92 -22.47
N GLY A 349 -8.56 28.00 -22.15
CA GLY A 349 -9.53 28.03 -21.10
C GLY A 349 -9.11 27.95 -19.63
N ARG A 350 -7.95 28.48 -19.29
CA ARG A 350 -7.48 28.55 -17.90
C ARG A 350 -8.02 29.80 -17.24
N VAL A 351 -9.33 29.85 -17.23
CA VAL A 351 -10.08 31.01 -16.76
C VAL A 351 -11.41 30.51 -16.18
N ALA A 352 -11.82 31.14 -15.09
CA ALA A 352 -13.14 30.90 -14.55
C ALA A 352 -13.55 32.04 -13.67
N ALA A 353 -14.82 32.37 -13.74
CA ALA A 353 -15.44 33.33 -12.87
C ALA A 353 -16.53 32.60 -12.03
N GLY A 354 -17.30 33.35 -11.26
CA GLY A 354 -18.21 32.77 -10.28
C GLY A 354 -19.56 32.43 -10.87
N ILE A 355 -20.39 33.45 -11.02
CA ILE A 355 -21.81 33.28 -11.30
C ILE A 355 -22.18 34.34 -12.31
N TRP A 356 -22.50 33.94 -13.55
CA TRP A 356 -22.46 34.87 -14.65
C TRP A 356 -23.16 34.38 -15.91
N PRO A 357 -23.30 35.26 -16.93
CA PRO A 357 -23.97 34.86 -18.15
C PRO A 357 -23.13 34.96 -19.40
N TRP A 358 -23.37 34.06 -20.37
CA TRP A 358 -22.74 34.11 -21.68
C TRP A 358 -23.80 34.36 -22.76
N ARG A 359 -23.69 35.43 -23.52
CA ARG A 359 -24.66 35.68 -24.57
C ARG A 359 -26.11 35.40 -24.13
N CYS A 360 -26.47 35.94 -22.97
CA CYS A 360 -27.86 36.03 -22.54
C CYS A 360 -28.43 37.40 -22.84
N LYS A 361 -29.75 37.52 -22.77
CA LYS A 361 -30.52 38.80 -22.89
C LYS A 361 -31.23 39.11 -21.60
N ASP A 362 -30.85 40.24 -20.99
CA ASP A 362 -31.47 40.76 -19.75
C ASP A 362 -31.58 39.68 -18.70
N PRO A 363 -30.48 38.96 -18.42
CA PRO A 363 -30.50 38.09 -17.22
C PRO A 363 -30.48 38.92 -15.94
N VAL A 364 -31.14 38.39 -14.91
CA VAL A 364 -31.13 38.98 -13.61
C VAL A 364 -30.44 38.06 -12.61
N PHE A 365 -29.37 38.59 -12.06
CA PHE A 365 -28.64 37.93 -11.00
C PHE A 365 -28.84 38.73 -9.73
N GLN A 366 -29.55 38.17 -8.77
CA GLN A 366 -29.93 38.92 -7.60
C GLN A 366 -29.94 38.09 -6.31
N TYR A 367 -29.57 38.76 -5.23
CA TYR A 367 -29.47 38.17 -3.91
C TYR A 367 -28.58 36.96 -3.92
N ASN A 368 -27.48 36.98 -4.66
CA ASN A 368 -26.52 35.87 -4.58
C ASN A 368 -25.36 36.24 -3.63
N GLU A 369 -24.60 35.24 -3.22
CA GLU A 369 -23.33 35.44 -2.55
C GLU A 369 -22.29 34.63 -3.29
N MET A 370 -21.11 35.23 -3.52
CA MET A 370 -19.98 34.55 -4.10
C MET A 370 -18.70 34.80 -3.26
N TYR A 371 -18.06 33.72 -2.83
CA TYR A 371 -16.90 33.76 -1.92
C TYR A 371 -15.67 33.10 -2.51
N ASN A 372 -14.52 33.76 -2.39
CA ASN A 372 -13.25 33.07 -2.49
C ASN A 372 -13.08 32.33 -3.78
N ASN A 373 -13.42 32.95 -4.91
CA ASN A 373 -13.10 32.35 -6.20
C ASN A 373 -11.61 32.33 -6.25
N LEU A 374 -11.07 31.14 -6.48
CA LEU A 374 -9.65 30.85 -6.25
C LEU A 374 -8.76 31.00 -7.48
N ASN A 375 -7.46 31.11 -7.18
CA ASN A 375 -6.32 30.83 -8.08
C ASN A 375 -5.95 31.86 -9.15
N ALA A 376 -6.49 33.06 -9.05
CA ALA A 376 -5.96 34.17 -9.83
C ALA A 376 -4.48 34.47 -9.50
N GLU A 377 -4.00 34.08 -8.32
CA GLU A 377 -2.56 34.19 -8.03
C GLU A 377 -1.72 33.09 -8.66
N HIS A 378 -2.37 32.09 -9.24
CA HIS A 378 -1.75 30.85 -9.62
C HIS A 378 -2.24 30.39 -10.97
N GLY A 379 -2.74 31.30 -11.79
CA GLY A 379 -2.93 31.02 -13.23
C GLY A 379 -4.33 31.19 -13.78
N ASN A 380 -5.28 31.41 -12.87
CA ASN A 380 -6.67 31.75 -13.23
C ASN A 380 -6.61 33.16 -13.78
N GLY A 381 -6.73 33.27 -15.09
CA GLY A 381 -6.74 34.54 -15.80
C GLY A 381 -7.98 35.40 -15.54
N ASP A 382 -9.02 34.82 -14.93
CA ASP A 382 -10.15 35.60 -14.40
C ASP A 382 -10.13 35.59 -12.85
N GLY A 383 -11.05 34.89 -12.18
CA GLY A 383 -11.10 34.80 -10.71
C GLY A 383 -12.04 35.78 -10.04
N GLN A 384 -12.97 36.33 -10.81
CA GLN A 384 -13.94 37.30 -10.35
C GLN A 384 -15.20 36.59 -9.87
N ALA A 385 -15.90 37.26 -8.95
CA ALA A 385 -17.15 36.75 -8.44
C ALA A 385 -18.22 36.82 -9.51
N TRP A 386 -18.37 37.97 -10.16
CA TRP A 386 -19.40 38.22 -11.17
C TRP A 386 -18.77 38.59 -12.51
N ASP A 387 -19.40 38.22 -13.60
CA ASP A 387 -18.81 38.52 -14.90
C ASP A 387 -19.88 38.78 -15.92
N ALA A 388 -20.16 40.05 -16.24
CA ALA A 388 -21.12 40.31 -17.31
C ALA A 388 -20.40 40.08 -18.61
N ASP A 389 -20.46 38.85 -19.07
CA ASP A 389 -19.63 38.53 -20.25
C ASP A 389 -20.32 39.05 -21.52
N TYR A 390 -19.92 38.57 -22.70
CA TYR A 390 -20.63 38.92 -23.91
C TYR A 390 -22.09 38.74 -23.57
N GLY A 391 -22.90 39.71 -23.94
CA GLY A 391 -24.31 39.62 -23.63
C GLY A 391 -24.86 40.98 -23.51
N ASP A 392 -26.16 41.07 -23.21
CA ASP A 392 -26.89 42.34 -23.35
C ASP A 392 -27.93 42.51 -22.25
N GLY A 393 -27.74 43.51 -21.37
CA GLY A 393 -28.75 43.90 -20.37
C GLY A 393 -28.61 43.14 -19.06
N THR A 394 -27.43 42.62 -18.82
CA THR A 394 -27.20 41.92 -17.58
C THR A 394 -27.42 42.85 -16.36
N LEU A 395 -28.14 42.29 -15.40
CA LEU A 395 -28.52 43.00 -14.21
C LEU A 395 -28.02 42.20 -13.03
N TYR A 396 -27.05 42.76 -12.33
CA TYR A 396 -26.55 42.17 -11.08
C TYR A 396 -27.01 43.09 -9.95
N GLN A 397 -27.84 42.58 -9.06
CA GLN A 397 -28.34 43.42 -8.00
C GLN A 397 -28.51 42.68 -6.68
N TYR A 398 -28.15 43.40 -5.61
CA TYR A 398 -28.36 42.94 -4.25
C TYR A 398 -27.48 41.72 -3.98
N ASN A 399 -26.36 41.59 -4.70
CA ASN A 399 -25.40 40.48 -4.47
C ASN A 399 -24.28 40.91 -3.49
N TYR A 400 -23.76 39.95 -2.76
CA TYR A 400 -22.59 40.14 -1.90
C TYR A 400 -21.44 39.32 -2.39
N SER A 401 -20.26 39.92 -2.49
CA SER A 401 -19.03 39.15 -2.82
C SER A 401 -17.95 39.37 -1.75
N TYR A 402 -17.24 38.30 -1.41
CA TYR A 402 -16.14 38.37 -0.48
C TYR A 402 -14.98 37.53 -0.92
N GLY A 403 -13.79 38.12 -0.91
CA GLY A 403 -12.58 37.31 -0.89
C GLY A 403 -12.25 36.66 -2.22
N ASN A 404 -12.76 37.21 -3.32
CA ASN A 404 -12.44 36.67 -4.64
C ASN A 404 -11.02 37.09 -5.01
N SER A 405 -10.28 36.19 -5.66
CA SER A 405 -8.85 36.40 -5.98
C SER A 405 -8.62 37.47 -7.08
N PHE A 406 -9.63 37.81 -7.88
CA PHE A 406 -9.49 38.84 -8.90
C PHE A 406 -10.78 39.56 -9.17
N ALA A 407 -11.02 40.66 -8.46
CA ALA A 407 -12.20 41.53 -8.66
C ALA A 407 -13.56 41.02 -8.21
N SER A 408 -14.47 41.94 -7.94
CA SER A 408 -15.87 41.59 -7.78
C SER A 408 -16.51 41.30 -9.15
N LEU A 409 -16.43 42.29 -10.04
CA LEU A 409 -17.14 42.28 -11.33
C LEU A 409 -16.22 42.60 -12.51
N MET A 410 -16.26 41.72 -13.51
CA MET A 410 -15.69 41.97 -14.82
C MET A 410 -16.81 42.28 -15.77
N ILE A 411 -16.55 43.20 -16.69
CA ILE A 411 -17.36 43.42 -17.88
C ILE A 411 -16.46 43.13 -19.08
N CYS A 412 -16.76 42.03 -19.80
CA CYS A 412 -15.75 41.37 -20.65
C CYS A 412 -15.81 41.66 -22.16
N ASN A 413 -14.92 42.54 -22.65
CA ASN A 413 -14.66 42.75 -24.10
C ASN A 413 -15.81 43.31 -24.87
N TRP A 414 -15.60 43.51 -26.18
CA TRP A 414 -16.48 44.32 -27.01
C TRP A 414 -17.95 44.09 -26.87
N TYR A 415 -18.37 42.84 -26.84
CA TYR A 415 -19.80 42.52 -26.92
C TYR A 415 -20.50 42.26 -25.55
N ALA A 416 -19.86 42.75 -24.50
CA ALA A 416 -20.47 42.86 -23.18
C ALA A 416 -20.93 44.29 -23.13
N VAL A 417 -22.24 44.47 -23.26
CA VAL A 417 -22.91 45.78 -23.37
C VAL A 417 -24.13 45.88 -22.45
N ASN A 418 -24.47 47.12 -22.07
CA ASN A 418 -25.72 47.44 -21.36
C ASN A 418 -25.76 46.68 -20.07
N THR A 419 -24.72 46.80 -19.27
CA THR A 419 -24.71 46.14 -17.98
C THR A 419 -25.22 47.13 -16.91
N THR A 420 -26.08 46.63 -16.03
CA THR A 420 -26.32 47.30 -14.79
C THR A 420 -25.77 46.48 -13.64
N PHE A 421 -25.16 47.18 -12.68
CA PHE A 421 -24.63 46.54 -11.47
C PHE A 421 -24.93 47.46 -10.32
N ARG A 422 -25.88 47.05 -9.48
CA ARG A 422 -26.39 47.94 -8.44
C ARG A 422 -26.76 47.32 -7.13
N TYR A 423 -26.61 48.12 -6.07
CA TYR A 423 -26.93 47.69 -4.74
C TYR A 423 -26.24 46.35 -4.38
N ASN A 424 -24.97 46.18 -4.79
CA ASN A 424 -24.19 45.03 -4.41
C ASN A 424 -23.16 45.50 -3.37
N ILE A 425 -22.56 44.56 -2.65
CA ILE A 425 -21.54 44.90 -1.66
C ILE A 425 -20.34 43.98 -1.91
N SER A 426 -19.15 44.60 -1.93
CA SER A 426 -17.94 43.88 -2.28
C SER A 426 -17.00 44.09 -1.12
N GLN A 427 -16.50 43.00 -0.56
CA GLN A 427 -15.70 43.06 0.64
C GLN A 427 -14.49 42.18 0.45
N ASN A 428 -13.31 42.82 0.49
CA ASN A 428 -12.06 42.13 0.39
C ASN A 428 -11.91 41.31 -0.89
N ASP A 429 -12.53 41.79 -1.97
CA ASP A 429 -12.20 41.27 -3.31
C ASP A 429 -10.88 41.89 -3.65
N ARG A 430 -9.99 41.05 -4.19
CA ARG A 430 -8.58 41.37 -4.43
C ARG A 430 -8.18 41.77 -5.88
N GLN A 431 -7.08 42.53 -5.94
CA GLN A 431 -6.44 43.03 -7.15
C GLN A 431 -7.29 43.88 -8.06
N GLY A 432 -8.15 44.71 -7.47
CA GLY A 432 -9.10 45.53 -8.21
C GLY A 432 -10.50 45.08 -7.86
N VAL A 433 -11.48 45.99 -7.81
CA VAL A 433 -12.88 45.60 -7.55
C VAL A 433 -13.63 45.45 -8.88
N PHE A 434 -13.42 46.40 -9.79
CA PHE A 434 -14.06 46.45 -11.09
C PHE A 434 -13.04 46.22 -12.17
N ASP A 435 -13.38 45.33 -13.07
CA ASP A 435 -12.45 44.88 -14.09
C ASP A 435 -13.16 45.20 -15.37
N LEU A 436 -12.61 46.17 -16.12
CA LEU A 436 -13.20 46.71 -17.37
C LEU A 436 -12.25 46.57 -18.59
N PRO A 437 -11.96 45.34 -19.04
CA PRO A 437 -11.02 45.19 -20.16
C PRO A 437 -11.71 45.25 -21.52
N SER A 438 -11.54 46.36 -22.22
CA SER A 438 -12.04 46.52 -23.61
C SER A 438 -13.54 46.22 -23.75
N ASN A 439 -14.34 46.48 -22.71
CA ASN A 439 -15.78 46.18 -22.76
C ASN A 439 -16.54 47.14 -23.62
N GLY A 440 -17.69 46.72 -24.10
CA GLY A 440 -18.56 47.60 -24.85
C GLY A 440 -19.17 48.70 -23.99
N PRO A 441 -20.01 49.57 -24.59
CA PRO A 441 -20.72 50.71 -23.93
C PRO A 441 -21.97 50.35 -23.09
N GLY A 442 -22.56 51.34 -22.43
CA GLY A 442 -23.88 51.18 -21.83
C GLY A 442 -23.89 50.65 -20.40
N ASN A 443 -22.73 50.64 -19.77
CA ASN A 443 -22.60 50.06 -18.43
C ASN A 443 -22.80 51.05 -17.33
N HIS A 444 -23.62 50.63 -16.36
CA HIS A 444 -24.03 51.50 -15.27
C HIS A 444 -23.79 50.88 -13.89
N ILE A 445 -23.09 51.59 -13.01
CA ILE A 445 -22.56 50.99 -11.79
C ILE A 445 -22.89 51.94 -10.66
N TYR A 446 -23.90 51.59 -9.88
CA TYR A 446 -24.48 52.54 -8.98
C TYR A 446 -25.02 51.95 -7.69
N ASN A 447 -24.88 52.76 -6.64
CA ASN A 447 -25.37 52.41 -5.30
C ASN A 447 -24.75 51.12 -4.81
N ASN A 448 -23.46 50.91 -5.06
CA ASN A 448 -22.82 49.76 -4.51
C ASN A 448 -21.94 50.25 -3.36
N THR A 449 -21.60 49.37 -2.43
CA THR A 449 -20.62 49.66 -1.40
C THR A 449 -19.46 48.71 -1.54
N VAL A 450 -18.27 49.25 -1.84
CA VAL A 450 -17.06 48.45 -1.93
C VAL A 450 -15.99 48.79 -0.86
N TYR A 451 -15.58 47.74 -0.14
CA TYR A 451 -14.58 47.79 0.92
C TYR A 451 -13.29 47.29 0.27
N VAL A 452 -12.34 48.19 0.03
CA VAL A 452 -11.16 47.89 -0.75
C VAL A 452 -9.95 47.83 0.16
N ASP A 453 -9.41 46.62 0.35
CA ASP A 453 -8.30 46.40 1.29
C ASP A 453 -6.98 46.61 0.60
N ALA A 454 -5.90 46.52 1.38
CA ALA A 454 -4.56 46.75 0.85
C ALA A 454 -4.18 45.80 -0.27
N ASP A 455 -4.85 44.66 -0.36
CA ASP A 455 -4.66 43.69 -1.45
C ASP A 455 -5.43 44.03 -2.73
N SER A 456 -6.08 45.18 -2.78
CA SER A 456 -6.91 45.54 -3.90
C SER A 456 -6.82 47.05 -4.29
N GLN A 457 -7.74 47.47 -5.14
CA GLN A 457 -7.90 48.86 -5.52
C GLN A 457 -9.26 48.94 -6.25
N VAL A 458 -9.64 50.13 -6.71
CA VAL A 458 -10.94 50.30 -7.35
C VAL A 458 -10.99 49.60 -8.71
N LEU A 459 -10.06 49.92 -9.61
CA LEU A 459 -10.01 49.21 -10.91
C LEU A 459 -8.90 48.21 -10.98
N THR A 460 -9.10 47.13 -11.76
CA THR A 460 -7.98 46.22 -12.10
C THR A 460 -6.94 46.94 -12.95
N LYS A 461 -5.69 46.50 -12.86
CA LYS A 461 -4.62 47.06 -13.67
C LYS A 461 -4.91 47.00 -15.17
N ARG A 462 -5.58 45.96 -15.65
CA ARG A 462 -5.84 45.82 -17.10
C ARG A 462 -7.07 46.55 -17.61
N SER A 463 -7.79 47.23 -16.70
CA SER A 463 -8.97 47.98 -17.03
C SER A 463 -8.65 49.13 -17.94
N ASN A 464 -9.57 49.40 -18.87
CA ASN A 464 -9.35 50.44 -19.86
C ASN A 464 -10.56 51.05 -20.53
N SER A 465 -11.77 50.71 -20.10
CA SER A 465 -12.99 51.03 -20.90
C SER A 465 -14.14 51.51 -20.06
N GLN A 466 -15.36 51.46 -20.64
CA GLN A 466 -16.56 52.18 -20.20
C GLN A 466 -17.14 51.68 -18.89
N SER A 467 -17.57 52.64 -18.07
CA SER A 467 -18.50 52.45 -16.99
C SER A 467 -18.90 53.81 -16.41
N LEU A 468 -20.17 53.96 -16.05
CA LEU A 468 -20.67 55.17 -15.39
C LEU A 468 -20.84 54.88 -13.90
N PHE A 469 -20.04 55.52 -13.07
CA PHE A 469 -20.12 55.30 -11.60
C PHE A 469 -20.95 56.35 -10.90
N GLU A 470 -22.05 55.95 -10.30
CA GLU A 470 -22.87 56.88 -9.51
C GLU A 470 -23.35 56.31 -8.17
N ASN A 471 -23.52 57.22 -7.22
CA ASN A 471 -24.06 56.93 -5.93
C ASN A 471 -23.34 55.87 -5.13
N ASN A 472 -22.08 55.56 -5.46
CA ASN A 472 -21.40 54.38 -4.85
C ASN A 472 -20.69 54.87 -3.56
N ILE A 473 -20.44 53.97 -2.63
CA ILE A 473 -19.49 54.22 -1.57
C ILE A 473 -18.24 53.39 -1.80
N PHE A 474 -17.16 54.07 -2.20
CA PHE A 474 -15.85 53.47 -2.26
C PHE A 474 -15.11 53.64 -0.94
N ILE A 475 -14.73 52.54 -0.32
CA ILE A 475 -14.00 52.57 1.00
C ILE A 475 -12.54 52.08 0.92
N ASN A 476 -11.63 53.02 1.15
CA ASN A 476 -10.24 52.71 1.30
C ASN A 476 -10.09 52.16 2.70
N ALA A 477 -10.14 50.85 2.78
CA ALA A 477 -9.90 50.12 4.00
C ALA A 477 -8.37 49.89 4.27
N THR A 478 -7.55 50.94 4.17
CA THR A 478 -6.13 50.89 4.56
C THR A 478 -5.82 52.02 5.54
N ASN A 479 -4.60 52.02 6.04
CA ASN A 479 -4.19 52.89 7.15
C ASN A 479 -3.57 54.19 6.73
N THR A 480 -3.74 54.59 5.47
CA THR A 480 -3.35 55.91 4.99
C THR A 480 -4.42 56.48 4.07
N LYS A 481 -4.32 57.78 3.86
CA LYS A 481 -5.12 58.47 2.88
C LYS A 481 -4.54 58.11 1.53
N LYS A 482 -5.18 57.17 0.84
CA LYS A 482 -4.65 56.67 -0.42
C LYS A 482 -4.91 57.61 -1.56
N THR A 483 -3.91 57.75 -2.40
CA THR A 483 -4.01 58.44 -3.66
C THR A 483 -4.36 57.37 -4.72
N GLU A 484 -5.63 57.25 -5.09
CA GLU A 484 -6.07 56.16 -5.94
C GLU A 484 -6.04 56.52 -7.40
N THR A 485 -5.75 55.55 -8.25
CA THR A 485 -5.95 55.66 -9.69
C THR A 485 -7.42 55.45 -9.98
N TRP A 486 -8.13 56.52 -10.28
CA TRP A 486 -9.55 56.45 -10.58
C TRP A 486 -9.83 56.13 -12.05
N ASN A 487 -8.85 56.34 -12.91
CA ASN A 487 -9.04 56.23 -14.34
C ASN A 487 -7.93 55.47 -15.00
N ARG A 488 -8.29 54.47 -15.81
CA ARG A 488 -7.36 53.90 -16.76
C ARG A 488 -8.01 53.80 -18.10
N GLY A 489 -7.28 54.23 -19.14
CA GLY A 489 -7.69 54.11 -20.52
C GLY A 489 -8.85 55.03 -20.87
N SER A 490 -9.22 55.02 -22.14
CA SER A 490 -10.36 55.83 -22.66
C SER A 490 -11.28 55.12 -23.70
N GLN A 491 -11.09 53.84 -23.88
CA GLN A 491 -11.84 53.09 -24.85
C GLN A 491 -13.33 53.17 -24.47
N ASN A 492 -14.16 53.56 -25.44
CA ASN A 492 -15.55 53.84 -25.22
C ASN A 492 -15.83 54.94 -24.18
N GLY A 493 -14.91 55.88 -24.01
CA GLY A 493 -15.05 57.01 -23.09
C GLY A 493 -14.53 56.75 -21.68
N GLY A 494 -14.20 55.50 -21.38
CA GLY A 494 -13.55 55.19 -20.14
C GLY A 494 -14.51 55.40 -18.99
N GLN A 495 -13.95 55.73 -17.83
CA GLN A 495 -14.70 55.69 -16.60
C GLN A 495 -15.12 57.07 -16.21
N THR A 496 -16.43 57.30 -16.05
CA THR A 496 -16.97 58.60 -15.57
C THR A 496 -17.62 58.42 -14.19
N TYR A 497 -17.49 59.43 -13.34
CA TYR A 497 -18.00 59.34 -11.96
C TYR A 497 -18.88 60.51 -11.63
N ASP A 498 -20.01 60.25 -10.99
CA ASP A 498 -20.84 61.34 -10.54
C ASP A 498 -21.64 60.94 -9.30
N ASN A 499 -21.51 61.80 -8.28
CA ASN A 499 -22.23 61.69 -7.04
C ASN A 499 -21.83 60.46 -6.22
N ASN A 500 -20.54 60.19 -6.14
CA ASN A 500 -20.07 59.07 -5.34
C ASN A 500 -19.45 59.58 -4.06
N MET A 501 -19.48 58.73 -3.02
CA MET A 501 -18.71 58.93 -1.78
C MET A 501 -17.33 58.25 -1.78
N TYR A 502 -16.29 58.99 -1.43
CA TYR A 502 -14.93 58.47 -1.32
C TYR A 502 -14.51 58.53 0.14
N VAL A 503 -14.25 57.35 0.72
CA VAL A 503 -13.93 57.28 2.14
C VAL A 503 -12.44 57.05 2.32
N ASN A 504 -11.82 57.97 3.08
CA ASN A 504 -10.42 57.84 3.50
C ASN A 504 -9.47 57.83 2.32
N TYR A 505 -9.74 58.62 1.27
CA TYR A 505 -8.82 58.81 0.15
C TYR A 505 -8.20 60.21 0.18
N ALA A 506 -7.03 60.35 -0.44
CA ALA A 506 -6.37 61.65 -0.61
C ALA A 506 -6.95 62.39 -1.81
N ASN A 507 -7.29 61.65 -2.84
CA ASN A 507 -7.80 62.23 -4.07
C ASN A 507 -9.24 61.77 -4.36
N LYS A 508 -9.77 62.26 -5.47
CA LYS A 508 -11.03 61.82 -6.05
C LYS A 508 -10.90 61.78 -7.60
N PRO A 509 -11.86 61.12 -8.28
CA PRO A 509 -11.88 61.17 -9.74
C PRO A 509 -12.01 62.58 -10.23
N THR A 510 -11.21 62.96 -11.21
CA THR A 510 -11.33 64.34 -11.73
C THR A 510 -12.72 64.55 -12.34
N SER A 511 -13.35 63.52 -12.90
CA SER A 511 -14.66 63.67 -13.52
C SER A 511 -15.80 63.90 -12.53
N ASP A 512 -15.61 63.68 -11.23
CA ASP A 512 -16.74 63.82 -10.30
C ASP A 512 -16.76 65.23 -9.74
N ALA A 513 -17.81 65.97 -10.08
CA ALA A 513 -18.04 67.35 -9.59
C ALA A 513 -19.12 67.40 -8.50
N ASN A 514 -19.71 66.24 -8.22
CA ASN A 514 -20.55 66.07 -7.08
C ASN A 514 -19.96 65.13 -6.03
N ALA A 515 -18.66 65.15 -5.85
CA ALA A 515 -18.03 64.28 -4.86
C ALA A 515 -18.56 64.56 -3.43
N ILE A 516 -18.87 63.49 -2.69
CA ILE A 516 -18.97 63.53 -1.21
C ILE A 516 -17.66 62.82 -0.69
N GLU A 517 -16.93 63.48 0.19
CA GLU A 517 -15.67 62.95 0.69
C GLU A 517 -15.82 62.77 2.19
N ALA A 518 -15.47 61.60 2.71
CA ALA A 518 -15.46 61.37 4.17
C ALA A 518 -14.10 60.90 4.61
N ASP A 519 -13.70 61.37 5.79
CA ASP A 519 -12.42 61.05 6.35
C ASP A 519 -12.37 59.62 6.94
N ASP A 520 -13.44 59.25 7.66
CA ASP A 520 -13.49 58.10 8.57
C ASP A 520 -14.78 57.28 8.36
N VAL A 521 -14.60 56.04 7.90
CA VAL A 521 -15.69 55.10 7.62
C VAL A 521 -16.58 54.81 8.82
N SER A 522 -16.05 54.90 10.05
CA SER A 522 -16.86 54.69 11.25
C SER A 522 -17.97 55.70 11.48
N ALA A 523 -17.85 56.91 10.95
CA ALA A 523 -18.98 57.87 10.98
C ALA A 523 -19.94 57.74 9.78
N VAL A 524 -19.69 56.78 8.87
CA VAL A 524 -20.48 56.59 7.65
C VAL A 524 -21.35 55.34 7.74
N LEU A 525 -20.82 54.26 8.32
CA LEU A 525 -21.56 52.99 8.42
C LEU A 525 -21.23 52.26 9.77
N ALA A 526 -22.18 51.46 10.21
CA ALA A 526 -22.11 50.79 11.52
C ALA A 526 -20.85 49.97 11.74
N GLY A 527 -20.47 49.18 10.76
CA GLY A 527 -19.28 48.32 10.86
C GLY A 527 -18.86 47.71 9.53
N ALA A 528 -18.27 48.56 8.69
CA ALA A 528 -17.72 48.16 7.41
C ALA A 528 -16.68 47.06 7.61
N GLY A 529 -16.61 46.15 6.65
CA GLY A 529 -15.70 45.01 6.70
C GLY A 529 -16.19 43.81 7.47
N SER A 530 -17.36 43.91 8.07
CA SER A 530 -17.83 42.87 9.00
C SER A 530 -18.88 41.89 8.40
N ALA A 531 -19.10 41.88 7.08
CA ALA A 531 -20.04 40.92 6.48
C ALA A 531 -19.29 39.60 6.37
N PRO A 532 -19.99 38.51 6.01
CA PRO A 532 -19.31 37.27 6.26
C PRO A 532 -18.08 37.06 5.42
N THR A 533 -17.15 36.28 5.97
CA THR A 533 -15.91 35.95 5.28
C THR A 533 -15.99 34.55 4.71
N SER A 534 -17.14 33.92 4.87
CA SER A 534 -17.31 32.58 4.46
C SER A 534 -18.77 32.30 4.27
N ALA A 535 -19.06 31.38 3.36
CA ALA A 535 -20.40 30.83 3.24
C ALA A 535 -20.82 30.13 4.55
N LEU A 536 -22.13 30.02 4.77
CA LEU A 536 -22.65 29.22 5.90
C LEU A 536 -22.33 27.79 5.63
N LYS A 537 -22.07 27.03 6.68
CA LYS A 537 -21.67 25.66 6.52
C LYS A 537 -22.69 24.85 5.70
N SER A 538 -23.97 25.10 5.94
CA SER A 538 -25.06 24.46 5.20
C SER A 538 -25.05 24.80 3.73
N GLY A 539 -24.51 25.96 3.37
CA GLY A 539 -24.52 26.46 1.98
C GLY A 539 -25.71 27.34 1.63
N ALA A 540 -26.67 27.43 2.53
CA ALA A 540 -27.77 28.37 2.42
C ALA A 540 -27.21 29.76 2.54
N GLU A 541 -28.02 30.72 2.13
CA GLU A 541 -27.60 32.10 2.14
C GLU A 541 -27.74 32.72 3.54
N HIS A 542 -26.92 33.71 3.85
CA HIS A 542 -27.03 34.47 5.08
C HIS A 542 -28.32 35.24 5.15
N ALA A 543 -28.81 35.39 6.38
CA ALA A 543 -29.89 36.29 6.69
C ALA A 543 -29.44 37.73 6.53
N ARG A 544 -30.35 38.54 6.02
CA ARG A 544 -30.21 39.99 5.90
C ARG A 544 -31.02 40.81 6.93
N THR A 545 -31.98 40.16 7.60
CA THR A 545 -32.82 40.77 8.65
C THR A 545 -33.00 39.82 9.83
N GLY A 546 -33.42 40.39 10.96
CA GLY A 546 -33.64 39.64 12.16
C GLY A 546 -32.36 39.33 12.89
N GLU A 547 -32.47 38.37 13.80
CA GLU A 547 -31.43 37.96 14.76
C GLU A 547 -30.09 37.58 14.13
N LYS A 548 -30.13 36.87 13.00
CA LYS A 548 -28.92 36.40 12.32
C LYS A 548 -28.38 37.34 11.19
N ALA A 549 -29.02 38.50 11.01
CA ALA A 549 -28.66 39.45 9.95
C ALA A 549 -27.15 39.68 9.91
N ALA A 550 -26.55 39.31 8.78
CA ALA A 550 -25.11 39.30 8.65
C ALA A 550 -24.53 40.60 8.03
N PHE A 551 -25.40 41.54 7.61
CA PHE A 551 -25.00 42.69 6.79
C PHE A 551 -25.22 44.06 7.42
N ASP A 552 -25.58 44.07 8.71
CA ASP A 552 -25.93 45.30 9.43
C ASP A 552 -24.77 46.27 9.63
N GLY A 553 -23.54 45.77 9.50
CA GLY A 553 -22.35 46.61 9.43
C GLY A 553 -22.30 47.61 8.28
N TYR A 554 -23.00 47.30 7.18
CA TYR A 554 -23.05 48.19 6.03
C TYR A 554 -24.23 49.18 6.08
N ARG A 555 -24.96 49.21 7.20
CA ARG A 555 -26.01 50.22 7.41
C ARG A 555 -25.40 51.58 7.74
N PRO A 556 -25.91 52.67 7.10
CA PRO A 556 -25.53 54.02 7.52
C PRO A 556 -25.89 54.32 9.01
N VAL A 557 -24.99 55.05 9.67
CA VAL A 557 -25.18 55.45 11.06
C VAL A 557 -25.87 56.81 11.07
N ALA A 558 -26.35 57.20 12.26
CA ALA A 558 -26.98 58.51 12.44
C ALA A 558 -26.03 59.64 12.06
N GLY A 559 -26.54 60.66 11.38
CA GLY A 559 -25.68 61.74 10.84
C GLY A 559 -24.69 61.30 9.75
N SER A 560 -24.87 60.10 9.17
CA SER A 560 -24.00 59.70 8.06
C SER A 560 -24.18 60.66 6.87
N LYS A 561 -23.06 61.06 6.29
CA LYS A 561 -23.08 61.82 5.04
C LYS A 561 -23.62 61.05 3.84
N ALA A 562 -23.79 59.75 3.99
CA ALA A 562 -24.52 58.94 3.00
C ALA A 562 -26.05 59.10 3.04
N ILE A 563 -26.64 59.67 4.10
CA ILE A 563 -28.10 59.82 4.14
C ILE A 563 -28.57 60.91 3.17
N ASN A 564 -29.60 60.56 2.38
CA ASN A 564 -30.19 61.45 1.39
C ASN A 564 -29.18 62.19 0.54
N ALA A 565 -28.01 61.59 0.28
CA ALA A 565 -26.95 62.25 -0.50
C ALA A 565 -26.90 61.85 -1.98
N GLY A 566 -27.54 60.75 -2.35
CA GLY A 566 -27.53 60.28 -3.74
C GLY A 566 -28.48 61.04 -4.68
N LYS A 567 -28.06 61.22 -5.92
CA LYS A 567 -28.96 61.70 -7.00
C LYS A 567 -30.03 60.66 -7.34
N VAL A 568 -31.23 61.10 -7.72
CA VAL A 568 -32.17 60.17 -8.36
C VAL A 568 -31.48 59.61 -9.64
N VAL A 569 -31.48 58.29 -9.76
CA VAL A 569 -30.77 57.62 -10.85
C VAL A 569 -31.71 57.32 -12.00
N SER A 570 -31.19 57.53 -13.21
CA SER A 570 -31.84 57.09 -14.44
C SER A 570 -31.02 55.90 -15.07
N ASP A 571 -31.55 54.69 -14.90
CA ASP A 571 -30.82 53.48 -15.29
C ASP A 571 -30.62 53.44 -16.81
N LEU A 572 -29.37 53.53 -17.25
CA LEU A 572 -29.00 53.37 -18.68
C LEU A 572 -29.67 52.22 -19.44
N ASN A 573 -30.12 51.20 -18.71
CA ASN A 573 -30.73 50.01 -19.29
C ASN A 573 -32.17 49.77 -18.88
N ASP A 574 -32.90 50.84 -18.58
CA ASP A 574 -34.35 50.84 -18.28
C ASP A 574 -34.86 49.97 -17.13
N TYR A 575 -34.01 49.72 -16.15
CA TYR A 575 -34.41 48.96 -14.95
C TYR A 575 -34.75 49.93 -13.85
N ALA A 576 -36.03 49.98 -13.48
CA ALA A 576 -36.49 50.87 -12.43
C ALA A 576 -35.85 50.48 -11.10
N VAL A 577 -35.29 51.48 -10.39
CA VAL A 577 -34.92 51.37 -8.98
C VAL A 577 -36.12 50.91 -8.08
N GLU A 578 -35.99 49.75 -7.41
CA GLU A 578 -37.05 49.15 -6.55
C GLU A 578 -36.70 49.13 -5.06
N ASN A 579 -35.60 48.46 -4.72
CA ASN A 579 -35.17 48.35 -3.30
C ASN A 579 -33.67 48.35 -3.17
N ASP A 580 -33.23 48.30 -1.91
CA ASP A 580 -31.83 48.23 -1.59
C ASP A 580 -31.30 46.77 -1.35
N PHE A 581 -30.07 46.68 -0.88
CA PHE A 581 -29.48 45.39 -0.55
C PHE A 581 -30.34 44.57 0.43
N LEU A 582 -30.93 45.23 1.42
CA LEU A 582 -31.72 44.56 2.47
C LEU A 582 -33.26 44.47 2.28
N GLY A 583 -33.75 44.55 1.04
CA GLY A 583 -35.18 44.56 0.74
C GLY A 583 -35.99 45.82 1.08
N ASN A 584 -35.34 46.88 1.60
CA ASN A 584 -36.02 48.15 1.94
C ASN A 584 -36.37 48.94 0.67
N ALA A 585 -37.56 49.55 0.65
CA ALA A 585 -37.99 50.35 -0.49
C ALA A 585 -37.10 51.57 -0.56
N VAL A 586 -36.61 51.92 -1.74
CA VAL A 586 -35.85 53.17 -1.89
C VAL A 586 -36.86 54.29 -2.00
N LYS A 587 -36.68 55.32 -1.17
CA LYS A 587 -37.64 56.44 -1.05
C LYS A 587 -37.50 57.43 -2.24
N GLY A 588 -37.27 58.72 -1.98
CA GLY A 588 -37.33 59.73 -3.04
C GLY A 588 -35.92 60.00 -3.49
N ARG A 589 -35.20 60.80 -2.72
CA ARG A 589 -33.77 60.98 -2.88
C ARG A 589 -33.01 59.81 -2.19
N PRO A 590 -32.28 58.99 -2.98
CA PRO A 590 -31.69 57.80 -2.35
C PRO A 590 -30.47 58.11 -1.50
N ASP A 591 -30.21 57.22 -0.55
CA ASP A 591 -28.95 57.21 0.15
C ASP A 591 -27.82 56.66 -0.77
N LEU A 592 -26.60 57.07 -0.44
CA LEU A 592 -25.37 56.56 -1.07
C LEU A 592 -25.08 55.12 -0.63
N GLY A 593 -24.40 54.38 -1.50
CA GLY A 593 -24.14 52.96 -1.28
C GLY A 593 -25.36 52.08 -1.45
N ALA A 594 -25.23 50.85 -0.94
CA ALA A 594 -26.18 49.76 -1.12
C ALA A 594 -27.32 49.61 -0.09
N VAL A 595 -27.29 50.39 0.98
CA VAL A 595 -28.20 50.19 2.09
C VAL A 595 -28.74 51.53 2.55
N GLU A 596 -30.05 51.69 2.45
CA GLU A 596 -30.79 52.82 3.03
C GLU A 596 -30.73 52.81 4.56
N ALA A 597 -30.69 54.00 5.17
CA ALA A 597 -30.96 54.18 6.62
C ALA A 597 -32.41 53.89 7.00
N ALA A 598 -32.61 53.01 7.99
CA ALA A 598 -33.93 52.49 8.41
C ALA A 598 -34.98 53.57 8.72
N GLY B 17 -37.20 -51.70 4.75
CA GLY B 17 -35.82 -52.11 4.34
C GLY B 17 -35.01 -52.78 5.46
N THR B 18 -34.06 -53.60 5.05
CA THR B 18 -33.37 -54.57 5.92
C THR B 18 -32.26 -53.96 6.77
N THR B 19 -31.74 -54.75 7.71
CA THR B 19 -30.60 -54.36 8.56
C THR B 19 -29.76 -55.59 8.82
N TYR B 20 -28.45 -55.47 8.64
CA TYR B 20 -27.51 -56.55 8.93
C TYR B 20 -26.69 -56.23 10.17
N TYR B 21 -26.10 -57.27 10.77
CA TYR B 21 -25.32 -57.13 12.01
C TYR B 21 -24.04 -57.95 11.87
N VAL B 22 -22.91 -57.36 12.26
CA VAL B 22 -21.65 -58.07 12.30
C VAL B 22 -21.06 -57.90 13.68
N SER B 23 -20.41 -58.96 14.13
CA SER B 23 -19.92 -59.08 15.44
C SER B 23 -18.76 -60.02 15.35
N SER B 24 -17.57 -59.46 15.44
CA SER B 24 -16.41 -60.27 15.75
C SER B 24 -16.62 -60.86 17.16
N ALA B 25 -16.10 -62.04 17.39
CA ALA B 25 -16.11 -62.68 18.75
C ALA B 25 -17.46 -63.30 19.17
N HIS B 26 -18.57 -62.64 18.85
CA HIS B 26 -19.93 -63.07 19.17
C HIS B 26 -20.54 -63.85 17.97
N GLY B 27 -20.49 -63.26 16.77
CA GLY B 27 -21.27 -63.72 15.60
C GLY B 27 -20.62 -64.84 14.79
N ASP B 28 -21.30 -65.28 13.73
CA ASP B 28 -20.77 -66.36 12.86
C ASP B 28 -21.17 -66.21 11.40
N ASP B 29 -20.23 -66.44 10.48
CA ASP B 29 -20.47 -66.21 9.02
C ASP B 29 -21.66 -67.04 8.45
N ALA B 30 -21.93 -68.20 9.03
CA ALA B 30 -23.03 -69.07 8.60
C ALA B 30 -24.43 -68.52 8.96
N ASN B 31 -24.51 -67.74 10.05
CA ASN B 31 -25.77 -67.10 10.49
C ASN B 31 -26.35 -66.25 9.38
N ALA B 32 -27.65 -65.96 9.49
CA ALA B 32 -28.36 -65.22 8.44
C ALA B 32 -27.97 -63.76 8.39
N GLY B 33 -27.62 -63.20 9.56
CA GLY B 33 -27.10 -61.82 9.66
C GLY B 33 -28.17 -60.74 9.89
N THR B 34 -29.39 -60.99 9.42
CA THR B 34 -30.52 -60.20 9.83
C THR B 34 -30.76 -60.55 11.31
N SER B 35 -31.10 -59.56 12.12
CA SER B 35 -31.32 -59.73 13.57
C SER B 35 -30.03 -59.92 14.40
N GLU B 36 -30.17 -59.54 15.68
CA GLU B 36 -29.05 -59.29 16.60
C GLU B 36 -28.52 -60.53 17.35
N ASN B 37 -29.44 -61.45 17.64
CA ASN B 37 -29.11 -62.79 18.17
C ASN B 37 -28.19 -63.64 17.25
N ALA B 38 -28.34 -63.48 15.92
CA ALA B 38 -27.53 -64.22 14.92
C ALA B 38 -26.71 -63.30 13.92
N PRO B 39 -25.60 -62.67 14.39
CA PRO B 39 -24.78 -61.78 13.58
C PRO B 39 -23.57 -62.43 12.84
N TRP B 40 -22.94 -61.65 11.96
CA TRP B 40 -22.14 -62.18 10.82
C TRP B 40 -20.64 -62.47 10.99
N LYS B 41 -20.09 -62.25 12.17
CA LYS B 41 -18.64 -62.43 12.46
C LYS B 41 -17.64 -61.51 11.72
N SER B 42 -17.70 -61.50 10.39
CA SER B 42 -16.66 -60.91 9.54
C SER B 42 -17.27 -60.08 8.41
N LEU B 43 -16.52 -59.07 7.96
CA LEU B 43 -16.93 -58.13 6.93
C LEU B 43 -16.91 -58.69 5.50
N THR B 44 -16.14 -59.77 5.29
CA THR B 44 -16.16 -60.53 4.02
C THR B 44 -17.57 -60.83 3.50
N LYS B 45 -18.42 -61.25 4.44
CA LYS B 45 -19.83 -61.48 4.18
C LYS B 45 -20.58 -60.22 3.68
N VAL B 46 -20.31 -59.09 4.34
CA VAL B 46 -20.97 -57.81 4.00
C VAL B 46 -20.57 -57.36 2.60
N ASN B 47 -19.30 -57.58 2.25
CA ASN B 47 -18.72 -57.25 0.93
C ASN B 47 -19.43 -57.96 -0.22
N ASP B 48 -19.85 -59.21 0.01
CA ASP B 48 -20.62 -59.99 -0.98
C ASP B 48 -22.00 -59.38 -1.26
N ILE B 49 -22.57 -58.73 -0.25
CA ILE B 49 -23.92 -58.13 -0.26
C ILE B 49 -23.96 -56.61 -0.59
N ALA B 50 -22.84 -55.90 -0.35
CA ALA B 50 -22.76 -54.42 -0.47
C ALA B 50 -23.30 -53.76 -1.75
N SER B 51 -23.14 -54.38 -2.90
CA SER B 51 -23.63 -53.79 -4.15
C SER B 51 -25.16 -53.86 -4.27
N ASP B 52 -25.78 -54.67 -3.39
CA ASP B 52 -27.23 -54.77 -3.29
C ASP B 52 -27.93 -53.80 -2.29
N LEU B 53 -27.19 -53.23 -1.33
CA LEU B 53 -27.77 -52.24 -0.40
C LEU B 53 -28.14 -51.04 -1.27
N GLY B 54 -29.28 -50.37 -1.15
CA GLY B 54 -30.34 -50.63 -0.23
C GLY B 54 -30.90 -49.36 0.41
N PRO B 55 -31.85 -48.65 -0.27
CA PRO B 55 -32.53 -47.52 0.40
C PRO B 55 -33.27 -47.95 1.65
N GLY B 56 -32.67 -47.65 2.80
CA GLY B 56 -33.18 -48.07 4.10
C GLY B 56 -32.36 -49.17 4.72
N ASP B 57 -31.39 -49.70 3.99
CA ASP B 57 -30.63 -50.85 4.45
C ASP B 57 -29.48 -50.38 5.28
N SER B 58 -28.97 -51.28 6.12
CA SER B 58 -28.01 -50.91 7.14
C SER B 58 -27.03 -52.05 7.43
N VAL B 59 -25.87 -51.68 7.93
CA VAL B 59 -24.90 -52.62 8.40
C VAL B 59 -24.32 -52.06 9.70
N LEU B 60 -24.48 -52.82 10.77
CA LEU B 60 -24.03 -52.42 12.09
C LEU B 60 -22.98 -53.39 12.62
N LEU B 61 -21.92 -52.81 13.18
CA LEU B 61 -20.75 -53.52 13.63
C LEU B 61 -20.74 -53.39 15.14
N GLU B 62 -20.64 -54.51 15.84
CA GLU B 62 -20.82 -54.45 17.29
C GLU B 62 -19.69 -53.62 17.90
N TYR B 63 -20.05 -52.65 18.75
CA TYR B 63 -19.06 -51.97 19.59
C TYR B 63 -18.15 -53.02 20.22
N GLY B 64 -16.85 -52.74 20.28
CA GLY B 64 -15.88 -53.67 20.83
C GLY B 64 -15.32 -54.67 19.82
N SER B 65 -15.97 -54.80 18.64
CA SER B 65 -15.47 -55.68 17.57
C SER B 65 -14.06 -55.23 17.07
N GLU B 66 -13.35 -56.16 16.48
CA GLU B 66 -12.11 -55.89 15.77
C GLU B 66 -12.10 -56.80 14.54
N PHE B 67 -12.08 -56.18 13.37
CA PHE B 67 -12.05 -56.87 12.07
C PHE B 67 -10.71 -56.68 11.41
N ASN B 68 -9.78 -57.60 11.70
CA ASN B 68 -8.42 -57.50 11.22
C ASN B 68 -8.24 -58.15 9.87
N ASP B 69 -7.29 -57.62 9.10
CA ASP B 69 -7.13 -57.95 7.69
C ASP B 69 -8.48 -57.97 7.00
N GLN B 70 -9.30 -56.97 7.33
CA GLN B 70 -10.63 -56.82 6.76
C GLN B 70 -10.89 -55.38 6.29
N TYR B 71 -11.91 -55.22 5.47
CA TYR B 71 -12.13 -54.01 4.71
C TYR B 71 -13.55 -54.05 4.25
N LEU B 72 -14.02 -52.94 3.72
CA LEU B 72 -15.39 -52.79 3.38
C LEU B 72 -15.55 -51.98 2.08
N HIS B 73 -15.73 -52.67 0.96
CA HIS B 73 -15.89 -52.02 -0.33
C HIS B 73 -17.35 -52.01 -0.72
N ILE B 74 -17.84 -50.83 -1.09
CA ILE B 74 -19.24 -50.63 -1.44
C ILE B 74 -19.22 -49.92 -2.77
N LYS B 75 -19.70 -50.59 -3.81
CA LYS B 75 -19.57 -50.12 -5.18
C LYS B 75 -20.93 -50.11 -5.87
N ASP B 76 -21.18 -49.03 -6.61
CA ASP B 76 -22.29 -48.90 -7.57
C ASP B 76 -23.72 -49.16 -7.08
N THR B 77 -24.16 -48.32 -6.15
CA THR B 77 -25.53 -48.35 -5.62
C THR B 77 -25.83 -47.14 -4.71
N ALA B 78 -27.06 -47.06 -4.20
CA ALA B 78 -27.51 -45.86 -3.50
C ALA B 78 -28.75 -46.05 -2.60
N GLY B 79 -28.80 -45.25 -1.53
CA GLY B 79 -30.06 -44.98 -0.88
C GLY B 79 -30.89 -44.03 -1.73
N ASN B 80 -31.79 -43.32 -1.09
CA ASN B 80 -32.47 -42.19 -1.75
C ASN B 80 -32.67 -41.12 -0.70
N ALA B 81 -33.17 -39.96 -1.15
CA ALA B 81 -33.59 -38.88 -0.29
C ALA B 81 -34.34 -39.36 0.96
N ASP B 82 -35.35 -40.19 0.76
CA ASP B 82 -36.24 -40.61 1.86
C ASP B 82 -35.64 -41.64 2.84
N ALA B 83 -34.60 -42.37 2.43
CA ALA B 83 -33.79 -43.19 3.37
C ALA B 83 -32.40 -43.62 2.83
N PRO B 84 -31.31 -43.08 3.42
CA PRO B 84 -29.97 -43.46 2.97
C PRO B 84 -29.56 -44.86 3.43
N ILE B 85 -28.46 -45.38 2.86
CA ILE B 85 -27.83 -46.61 3.34
C ILE B 85 -27.13 -46.19 4.62
N THR B 86 -27.11 -47.02 5.65
CA THR B 86 -26.43 -46.63 6.89
C THR B 86 -25.36 -47.68 7.22
N ILE B 87 -24.24 -47.21 7.79
CA ILE B 87 -23.13 -48.06 8.16
C ILE B 87 -22.69 -47.52 9.51
N SER B 88 -22.94 -48.31 10.55
CA SER B 88 -22.64 -47.84 11.89
C SER B 88 -22.34 -48.95 12.90
N ALA B 89 -22.50 -48.58 14.17
CA ALA B 89 -22.20 -49.41 15.31
C ALA B 89 -23.52 -49.69 16.01
N TYR B 90 -23.62 -50.90 16.60
CA TYR B 90 -24.73 -51.26 17.50
C TYR B 90 -24.15 -51.79 18.80
N GLY B 91 -24.99 -51.84 19.84
CA GLY B 91 -24.64 -52.45 21.12
C GLY B 91 -24.35 -51.43 22.19
N ASP B 92 -23.35 -51.70 23.02
CA ASP B 92 -22.95 -50.84 24.14
C ASP B 92 -21.70 -50.02 23.77
N ALA B 93 -21.90 -48.72 23.55
CA ALA B 93 -20.84 -47.78 23.20
C ALA B 93 -19.63 -47.78 24.15
N ASP B 94 -19.78 -48.18 25.41
CA ASP B 94 -18.63 -48.27 26.35
C ASP B 94 -17.55 -49.26 25.92
N GLU B 95 -17.94 -50.28 25.16
CA GLU B 95 -16.99 -51.11 24.44
C GLU B 95 -16.62 -50.17 23.32
N GLY B 96 -15.35 -49.98 22.98
CA GLY B 96 -14.95 -48.98 21.95
C GLY B 96 -15.77 -48.92 20.64
N LYS B 97 -15.40 -48.00 19.74
CA LYS B 97 -15.89 -48.04 18.35
C LYS B 97 -15.39 -49.36 17.71
N PRO B 98 -16.20 -49.97 16.81
CA PRO B 98 -15.71 -51.18 16.14
C PRO B 98 -14.61 -50.79 15.16
N VAL B 99 -13.51 -51.56 15.18
CA VAL B 99 -12.33 -51.31 14.38
C VAL B 99 -12.34 -52.13 13.06
N ILE B 100 -12.22 -51.42 11.93
CA ILE B 100 -11.89 -52.03 10.65
C ILE B 100 -10.42 -51.73 10.36
N ALA B 101 -9.59 -52.78 10.39
CA ALA B 101 -8.19 -52.68 10.11
C ALA B 101 -7.85 -53.57 8.90
N SER B 102 -7.63 -52.97 7.72
CA SER B 102 -7.26 -53.74 6.49
C SER B 102 -5.83 -54.20 6.47
N ASN B 103 -4.94 -53.46 7.12
CA ASN B 103 -3.50 -53.83 7.17
C ASN B 103 -2.82 -53.93 5.78
N GLY B 104 -3.38 -53.21 4.82
CA GLY B 104 -2.91 -53.24 3.47
C GLY B 104 -3.07 -54.59 2.81
N VAL B 105 -4.10 -55.35 3.18
CA VAL B 105 -4.22 -56.71 2.63
C VAL B 105 -4.61 -56.72 1.16
N LYS B 106 -4.28 -57.81 0.49
CA LYS B 106 -4.54 -57.97 -0.93
C LYS B 106 -5.97 -57.60 -1.23
N GLY B 107 -6.92 -58.21 -0.54
CA GLY B 107 -8.35 -57.97 -0.79
C GLY B 107 -8.82 -56.51 -0.77
N SER B 108 -8.14 -55.66 0.03
CA SER B 108 -8.42 -54.20 0.09
C SER B 108 -7.93 -53.40 -1.13
N GLN B 109 -7.04 -53.99 -1.93
CA GLN B 109 -6.34 -53.30 -3.01
C GLN B 109 -7.23 -53.19 -4.23
N TRP B 110 -7.12 -52.06 -4.94
CA TRP B 110 -7.94 -51.79 -6.12
C TRP B 110 -7.15 -50.88 -7.07
N GLU B 111 -7.66 -50.69 -8.28
CA GLU B 111 -6.92 -50.03 -9.37
C GLU B 111 -7.51 -48.66 -9.59
N GLN B 112 -6.71 -47.64 -9.25
CA GLN B 112 -7.13 -46.26 -9.39
C GLN B 112 -6.60 -45.81 -10.70
N ASP B 113 -7.43 -45.12 -11.43
CA ASP B 113 -7.01 -44.56 -12.70
C ASP B 113 -7.90 -43.36 -12.98
N TYR B 114 -7.29 -42.16 -13.01
CA TYR B 114 -7.97 -40.92 -13.41
C TYR B 114 -8.43 -40.92 -14.87
N ARG B 115 -7.69 -41.65 -15.71
CA ARG B 115 -7.88 -41.75 -17.17
C ARG B 115 -7.64 -40.43 -17.89
N ALA B 116 -6.86 -39.55 -17.27
CA ALA B 116 -6.47 -38.25 -17.81
C ALA B 116 -5.21 -37.81 -17.11
N ASN B 117 -4.48 -36.87 -17.70
CA ASN B 117 -3.39 -36.20 -16.99
C ASN B 117 -4.02 -35.29 -15.93
N VAL B 118 -3.47 -35.29 -14.72
CA VAL B 118 -3.99 -34.42 -13.67
C VAL B 118 -2.85 -33.64 -12.98
N GLY B 119 -1.95 -33.10 -13.80
CA GLY B 119 -0.71 -32.49 -13.37
C GLY B 119 0.47 -33.50 -13.22
N ASN B 120 1.57 -33.00 -12.68
CA ASN B 120 2.79 -33.76 -12.56
C ASN B 120 2.75 -34.63 -11.31
N HIS B 121 1.97 -35.71 -11.37
CA HIS B 121 1.69 -36.61 -10.21
C HIS B 121 1.36 -38.02 -10.72
N LYS B 122 1.67 -39.01 -9.89
CA LYS B 122 1.11 -40.34 -10.05
C LYS B 122 -0.46 -40.28 -10.01
N ASN B 123 -1.03 -40.82 -11.10
CA ASN B 123 -2.45 -40.69 -11.43
C ASN B 123 -3.10 -42.04 -11.73
N LYS B 124 -2.42 -43.11 -11.34
CA LYS B 124 -2.68 -44.45 -11.88
C LYS B 124 -1.94 -45.42 -11.00
N GLY B 125 -2.63 -46.41 -10.47
CA GLY B 125 -1.92 -47.47 -9.75
C GLY B 125 -2.75 -48.26 -8.76
N THR B 126 -2.08 -49.05 -7.97
CA THR B 126 -2.72 -49.95 -7.02
C THR B 126 -2.88 -49.25 -5.65
N VAL B 127 -4.12 -49.25 -5.15
CA VAL B 127 -4.44 -48.62 -3.88
C VAL B 127 -5.11 -49.59 -2.87
N SER B 128 -4.62 -49.60 -1.64
CA SER B 128 -5.30 -50.26 -0.51
C SER B 128 -6.15 -49.22 0.18
N THR B 129 -7.44 -49.54 0.36
CA THR B 129 -8.42 -48.66 0.98
C THR B 129 -9.25 -49.50 1.94
N THR B 130 -9.24 -49.12 3.22
CA THR B 130 -9.96 -49.86 4.25
C THR B 130 -11.46 -49.79 4.03
N LEU B 131 -11.97 -48.61 3.65
CA LEU B 131 -13.40 -48.40 3.40
C LEU B 131 -13.56 -47.55 2.14
N LEU B 132 -14.04 -48.21 1.09
CA LEU B 132 -14.05 -47.66 -0.24
C LEU B 132 -15.51 -47.46 -0.62
N LEU B 133 -15.92 -46.22 -0.75
CA LEU B 133 -17.22 -45.86 -1.28
C LEU B 133 -17.08 -45.47 -2.75
N LYS B 134 -17.23 -46.41 -3.68
CA LYS B 134 -17.11 -46.09 -5.10
C LYS B 134 -18.47 -45.96 -5.73
N ASP B 135 -18.81 -44.72 -6.12
CA ASP B 135 -20.10 -44.31 -6.73
C ASP B 135 -21.40 -44.61 -5.96
N VAL B 136 -21.34 -44.28 -4.68
CA VAL B 136 -22.35 -44.69 -3.69
C VAL B 136 -23.03 -43.46 -3.09
N SER B 137 -24.26 -43.19 -3.51
CA SER B 137 -25.01 -42.02 -3.08
C SER B 137 -25.96 -42.30 -1.94
N TYR B 138 -26.25 -41.25 -1.16
CA TYR B 138 -27.19 -41.32 -0.04
C TYR B 138 -26.73 -42.42 0.86
N ILE B 139 -25.66 -42.11 1.59
CA ILE B 139 -25.07 -43.02 2.54
C ILE B 139 -24.42 -42.23 3.67
N THR B 140 -24.54 -42.79 4.86
CA THR B 140 -24.05 -42.26 6.11
C THR B 140 -23.20 -43.39 6.69
N VAL B 141 -21.99 -43.03 7.08
CA VAL B 141 -21.04 -43.96 7.68
C VAL B 141 -20.72 -43.28 9.01
N SER B 142 -20.85 -44.02 10.10
CA SER B 142 -20.74 -43.36 11.40
C SER B 142 -20.27 -44.27 12.50
N ASN B 143 -19.51 -43.68 13.42
CA ASN B 143 -19.06 -44.36 14.64
C ASN B 143 -18.18 -45.59 14.41
N LEU B 144 -17.28 -45.51 13.41
CA LEU B 144 -16.21 -46.52 13.16
C LEU B 144 -14.78 -45.95 13.40
N GLU B 145 -13.87 -46.84 13.80
CA GLU B 145 -12.45 -46.58 13.97
C GLU B 145 -11.87 -47.32 12.77
N ILE B 146 -11.12 -46.62 11.92
CA ILE B 146 -10.60 -47.19 10.69
C ILE B 146 -9.10 -46.98 10.60
N THR B 147 -8.36 -48.09 10.52
CA THR B 147 -6.91 -48.07 10.28
C THR B 147 -6.56 -48.74 8.95
N ASN B 148 -5.41 -48.35 8.41
CA ASN B 148 -4.78 -49.07 7.33
C ASN B 148 -3.25 -49.16 7.54
N ASP B 149 -2.90 -50.09 8.42
CA ASP B 149 -1.60 -50.16 9.11
C ASP B 149 -0.60 -51.12 8.49
N ASP B 150 0.68 -50.75 8.66
CA ASP B 150 1.84 -51.55 8.32
C ASP B 150 2.66 -51.61 9.58
N ALA B 151 2.91 -52.82 10.09
CA ALA B 151 3.60 -52.95 11.35
C ALA B 151 5.09 -52.65 11.20
N ASP B 152 5.58 -52.56 9.96
CA ASP B 152 6.94 -52.05 9.66
C ASP B 152 7.11 -50.52 9.49
N VAL B 153 6.02 -49.77 9.70
CA VAL B 153 6.06 -48.31 9.82
C VAL B 153 5.52 -47.75 11.16
N TYR B 154 6.25 -46.84 11.79
CA TYR B 154 5.79 -46.34 13.08
C TYR B 154 6.45 -44.99 13.34
N ASP B 155 5.64 -43.92 13.26
CA ASP B 155 6.10 -42.56 13.52
C ASP B 155 4.93 -41.79 14.15
N PRO B 156 4.55 -42.16 15.40
CA PRO B 156 3.42 -41.49 16.02
C PRO B 156 3.68 -39.98 16.28
N ILE B 157 2.70 -39.16 15.93
CA ILE B 157 2.75 -37.77 16.27
C ILE B 157 2.93 -37.42 17.77
N ASP B 158 2.23 -38.11 18.64
CA ASP B 158 2.24 -37.81 20.04
C ASP B 158 3.64 -37.73 20.67
N THR B 159 4.58 -38.51 20.15
CA THR B 159 5.97 -38.51 20.61
C THR B 159 6.99 -37.99 19.56
N TRP B 160 6.49 -37.44 18.47
CA TRP B 160 7.36 -36.99 17.40
C TRP B 160 8.18 -35.80 17.83
N LYS B 161 9.46 -35.84 17.45
CA LYS B 161 10.38 -34.74 17.60
C LYS B 161 11.49 -34.85 16.53
N TRP B 162 12.11 -33.70 16.26
CA TRP B 162 13.16 -33.58 15.32
C TRP B 162 14.45 -34.04 15.96
N THR B 163 15.05 -34.99 15.27
CA THR B 163 16.16 -35.80 15.69
C THR B 163 17.43 -35.45 14.93
N ASP B 164 18.59 -35.61 15.59
CA ASP B 164 19.89 -35.67 14.92
C ASP B 164 19.99 -36.82 13.92
N THR B 165 19.41 -37.95 14.31
CA THR B 165 19.50 -39.17 13.53
C THR B 165 18.13 -39.61 13.06
N PRO B 166 17.98 -39.90 11.78
CA PRO B 166 16.68 -40.43 11.29
C PRO B 166 16.25 -41.72 11.97
N ASP B 167 14.97 -41.85 12.25
CA ASP B 167 14.40 -43.08 12.81
C ASP B 167 14.97 -43.50 14.17
N SER B 168 15.37 -42.53 14.97
CA SER B 168 16.20 -42.79 16.12
C SER B 168 15.45 -43.34 17.31
N ASP B 169 14.21 -42.91 17.48
CA ASP B 169 13.52 -43.04 18.77
C ASP B 169 12.55 -44.21 18.70
N GLY B 170 13.08 -45.37 18.35
CA GLY B 170 12.26 -46.53 17.99
C GLY B 170 11.33 -46.36 16.78
N THR B 171 11.52 -45.33 15.97
CA THR B 171 10.59 -45.10 14.86
C THR B 171 11.17 -45.67 13.56
N LYS B 172 10.31 -45.77 12.56
CA LYS B 172 10.69 -46.41 11.30
C LYS B 172 9.73 -46.11 10.17
N LEU B 173 10.31 -45.63 9.06
CA LEU B 173 9.58 -45.20 7.90
C LEU B 173 9.94 -45.99 6.66
N ASP B 174 8.95 -46.25 5.83
CA ASP B 174 9.22 -46.65 4.44
C ASP B 174 9.28 -45.40 3.56
N ARG B 175 10.49 -45.00 3.18
CA ARG B 175 10.72 -43.84 2.30
C ARG B 175 10.70 -44.08 0.77
N SER B 176 10.27 -45.25 0.31
CA SER B 176 10.23 -45.53 -1.14
C SER B 176 9.19 -44.71 -1.86
N ALA B 177 9.63 -44.06 -2.93
CA ALA B 177 8.76 -43.37 -3.89
C ALA B 177 7.69 -44.25 -4.49
N SER B 178 7.88 -45.56 -4.47
CA SER B 178 6.93 -46.47 -5.10
C SER B 178 6.12 -47.25 -4.07
N ARG B 179 6.23 -46.88 -2.80
CA ARG B 179 5.42 -47.50 -1.75
C ARG B 179 3.95 -47.46 -2.15
N MET B 180 3.21 -48.54 -1.82
CA MET B 180 1.81 -48.61 -2.17
C MET B 180 1.07 -47.49 -1.47
N ASP B 181 0.25 -46.79 -2.25
CA ASP B 181 -0.72 -45.82 -1.75
C ASP B 181 -1.77 -46.46 -0.86
N ARG B 182 -1.98 -45.89 0.32
CA ARG B 182 -3.10 -46.32 1.23
C ARG B 182 -4.09 -45.26 1.65
N THR B 183 -5.35 -45.65 1.69
CA THR B 183 -6.43 -44.78 2.15
C THR B 183 -7.19 -45.44 3.29
N GLY B 184 -7.58 -44.64 4.28
CA GLY B 184 -8.56 -45.05 5.28
C GLY B 184 -9.94 -45.12 4.66
N VAL B 185 -10.44 -43.97 4.20
CA VAL B 185 -11.70 -43.84 3.51
C VAL B 185 -11.53 -43.13 2.17
N ALA B 186 -11.86 -43.83 1.10
CA ALA B 186 -11.76 -43.27 -0.20
C ALA B 186 -13.16 -43.20 -0.74
N GLY B 187 -13.59 -42.01 -1.11
CA GLY B 187 -14.85 -41.79 -1.84
C GLY B 187 -14.47 -41.55 -3.30
N ILE B 188 -15.06 -42.28 -4.23
CA ILE B 188 -14.53 -42.32 -5.61
C ILE B 188 -15.64 -42.27 -6.61
N ALA B 189 -15.64 -41.23 -7.44
CA ALA B 189 -16.58 -41.14 -8.57
C ALA B 189 -15.84 -41.44 -9.88
N GLU B 190 -16.32 -42.43 -10.62
CA GLU B 190 -15.82 -42.68 -11.99
C GLU B 190 -16.83 -43.29 -12.99
N ASN B 191 -18.12 -43.01 -12.83
CA ASN B 191 -19.15 -43.49 -13.78
C ASN B 191 -19.60 -42.41 -14.74
N GLY B 192 -19.10 -41.19 -14.56
CA GLY B 192 -19.53 -40.08 -15.37
C GLY B 192 -20.76 -39.38 -14.81
N ALA B 193 -21.03 -39.60 -13.51
CA ALA B 193 -22.23 -39.08 -12.85
C ALA B 193 -21.93 -38.52 -11.43
N THR B 194 -22.87 -37.76 -10.89
CA THR B 194 -22.72 -37.24 -9.57
C THR B 194 -22.74 -38.38 -8.55
N MET B 195 -21.91 -38.23 -7.53
CA MET B 195 -22.00 -39.04 -6.31
C MET B 195 -22.46 -38.05 -5.19
N SER B 196 -23.57 -38.35 -4.52
CA SER B 196 -24.26 -37.34 -3.74
C SER B 196 -24.61 -37.83 -2.35
N ASN B 197 -24.70 -36.91 -1.41
CA ASN B 197 -25.30 -37.21 -0.13
C ASN B 197 -24.50 -38.33 0.56
N VAL B 198 -23.21 -38.06 0.68
CA VAL B 198 -22.32 -38.89 1.49
C VAL B 198 -22.04 -38.14 2.79
N THR B 199 -22.08 -38.87 3.89
CA THR B 199 -21.88 -38.27 5.19
C THR B 199 -20.96 -39.20 5.91
N LEU B 200 -19.95 -38.62 6.54
CA LEU B 200 -19.10 -39.33 7.47
C LEU B 200 -19.13 -38.53 8.75
N ASP B 201 -19.43 -39.24 9.85
CA ASP B 201 -19.82 -38.65 11.09
C ASP B 201 -19.13 -39.43 12.15
N ASN B 202 -18.30 -38.75 12.94
CA ASN B 202 -17.70 -39.34 14.14
C ASN B 202 -16.89 -40.59 13.82
N LEU B 203 -16.08 -40.51 12.76
CA LEU B 203 -15.08 -41.58 12.40
C LEU B 203 -13.79 -41.29 13.13
N TYR B 204 -13.06 -42.33 13.53
CA TYR B 204 -11.71 -42.17 14.05
C TYR B 204 -10.79 -42.95 13.12
N ILE B 205 -10.13 -42.21 12.23
CA ILE B 205 -9.25 -42.79 11.21
C ILE B 205 -7.79 -42.61 11.63
N HIS B 206 -7.04 -43.68 11.78
CA HIS B 206 -5.62 -43.54 12.10
C HIS B 206 -4.73 -44.65 11.60
N ASP B 207 -3.43 -44.45 11.74
CA ASP B 207 -2.43 -45.39 11.29
C ASP B 207 -2.72 -45.90 9.85
N VAL B 208 -2.92 -44.95 8.94
CA VAL B 208 -2.91 -45.18 7.51
C VAL B 208 -1.50 -44.94 7.04
N ASP B 209 -0.72 -45.99 6.89
CA ASP B 209 0.65 -45.87 6.43
C ASP B 209 0.75 -45.95 4.89
N GLY B 210 0.34 -44.87 4.26
CA GLY B 210 0.41 -44.73 2.83
C GLY B 210 1.74 -44.24 2.31
N ASN B 211 1.71 -43.86 1.04
CA ASN B 211 2.88 -43.27 0.40
C ASN B 211 3.22 -41.87 0.99
N ILE B 212 4.50 -41.64 1.27
CA ILE B 212 4.94 -40.35 1.76
C ILE B 212 4.80 -39.18 0.75
N TYR B 213 4.90 -39.48 -0.54
CA TYR B 213 5.05 -38.47 -1.60
C TYR B 213 3.78 -38.11 -2.27
N ASN B 214 3.00 -39.12 -2.66
CA ASN B 214 1.94 -38.91 -3.64
C ASN B 214 0.75 -38.13 -3.10
N LYS B 215 0.37 -37.15 -3.86
CA LYS B 215 -0.57 -36.16 -3.44
C LYS B 215 -1.97 -36.39 -3.94
N HIS B 216 -2.10 -37.09 -5.07
CA HIS B 216 -3.38 -37.17 -5.75
C HIS B 216 -3.84 -38.56 -6.06
N MET B 217 -3.12 -39.56 -5.56
CA MET B 217 -3.65 -40.86 -5.38
C MET B 217 -4.48 -40.80 -4.08
N ALA B 218 -5.44 -41.71 -3.99
CA ALA B 218 -6.19 -41.98 -2.77
C ALA B 218 -5.28 -42.39 -1.65
N ASN B 219 -4.53 -41.41 -1.14
CA ASN B 219 -3.40 -41.63 -0.30
C ASN B 219 -3.45 -40.71 0.90
N GLY B 220 -4.02 -41.24 1.96
CA GLY B 220 -4.09 -40.57 3.23
C GLY B 220 -5.33 -40.98 4.00
N GLY B 221 -5.79 -40.09 4.87
CA GLY B 221 -6.88 -40.39 5.78
C GLY B 221 -8.24 -40.56 5.12
N ILE B 222 -8.76 -39.45 4.60
CA ILE B 222 -9.96 -39.42 3.79
C ILE B 222 -9.54 -38.72 2.53
N TYR B 223 -9.91 -39.28 1.37
CA TYR B 223 -9.68 -38.63 0.08
C TYR B 223 -10.85 -38.90 -0.86
N PHE B 224 -11.58 -37.88 -1.27
CA PHE B 224 -12.63 -38.02 -2.27
C PHE B 224 -12.11 -37.46 -3.59
N MET B 225 -12.26 -38.24 -4.66
CA MET B 225 -11.82 -37.80 -5.98
C MET B 225 -12.59 -38.47 -7.12
N ALA B 226 -12.52 -37.83 -8.27
CA ALA B 226 -13.34 -38.10 -9.43
C ALA B 226 -12.48 -38.33 -10.67
N HIS B 227 -12.74 -39.42 -11.40
CA HIS B 227 -12.00 -39.77 -12.61
C HIS B 227 -12.92 -39.68 -13.82
N TYR B 228 -12.35 -39.57 -15.00
CA TYR B 228 -13.15 -39.88 -16.21
C TYR B 228 -13.46 -41.36 -16.17
N PRO B 229 -14.65 -41.76 -16.69
CA PRO B 229 -14.93 -43.20 -16.82
C PRO B 229 -14.16 -43.91 -17.95
N MET B 230 -13.73 -43.17 -18.97
CA MET B 230 -12.78 -43.68 -19.94
C MET B 230 -11.82 -42.59 -20.33
N GLU B 231 -10.71 -43.02 -20.95
CA GLU B 231 -9.71 -42.12 -21.52
C GLU B 231 -10.40 -41.21 -22.53
N ASN B 232 -9.93 -39.98 -22.63
CA ASN B 232 -10.48 -39.04 -23.60
C ASN B 232 -9.70 -39.16 -24.93
N THR B 233 -10.04 -40.18 -25.73
CA THR B 233 -9.26 -40.50 -26.96
C THR B 233 -9.70 -39.90 -28.31
N SER B 234 -10.85 -39.26 -28.36
CA SER B 234 -11.42 -38.80 -29.64
C SER B 234 -12.43 -37.69 -29.46
N ALA B 235 -12.83 -37.09 -30.58
CA ALA B 235 -13.83 -36.02 -30.60
C ALA B 235 -15.14 -36.41 -29.90
N GLU B 236 -15.58 -37.66 -30.10
CA GLU B 236 -16.82 -38.17 -29.49
C GLU B 236 -16.66 -38.54 -28.01
N THR B 237 -15.49 -38.99 -27.57
CA THR B 237 -15.25 -39.14 -26.11
C THR B 237 -15.30 -37.79 -25.40
N ASP B 238 -14.82 -36.75 -26.10
CA ASP B 238 -14.84 -35.36 -25.59
C ASP B 238 -16.29 -34.87 -25.44
N VAL B 239 -17.03 -34.80 -26.54
CA VAL B 239 -18.48 -34.49 -26.51
C VAL B 239 -19.25 -35.08 -25.31
N TRP B 240 -18.95 -36.34 -25.02
CA TRP B 240 -19.63 -37.07 -23.94
C TRP B 240 -19.12 -36.71 -22.53
N LEU B 241 -17.81 -36.52 -22.39
CA LEU B 241 -17.22 -36.16 -21.09
C LEU B 241 -17.59 -34.76 -20.63
N ARG B 242 -17.72 -33.84 -21.57
CA ARG B 242 -18.16 -32.48 -21.26
C ARG B 242 -19.58 -32.46 -20.63
N GLU B 243 -20.41 -33.45 -20.95
CA GLU B 243 -21.76 -33.54 -20.42
C GLU B 243 -21.88 -34.45 -19.17
N HIS B 244 -21.09 -35.54 -19.09
CA HIS B 244 -21.25 -36.63 -18.09
C HIS B 244 -20.09 -36.69 -17.11
N VAL B 245 -20.34 -36.05 -15.98
CA VAL B 245 -19.30 -35.64 -15.06
C VAL B 245 -19.29 -36.44 -13.76
N SER B 246 -18.22 -37.18 -13.54
CA SER B 246 -17.90 -37.67 -12.21
C SER B 246 -17.59 -36.45 -11.28
N ARG B 247 -18.37 -36.30 -10.22
CA ARG B 247 -18.29 -35.14 -9.33
C ARG B 247 -19.01 -35.44 -8.04
N PHE B 248 -18.90 -34.53 -7.09
CA PHE B 248 -19.59 -34.70 -5.83
C PHE B 248 -20.64 -33.61 -5.55
N ASP B 249 -21.66 -33.97 -4.78
CA ASP B 249 -22.66 -33.03 -4.28
C ASP B 249 -23.07 -33.44 -2.89
N HIS B 250 -23.16 -32.47 -1.98
CA HIS B 250 -23.62 -32.73 -0.59
C HIS B 250 -22.79 -33.82 0.05
N VAL B 251 -21.50 -33.55 0.14
CA VAL B 251 -20.63 -34.37 0.91
C VAL B 251 -20.33 -33.61 2.20
N THR B 252 -20.56 -34.30 3.31
CA THR B 252 -20.33 -33.79 4.65
C THR B 252 -19.34 -34.71 5.38
N ILE B 253 -18.33 -34.10 6.00
CA ILE B 253 -17.38 -34.83 6.84
C ILE B 253 -17.39 -34.14 8.18
N ARG B 254 -17.91 -34.80 9.21
CA ARG B 254 -18.04 -34.13 10.50
C ARG B 254 -17.74 -35.00 11.67
N ASN B 255 -17.40 -34.32 12.77
CA ASN B 255 -17.07 -34.92 14.06
C ASN B 255 -16.02 -36.02 14.03
N SER B 256 -15.10 -35.93 13.09
CA SER B 256 -14.13 -37.00 12.86
C SER B 256 -12.70 -36.60 13.27
N THR B 257 -11.95 -37.58 13.75
CA THR B 257 -10.52 -37.46 13.99
C THR B 257 -9.76 -38.26 12.91
N VAL B 258 -8.74 -37.62 12.32
CA VAL B 258 -7.78 -38.31 11.42
C VAL B 258 -6.42 -38.08 12.01
N LYS B 259 -5.68 -39.15 12.27
CA LYS B 259 -4.44 -39.09 13.04
C LYS B 259 -3.36 -40.09 12.53
N ASP B 260 -2.12 -39.62 12.31
CA ASP B 260 -0.99 -40.49 11.93
C ASP B 260 -1.25 -41.18 10.59
N VAL B 261 -1.48 -40.36 9.59
CA VAL B 261 -1.78 -40.82 8.25
C VAL B 261 -0.77 -40.21 7.27
N ASP B 262 -0.55 -40.91 6.16
CA ASP B 262 0.35 -40.47 5.08
C ASP B 262 -0.40 -40.72 3.82
N ARG B 263 -0.48 -39.78 2.89
CA ARG B 263 0.16 -38.48 2.96
C ARG B 263 -0.78 -37.49 3.68
N TRP B 264 -1.92 -37.26 3.01
CA TRP B 264 -2.88 -36.18 3.29
C TRP B 264 -3.87 -36.52 4.44
N GLY B 265 -4.29 -35.50 5.18
CA GLY B 265 -5.33 -35.69 6.19
C GLY B 265 -6.68 -35.93 5.55
N ILE B 266 -7.32 -34.87 5.15
CA ILE B 266 -8.60 -34.92 4.52
C ILE B 266 -8.47 -34.11 3.24
N ALA B 267 -8.84 -34.71 2.10
CA ALA B 267 -8.74 -34.07 0.83
C ALA B 267 -9.97 -34.40 0.03
N VAL B 268 -10.69 -33.40 -0.50
CA VAL B 268 -11.91 -33.67 -1.22
C VAL B 268 -11.96 -32.80 -2.45
N GLY B 269 -12.15 -33.45 -3.61
CA GLY B 269 -12.52 -32.76 -4.82
C GLY B 269 -11.60 -32.92 -6.05
N TYR B 270 -10.40 -33.47 -5.90
CA TYR B 270 -9.50 -33.56 -7.03
C TYR B 270 -10.14 -34.43 -8.13
N THR B 271 -9.95 -34.04 -9.36
CA THR B 271 -10.80 -34.57 -10.41
C THR B 271 -10.16 -34.43 -11.75
N ALA B 272 -10.24 -35.50 -12.56
CA ALA B 272 -9.78 -35.47 -13.96
C ALA B 272 -10.48 -34.40 -14.77
N TYR B 273 -11.67 -34.02 -14.33
CA TYR B 273 -12.36 -32.93 -14.99
C TYR B 273 -11.76 -31.54 -14.70
N LEU B 274 -10.60 -31.45 -14.03
CA LEU B 274 -9.77 -30.23 -14.06
C LEU B 274 -9.29 -29.89 -15.49
N ASN B 275 -9.33 -30.86 -16.40
CA ASN B 275 -9.00 -30.60 -17.81
C ASN B 275 -9.93 -29.64 -18.50
N TYR B 276 -11.13 -29.50 -17.95
CA TYR B 276 -12.09 -28.49 -18.41
C TYR B 276 -12.07 -27.26 -17.53
N ILE B 277 -12.06 -27.43 -16.21
CA ILE B 277 -12.05 -26.28 -15.26
C ILE B 277 -10.80 -25.43 -15.45
N ASP B 278 -9.64 -26.07 -15.61
CA ASP B 278 -8.38 -25.36 -15.76
C ASP B 278 -7.96 -25.13 -17.20
N ALA B 279 -8.83 -25.46 -18.15
CA ALA B 279 -8.51 -25.30 -19.57
C ALA B 279 -8.00 -23.89 -19.88
N ASN B 280 -8.69 -22.91 -19.31
CA ASN B 280 -8.45 -21.48 -19.44
C ASN B 280 -8.29 -20.90 -18.02
N TYR B 281 -7.05 -20.74 -17.59
CA TYR B 281 -6.77 -19.96 -16.36
C TYR B 281 -7.28 -18.49 -16.44
N GLY B 282 -7.18 -17.86 -17.61
CA GLY B 282 -7.63 -16.46 -17.80
C GLY B 282 -6.95 -15.51 -16.84
N ASP B 283 -7.73 -14.59 -16.26
CA ASP B 283 -7.29 -13.75 -15.13
C ASP B 283 -7.35 -14.44 -13.74
N GLY B 284 -7.77 -15.69 -13.68
CA GLY B 284 -7.75 -16.44 -12.43
C GLY B 284 -9.07 -16.41 -11.69
N SER B 285 -9.98 -15.54 -12.12
CA SER B 285 -11.39 -15.67 -11.74
C SER B 285 -11.93 -16.99 -12.33
N ILE B 286 -12.89 -17.58 -11.62
CA ILE B 286 -13.46 -18.89 -11.94
C ILE B 286 -14.96 -18.71 -12.07
N ASP B 287 -15.49 -19.17 -13.20
CA ASP B 287 -16.84 -18.92 -13.59
C ASP B 287 -17.82 -19.77 -12.75
N ASP B 288 -18.92 -19.18 -12.32
CA ASP B 288 -19.95 -19.87 -11.51
C ASP B 288 -20.47 -21.14 -12.15
N ALA B 289 -20.83 -21.07 -13.44
CA ALA B 289 -21.35 -22.23 -14.20
C ALA B 289 -20.29 -23.29 -14.35
N LEU B 290 -19.09 -22.84 -14.72
CA LEU B 290 -17.96 -23.72 -14.91
C LEU B 290 -17.76 -24.59 -13.69
N ILE B 291 -17.65 -23.98 -12.50
CA ILE B 291 -17.29 -24.75 -11.26
C ILE B 291 -18.48 -25.58 -10.71
N ALA B 292 -19.69 -25.07 -10.86
CA ALA B 292 -20.92 -25.85 -10.56
C ALA B 292 -21.07 -27.13 -11.43
N LYS B 293 -20.79 -27.02 -12.71
CA LYS B 293 -20.90 -28.16 -13.63
C LYS B 293 -19.83 -29.24 -13.42
N TYR B 294 -18.56 -28.84 -13.45
CA TYR B 294 -17.44 -29.80 -13.37
C TYR B 294 -16.87 -30.04 -11.95
N GLY B 295 -17.06 -29.05 -11.07
CA GLY B 295 -16.66 -29.10 -9.68
C GLY B 295 -17.63 -29.87 -8.78
N SER B 296 -17.36 -29.78 -7.49
CA SER B 296 -18.17 -30.41 -6.46
C SER B 296 -18.92 -29.35 -5.62
N THR B 297 -20.18 -29.61 -5.34
CA THR B 297 -21.08 -28.65 -4.72
C THR B 297 -21.47 -29.09 -3.30
N ASN B 298 -21.80 -28.11 -2.49
CA ASN B 298 -22.30 -28.33 -1.15
C ASN B 298 -21.43 -29.25 -0.36
N VAL B 299 -20.11 -29.02 -0.41
CA VAL B 299 -19.23 -29.82 0.41
C VAL B 299 -19.13 -29.11 1.74
N ARG B 300 -19.16 -29.89 2.80
CA ARG B 300 -19.04 -29.32 4.13
C ARG B 300 -18.12 -30.14 5.01
N ILE B 301 -17.18 -29.46 5.64
CA ILE B 301 -16.19 -30.09 6.47
C ILE B 301 -16.29 -29.37 7.80
N GLU B 302 -16.80 -30.07 8.82
CA GLU B 302 -17.25 -29.48 10.07
C GLU B 302 -16.67 -30.23 11.21
N ASN B 303 -16.20 -29.52 12.24
CA ASN B 303 -15.89 -30.12 13.56
C ASN B 303 -14.97 -31.32 13.59
N ASN B 304 -14.02 -31.32 12.66
CA ASN B 304 -13.01 -32.36 12.63
C ASN B 304 -11.76 -31.95 13.37
N TYR B 305 -10.92 -32.94 13.62
CA TYR B 305 -9.62 -32.80 14.19
C TYR B 305 -8.63 -33.51 13.27
N VAL B 306 -7.62 -32.83 12.74
CA VAL B 306 -6.56 -33.54 11.99
C VAL B 306 -5.22 -33.33 12.63
N LYS B 307 -4.65 -34.43 13.11
CA LYS B 307 -3.39 -34.37 13.81
C LYS B 307 -2.32 -35.29 13.21
N GLY B 308 -1.16 -34.75 12.88
CA GLY B 308 -0.07 -35.61 12.44
C GLY B 308 -0.24 -36.21 11.04
N ALA B 309 -0.98 -35.56 10.15
CA ALA B 309 -0.89 -35.96 8.74
C ALA B 309 0.59 -35.83 8.27
N GLY B 310 0.96 -36.61 7.26
CA GLY B 310 2.33 -36.65 6.78
C GLY B 310 2.63 -35.40 5.98
N GLY B 311 1.61 -34.98 5.24
CA GLY B 311 1.56 -33.71 4.54
C GLY B 311 0.49 -32.76 5.08
N ASP B 312 -0.45 -32.38 4.22
CA ASP B 312 -1.37 -31.26 4.45
C ASP B 312 -2.54 -31.72 5.35
N ALA B 313 -3.17 -30.84 6.13
CA ALA B 313 -4.30 -31.24 7.02
C ALA B 313 -5.63 -31.44 6.31
N ILE B 314 -6.09 -30.36 5.68
CA ILE B 314 -7.42 -30.31 5.14
C ILE B 314 -7.36 -29.44 3.89
N THR B 315 -7.76 -30.02 2.75
CA THR B 315 -7.74 -29.32 1.48
C THR B 315 -8.97 -29.61 0.63
N LEU B 316 -9.54 -28.56 0.07
CA LEU B 316 -10.75 -28.63 -0.73
C LEU B 316 -10.37 -28.22 -2.14
N MET B 317 -10.72 -29.06 -3.10
CA MET B 317 -10.17 -28.98 -4.43
C MET B 317 -11.32 -28.99 -5.40
N TYR B 318 -11.29 -28.09 -6.39
CA TYR B 318 -12.33 -27.99 -7.43
C TYR B 318 -13.75 -28.05 -6.88
N CYS B 319 -13.95 -27.24 -5.84
CA CYS B 319 -15.17 -27.24 -5.08
C CYS B 319 -15.86 -25.85 -5.21
N ASP B 320 -17.20 -25.87 -5.37
CA ASP B 320 -18.03 -24.68 -5.50
C ASP B 320 -18.61 -24.31 -4.15
N ARG B 321 -18.10 -23.23 -3.56
CA ARG B 321 -18.64 -22.67 -2.31
C ARG B 321 -18.71 -23.66 -1.12
N PRO B 322 -17.59 -24.34 -0.84
CA PRO B 322 -17.62 -25.23 0.28
C PRO B 322 -17.48 -24.47 1.56
N VAL B 323 -17.85 -25.14 2.66
CA VAL B 323 -17.88 -24.54 3.97
C VAL B 323 -16.97 -25.38 4.84
N ILE B 324 -15.98 -24.73 5.46
CA ILE B 324 -14.98 -25.40 6.24
C ILE B 324 -14.98 -24.69 7.59
N GLU B 325 -15.48 -25.38 8.60
CA GLU B 325 -15.79 -24.71 9.86
C GLU B 325 -15.64 -25.56 11.12
N HIS B 326 -15.15 -24.91 12.15
CA HIS B 326 -14.95 -25.57 13.45
C HIS B 326 -13.92 -26.74 13.44
N ASN B 327 -13.00 -26.75 12.46
CA ASN B 327 -11.97 -27.82 12.44
C ASN B 327 -10.77 -27.42 13.27
N VAL B 328 -10.02 -28.40 13.74
CA VAL B 328 -8.76 -28.17 14.40
C VAL B 328 -7.67 -28.95 13.69
N GLY B 329 -6.74 -28.25 13.04
CA GLY B 329 -5.52 -28.84 12.47
C GLY B 329 -4.37 -28.76 13.44
N ASP B 330 -3.59 -29.84 13.52
CA ASP B 330 -2.54 -29.95 14.56
C ASP B 330 -1.35 -30.78 14.19
N SER B 331 -0.21 -30.10 14.00
CA SER B 331 1.08 -30.72 13.84
C SER B 331 1.10 -31.59 12.62
N VAL B 332 0.69 -31.04 11.50
CA VAL B 332 0.75 -31.76 10.23
C VAL B 332 2.10 -31.45 9.54
N SER B 333 2.24 -31.85 8.27
CA SER B 333 3.52 -31.83 7.51
C SER B 333 4.63 -32.60 8.22
N LYS B 334 4.28 -33.67 8.92
CA LYS B 334 5.21 -34.42 9.72
C LYS B 334 6.37 -35.02 8.90
N HIS B 335 6.05 -35.49 7.71
CA HIS B 335 7.02 -36.10 6.79
C HIS B 335 7.55 -35.18 5.70
N ILE B 336 7.09 -33.95 5.68
CA ILE B 336 7.58 -32.97 4.73
C ILE B 336 8.89 -32.34 5.26
N ASN B 337 9.99 -33.11 5.17
CA ASN B 337 11.30 -32.71 5.66
C ASN B 337 12.43 -33.52 5.01
N THR B 338 13.69 -33.07 5.20
CA THR B 338 14.89 -33.66 4.59
C THR B 338 15.22 -35.09 5.01
N GLN B 339 14.85 -35.51 6.21
CA GLN B 339 15.02 -36.89 6.65
C GLN B 339 14.00 -37.90 6.16
N ASP B 340 12.75 -37.46 5.94
CA ASP B 340 11.62 -38.38 5.59
C ASP B 340 11.14 -38.27 4.15
N TYR B 341 11.33 -37.11 3.51
CA TYR B 341 10.94 -36.89 2.12
C TYR B 341 12.18 -37.02 1.21
N THR B 342 12.87 -38.14 1.30
CA THR B 342 14.18 -38.25 0.65
C THR B 342 14.11 -38.68 -0.83
N GLN B 343 12.96 -39.16 -1.31
CA GLN B 343 12.86 -39.61 -2.71
C GLN B 343 11.89 -38.80 -3.53
N PRO B 344 12.04 -37.47 -3.53
CA PRO B 344 11.07 -36.63 -4.25
C PRO B 344 10.97 -36.88 -5.76
N GLY B 345 12.09 -37.23 -6.38
CA GLY B 345 12.12 -37.49 -7.83
C GLY B 345 11.70 -36.30 -8.67
N SER B 346 11.15 -36.59 -9.84
CA SER B 346 10.61 -35.58 -10.72
C SER B 346 9.24 -34.97 -10.30
N TYR B 347 8.56 -35.54 -9.30
CA TYR B 347 7.28 -35.02 -8.83
C TYR B 347 7.46 -33.86 -7.78
N GLY B 348 8.59 -33.80 -7.11
CA GLY B 348 8.82 -32.76 -6.05
C GLY B 348 7.87 -32.90 -4.87
N GLY B 349 7.18 -31.81 -4.52
CA GLY B 349 6.07 -31.88 -3.61
C GLY B 349 6.40 -31.74 -2.14
N ARG B 350 7.62 -31.29 -1.85
CA ARG B 350 8.11 -31.15 -0.48
C ARG B 350 7.64 -29.82 0.12
N VAL B 351 6.33 -29.73 0.29
CA VAL B 351 5.58 -28.51 0.65
C VAL B 351 4.22 -28.95 1.21
N ALA B 352 3.81 -28.38 2.35
CA ALA B 352 2.47 -28.61 2.89
C ALA B 352 2.00 -27.49 3.77
N ALA B 353 0.74 -27.11 3.56
CA ALA B 353 0.05 -26.16 4.40
C ALA B 353 -1.03 -26.87 5.21
N GLY B 354 -1.74 -26.08 6.02
CA GLY B 354 -2.68 -26.56 6.97
C GLY B 354 -4.04 -26.82 6.40
N ILE B 355 -4.86 -25.78 6.35
CA ILE B 355 -6.28 -25.94 6.01
C ILE B 355 -6.53 -24.93 4.91
N TRP B 356 -6.88 -25.39 3.70
CA TRP B 356 -6.84 -24.51 2.52
C TRP B 356 -7.55 -25.04 1.28
N PRO B 357 -7.73 -24.17 0.27
CA PRO B 357 -8.38 -24.55 -0.99
C PRO B 357 -7.50 -24.46 -2.23
N TRP B 358 -7.77 -25.34 -3.18
CA TRP B 358 -7.15 -25.31 -4.47
C TRP B 358 -8.25 -25.20 -5.54
N ARG B 359 -8.16 -24.19 -6.40
CA ARG B 359 -9.18 -23.94 -7.43
C ARG B 359 -10.66 -24.06 -7.00
N CYS B 360 -10.96 -23.55 -5.81
CA CYS B 360 -12.33 -23.37 -5.35
C CYS B 360 -12.87 -21.97 -5.70
N LYS B 361 -14.20 -21.84 -5.57
CA LYS B 361 -14.91 -20.58 -5.83
C LYS B 361 -15.70 -20.16 -4.61
N ASP B 362 -15.33 -19.02 -4.02
CA ASP B 362 -15.94 -18.47 -2.81
C ASP B 362 -16.09 -19.48 -1.63
N PRO B 363 -15.01 -20.21 -1.32
CA PRO B 363 -15.11 -21.12 -0.20
C PRO B 363 -15.03 -20.39 1.12
N VAL B 364 -15.67 -20.96 2.15
CA VAL B 364 -15.66 -20.32 3.46
C VAL B 364 -14.90 -21.14 4.49
N PHE B 365 -13.88 -20.50 5.03
CA PHE B 365 -13.09 -21.07 6.08
C PHE B 365 -13.36 -20.24 7.33
N GLN B 366 -14.19 -20.78 8.24
CA GLN B 366 -14.50 -20.03 9.46
C GLN B 366 -14.43 -20.81 10.74
N TYR B 367 -13.99 -20.15 11.82
CA TYR B 367 -13.92 -20.74 13.17
C TYR B 367 -13.02 -21.98 13.26
N ASN B 368 -11.95 -22.04 12.46
CA ASN B 368 -11.00 -23.14 12.53
C ASN B 368 -9.89 -22.75 13.48
N GLU B 369 -9.28 -23.73 14.13
CA GLU B 369 -7.97 -23.57 14.76
C GLU B 369 -6.88 -24.37 13.98
N MET B 370 -5.67 -23.79 13.84
CA MET B 370 -4.53 -24.50 13.23
C MET B 370 -3.22 -24.33 14.01
N TYR B 371 -2.69 -25.43 14.51
CA TYR B 371 -1.50 -25.43 15.34
C TYR B 371 -0.27 -26.09 14.70
N ASN B 372 0.87 -25.41 14.77
CA ASN B 372 2.21 -26.08 14.77
C ASN B 372 2.44 -26.91 13.51
N ASN B 373 2.11 -26.36 12.35
CA ASN B 373 2.41 -27.03 11.08
C ASN B 373 3.91 -27.16 10.97
N LEU B 374 4.38 -28.33 10.65
CA LEU B 374 5.79 -28.63 10.91
C LEU B 374 6.73 -28.39 9.74
N ASN B 375 8.01 -28.29 10.14
CA ASN B 375 9.19 -28.65 9.32
C ASN B 375 9.68 -27.62 8.30
N ALA B 376 9.13 -26.40 8.35
CA ALA B 376 9.67 -25.32 7.56
C ALA B 376 11.12 -25.04 7.86
N GLU B 377 11.59 -25.38 9.06
CA GLU B 377 13.03 -25.22 9.38
C GLU B 377 13.88 -26.33 8.74
N HIS B 378 13.24 -27.44 8.36
CA HIS B 378 13.90 -28.68 7.97
C HIS B 378 13.38 -29.19 6.64
N GLY B 379 12.98 -28.30 5.74
CA GLY B 379 12.74 -28.65 4.34
C GLY B 379 11.33 -28.48 3.77
N ASN B 380 10.38 -28.09 4.61
CA ASN B 380 9.01 -27.79 4.16
C ASN B 380 9.03 -26.40 3.54
N GLY B 381 8.78 -26.34 2.25
CA GLY B 381 8.79 -25.07 1.53
C GLY B 381 7.57 -24.22 1.78
N ASP B 382 6.51 -24.79 2.34
CA ASP B 382 5.40 -23.96 2.79
C ASP B 382 5.40 -23.89 4.35
N GLY B 383 4.44 -24.47 5.04
CA GLY B 383 4.45 -24.44 6.50
C GLY B 383 3.45 -23.49 7.16
N GLN B 384 2.44 -23.08 6.41
CA GLN B 384 1.45 -22.09 6.87
C GLN B 384 0.22 -22.77 7.38
N ALA B 385 -0.44 -22.08 8.28
CA ALA B 385 -1.75 -22.48 8.76
C ALA B 385 -2.74 -22.42 7.64
N TRP B 386 -2.74 -21.30 6.93
CA TRP B 386 -3.79 -20.97 5.96
C TRP B 386 -3.11 -20.74 4.66
N ASP B 387 -3.74 -21.08 3.55
CA ASP B 387 -3.18 -20.84 2.19
C ASP B 387 -4.26 -20.54 1.15
N ALA B 388 -4.40 -19.28 0.75
CA ALA B 388 -5.32 -18.96 -0.34
C ALA B 388 -4.55 -19.27 -1.63
N ASP B 389 -4.66 -20.50 -2.10
CA ASP B 389 -3.81 -20.95 -3.21
C ASP B 389 -4.60 -20.59 -4.47
N TYR B 390 -4.24 -21.14 -5.64
CA TYR B 390 -4.90 -20.74 -6.91
C TYR B 390 -6.35 -20.82 -6.62
N GLY B 391 -7.08 -19.81 -6.99
CA GLY B 391 -8.50 -19.77 -6.63
C GLY B 391 -9.11 -18.41 -6.74
N ASP B 392 -10.42 -18.37 -6.50
CA ASP B 392 -11.23 -17.14 -6.62
C ASP B 392 -12.16 -16.98 -5.43
N GLY B 393 -11.95 -15.93 -4.63
CA GLY B 393 -12.87 -15.56 -3.54
C GLY B 393 -12.67 -16.20 -2.16
N THR B 394 -11.50 -16.72 -1.89
CA THR B 394 -11.30 -17.42 -0.62
C THR B 394 -11.58 -16.51 0.60
N LEU B 395 -12.41 -17.01 1.50
CA LEU B 395 -12.80 -16.28 2.69
C LEU B 395 -12.32 -17.03 3.92
N TYR B 396 -11.43 -16.35 4.63
CA TYR B 396 -10.85 -16.84 5.85
C TYR B 396 -11.30 -15.91 7.00
N GLN B 397 -12.23 -16.38 7.82
CA GLN B 397 -12.69 -15.57 8.95
C GLN B 397 -12.84 -16.29 10.28
N TYR B 398 -12.51 -15.57 11.35
CA TYR B 398 -12.72 -16.09 12.71
C TYR B 398 -11.84 -17.30 13.02
N ASN B 399 -10.70 -17.42 12.31
CA ASN B 399 -9.76 -18.51 12.57
C ASN B 399 -8.63 -18.10 13.52
N TYR B 400 -8.15 -19.08 14.27
CA TYR B 400 -6.97 -18.96 15.14
C TYR B 400 -5.83 -19.87 14.66
N SER B 401 -4.69 -19.27 14.34
CA SER B 401 -3.45 -20.01 14.10
C SER B 401 -2.45 -19.77 15.26
N TYR B 402 -1.75 -20.83 15.68
CA TYR B 402 -0.66 -20.74 16.67
C TYR B 402 0.52 -21.59 16.28
N GLY B 403 1.73 -21.02 16.35
CA GLY B 403 2.98 -21.83 16.36
C GLY B 403 3.44 -22.48 15.04
N ASN B 404 2.88 -22.05 13.91
CA ASN B 404 3.14 -22.71 12.65
C ASN B 404 4.50 -22.25 12.15
N SER B 405 5.19 -23.14 11.45
CA SER B 405 6.65 -22.99 11.24
C SER B 405 7.01 -21.94 10.18
N PHE B 406 6.05 -21.59 9.32
CA PHE B 406 6.21 -20.57 8.32
C PHE B 406 4.86 -19.93 8.01
N ALA B 407 4.63 -18.77 8.62
CA ALA B 407 3.43 -17.89 8.38
C ALA B 407 2.05 -18.36 8.85
N SER B 408 1.16 -17.38 9.03
CA SER B 408 -0.25 -17.65 9.22
C SER B 408 -0.91 -17.87 7.86
N LEU B 409 -0.69 -16.92 6.93
CA LEU B 409 -1.39 -16.96 5.66
C LEU B 409 -0.45 -16.83 4.49
N MET B 410 -0.60 -17.76 3.56
CA MET B 410 -0.04 -17.60 2.24
C MET B 410 -1.15 -17.26 1.27
N ILE B 411 -0.88 -16.29 0.39
CA ILE B 411 -1.64 -16.08 -0.86
C ILE B 411 -0.64 -16.46 -1.97
N CYS B 412 -0.98 -17.48 -2.78
CA CYS B 412 0.05 -18.27 -3.49
C CYS B 412 0.07 -18.11 -4.98
N ASN B 413 0.98 -17.21 -5.39
CA ASN B 413 1.29 -16.94 -6.78
C ASN B 413 0.10 -16.43 -7.57
N TRP B 414 0.40 -16.16 -8.82
CA TRP B 414 -0.45 -15.48 -9.81
C TRP B 414 -1.95 -15.67 -9.79
N TYR B 415 -2.40 -16.92 -9.71
CA TYR B 415 -3.81 -17.21 -9.80
C TYR B 415 -4.55 -17.29 -8.53
N ALA B 416 -3.91 -16.92 -7.43
CA ALA B 416 -4.61 -16.75 -6.15
C ALA B 416 -5.14 -15.33 -6.16
N VAL B 417 -6.45 -15.18 -6.32
CA VAL B 417 -7.07 -13.85 -6.42
C VAL B 417 -8.25 -13.71 -5.46
N ASN B 418 -8.57 -12.46 -5.13
CA ASN B 418 -9.82 -12.15 -4.49
C ASN B 418 -9.97 -12.87 -3.12
N THR B 419 -8.94 -12.86 -2.30
CA THR B 419 -9.02 -13.41 -0.95
C THR B 419 -9.55 -12.38 0.04
N THR B 420 -10.36 -12.80 0.99
CA THR B 420 -10.57 -11.97 2.13
C THR B 420 -10.11 -12.73 3.36
N PHE B 421 -9.34 -12.02 4.18
CA PHE B 421 -8.79 -12.58 5.42
C PHE B 421 -9.12 -11.59 6.54
N ARG B 422 -10.02 -12.00 7.42
CA ARG B 422 -10.57 -11.07 8.36
C ARG B 422 -10.98 -11.69 9.68
N TYR B 423 -10.96 -10.84 10.71
CA TYR B 423 -11.29 -11.23 12.06
C TYR B 423 -10.58 -12.55 12.51
N ASN B 424 -9.31 -12.72 12.09
CA ASN B 424 -8.47 -13.84 12.53
C ASN B 424 -7.48 -13.40 13.57
N ILE B 425 -7.06 -14.35 14.41
CA ILE B 425 -5.93 -14.14 15.32
C ILE B 425 -4.80 -15.10 14.91
N SER B 426 -3.59 -14.54 14.72
CA SER B 426 -2.33 -15.23 14.57
C SER B 426 -1.47 -14.95 15.81
N GLN B 427 -0.96 -15.99 16.44
CA GLN B 427 -0.13 -15.92 17.62
C GLN B 427 1.11 -16.86 17.49
N ASN B 428 2.30 -16.26 17.58
CA ASN B 428 3.60 -16.97 17.50
C ASN B 428 3.77 -17.82 16.23
N ASP B 429 3.14 -17.44 15.12
CA ASP B 429 3.48 -18.02 13.85
C ASP B 429 4.85 -17.43 13.38
N ARG B 430 5.73 -18.32 12.89
CA ARG B 430 7.12 -17.98 12.68
C ARG B 430 7.49 -17.61 11.24
N GLN B 431 8.58 -16.85 11.12
CA GLN B 431 9.20 -16.48 9.84
C GLN B 431 8.40 -15.53 8.98
N GLY B 432 7.49 -14.79 9.63
CA GLY B 432 6.59 -13.85 8.96
C GLY B 432 5.15 -14.32 9.04
N VAL B 433 4.23 -13.45 9.42
CA VAL B 433 2.81 -13.79 9.55
C VAL B 433 2.12 -13.90 8.18
N PHE B 434 2.46 -12.99 7.28
CA PHE B 434 1.84 -12.90 5.98
C PHE B 434 2.86 -13.21 4.89
N ASP B 435 2.49 -14.11 4.01
CA ASP B 435 3.37 -14.66 2.99
C ASP B 435 2.71 -14.35 1.67
N LEU B 436 3.30 -13.41 0.93
CA LEU B 436 2.68 -12.84 -0.26
C LEU B 436 3.60 -13.04 -1.50
N PRO B 437 3.94 -14.30 -1.83
CA PRO B 437 4.74 -14.60 -3.02
C PRO B 437 3.96 -14.49 -4.30
N SER B 438 4.08 -13.32 -4.92
CA SER B 438 3.65 -13.11 -6.31
C SER B 438 2.19 -13.39 -6.53
N ASN B 439 1.39 -13.23 -5.48
CA ASN B 439 -0.04 -13.45 -5.57
C ASN B 439 -0.63 -12.41 -6.50
N GLY B 440 -1.70 -12.83 -7.19
CA GLY B 440 -2.56 -11.92 -7.92
C GLY B 440 -3.33 -10.96 -7.02
N PRO B 441 -4.10 -10.05 -7.63
CA PRO B 441 -4.70 -8.89 -6.90
C PRO B 441 -6.02 -9.22 -6.18
N GLY B 442 -6.65 -8.19 -5.63
CA GLY B 442 -8.00 -8.27 -5.04
C GLY B 442 -8.05 -8.78 -3.61
N ASN B 443 -6.92 -8.67 -2.92
CA ASN B 443 -6.77 -9.26 -1.60
C ASN B 443 -6.92 -8.23 -0.51
N HIS B 444 -7.78 -8.57 0.45
CA HIS B 444 -8.16 -7.71 1.52
C HIS B 444 -8.02 -8.37 2.91
N ILE B 445 -7.21 -7.73 3.75
CA ILE B 445 -6.81 -8.26 5.04
C ILE B 445 -7.20 -7.22 6.11
N TYR B 446 -8.29 -7.48 6.81
CA TYR B 446 -8.81 -6.50 7.76
C TYR B 446 -9.29 -7.09 9.06
N ASN B 447 -9.09 -6.34 10.12
CA ASN B 447 -9.65 -6.68 11.43
C ASN B 447 -9.06 -7.94 12.03
N ASN B 448 -7.79 -8.21 11.71
CA ASN B 448 -7.07 -9.30 12.36
C ASN B 448 -6.29 -8.78 13.52
N THR B 449 -5.99 -9.67 14.45
CA THR B 449 -5.06 -9.31 15.54
C THR B 449 -3.92 -10.26 15.36
N VAL B 450 -2.74 -9.74 15.00
CA VAL B 450 -1.49 -10.56 14.83
C VAL B 450 -0.37 -10.24 15.86
N TYR B 451 0.07 -11.31 16.53
CA TYR B 451 0.96 -11.23 17.67
C TYR B 451 2.31 -11.76 17.22
N VAL B 452 3.22 -10.83 16.92
CA VAL B 452 4.49 -11.13 16.22
C VAL B 452 5.70 -11.20 17.19
N ASP B 453 6.18 -12.41 17.44
CA ASP B 453 7.33 -12.61 18.32
C ASP B 453 8.64 -12.50 17.53
N ALA B 454 9.74 -12.72 18.26
CA ALA B 454 11.10 -12.55 17.79
C ALA B 454 11.55 -13.54 16.73
N ASP B 455 10.91 -14.70 16.62
CA ASP B 455 11.20 -15.62 15.48
C ASP B 455 10.41 -15.25 14.24
N SER B 456 9.82 -14.05 14.21
CA SER B 456 8.90 -13.67 13.15
C SER B 456 9.00 -12.17 12.74
N GLN B 457 8.18 -11.79 11.78
CA GLN B 457 8.05 -10.39 11.40
C GLN B 457 6.62 -10.25 10.88
N VAL B 458 6.28 -9.13 10.26
CA VAL B 458 4.95 -9.01 9.64
C VAL B 458 4.85 -9.75 8.30
N LEU B 459 5.86 -9.59 7.44
CA LEU B 459 5.83 -10.24 6.11
C LEU B 459 6.99 -11.21 6.03
N THR B 460 6.77 -12.31 5.32
CA THR B 460 7.82 -13.26 4.98
C THR B 460 8.81 -12.49 4.09
N LYS B 461 10.10 -12.82 4.18
CA LYS B 461 11.09 -12.14 3.37
C LYS B 461 10.87 -12.34 1.84
N ARG B 462 10.30 -13.47 1.41
CA ARG B 462 9.94 -13.64 -0.03
C ARG B 462 8.65 -12.92 -0.45
N SER B 463 8.00 -12.21 0.46
CA SER B 463 6.79 -11.50 0.11
C SER B 463 7.16 -10.42 -0.92
N ASN B 464 6.30 -10.22 -1.90
CA ASN B 464 6.49 -9.14 -2.87
C ASN B 464 5.22 -8.57 -3.49
N SER B 465 4.04 -9.08 -3.15
CA SER B 465 2.85 -8.75 -3.93
C SER B 465 1.72 -8.08 -3.16
N GLN B 466 0.55 -8.04 -3.80
CA GLN B 466 -0.56 -7.21 -3.36
C GLN B 466 -1.27 -7.65 -2.06
N SER B 467 -1.50 -6.68 -1.20
CA SER B 467 -2.51 -6.79 -0.16
C SER B 467 -2.89 -5.40 0.38
N LEU B 468 -4.19 -5.23 0.62
CA LEU B 468 -4.78 -4.09 1.34
C LEU B 468 -4.98 -4.45 2.84
N PHE B 469 -4.29 -3.72 3.71
CA PHE B 469 -4.26 -4.02 5.15
C PHE B 469 -5.02 -2.90 5.85
N GLU B 470 -6.10 -3.25 6.55
CA GLU B 470 -7.00 -2.25 7.15
C GLU B 470 -7.51 -2.73 8.48
N ASN B 471 -7.71 -1.82 9.42
CA ASN B 471 -8.22 -2.14 10.74
C ASN B 471 -7.50 -3.25 11.56
N ASN B 472 -6.22 -3.55 11.25
CA ASN B 472 -5.54 -4.67 11.93
C ASN B 472 -4.80 -4.19 13.18
N ILE B 473 -4.59 -5.08 14.14
CA ILE B 473 -3.66 -4.79 15.22
C ILE B 473 -2.38 -5.61 15.04
N PHE B 474 -1.27 -4.94 14.70
CA PHE B 474 0.03 -5.57 14.60
C PHE B 474 0.73 -5.38 15.95
N ILE B 475 1.21 -6.47 16.54
CA ILE B 475 1.85 -6.44 17.87
C ILE B 475 3.29 -6.90 17.77
N ASN B 476 4.23 -5.96 17.91
CA ASN B 476 5.62 -6.29 18.10
C ASN B 476 5.71 -6.87 19.51
N ALA B 477 5.80 -8.20 19.60
CA ALA B 477 5.84 -8.87 20.90
C ALA B 477 7.27 -9.14 21.37
N THR B 478 8.19 -8.21 21.12
CA THR B 478 9.56 -8.36 21.53
C THR B 478 9.91 -7.25 22.50
N ASN B 479 11.18 -7.18 22.87
CA ASN B 479 11.63 -6.31 23.95
C ASN B 479 11.73 -4.88 23.52
N THR B 480 12.54 -4.65 22.50
CA THR B 480 12.73 -3.31 21.97
C THR B 480 11.59 -2.88 21.03
N LYS B 481 11.51 -1.58 20.78
CA LYS B 481 10.64 -1.04 19.75
C LYS B 481 11.22 -1.35 18.35
N LYS B 482 10.51 -2.16 17.57
CA LYS B 482 11.05 -2.77 16.34
C LYS B 482 10.84 -1.83 15.16
N THR B 483 11.92 -1.58 14.45
CA THR B 483 11.83 -1.02 13.11
C THR B 483 11.51 -2.17 12.14
N GLU B 484 10.24 -2.23 11.76
CA GLU B 484 9.75 -3.31 10.92
C GLU B 484 9.88 -3.00 9.42
N THR B 485 10.05 -4.03 8.62
CA THR B 485 10.04 -3.91 7.16
C THR B 485 8.59 -4.06 6.69
N TRP B 486 7.84 -2.96 6.64
CA TRP B 486 6.42 -3.02 6.28
C TRP B 486 6.08 -3.28 4.80
N ASN B 487 7.02 -3.10 3.91
CA ASN B 487 6.74 -3.25 2.50
C ASN B 487 7.88 -4.01 1.82
N ARG B 488 7.56 -5.02 1.01
CA ARG B 488 8.55 -5.69 0.18
C ARG B 488 8.03 -5.86 -1.19
N GLY B 489 8.86 -5.51 -2.18
CA GLY B 489 8.53 -5.57 -3.61
C GLY B 489 7.43 -4.61 -3.96
N SER B 490 7.00 -4.69 -5.20
CA SER B 490 5.81 -3.92 -5.63
C SER B 490 4.95 -4.70 -6.61
N GLN B 491 5.06 -6.02 -6.61
CA GLN B 491 4.41 -6.80 -7.63
C GLN B 491 2.90 -6.54 -7.47
N ASN B 492 2.22 -6.30 -8.60
CA ASN B 492 0.87 -5.70 -8.62
C ASN B 492 0.95 -4.40 -7.84
N GLY B 493 0.12 -4.15 -6.83
CA GLY B 493 0.29 -2.87 -6.07
C GLY B 493 1.26 -2.88 -4.87
N GLY B 494 1.95 -3.99 -4.63
CA GLY B 494 2.57 -4.22 -3.32
C GLY B 494 1.55 -4.06 -2.19
N GLN B 495 2.07 -3.77 -1.01
CA GLN B 495 1.26 -3.72 0.20
C GLN B 495 0.90 -2.26 0.45
N THR B 496 -0.40 -1.97 0.57
CA THR B 496 -0.91 -0.67 1.01
C THR B 496 -1.66 -0.87 2.34
N TYR B 497 -1.38 0.06 3.27
CA TYR B 497 -1.93 0.05 4.61
C TYR B 497 -2.86 1.26 4.89
N ASP B 498 -3.93 1.03 5.63
CA ASP B 498 -4.81 2.12 6.08
C ASP B 498 -5.59 1.81 7.35
N ASN B 499 -5.42 2.66 8.36
CA ASN B 499 -6.21 2.63 9.57
C ASN B 499 -5.92 1.34 10.34
N ASN B 500 -4.63 0.98 10.45
CA ASN B 500 -4.21 -0.13 11.30
C ASN B 500 -3.64 0.44 12.58
N MET B 501 -3.65 -0.39 13.61
CA MET B 501 -2.99 -0.10 14.89
C MET B 501 -1.61 -0.78 14.91
N TYR B 502 -0.55 -0.06 15.30
CA TYR B 502 0.85 -0.56 15.35
C TYR B 502 1.32 -0.42 16.80
N VAL B 503 1.66 -1.57 17.41
CA VAL B 503 1.84 -1.68 18.86
C VAL B 503 3.28 -2.01 19.14
N ASN B 504 3.89 -1.17 19.98
CA ASN B 504 5.29 -1.26 20.36
C ASN B 504 6.29 -1.30 19.20
N TYR B 505 5.96 -0.61 18.11
CA TYR B 505 6.90 -0.41 17.01
C TYR B 505 7.49 1.00 17.02
N ALA B 506 8.67 1.10 16.40
CA ALA B 506 9.40 2.36 16.17
C ALA B 506 9.07 3.01 14.84
N ASN B 507 8.37 2.29 13.96
CA ASN B 507 7.94 2.82 12.68
C ASN B 507 6.54 2.38 12.26
N LYS B 508 6.12 2.95 11.13
CA LYS B 508 4.78 2.70 10.56
C LYS B 508 4.98 2.48 9.05
N PRO B 509 3.96 1.93 8.36
CA PRO B 509 4.04 1.89 6.92
C PRO B 509 3.96 3.31 6.35
N THR B 510 4.85 3.65 5.41
CA THR B 510 4.83 4.99 4.82
C THR B 510 3.43 5.29 4.27
N SER B 511 2.78 4.28 3.66
CA SER B 511 1.43 4.44 3.07
C SER B 511 0.25 4.56 4.03
N ASP B 512 0.37 4.36 5.34
CA ASP B 512 -0.83 4.47 6.23
C ASP B 512 -0.99 5.87 6.84
N ALA B 513 -1.75 6.70 6.14
CA ALA B 513 -2.08 8.08 6.58
C ALA B 513 -2.98 8.17 7.81
N ASN B 514 -3.56 7.04 8.22
CA ASN B 514 -4.42 6.96 9.41
C ASN B 514 -3.90 5.96 10.46
N ALA B 515 -2.59 5.81 10.50
CA ALA B 515 -1.93 5.01 11.52
C ALA B 515 -2.40 5.36 12.94
N ILE B 516 -2.64 4.31 13.75
CA ILE B 516 -2.85 4.43 15.21
C ILE B 516 -1.63 3.74 15.84
N GLU B 517 -0.97 4.45 16.74
CA GLU B 517 0.30 4.01 17.30
C GLU B 517 0.10 3.96 18.79
N ALA B 518 0.34 2.77 19.36
CA ALA B 518 0.38 2.58 20.80
C ALA B 518 1.73 2.06 21.20
N ASP B 519 2.19 2.50 22.36
CA ASP B 519 3.42 2.07 23.00
C ASP B 519 3.41 0.67 23.60
N ASP B 520 2.29 0.28 24.18
CA ASP B 520 2.27 -0.86 25.10
C ASP B 520 0.96 -1.60 24.96
N VAL B 521 1.11 -2.90 24.64
CA VAL B 521 0.00 -3.80 24.42
C VAL B 521 -0.89 -4.03 25.65
N SER B 522 -0.37 -3.81 26.84
CA SER B 522 -1.21 -3.96 28.05
C SER B 522 -2.31 -2.90 28.18
N ALA B 523 -2.15 -1.78 27.50
CA ALA B 523 -3.15 -0.71 27.43
C ALA B 523 -4.12 -0.84 26.23
N VAL B 524 -3.87 -1.79 25.35
CA VAL B 524 -4.77 -2.11 24.22
C VAL B 524 -5.62 -3.34 24.53
N LEU B 525 -4.97 -4.45 24.86
CA LEU B 525 -5.66 -5.73 25.07
C LEU B 525 -5.37 -6.27 26.46
N ALA B 526 -6.26 -7.15 26.91
CA ALA B 526 -6.25 -7.71 28.28
C ALA B 526 -5.07 -8.63 28.55
N GLY B 527 -4.72 -9.45 27.57
CA GLY B 527 -3.63 -10.43 27.75
C GLY B 527 -3.17 -11.03 26.43
N ALA B 528 -2.63 -10.17 25.58
CA ALA B 528 -2.11 -10.58 24.29
C ALA B 528 -1.06 -11.69 24.45
N GLY B 529 -1.13 -12.71 23.59
CA GLY B 529 -0.16 -13.80 23.63
C GLY B 529 -0.60 -14.98 24.47
N SER B 530 -1.79 -14.86 25.08
CA SER B 530 -2.31 -15.86 26.04
C SER B 530 -3.37 -16.79 25.43
N ALA B 531 -3.52 -16.78 24.11
CA ALA B 531 -4.41 -17.73 23.43
C ALA B 531 -3.69 -19.03 23.39
N PRO B 532 -4.39 -20.13 23.06
CA PRO B 532 -3.77 -21.43 23.29
C PRO B 532 -2.53 -21.76 22.42
N THR B 533 -1.60 -22.46 23.08
CA THR B 533 -0.39 -22.95 22.45
C THR B 533 -0.52 -24.34 21.87
N SER B 534 -1.72 -24.92 21.96
CA SER B 534 -1.92 -26.31 21.58
C SER B 534 -3.38 -26.63 21.42
N ALA B 535 -3.70 -27.62 20.58
CA ALA B 535 -5.07 -28.14 20.49
C ALA B 535 -5.48 -28.75 21.83
N LEU B 536 -6.77 -28.74 22.11
CA LEU B 536 -7.27 -29.49 23.24
C LEU B 536 -7.01 -30.98 22.98
N LYS B 537 -6.55 -31.69 24.02
CA LYS B 537 -6.34 -33.16 24.00
C LYS B 537 -7.40 -33.95 23.22
N SER B 538 -8.66 -33.54 23.36
CA SER B 538 -9.82 -34.16 22.70
C SER B 538 -9.90 -33.91 21.20
N GLY B 539 -9.23 -32.85 20.73
CA GLY B 539 -9.32 -32.42 19.33
C GLY B 539 -10.43 -31.42 19.05
N ALA B 540 -11.17 -31.05 20.09
CA ALA B 540 -12.27 -30.11 19.94
C ALA B 540 -11.73 -28.69 19.84
N GLU B 541 -12.50 -27.82 19.20
CA GLU B 541 -12.24 -26.38 19.20
C GLU B 541 -12.35 -25.83 20.62
N HIS B 542 -11.51 -24.87 20.96
CA HIS B 542 -11.58 -24.22 22.26
C HIS B 542 -12.87 -23.40 22.37
N ALA B 543 -13.36 -23.31 23.60
CA ALA B 543 -14.46 -22.43 23.95
C ALA B 543 -14.04 -21.00 23.65
N ARG B 544 -14.92 -20.26 23.01
CA ARG B 544 -14.72 -18.82 22.81
C ARG B 544 -15.50 -17.94 23.81
N THR B 545 -16.43 -18.53 24.56
CA THR B 545 -17.27 -17.84 25.56
C THR B 545 -17.38 -18.70 26.82
N GLY B 546 -17.84 -18.07 27.91
CA GLY B 546 -18.10 -18.79 29.13
C GLY B 546 -16.82 -19.09 29.86
N GLU B 547 -16.91 -20.00 30.84
CA GLU B 547 -15.85 -20.22 31.82
C GLU B 547 -14.54 -20.73 31.27
N LYS B 548 -14.60 -21.49 30.16
CA LYS B 548 -13.39 -22.00 29.45
C LYS B 548 -12.87 -21.12 28.30
N ALA B 549 -13.48 -19.97 28.06
CA ALA B 549 -13.08 -19.13 26.93
C ALA B 549 -11.56 -18.98 26.98
N ALA B 550 -10.90 -19.31 25.88
CA ALA B 550 -9.42 -19.31 25.83
C ALA B 550 -8.81 -18.12 25.05
N PHE B 551 -9.68 -17.18 24.61
CA PHE B 551 -9.29 -16.02 23.80
C PHE B 551 -9.65 -14.64 24.38
N ASP B 552 -9.98 -14.60 25.67
CA ASP B 552 -10.28 -13.32 26.34
C ASP B 552 -9.10 -12.35 26.44
N GLY B 553 -7.87 -12.79 26.18
CA GLY B 553 -6.72 -11.87 26.17
C GLY B 553 -6.63 -10.97 24.95
N TYR B 554 -7.38 -11.30 23.90
CA TYR B 554 -7.48 -10.43 22.69
C TYR B 554 -8.68 -9.52 22.73
N ARG B 555 -9.43 -9.51 23.82
CA ARG B 555 -10.47 -8.46 24.10
C ARG B 555 -9.78 -7.14 24.47
N PRO B 556 -10.20 -6.01 23.86
CA PRO B 556 -9.62 -4.74 24.28
C PRO B 556 -10.01 -4.38 25.73
N VAL B 557 -9.10 -3.75 26.45
CA VAL B 557 -9.41 -3.23 27.77
C VAL B 557 -10.24 -1.95 27.75
N ALA B 558 -10.69 -1.54 28.94
CA ALA B 558 -11.34 -0.23 29.18
C ALA B 558 -10.46 0.92 28.68
N GLY B 559 -11.04 1.78 27.85
CA GLY B 559 -10.34 2.93 27.26
C GLY B 559 -9.25 2.60 26.26
N SER B 560 -9.31 1.41 25.68
CA SER B 560 -8.35 1.02 24.65
C SER B 560 -8.53 1.87 23.39
N LYS B 561 -7.43 2.26 22.77
CA LYS B 561 -7.44 2.95 21.45
C LYS B 561 -7.85 2.04 20.27
N ALA B 562 -8.17 0.77 20.53
CA ALA B 562 -8.81 -0.10 19.59
C ALA B 562 -10.27 0.24 19.46
N ILE B 563 -10.85 0.79 20.52
CA ILE B 563 -12.32 0.90 20.65
C ILE B 563 -12.87 1.96 19.72
N ASN B 564 -13.96 1.62 19.00
CA ASN B 564 -14.58 2.44 17.92
C ASN B 564 -13.57 3.22 17.11
N ALA B 565 -12.43 2.60 16.78
CA ALA B 565 -11.31 3.30 16.10
C ALA B 565 -11.15 2.90 14.63
N GLY B 566 -11.87 1.89 14.18
CA GLY B 566 -11.70 1.35 12.85
C GLY B 566 -12.51 2.08 11.81
N LYS B 567 -12.08 2.03 10.57
CA LYS B 567 -12.87 2.55 9.46
C LYS B 567 -14.03 1.59 9.19
N VAL B 568 -14.96 2.03 8.36
CA VAL B 568 -16.05 1.18 7.93
C VAL B 568 -15.48 0.51 6.71
N VAL B 569 -15.58 -0.82 6.67
CA VAL B 569 -14.85 -1.55 5.64
C VAL B 569 -15.76 -1.88 4.48
N SER B 570 -15.28 -1.56 3.28
CA SER B 570 -15.91 -1.97 2.02
C SER B 570 -15.12 -3.15 1.42
N ASP B 571 -15.55 -4.36 1.78
CA ASP B 571 -14.89 -5.62 1.36
C ASP B 571 -14.72 -5.75 -0.17
N LEU B 572 -13.47 -5.92 -0.60
CA LEU B 572 -13.09 -5.88 -2.01
C LEU B 572 -13.76 -6.97 -2.83
N ASN B 573 -14.24 -8.01 -2.14
CA ASN B 573 -14.86 -9.22 -2.67
C ASN B 573 -16.34 -9.39 -2.26
N ASP B 574 -16.98 -8.30 -1.82
CA ASP B 574 -18.45 -8.26 -1.60
C ASP B 574 -18.99 -9.14 -0.46
N TYR B 575 -18.15 -9.42 0.51
CA TYR B 575 -18.57 -10.14 1.70
C TYR B 575 -18.94 -9.11 2.74
N ALA B 576 -20.17 -9.16 3.20
CA ALA B 576 -20.65 -8.20 4.15
C ALA B 576 -19.97 -8.49 5.48
N VAL B 577 -19.55 -7.45 6.18
CA VAL B 577 -19.06 -7.64 7.54
C VAL B 577 -20.20 -8.11 8.45
N GLU B 578 -19.96 -9.11 9.30
CA GLU B 578 -21.04 -9.62 10.16
C GLU B 578 -20.70 -9.63 11.64
N ASN B 579 -19.76 -10.48 12.02
CA ASN B 579 -19.37 -10.56 13.42
C ASN B 579 -17.87 -10.52 13.58
N ASP B 580 -17.43 -10.61 14.82
CA ASP B 580 -16.04 -10.69 15.14
C ASP B 580 -15.65 -12.13 15.49
N PHE B 581 -14.37 -12.29 15.85
CA PHE B 581 -13.79 -13.59 16.22
C PHE B 581 -14.58 -14.34 17.30
N LEU B 582 -15.19 -13.60 18.23
CA LEU B 582 -15.97 -14.20 19.31
C LEU B 582 -17.47 -14.40 18.97
N GLY B 583 -17.86 -14.23 17.71
CA GLY B 583 -19.27 -14.32 17.31
C GLY B 583 -20.19 -13.26 17.91
N ASN B 584 -19.63 -12.07 18.21
CA ASN B 584 -20.40 -10.90 18.63
C ASN B 584 -20.58 -9.91 17.46
N ALA B 585 -21.76 -9.30 17.39
CA ALA B 585 -22.10 -8.40 16.28
C ALA B 585 -21.14 -7.22 16.18
N VAL B 586 -20.78 -6.89 14.95
CA VAL B 586 -20.02 -5.68 14.66
C VAL B 586 -21.06 -4.77 14.08
N LYS B 587 -21.35 -3.67 14.76
CA LYS B 587 -22.13 -2.66 14.11
C LYS B 587 -21.35 -1.36 14.18
N GLY B 588 -21.49 -0.64 15.29
CA GLY B 588 -21.26 0.81 15.34
C GLY B 588 -20.25 1.33 14.34
N ARG B 589 -19.20 1.93 14.88
CA ARG B 589 -17.93 2.06 14.19
C ARG B 589 -17.14 0.85 14.66
N PRO B 590 -16.60 0.02 13.73
CA PRO B 590 -15.97 -1.20 14.25
C PRO B 590 -14.73 -0.89 15.08
N ASP B 591 -14.50 -1.72 16.08
CA ASP B 591 -13.28 -1.63 16.85
C ASP B 591 -12.15 -2.18 15.97
N LEU B 592 -10.92 -1.74 16.25
CA LEU B 592 -9.74 -2.23 15.56
C LEU B 592 -9.47 -3.65 16.00
N GLY B 593 -8.95 -4.44 15.07
CA GLY B 593 -8.51 -5.75 15.38
C GLY B 593 -9.65 -6.69 15.23
N ALA B 594 -9.51 -7.88 15.83
CA ALA B 594 -10.44 -9.00 15.62
C ALA B 594 -11.51 -9.15 16.69
N VAL B 595 -11.36 -8.45 17.80
CA VAL B 595 -12.29 -8.65 18.92
C VAL B 595 -12.87 -7.34 19.39
N GLU B 596 -14.18 -7.24 19.18
CA GLU B 596 -14.98 -6.09 19.56
C GLU B 596 -15.02 -5.98 21.08
N ALA B 597 -14.84 -4.75 21.58
CA ALA B 597 -15.17 -4.41 22.98
C ALA B 597 -16.68 -4.60 23.19
N ALA B 598 -17.08 -5.30 24.26
CA ALA B 598 -18.48 -5.74 24.47
C ALA B 598 -18.95 -5.51 25.89
N GLY C 17 25.66 -15.13 -17.53
CA GLY C 17 24.77 -15.34 -16.34
C GLY C 17 23.88 -16.56 -16.50
N THR C 18 22.58 -16.37 -16.33
CA THR C 18 21.61 -17.47 -16.21
C THR C 18 20.55 -17.58 -17.34
N THR C 19 20.30 -18.83 -17.75
CA THR C 19 19.30 -19.18 -18.73
C THR C 19 18.17 -19.95 -18.06
N TYR C 20 16.95 -19.50 -18.34
CA TYR C 20 15.72 -20.08 -17.83
C TYR C 20 14.98 -20.63 -19.03
N TYR C 21 14.34 -21.78 -18.85
CA TYR C 21 13.69 -22.46 -19.97
C TYR C 21 12.24 -22.53 -19.61
N VAL C 22 11.39 -22.28 -20.59
CA VAL C 22 9.96 -22.34 -20.42
C VAL C 22 9.41 -23.26 -21.52
N SER C 23 8.68 -24.30 -21.08
CA SER C 23 8.03 -25.22 -21.95
C SER C 23 6.61 -25.36 -21.40
N SER C 24 5.62 -25.04 -22.23
CA SER C 24 4.22 -25.14 -21.85
C SER C 24 3.82 -26.61 -21.82
N ALA C 25 4.15 -27.32 -22.88
CA ALA C 25 3.83 -28.74 -23.01
C ALA C 25 4.50 -29.64 -21.95
N HIS C 26 5.77 -29.34 -21.61
CA HIS C 26 6.65 -30.27 -20.86
C HIS C 26 7.18 -29.75 -19.50
N GLY C 27 6.76 -28.58 -19.08
CA GLY C 27 7.36 -27.96 -17.90
C GLY C 27 6.53 -28.06 -16.63
N ASP C 28 7.08 -27.47 -15.56
CA ASP C 28 6.40 -27.30 -14.28
C ASP C 28 7.03 -26.13 -13.52
N ASP C 29 6.20 -25.21 -13.04
CA ASP C 29 6.69 -23.99 -12.38
C ASP C 29 7.36 -24.17 -10.99
N ALA C 30 7.07 -25.30 -10.34
CA ALA C 30 7.82 -25.80 -9.17
C ALA C 30 9.32 -26.11 -9.46
N ASN C 31 9.68 -26.26 -10.73
CA ASN C 31 11.07 -26.50 -11.12
C ASN C 31 11.92 -25.26 -10.95
N ALA C 32 13.23 -25.44 -10.96
CA ALA C 32 14.19 -24.36 -10.74
C ALA C 32 14.33 -23.51 -11.99
N GLY C 33 14.00 -24.10 -13.13
CA GLY C 33 13.82 -23.35 -14.37
C GLY C 33 15.06 -23.15 -15.18
N THR C 34 16.22 -23.18 -14.52
CA THR C 34 17.50 -23.38 -15.19
C THR C 34 17.44 -24.81 -15.70
N SER C 35 18.44 -25.26 -16.43
CA SER C 35 18.44 -26.65 -16.98
C SER C 35 17.26 -26.98 -17.93
N GLU C 36 17.58 -27.61 -19.05
CA GLU C 36 16.57 -27.82 -20.12
C GLU C 36 15.62 -28.95 -19.78
N ASN C 37 16.02 -29.85 -18.90
CA ASN C 37 15.16 -31.00 -18.53
C ASN C 37 14.14 -30.73 -17.40
N ALA C 38 14.27 -29.61 -16.68
CA ALA C 38 13.29 -29.17 -15.66
C ALA C 38 12.97 -27.68 -15.88
N PRO C 39 12.24 -27.38 -16.95
CA PRO C 39 11.88 -26.00 -17.29
C PRO C 39 10.55 -25.58 -16.66
N TRP C 40 10.29 -24.27 -16.70
CA TRP C 40 9.01 -23.73 -16.24
C TRP C 40 7.91 -24.06 -17.23
N LYS C 41 6.68 -23.92 -16.76
CA LYS C 41 5.46 -24.20 -17.57
C LYS C 41 4.80 -22.94 -18.13
N SER C 42 4.95 -21.82 -17.43
CA SER C 42 4.23 -20.61 -17.77
C SER C 42 5.14 -19.38 -17.65
N LEU C 43 4.69 -18.27 -18.24
CA LEU C 43 5.40 -17.01 -18.12
C LEU C 43 5.19 -16.36 -16.76
N THR C 44 4.23 -16.88 -15.97
CA THR C 44 4.05 -16.62 -14.53
C THR C 44 5.34 -16.27 -13.80
N LYS C 45 6.24 -17.27 -13.70
CA LYS C 45 7.45 -17.17 -12.90
C LYS C 45 8.49 -16.31 -13.59
N VAL C 46 8.40 -16.20 -14.92
CA VAL C 46 9.32 -15.36 -15.70
C VAL C 46 9.11 -13.90 -15.35
N ASN C 47 7.86 -13.46 -15.41
CA ASN C 47 7.48 -12.10 -14.98
C ASN C 47 8.00 -11.75 -13.58
N ASP C 48 7.76 -12.64 -12.60
CA ASP C 48 8.24 -12.44 -11.21
C ASP C 48 9.72 -12.06 -11.09
N ILE C 49 10.57 -12.68 -11.92
CA ILE C 49 12.02 -12.35 -11.92
C ILE C 49 12.50 -11.57 -13.15
N ALA C 50 11.63 -11.35 -14.13
CA ALA C 50 11.93 -10.58 -15.34
C ALA C 50 12.71 -9.31 -15.06
N SER C 51 12.29 -8.56 -14.05
CA SER C 51 12.90 -7.26 -13.76
C SER C 51 14.23 -7.35 -13.05
N ASP C 52 14.64 -8.55 -12.69
CA ASP C 52 15.95 -8.79 -12.10
C ASP C 52 17.02 -9.38 -13.06
N LEU C 53 16.64 -9.74 -14.29
CA LEU C 53 17.64 -10.03 -15.36
C LEU C 53 18.43 -8.72 -15.60
N GLY C 54 19.71 -8.65 -15.96
CA GLY C 54 20.69 -9.69 -16.05
C GLY C 54 21.62 -9.55 -17.28
N PRO C 55 22.77 -8.87 -17.16
CA PRO C 55 23.73 -8.98 -18.30
C PRO C 55 24.15 -10.45 -18.58
N GLY C 56 23.93 -10.90 -19.82
CA GLY C 56 24.15 -12.31 -20.19
C GLY C 56 23.09 -13.30 -19.72
N ASP C 57 21.96 -12.79 -19.19
CA ASP C 57 20.83 -13.63 -18.80
C ASP C 57 19.89 -13.87 -19.99
N SER C 58 19.21 -15.00 -19.94
CA SER C 58 18.30 -15.36 -21.00
C SER C 58 17.08 -16.11 -20.52
N VAL C 59 16.07 -16.08 -21.36
CA VAL C 59 14.80 -16.76 -21.11
C VAL C 59 14.40 -17.35 -22.42
N LEU C 60 14.46 -18.67 -22.48
CA LEU C 60 14.24 -19.39 -23.69
C LEU C 60 12.92 -20.06 -23.56
N LEU C 61 12.09 -19.93 -24.59
CA LEU C 61 10.75 -20.51 -24.62
C LEU C 61 10.72 -21.60 -25.68
N GLU C 62 10.08 -22.71 -25.40
CA GLU C 62 10.26 -23.87 -26.26
C GLU C 62 9.49 -23.71 -27.53
N TYR C 63 10.20 -23.80 -28.65
CA TYR C 63 9.60 -23.97 -29.98
C TYR C 63 8.46 -24.97 -29.84
N GLY C 64 7.25 -24.54 -30.22
CA GLY C 64 6.03 -25.34 -30.06
C GLY C 64 5.11 -24.96 -28.91
N SER C 65 5.62 -24.24 -27.90
CA SER C 65 4.82 -23.84 -26.75
C SER C 65 3.68 -22.89 -27.14
N GLU C 66 2.59 -22.94 -26.38
CA GLU C 66 1.46 -22.01 -26.50
C GLU C 66 1.19 -21.47 -25.09
N PHE C 67 1.44 -20.19 -24.91
CA PHE C 67 1.15 -19.50 -23.65
C PHE C 67 -0.09 -18.66 -23.86
N ASN C 68 -1.25 -19.29 -23.63
CA ASN C 68 -2.57 -18.66 -23.70
C ASN C 68 -2.88 -17.93 -22.41
N ASP C 69 -3.49 -16.75 -22.56
CA ASP C 69 -3.75 -15.83 -21.43
C ASP C 69 -2.51 -15.37 -20.70
N GLN C 70 -1.40 -15.33 -21.41
CA GLN C 70 -0.12 -14.91 -20.83
C GLN C 70 0.53 -13.78 -21.62
N TYR C 71 1.57 -13.23 -21.02
CA TYR C 71 2.18 -11.98 -21.39
C TYR C 71 3.56 -11.91 -20.75
N LEU C 72 4.41 -10.98 -21.24
CA LEU C 72 5.73 -10.72 -20.71
C LEU C 72 5.88 -9.22 -20.46
N HIS C 73 6.07 -8.84 -19.20
CA HIS C 73 6.20 -7.43 -18.82
C HIS C 73 7.54 -7.30 -18.13
N ILE C 74 8.42 -6.48 -18.69
CA ILE C 74 9.78 -6.36 -18.20
C ILE C 74 10.06 -4.89 -17.97
N LYS C 75 10.40 -4.55 -16.72
CA LYS C 75 10.55 -3.16 -16.27
C LYS C 75 11.87 -2.91 -15.55
N ASP C 76 12.46 -1.73 -15.77
CA ASP C 76 13.58 -1.15 -14.97
C ASP C 76 14.81 -2.05 -14.79
N THR C 77 15.39 -2.47 -15.91
CA THR C 77 16.55 -3.35 -15.89
C THR C 77 17.39 -3.17 -17.15
N ALA C 78 18.49 -3.92 -17.22
CA ALA C 78 19.44 -3.88 -18.35
C ALA C 78 20.44 -5.02 -18.33
N GLY C 79 20.74 -5.52 -19.52
CA GLY C 79 22.00 -6.23 -19.79
C GLY C 79 23.03 -5.14 -20.04
N ASN C 80 24.10 -5.44 -20.77
CA ASN C 80 25.09 -4.40 -21.18
C ASN C 80 25.71 -4.69 -22.55
N ALA C 81 26.58 -3.79 -23.02
CA ALA C 81 27.20 -3.93 -24.38
C ALA C 81 27.91 -5.27 -24.59
N ASP C 82 28.55 -5.81 -23.55
CA ASP C 82 29.20 -7.13 -23.58
C ASP C 82 28.22 -8.31 -23.67
N ALA C 83 27.09 -8.23 -22.97
CA ALA C 83 26.07 -9.30 -22.99
C ALA C 83 24.68 -8.73 -22.70
N PRO C 84 23.75 -8.88 -23.66
CA PRO C 84 22.41 -8.38 -23.46
C PRO C 84 21.56 -9.39 -22.73
N ILE C 85 20.41 -8.94 -22.26
CA ILE C 85 19.32 -9.84 -21.91
C ILE C 85 18.79 -10.37 -23.27
N THR C 86 18.36 -11.62 -23.30
CA THR C 86 17.92 -12.27 -24.51
C THR C 86 16.68 -13.02 -24.17
N ILE C 87 15.62 -12.75 -24.92
CA ILE C 87 14.37 -13.47 -24.77
C ILE C 87 14.22 -14.15 -26.10
N SER C 88 14.18 -15.48 -26.09
CA SER C 88 14.09 -16.17 -27.36
C SER C 88 13.48 -17.57 -27.26
N ALA C 89 13.77 -18.40 -28.27
CA ALA C 89 13.29 -19.76 -28.32
C ALA C 89 14.45 -20.81 -28.24
N TYR C 90 14.07 -22.04 -27.88
CA TYR C 90 14.96 -23.20 -27.82
C TYR C 90 14.20 -24.48 -28.22
N GLY C 91 14.96 -25.48 -28.61
CA GLY C 91 14.41 -26.73 -29.16
C GLY C 91 14.47 -26.81 -30.68
N ASP C 92 13.45 -27.44 -31.24
CA ASP C 92 13.33 -27.75 -32.66
C ASP C 92 12.46 -26.73 -33.40
N ALA C 93 13.08 -25.87 -34.23
CA ALA C 93 12.35 -24.88 -35.00
C ALA C 93 11.21 -25.40 -35.92
N ASP C 94 11.12 -26.71 -36.22
CA ASP C 94 9.99 -27.31 -37.03
C ASP C 94 8.64 -27.33 -36.28
N GLU C 95 8.70 -27.18 -34.98
CA GLU C 95 7.53 -26.76 -34.24
C GLU C 95 7.40 -25.27 -34.57
N GLY C 96 6.32 -24.62 -34.30
CA GLY C 96 6.34 -23.16 -34.56
C GLY C 96 7.26 -22.43 -33.58
N LYS C 97 7.48 -21.15 -33.84
CA LYS C 97 7.91 -20.25 -32.77
C LYS C 97 6.92 -20.43 -31.59
N PRO C 98 7.40 -20.29 -30.32
CA PRO C 98 6.43 -20.30 -29.20
C PRO C 98 5.50 -19.07 -29.29
N VAL C 99 4.21 -19.29 -29.07
CA VAL C 99 3.14 -18.28 -29.15
C VAL C 99 2.93 -17.67 -27.75
N ILE C 100 3.08 -16.35 -27.62
CA ILE C 100 2.56 -15.64 -26.43
C ILE C 100 1.26 -14.91 -26.78
N ALA C 101 0.13 -15.39 -26.28
CA ALA C 101 -1.20 -14.86 -26.64
C ALA C 101 -1.89 -14.32 -25.38
N SER C 102 -1.99 -13.01 -25.25
CA SER C 102 -2.49 -12.42 -24.01
C SER C 102 -4.02 -12.41 -23.96
N ASN C 103 -4.67 -12.40 -25.12
CA ASN C 103 -6.14 -12.28 -25.22
C ASN C 103 -6.72 -11.14 -24.40
N GLY C 104 -5.95 -10.07 -24.31
CA GLY C 104 -6.33 -8.90 -23.53
C GLY C 104 -6.68 -9.10 -22.07
N VAL C 105 -6.11 -10.12 -21.42
CA VAL C 105 -6.37 -10.41 -19.99
C VAL C 105 -5.85 -9.37 -19.05
N LYS C 106 -6.47 -9.36 -17.86
CA LYS C 106 -6.20 -8.36 -16.82
C LYS C 106 -4.73 -8.10 -16.57
N GLY C 107 -3.93 -9.15 -16.39
CA GLY C 107 -2.50 -9.00 -16.12
C GLY C 107 -1.62 -8.44 -17.23
N SER C 108 -2.08 -8.52 -18.49
CA SER C 108 -1.38 -7.83 -19.61
C SER C 108 -1.58 -6.31 -19.60
N GLN C 109 -2.48 -5.86 -18.72
CA GLN C 109 -2.91 -4.49 -18.70
C GLN C 109 -1.96 -3.65 -17.86
N TRP C 110 -1.63 -2.48 -18.39
CA TRP C 110 -0.92 -1.46 -17.64
C TRP C 110 -1.57 -0.10 -17.89
N GLU C 111 -1.14 0.87 -17.10
CA GLU C 111 -1.55 2.29 -17.19
C GLU C 111 -0.55 3.19 -17.92
N GLN C 112 -0.93 3.61 -19.11
CA GLN C 112 -0.10 4.50 -19.95
C GLN C 112 -0.55 5.91 -19.67
N ASP C 113 0.42 6.80 -19.66
CA ASP C 113 0.20 8.20 -19.32
C ASP C 113 1.39 8.99 -19.80
N TYR C 114 1.25 9.64 -20.96
CA TYR C 114 2.27 10.57 -21.46
C TYR C 114 2.66 11.66 -20.46
N ARG C 115 1.73 12.07 -19.57
CA ARG C 115 1.93 13.17 -18.60
C ARG C 115 2.21 14.55 -19.23
N ALA C 116 1.75 14.71 -20.47
CA ALA C 116 1.72 15.98 -21.18
C ALA C 116 0.83 15.85 -22.40
N ASN C 117 0.39 16.99 -22.89
CA ASN C 117 -0.52 17.05 -23.98
C ASN C 117 0.35 16.72 -25.20
N VAL C 118 -0.09 15.73 -25.97
CA VAL C 118 0.56 15.30 -27.22
C VAL C 118 -0.38 15.40 -28.41
N GLY C 119 -1.15 16.47 -28.42
CA GLY C 119 -2.08 16.77 -29.47
C GLY C 119 -3.48 16.35 -29.10
N ASN C 120 -4.32 16.33 -30.13
CA ASN C 120 -5.71 15.93 -30.02
C ASN C 120 -5.92 14.37 -30.05
N HIS C 121 -5.55 13.73 -28.96
CA HIS C 121 -5.59 12.28 -28.93
C HIS C 121 -5.80 11.79 -27.51
N LYS C 122 -6.27 10.56 -27.37
CA LYS C 122 -6.21 9.91 -26.09
C LYS C 122 -4.75 9.81 -25.69
N ASN C 123 -4.42 10.26 -24.48
CA ASN C 123 -3.04 10.22 -24.04
C ASN C 123 -2.80 9.57 -22.69
N LYS C 124 -3.83 8.89 -22.19
CA LYS C 124 -3.77 8.25 -20.91
C LYS C 124 -4.84 7.20 -20.85
N GLY C 125 -4.50 6.06 -20.25
CA GLY C 125 -5.48 5.03 -20.02
C GLY C 125 -4.87 3.67 -20.00
N THR C 126 -5.77 2.70 -19.97
CA THR C 126 -5.46 1.34 -19.78
C THR C 126 -5.17 0.72 -21.15
N VAL C 127 -4.00 0.11 -21.24
CA VAL C 127 -3.57 -0.62 -22.40
C VAL C 127 -3.29 -2.08 -22.03
N SER C 128 -3.71 -3.02 -22.89
CA SER C 128 -3.29 -4.40 -22.84
C SER C 128 -2.05 -4.64 -23.75
N THR C 129 -0.96 -5.11 -23.17
CA THR C 129 0.28 -5.35 -23.94
C THR C 129 0.85 -6.77 -23.67
N THR C 130 1.01 -7.53 -24.72
CA THR C 130 1.54 -8.87 -24.61
C THR C 130 3.03 -8.91 -24.25
N LEU C 131 3.81 -8.04 -24.86
CA LEU C 131 5.22 -7.95 -24.56
C LEU C 131 5.53 -6.50 -24.35
N LEU C 132 5.70 -6.11 -23.08
CA LEU C 132 5.96 -4.75 -22.66
C LEU C 132 7.38 -4.68 -22.16
N LEU C 133 8.11 -3.66 -22.65
CA LEU C 133 9.44 -3.40 -22.23
C LEU C 133 9.47 -1.98 -21.76
N LYS C 134 9.45 -1.78 -20.44
CA LYS C 134 9.44 -0.44 -19.92
C LYS C 134 10.80 -0.14 -19.32
N ASP C 135 11.51 0.78 -19.95
CA ASP C 135 12.85 1.13 -19.53
C ASP C 135 13.74 -0.07 -19.28
N VAL C 136 13.85 -0.89 -20.32
CA VAL C 136 14.80 -1.98 -20.40
C VAL C 136 15.79 -1.64 -21.52
N SER C 137 17.07 -1.80 -21.23
CA SER C 137 18.15 -1.52 -22.19
C SER C 137 18.97 -2.77 -22.43
N TYR C 138 19.61 -2.84 -23.59
CA TYR C 138 20.40 -4.00 -23.96
C TYR C 138 19.56 -5.29 -23.82
N ILE C 139 18.52 -5.36 -24.65
CA ILE C 139 17.64 -6.52 -24.73
C ILE C 139 17.38 -6.93 -26.20
N THR C 140 17.24 -8.22 -26.41
CA THR C 140 17.03 -8.77 -27.71
C THR C 140 15.88 -9.72 -27.56
N VAL C 141 14.88 -9.54 -28.42
CA VAL C 141 13.71 -10.35 -28.37
C VAL C 141 13.60 -10.95 -29.75
N SER C 142 13.58 -12.27 -29.81
CA SER C 142 13.67 -12.93 -31.08
C SER C 142 12.85 -14.22 -31.13
N ASN C 143 12.40 -14.54 -32.34
CA ASN C 143 11.85 -15.81 -32.68
C ASN C 143 10.59 -16.20 -31.92
N LEU C 144 9.80 -15.17 -31.57
CA LEU C 144 8.53 -15.32 -30.84
C LEU C 144 7.38 -14.93 -31.76
N GLU C 145 6.26 -15.63 -31.63
CA GLU C 145 5.00 -15.25 -32.23
C GLU C 145 4.08 -14.68 -31.13
N ILE C 146 3.48 -13.53 -31.40
CA ILE C 146 2.84 -12.73 -30.39
C ILE C 146 1.50 -12.28 -30.90
N THR C 147 0.44 -12.63 -30.17
CA THR C 147 -0.92 -12.14 -30.45
C THR C 147 -1.49 -11.36 -29.27
N ASN C 148 -2.53 -10.58 -29.59
CA ASN C 148 -3.35 -9.91 -28.57
C ASN C 148 -4.76 -9.86 -29.05
N ASP C 149 -5.32 -11.05 -29.17
CA ASP C 149 -6.52 -11.32 -29.95
C ASP C 149 -7.78 -11.28 -29.05
N ASP C 150 -8.87 -10.76 -29.59
CA ASP C 150 -10.18 -10.81 -29.01
C ASP C 150 -10.96 -11.78 -29.90
N ALA C 151 -11.46 -12.87 -29.32
CA ALA C 151 -12.31 -13.85 -30.04
C ALA C 151 -13.54 -13.27 -30.76
N ASP C 152 -14.03 -12.12 -30.29
CA ASP C 152 -15.22 -11.47 -30.86
C ASP C 152 -14.93 -10.45 -31.94
N VAL C 153 -13.66 -10.29 -32.33
CA VAL C 153 -13.28 -9.41 -33.43
C VAL C 153 -12.61 -10.30 -34.49
N TYR C 154 -13.02 -10.19 -35.74
CA TYR C 154 -12.50 -11.02 -36.80
C TYR C 154 -12.68 -10.29 -38.09
N ASP C 155 -11.59 -9.74 -38.64
CA ASP C 155 -11.59 -9.07 -39.97
C ASP C 155 -10.26 -9.30 -40.70
N PRO C 156 -10.05 -10.50 -41.20
CA PRO C 156 -8.76 -10.85 -41.72
C PRO C 156 -8.44 -10.24 -43.06
N ILE C 157 -7.19 -9.78 -43.20
CA ILE C 157 -6.75 -9.14 -44.42
C ILE C 157 -6.70 -10.09 -45.62
N ASP C 158 -6.43 -11.37 -45.41
CA ASP C 158 -6.25 -12.25 -46.56
C ASP C 158 -7.48 -12.46 -47.37
N THR C 159 -8.64 -12.27 -46.74
CA THR C 159 -9.94 -12.38 -47.39
C THR C 159 -10.76 -11.11 -47.31
N TRP C 160 -10.14 -10.00 -46.94
CA TRP C 160 -10.87 -8.72 -46.77
C TRP C 160 -11.30 -8.18 -48.10
N LYS C 161 -12.46 -7.55 -48.10
CA LYS C 161 -12.97 -6.86 -49.29
C LYS C 161 -14.08 -5.89 -48.91
N TRP C 162 -14.27 -4.87 -49.74
CA TRP C 162 -15.31 -3.88 -49.54
C TRP C 162 -16.69 -4.51 -49.82
N THR C 163 -17.54 -4.57 -48.80
CA THR C 163 -18.92 -4.99 -48.94
C THR C 163 -19.85 -3.77 -48.87
N ASP C 164 -20.95 -3.90 -49.61
CA ASP C 164 -22.08 -2.97 -49.53
C ASP C 164 -22.59 -2.75 -48.11
N THR C 165 -22.50 -3.75 -47.27
CA THR C 165 -23.04 -3.60 -45.94
C THR C 165 -21.99 -4.01 -44.90
N PRO C 166 -21.86 -3.24 -43.79
CA PRO C 166 -20.82 -3.51 -42.78
C PRO C 166 -20.86 -4.94 -42.24
N ASP C 167 -19.71 -5.59 -42.15
CA ASP C 167 -19.67 -6.92 -41.55
C ASP C 167 -20.56 -8.00 -42.23
N SER C 168 -20.83 -7.88 -43.54
CA SER C 168 -21.71 -8.83 -44.24
C SER C 168 -21.06 -10.17 -44.63
N ASP C 169 -19.75 -10.30 -44.41
CA ASP C 169 -18.96 -11.44 -44.91
C ASP C 169 -18.52 -12.40 -43.79
N GLY C 170 -19.24 -12.37 -42.67
CA GLY C 170 -18.86 -13.15 -41.50
C GLY C 170 -17.71 -12.52 -40.71
N THR C 171 -17.50 -11.21 -40.87
CA THR C 171 -16.51 -10.46 -40.10
C THR C 171 -17.19 -9.72 -38.94
N LYS C 172 -16.46 -9.40 -37.87
CA LYS C 172 -17.01 -8.61 -36.75
C LYS C 172 -15.97 -7.65 -36.20
N LEU C 173 -16.37 -6.40 -35.96
CA LEU C 173 -15.53 -5.42 -35.30
C LEU C 173 -16.24 -4.72 -34.17
N ASP C 174 -15.44 -4.17 -33.27
CA ASP C 174 -15.90 -3.34 -32.19
C ASP C 174 -15.49 -1.95 -32.61
N ARG C 175 -16.50 -1.22 -33.10
CA ARG C 175 -16.38 0.13 -33.55
C ARG C 175 -16.33 1.19 -32.44
N SER C 176 -16.32 0.74 -31.18
CA SER C 176 -16.39 1.62 -30.04
C SER C 176 -15.15 2.52 -29.86
N ALA C 177 -15.39 3.83 -29.88
CA ALA C 177 -14.41 4.81 -29.42
C ALA C 177 -13.59 4.45 -28.15
N SER C 178 -14.19 3.75 -27.19
CA SER C 178 -13.63 3.52 -25.84
C SER C 178 -13.07 2.11 -25.60
N ARG C 179 -13.05 1.33 -26.68
CA ARG C 179 -12.37 0.04 -26.71
C ARG C 179 -10.95 0.16 -26.23
N MET C 180 -10.58 -0.80 -25.42
CA MET C 180 -9.30 -0.77 -24.78
C MET C 180 -8.19 -0.91 -25.83
N ASP C 181 -7.14 -0.14 -25.64
CA ASP C 181 -6.01 -0.13 -26.55
C ASP C 181 -5.20 -1.41 -26.35
N ARG C 182 -4.70 -1.98 -27.45
CA ARG C 182 -3.91 -3.22 -27.41
C ARG C 182 -2.61 -3.11 -28.17
N THR C 183 -1.55 -3.70 -27.64
CA THR C 183 -0.28 -3.79 -28.37
C THR C 183 0.21 -5.23 -28.37
N GLY C 184 0.86 -5.64 -29.47
CA GLY C 184 1.71 -6.84 -29.53
C GLY C 184 2.92 -6.59 -28.65
N VAL C 185 3.72 -5.62 -29.08
CA VAL C 185 4.89 -5.19 -28.38
C VAL C 185 4.91 -3.69 -28.14
N ALA C 186 5.15 -3.28 -26.88
CA ALA C 186 5.36 -1.89 -26.53
C ALA C 186 6.75 -1.67 -25.91
N GLY C 187 7.44 -0.63 -26.39
CA GLY C 187 8.65 -0.14 -25.75
C GLY C 187 8.41 1.22 -25.14
N ILE C 188 8.59 1.35 -23.84
CA ILE C 188 8.17 2.54 -23.10
C ILE C 188 9.33 3.11 -22.30
N ALA C 189 9.76 4.33 -22.67
CA ALA C 189 10.68 5.11 -21.88
C ALA C 189 9.89 6.19 -21.13
N GLU C 190 9.78 6.06 -19.79
CA GLU C 190 9.13 7.10 -18.98
C GLU C 190 9.87 7.43 -17.67
N ASN C 191 11.18 7.25 -17.66
CA ASN C 191 12.03 7.50 -16.48
C ASN C 191 12.90 8.78 -16.58
N GLY C 192 12.83 9.48 -17.70
CA GLY C 192 13.64 10.67 -17.87
C GLY C 192 15.05 10.37 -18.30
N ALA C 193 15.29 9.17 -18.83
CA ALA C 193 16.62 8.67 -19.29
C ALA C 193 16.53 7.95 -20.65
N THR C 194 17.66 7.74 -21.28
CA THR C 194 17.67 6.96 -22.53
C THR C 194 17.36 5.46 -22.24
N MET C 195 16.50 4.87 -23.08
CA MET C 195 16.30 3.42 -23.16
C MET C 195 16.97 2.99 -24.45
N SER C 196 17.89 2.03 -24.38
CA SER C 196 18.79 1.82 -25.54
C SER C 196 19.10 0.38 -25.90
N ASN C 197 19.51 0.19 -27.15
CA ASN C 197 19.97 -1.11 -27.63
C ASN C 197 18.90 -2.18 -27.43
N VAL C 198 17.72 -1.89 -27.95
CA VAL C 198 16.62 -2.83 -27.95
C VAL C 198 16.60 -3.41 -29.34
N THR C 199 16.60 -4.73 -29.45
CA THR C 199 16.48 -5.39 -30.78
C THR C 199 15.25 -6.21 -30.82
N LEU C 200 14.45 -6.09 -31.89
CA LEU C 200 13.38 -7.10 -32.15
C LEU C 200 13.66 -7.77 -33.50
N ASP C 201 13.79 -9.09 -33.48
CA ASP C 201 14.27 -9.86 -34.64
C ASP C 201 13.35 -11.04 -34.81
N ASN C 202 12.78 -11.14 -36.02
CA ASN C 202 12.08 -12.36 -36.41
C ASN C 202 10.90 -12.68 -35.49
N LEU C 203 10.15 -11.66 -35.14
CA LEU C 203 8.85 -11.81 -34.45
C LEU C 203 7.71 -11.89 -35.44
N TYR C 204 6.67 -12.60 -35.04
CA TYR C 204 5.46 -12.62 -35.82
C TYR C 204 4.37 -12.13 -34.90
N ILE C 205 3.93 -10.92 -35.17
CA ILE C 205 2.96 -10.23 -34.37
C ILE C 205 1.74 -10.15 -35.22
N HIS C 206 0.70 -10.87 -34.81
CA HIS C 206 -0.58 -10.80 -35.50
C HIS C 206 -1.77 -10.87 -34.54
N ASP C 207 -2.96 -10.60 -35.09
CA ASP C 207 -4.24 -10.53 -34.35
C ASP C 207 -4.10 -9.79 -33.02
N VAL C 208 -3.78 -8.52 -33.20
CA VAL C 208 -3.76 -7.54 -32.11
C VAL C 208 -4.97 -6.65 -32.35
N ASP C 209 -6.08 -6.97 -31.68
CA ASP C 209 -7.35 -6.26 -31.87
C ASP C 209 -7.46 -5.03 -30.93
N GLY C 210 -6.74 -4.02 -31.34
CA GLY C 210 -6.75 -2.76 -30.64
C GLY C 210 -7.94 -1.93 -30.98
N ASN C 211 -7.88 -0.71 -30.51
CA ASN C 211 -8.90 0.28 -30.70
C ASN C 211 -8.74 0.79 -32.14
N ILE C 212 -9.83 0.99 -32.86
CA ILE C 212 -9.72 1.30 -34.28
C ILE C 212 -9.11 2.67 -34.55
N TYR C 213 -9.27 3.57 -33.59
CA TYR C 213 -9.07 4.98 -33.79
C TYR C 213 -7.75 5.46 -33.33
N ASN C 214 -7.39 5.07 -32.09
CA ASN C 214 -6.40 5.84 -31.31
C ASN C 214 -5.02 5.73 -31.85
N LYS C 215 -4.41 6.87 -32.14
CA LYS C 215 -3.12 6.88 -32.84
C LYS C 215 -1.89 6.87 -31.97
N HIS C 216 -1.99 7.38 -30.76
CA HIS C 216 -0.81 7.55 -29.93
C HIS C 216 -0.88 6.89 -28.59
N MET C 217 -1.86 6.02 -28.39
CA MET C 217 -1.75 5.07 -27.33
C MET C 217 -0.89 3.89 -27.84
N ALA C 218 -0.45 3.04 -26.93
CA ALA C 218 0.35 1.91 -27.35
C ALA C 218 -0.60 0.91 -27.97
N ASN C 219 -0.86 1.09 -29.28
CA ASN C 219 -2.03 0.51 -29.90
C ASN C 219 -1.86 0.04 -31.35
N GLY C 220 -1.55 -1.25 -31.50
CA GLY C 220 -1.21 -1.85 -32.78
C GLY C 220 -0.12 -2.89 -32.67
N GLY C 221 0.58 -3.19 -33.76
CA GLY C 221 1.55 -4.29 -33.75
C GLY C 221 2.70 -4.02 -32.76
N ILE C 222 3.43 -2.94 -33.02
CA ILE C 222 4.63 -2.60 -32.28
C ILE C 222 4.60 -1.09 -32.15
N TYR C 223 4.78 -0.58 -30.91
CA TYR C 223 4.79 0.85 -30.63
C TYR C 223 5.83 1.20 -29.57
N PHE C 224 6.76 2.07 -29.97
CA PHE C 224 7.75 2.61 -29.08
C PHE C 224 7.38 4.04 -28.80
N MET C 225 7.35 4.46 -27.55
CA MET C 225 7.01 5.85 -27.21
C MET C 225 7.59 6.28 -25.88
N ALA C 226 7.60 7.58 -25.66
CA ALA C 226 8.23 8.18 -24.51
C ALA C 226 7.35 9.21 -23.82
N HIS C 227 7.30 9.13 -22.49
CA HIS C 227 6.44 9.96 -21.61
C HIS C 227 7.33 10.79 -20.69
N TYR C 228 6.73 11.81 -20.11
CA TYR C 228 7.43 12.54 -19.09
C TYR C 228 7.35 11.64 -17.86
N PRO C 229 8.39 11.61 -17.05
CA PRO C 229 8.31 10.89 -15.78
C PRO C 229 7.43 11.57 -14.75
N MET C 230 7.12 12.84 -14.94
CA MET C 230 6.11 13.51 -14.10
C MET C 230 5.48 14.63 -14.90
N GLU C 231 4.28 15.03 -14.48
CA GLU C 231 3.57 16.17 -15.07
C GLU C 231 4.42 17.44 -14.90
N ASN C 232 4.37 18.33 -15.88
CA ASN C 232 5.12 19.61 -15.82
C ASN C 232 4.23 20.66 -15.15
N THR C 233 4.52 20.95 -13.89
CA THR C 233 3.65 21.73 -12.98
C THR C 233 4.27 23.04 -12.45
N SER C 234 5.53 23.30 -12.78
CA SER C 234 6.23 24.43 -12.19
C SER C 234 7.45 24.70 -13.03
N ALA C 235 7.99 25.90 -12.90
CA ALA C 235 9.30 26.26 -13.47
C ALA C 235 10.41 25.24 -13.13
N GLU C 236 10.33 24.65 -11.93
CA GLU C 236 11.35 23.71 -11.41
C GLU C 236 11.29 22.39 -12.19
N THR C 237 10.07 21.88 -12.38
CA THR C 237 9.85 20.69 -13.22
C THR C 237 10.23 20.95 -14.70
N ASP C 238 9.84 22.09 -15.26
CA ASP C 238 10.31 22.46 -16.61
C ASP C 238 11.86 22.42 -16.75
N VAL C 239 12.59 22.99 -15.78
CA VAL C 239 14.08 22.98 -15.80
C VAL C 239 14.63 21.56 -15.92
N TRP C 240 14.04 20.65 -15.18
CA TRP C 240 14.51 19.29 -15.04
C TRP C 240 14.18 18.40 -16.28
N LEU C 241 12.98 18.56 -16.82
CA LEU C 241 12.57 17.80 -18.00
C LEU C 241 13.36 18.13 -19.25
N ARG C 242 13.72 19.42 -19.41
CA ARG C 242 14.60 19.90 -20.48
C ARG C 242 15.99 19.23 -20.50
N GLU C 243 16.42 18.70 -19.34
CA GLU C 243 17.68 17.95 -19.18
C GLU C 243 17.57 16.45 -19.13
N HIS C 244 16.47 15.95 -18.58
CA HIS C 244 16.33 14.54 -18.24
C HIS C 244 15.29 13.90 -19.15
N VAL C 245 15.78 13.35 -20.28
CA VAL C 245 14.91 13.01 -21.41
C VAL C 245 14.61 11.54 -21.60
N SER C 246 13.34 11.17 -21.43
CA SER C 246 12.81 9.91 -21.91
C SER C 246 12.91 9.88 -23.41
N ARG C 247 13.67 8.93 -23.97
CA ARG C 247 13.95 8.83 -25.41
C ARG C 247 14.57 7.50 -25.76
N PHE C 248 14.72 7.20 -27.05
CA PHE C 248 15.27 5.94 -27.47
C PHE C 248 16.61 6.15 -28.15
N ASP C 249 17.50 5.15 -28.03
CA ASP C 249 18.75 5.06 -28.83
C ASP C 249 19.05 3.61 -29.21
N HIS C 250 19.45 3.40 -30.44
CA HIS C 250 19.82 2.09 -30.95
C HIS C 250 18.66 1.11 -30.83
N VAL C 251 17.49 1.51 -31.31
CA VAL C 251 16.34 0.59 -31.43
C VAL C 251 16.38 -0.05 -32.78
N THR C 252 16.39 -1.36 -32.85
CA THR C 252 16.37 -2.07 -34.13
C THR C 252 15.16 -2.97 -34.20
N ILE C 253 14.43 -2.90 -35.29
CA ILE C 253 13.31 -3.83 -35.54
C ILE C 253 13.58 -4.45 -36.92
N ARG C 254 13.70 -5.77 -36.90
CA ARG C 254 14.19 -6.49 -38.04
C ARG C 254 13.54 -7.87 -38.21
N ASN C 255 13.36 -8.24 -39.48
CA ASN C 255 12.88 -9.56 -39.90
C ASN C 255 11.59 -9.95 -39.25
N SER C 256 10.69 -9.00 -38.99
CA SER C 256 9.44 -9.30 -38.28
C SER C 256 8.25 -9.06 -39.17
N THR C 257 7.19 -9.85 -38.95
CA THR C 257 5.95 -9.66 -39.69
C THR C 257 4.92 -9.11 -38.70
N VAL C 258 4.25 -8.05 -39.10
CA VAL C 258 3.10 -7.52 -38.37
C VAL C 258 1.87 -7.60 -39.22
N LYS C 259 0.91 -8.40 -38.77
CA LYS C 259 -0.25 -8.74 -39.59
C LYS C 259 -1.58 -8.67 -38.82
N ASP C 260 -2.61 -8.09 -39.42
CA ASP C 260 -3.96 -8.10 -38.83
C ASP C 260 -3.86 -7.52 -37.42
N VAL C 261 -3.51 -6.25 -37.37
CA VAL C 261 -3.48 -5.49 -36.14
C VAL C 261 -4.30 -4.20 -36.29
N ASP C 262 -4.72 -3.65 -35.14
CA ASP C 262 -5.32 -2.32 -35.04
C ASP C 262 -4.67 -1.57 -33.88
N ARG C 263 -4.28 -0.29 -34.02
CA ARG C 263 -4.40 0.49 -35.25
C ARG C 263 -3.12 0.48 -36.17
N TRP C 264 -2.02 0.85 -35.56
CA TRP C 264 -0.72 1.01 -36.19
C TRP C 264 -0.04 -0.33 -36.45
N GLY C 265 0.62 -0.46 -37.59
CA GLY C 265 1.50 -1.65 -37.78
C GLY C 265 2.73 -1.54 -36.87
N ILE C 266 3.68 -0.72 -37.30
CA ILE C 266 4.82 -0.45 -36.52
C ILE C 266 4.99 1.03 -36.43
N ALA C 267 5.21 1.48 -35.18
CA ALA C 267 5.36 2.89 -34.87
C ALA C 267 6.42 3.11 -33.80
N VAL C 268 7.32 4.07 -34.06
CA VAL C 268 8.43 4.33 -33.16
C VAL C 268 8.66 5.81 -33.03
N GLY C 269 8.66 6.27 -31.79
CA GLY C 269 9.31 7.50 -31.44
C GLY C 269 8.45 8.62 -30.94
N TYR C 270 7.11 8.46 -30.95
CA TYR C 270 6.22 9.54 -30.47
C TYR C 270 6.59 9.80 -29.02
N THR C 271 6.48 11.06 -28.63
CA THR C 271 7.09 11.52 -27.37
C THR C 271 6.43 12.78 -26.80
N ALA C 272 6.16 12.71 -25.49
CA ALA C 272 5.83 13.88 -24.64
C ALA C 272 6.80 15.08 -24.81
N TYR C 273 8.04 14.83 -25.16
CA TYR C 273 9.07 15.86 -25.37
C TYR C 273 8.94 16.65 -26.69
N LEU C 274 7.93 16.30 -27.49
CA LEU C 274 7.44 17.16 -28.56
C LEU C 274 6.97 18.51 -28.05
N ASN C 275 6.65 18.63 -26.76
CA ASN C 275 6.39 19.98 -26.22
C ASN C 275 7.59 20.94 -26.35
N TYR C 276 8.80 20.38 -26.46
CA TYR C 276 10.01 21.15 -26.71
C TYR C 276 10.40 21.12 -28.19
N ILE C 277 10.34 19.93 -28.80
CA ILE C 277 10.63 19.80 -30.25
C ILE C 277 9.68 20.66 -31.13
N ASP C 278 8.44 20.83 -30.74
CA ASP C 278 7.47 21.51 -31.61
C ASP C 278 7.11 22.87 -31.08
N ALA C 279 8.08 23.47 -30.38
CA ALA C 279 7.94 24.78 -29.77
C ALA C 279 7.94 25.92 -30.82
N ASN C 280 8.93 25.91 -31.71
CA ASN C 280 9.00 26.88 -32.79
C ASN C 280 9.09 26.12 -34.07
N TYR C 281 7.95 25.99 -34.75
CA TYR C 281 7.95 25.29 -36.05
C TYR C 281 8.86 26.03 -37.00
N GLY C 282 8.74 27.37 -36.97
CA GLY C 282 9.64 28.26 -37.71
C GLY C 282 9.31 28.14 -39.19
N ASP C 283 10.33 27.80 -39.98
CA ASP C 283 10.22 27.51 -41.44
C ASP C 283 10.07 25.97 -41.80
N GLY C 284 9.82 25.12 -40.80
CA GLY C 284 9.89 23.68 -40.97
C GLY C 284 11.24 23.01 -40.73
N SER C 285 12.32 23.78 -40.63
CA SER C 285 13.64 23.15 -40.45
C SER C 285 13.75 22.59 -39.03
N ILE C 286 14.48 21.49 -38.91
CA ILE C 286 14.68 20.84 -37.59
C ILE C 286 16.20 20.85 -37.24
N ASP C 287 16.49 21.54 -36.14
CA ASP C 287 17.82 21.68 -35.63
C ASP C 287 18.40 20.33 -35.19
N ASP C 288 19.58 20.04 -35.70
CA ASP C 288 20.36 18.80 -35.40
C ASP C 288 20.55 18.47 -33.89
N ALA C 289 20.88 19.49 -33.07
CA ALA C 289 21.04 19.33 -31.58
C ALA C 289 19.73 19.02 -30.83
N LEU C 290 18.66 19.74 -31.18
CA LEU C 290 17.34 19.57 -30.60
C LEU C 290 16.73 18.15 -30.81
N ILE C 291 16.65 17.69 -32.05
CA ILE C 291 16.12 16.37 -32.31
C ILE C 291 17.01 15.28 -31.65
N ALA C 292 18.32 15.51 -31.68
CA ALA C 292 19.30 14.61 -31.03
C ALA C 292 19.06 14.49 -29.51
N LYS C 293 18.71 15.60 -28.86
CA LYS C 293 18.49 15.61 -27.42
C LYS C 293 17.10 15.11 -27.00
N TYR C 294 16.06 15.61 -27.65
CA TYR C 294 14.68 15.26 -27.28
C TYR C 294 14.05 14.11 -28.10
N GLY C 295 14.61 13.81 -29.27
CA GLY C 295 14.15 12.70 -30.09
C GLY C 295 15.01 11.44 -29.96
N SER C 296 14.77 10.50 -30.85
CA SER C 296 15.34 9.17 -30.71
C SER C 296 16.36 8.89 -31.81
N THR C 297 17.46 8.24 -31.43
CA THR C 297 18.63 8.09 -32.31
C THR C 297 18.92 6.66 -32.69
N ASN C 298 19.48 6.48 -33.87
CA ASN C 298 19.98 5.18 -34.32
C ASN C 298 18.87 4.12 -34.37
N VAL C 299 17.67 4.59 -34.66
CA VAL C 299 16.51 3.69 -34.84
C VAL C 299 16.64 3.07 -36.21
N ARG C 300 16.43 1.77 -36.29
CA ARG C 300 16.64 1.07 -37.55
C ARG C 300 15.45 0.18 -37.73
N ILE C 301 14.77 0.29 -38.86
CA ILE C 301 13.60 -0.55 -39.17
C ILE C 301 13.89 -1.28 -40.51
N GLU C 302 14.10 -2.59 -40.42
CA GLU C 302 14.56 -3.36 -41.57
C GLU C 302 14.00 -4.73 -41.79
N ASN C 303 13.73 -5.00 -43.07
CA ASN C 303 13.39 -6.34 -43.53
C ASN C 303 12.15 -6.87 -42.79
N ASN C 304 11.16 -6.02 -42.57
CA ASN C 304 9.88 -6.41 -41.97
C ASN C 304 8.77 -6.38 -43.00
N TYR C 305 7.72 -7.08 -42.68
CA TYR C 305 6.55 -7.10 -43.51
C TYR C 305 5.35 -6.64 -42.67
N VAL C 306 4.64 -5.64 -43.15
CA VAL C 306 3.41 -5.16 -42.50
C VAL C 306 2.24 -5.35 -43.47
N LYS C 307 1.35 -6.28 -43.09
CA LYS C 307 0.17 -6.55 -43.89
C LYS C 307 -1.13 -6.41 -43.06
N GLY C 308 -2.08 -5.63 -43.57
CA GLY C 308 -3.39 -5.60 -42.99
C GLY C 308 -3.49 -4.93 -41.62
N ALA C 309 -2.65 -3.92 -41.41
CA ALA C 309 -2.83 -3.02 -40.31
C ALA C 309 -4.09 -2.19 -40.52
N GLY C 310 -4.74 -1.86 -39.41
CA GLY C 310 -5.93 -1.05 -39.47
C GLY C 310 -5.71 0.33 -39.98
N GLY C 311 -4.65 0.99 -39.51
CA GLY C 311 -4.20 2.30 -40.02
C GLY C 311 -2.88 2.21 -40.79
N ASP C 312 -1.93 3.00 -40.33
CA ASP C 312 -0.65 3.22 -41.06
C ASP C 312 0.25 1.95 -40.98
N ALA C 313 1.01 1.63 -42.02
CA ALA C 313 1.99 0.51 -41.91
C ALA C 313 3.15 0.79 -40.95
N ILE C 314 4.00 1.73 -41.34
CA ILE C 314 5.26 1.95 -40.64
C ILE C 314 5.47 3.43 -40.51
N THR C 315 5.67 3.90 -39.27
CA THR C 315 5.90 5.31 -39.08
C THR C 315 6.92 5.60 -37.98
N LEU C 316 7.81 6.52 -38.30
CA LEU C 316 8.89 6.92 -37.45
C LEU C 316 8.51 8.29 -37.02
N MET C 317 8.62 8.58 -35.74
CA MET C 317 8.22 9.89 -35.23
C MET C 317 9.36 10.45 -34.37
N TYR C 318 9.58 11.76 -34.50
CA TYR C 318 10.56 12.51 -33.70
C TYR C 318 11.87 11.77 -33.62
N CYS C 319 12.33 11.28 -34.77
CA CYS C 319 13.58 10.51 -34.85
C CYS C 319 14.66 11.28 -35.61
N ASP C 320 15.86 11.20 -35.08
CA ASP C 320 17.09 11.69 -35.70
C ASP C 320 17.68 10.65 -36.60
N ARG C 321 17.52 10.84 -37.89
CA ARG C 321 18.16 10.00 -38.91
C ARG C 321 17.95 8.49 -38.75
N PRO C 322 16.69 8.08 -38.53
CA PRO C 322 16.44 6.65 -38.59
C PRO C 322 16.72 6.10 -40.00
N VAL C 323 16.91 4.81 -40.11
CA VAL C 323 17.02 4.12 -41.38
C VAL C 323 15.82 3.16 -41.46
N ILE C 324 15.10 3.21 -42.57
CA ILE C 324 13.93 2.38 -42.82
C ILE C 324 14.21 1.72 -44.16
N GLU C 325 14.50 0.42 -44.12
CA GLU C 325 15.05 -0.20 -45.26
C GLU C 325 14.59 -1.62 -45.50
N HIS C 326 14.41 -1.95 -46.78
CA HIS C 326 14.10 -3.33 -47.19
C HIS C 326 12.81 -3.86 -46.59
N ASN C 327 11.83 -3.01 -46.25
CA ASN C 327 10.58 -3.47 -45.63
C ASN C 327 9.50 -3.59 -46.72
N VAL C 328 8.50 -4.44 -46.48
CA VAL C 328 7.32 -4.53 -47.32
C VAL C 328 6.03 -4.16 -46.54
N GLY C 329 5.36 -3.07 -46.95
CA GLY C 329 3.99 -2.75 -46.52
C GLY C 329 2.98 -3.27 -47.53
N ASP C 330 1.76 -3.59 -47.09
CA ASP C 330 0.81 -4.30 -47.98
C ASP C 330 -0.65 -4.17 -47.44
N SER C 331 -1.52 -3.51 -48.19
CA SER C 331 -2.98 -3.48 -47.90
C SER C 331 -3.22 -3.11 -46.45
N VAL C 332 -2.78 -1.90 -46.11
CA VAL C 332 -3.02 -1.34 -44.78
C VAL C 332 -4.17 -0.36 -44.94
N SER C 333 -4.43 0.49 -43.93
CA SER C 333 -5.65 1.32 -43.89
C SER C 333 -6.97 0.52 -44.03
N LYS C 334 -6.97 -0.71 -43.53
CA LYS C 334 -8.08 -1.67 -43.68
C LYS C 334 -9.36 -1.08 -43.06
N HIS C 335 -9.16 -0.40 -41.95
CA HIS C 335 -10.27 0.10 -41.12
C HIS C 335 -10.53 1.60 -41.26
N ILE C 336 -9.76 2.25 -42.12
CA ILE C 336 -9.85 3.66 -42.35
C ILE C 336 -10.84 3.81 -43.47
N ASN C 337 -12.09 3.64 -43.11
CA ASN C 337 -13.18 3.79 -44.07
C ASN C 337 -14.47 4.22 -43.35
N THR C 338 -15.48 4.57 -44.17
CA THR C 338 -16.79 5.04 -43.68
C THR C 338 -17.65 4.01 -42.91
N GLN C 339 -17.41 2.70 -43.06
CA GLN C 339 -18.21 1.65 -42.35
C GLN C 339 -17.64 1.26 -41.03
N ASP C 340 -16.34 1.36 -40.95
CA ASP C 340 -15.54 0.83 -39.88
C ASP C 340 -15.07 1.93 -38.89
N TYR C 341 -14.67 3.08 -39.43
CA TYR C 341 -14.28 4.26 -38.65
C TYR C 341 -15.54 5.18 -38.27
N THR C 342 -16.49 4.66 -37.53
CA THR C 342 -17.77 5.38 -37.35
C THR C 342 -17.89 6.25 -36.09
N GLN C 343 -16.97 6.14 -35.14
CA GLN C 343 -16.95 6.98 -33.92
C GLN C 343 -15.61 7.72 -33.76
N PRO C 344 -15.30 8.66 -34.68
CA PRO C 344 -14.09 9.43 -34.62
C PRO C 344 -14.01 10.37 -33.44
N GLY C 345 -15.17 10.76 -32.91
CA GLY C 345 -15.27 11.73 -31.84
C GLY C 345 -14.62 12.99 -32.33
N SER C 346 -13.86 13.61 -31.45
CA SER C 346 -13.29 14.91 -31.71
C SER C 346 -11.88 14.76 -32.25
N TYR C 347 -11.34 13.55 -32.26
CA TYR C 347 -9.98 13.33 -32.75
C TYR C 347 -9.84 13.17 -34.26
N GLY C 348 -10.93 12.92 -34.98
CA GLY C 348 -10.82 12.61 -36.43
C GLY C 348 -9.93 11.39 -36.68
N GLY C 349 -8.94 11.56 -37.55
CA GLY C 349 -7.91 10.56 -37.80
C GLY C 349 -8.28 9.52 -38.83
N ARG C 350 -9.32 9.77 -39.63
CA ARG C 350 -9.68 8.83 -40.69
C ARG C 350 -8.82 9.04 -41.91
N VAL C 351 -7.52 8.84 -41.71
CA VAL C 351 -6.47 9.04 -42.74
C VAL C 351 -5.33 8.09 -42.39
N ALA C 352 -4.66 7.56 -43.41
CA ALA C 352 -3.44 6.78 -43.20
C ALA C 352 -2.65 6.59 -44.49
N ALA C 353 -1.34 6.43 -44.34
CA ALA C 353 -0.41 6.26 -45.46
C ALA C 353 0.44 5.03 -45.17
N GLY C 354 1.31 4.65 -46.11
CA GLY C 354 2.09 3.42 -45.98
C GLY C 354 3.25 3.59 -45.04
N ILE C 355 4.37 4.05 -45.61
CA ILE C 355 5.66 4.05 -44.88
C ILE C 355 6.20 5.47 -44.93
N TRP C 356 6.40 6.07 -43.76
CA TRP C 356 6.57 7.50 -43.68
C TRP C 356 7.09 8.05 -42.32
N PRO C 357 7.59 9.29 -42.32
CA PRO C 357 8.03 9.93 -41.06
C PRO C 357 7.16 11.10 -40.60
N TRP C 358 7.06 11.29 -39.29
CA TRP C 358 6.48 12.51 -38.75
C TRP C 358 7.56 13.20 -37.96
N ARG C 359 7.84 14.44 -38.31
CA ARG C 359 8.81 15.30 -37.60
C ARG C 359 10.12 14.62 -37.25
N CYS C 360 10.67 14.01 -38.31
CA CYS C 360 11.99 13.48 -38.29
C CYS C 360 13.00 14.46 -38.93
N LYS C 361 14.27 14.22 -38.68
CA LYS C 361 15.35 14.93 -39.35
C LYS C 361 16.10 13.95 -40.18
N ASP C 362 16.17 14.19 -41.50
CA ASP C 362 16.89 13.36 -42.47
C ASP C 362 16.63 11.83 -42.41
N PRO C 363 15.37 11.42 -42.23
CA PRO C 363 15.14 9.98 -42.31
C PRO C 363 15.43 9.45 -43.71
N VAL C 364 15.95 8.22 -43.77
CA VAL C 364 16.26 7.60 -45.02
C VAL C 364 15.43 6.35 -45.16
N PHE C 365 14.55 6.36 -46.17
CA PHE C 365 13.71 5.25 -46.52
C PHE C 365 14.21 4.62 -47.81
N GLN C 366 14.75 3.41 -47.74
CA GLN C 366 15.36 2.78 -48.91
C GLN C 366 15.09 1.31 -49.13
N TYR C 367 15.02 1.00 -50.42
CA TYR C 367 14.74 -0.34 -50.87
C TYR C 367 13.46 -0.91 -50.23
N ASN C 368 12.43 -0.11 -50.05
CA ASN C 368 11.13 -0.62 -49.54
C ASN C 368 10.16 -0.97 -50.69
N GLU C 369 9.23 -1.86 -50.41
CA GLU C 369 8.10 -2.04 -51.32
C GLU C 369 6.83 -1.65 -50.56
N MET C 370 5.88 -1.03 -51.26
CA MET C 370 4.57 -0.67 -50.69
C MET C 370 3.40 -0.94 -51.66
N TYR C 371 2.52 -1.88 -51.25
CA TYR C 371 1.44 -2.34 -52.11
C TYR C 371 0.06 -1.93 -51.56
N ASN C 372 -0.81 -1.46 -52.44
CA ASN C 372 -2.27 -1.54 -52.25
C ASN C 372 -2.76 -0.92 -50.95
N ASN C 373 -2.37 0.32 -50.69
CA ASN C 373 -2.87 1.05 -49.52
C ASN C 373 -4.30 1.34 -49.81
N LEU C 374 -5.17 1.05 -48.84
CA LEU C 374 -6.60 0.85 -49.07
C LEU C 374 -7.45 2.03 -48.71
N ASN C 375 -8.65 2.02 -49.29
CA ASN C 375 -9.82 2.83 -48.86
C ASN C 375 -9.83 4.34 -49.12
N ALA C 376 -8.97 4.81 -50.05
CA ALA C 376 -9.17 6.16 -50.60
C ALA C 376 -10.55 6.33 -51.27
N GLU C 377 -11.08 5.24 -51.84
CA GLU C 377 -12.40 5.26 -52.46
C GLU C 377 -13.54 5.26 -51.42
N HIS C 378 -13.24 4.94 -50.16
CA HIS C 378 -14.29 4.81 -49.16
C HIS C 378 -13.96 5.57 -47.90
N GLY C 379 -13.24 6.67 -48.03
CA GLY C 379 -13.07 7.62 -46.93
C GLY C 379 -11.72 7.79 -46.30
N ASN C 380 -10.71 7.09 -46.80
CA ASN C 380 -9.35 7.36 -46.34
C ASN C 380 -8.87 8.69 -47.01
N GLY C 381 -8.74 9.73 -46.20
CA GLY C 381 -8.28 11.03 -46.69
C GLY C 381 -6.90 11.04 -47.33
N ASP C 382 -6.08 10.05 -47.01
CA ASP C 382 -4.79 9.90 -47.66
C ASP C 382 -4.79 8.70 -48.61
N GLY C 383 -3.97 7.69 -48.32
CA GLY C 383 -3.92 6.44 -49.10
C GLY C 383 -2.69 6.27 -49.98
N GLN C 384 -1.66 7.08 -49.68
CA GLN C 384 -0.41 7.07 -50.42
C GLN C 384 0.48 5.94 -49.88
N ALA C 385 1.40 5.46 -50.70
CA ALA C 385 2.45 4.58 -50.21
C ALA C 385 3.35 5.33 -49.21
N TRP C 386 3.80 6.49 -49.65
CA TRP C 386 4.87 7.25 -49.02
C TRP C 386 4.30 8.61 -48.70
N ASP C 387 4.79 9.18 -47.62
CA ASP C 387 4.30 10.48 -47.17
C ASP C 387 5.38 11.25 -46.45
N ALA C 388 6.03 12.14 -47.18
CA ALA C 388 6.92 13.15 -46.57
C ALA C 388 6.06 14.16 -45.81
N ASP C 389 5.76 13.84 -44.55
CA ASP C 389 4.89 14.67 -43.72
C ASP C 389 5.68 15.82 -43.11
N TYR C 390 5.02 16.56 -42.21
CA TYR C 390 5.72 17.57 -41.36
C TYR C 390 7.02 16.97 -40.91
N GLY C 391 8.12 17.49 -41.44
CA GLY C 391 9.48 17.14 -41.01
C GLY C 391 10.43 17.76 -42.00
N ASP C 392 11.65 17.24 -42.08
CA ASP C 392 12.77 17.96 -42.71
C ASP C 392 13.85 16.98 -43.15
N GLY C 393 14.04 16.90 -44.47
CA GLY C 393 15.17 16.18 -45.04
C GLY C 393 14.88 14.74 -45.43
N THR C 394 13.60 14.34 -45.38
CA THR C 394 13.18 13.00 -45.73
C THR C 394 13.78 12.57 -47.09
N LEU C 395 14.48 11.45 -47.05
CA LEU C 395 15.06 10.84 -48.21
C LEU C 395 14.33 9.52 -48.47
N TYR C 396 13.79 9.39 -49.68
CA TYR C 396 13.09 8.22 -50.19
C TYR C 396 13.83 7.81 -51.46
N GLN C 397 14.50 6.64 -51.44
CA GLN C 397 15.26 6.14 -52.59
C GLN C 397 15.14 4.66 -52.81
N TYR C 398 15.13 4.27 -54.06
CA TYR C 398 15.14 2.88 -54.46
C TYR C 398 13.84 2.15 -53.99
N ASN C 399 12.73 2.88 -53.77
CA ASN C 399 11.47 2.28 -53.34
C ASN C 399 10.49 1.95 -54.48
N TYR C 400 9.87 0.77 -54.37
CA TYR C 400 8.84 0.35 -55.29
C TYR C 400 7.47 0.56 -54.66
N SER C 401 6.55 1.15 -55.44
CA SER C 401 5.15 1.25 -55.04
C SER C 401 4.24 0.81 -56.18
N TYR C 402 3.21 0.06 -55.80
CA TYR C 402 2.24 -0.47 -56.74
C TYR C 402 0.83 -0.39 -56.20
N GLY C 403 -0.09 0.05 -57.06
CA GLY C 403 -1.54 -0.07 -56.83
C GLY C 403 -2.09 0.57 -55.57
N ASN C 404 -1.40 1.58 -55.04
CA ASN C 404 -1.91 2.34 -53.93
C ASN C 404 -3.12 3.19 -54.34
N SER C 405 -4.04 3.34 -53.39
CA SER C 405 -5.43 3.81 -53.71
C SER C 405 -5.46 5.29 -53.94
N PHE C 406 -4.50 6.01 -53.38
CA PHE C 406 -4.34 7.45 -53.65
C PHE C 406 -2.88 7.83 -53.65
N ALA C 407 -2.27 7.87 -54.84
CA ALA C 407 -0.93 8.40 -55.00
C ALA C 407 0.21 7.53 -54.51
N SER C 408 1.40 7.80 -55.04
CA SER C 408 2.66 7.17 -54.58
C SER C 408 3.20 7.96 -53.36
N LEU C 409 3.47 9.24 -53.59
CA LEU C 409 4.11 10.19 -52.64
C LEU C 409 3.17 11.34 -52.37
N MET C 410 2.91 11.61 -51.10
CA MET C 410 2.45 12.91 -50.63
C MET C 410 3.65 13.72 -50.07
N ILE C 411 3.58 15.02 -50.24
CA ILE C 411 4.35 15.96 -49.43
C ILE C 411 3.25 16.78 -48.73
N CYS C 412 3.07 16.58 -47.42
CA CYS C 412 1.85 17.04 -46.70
C CYS C 412 1.97 18.37 -45.98
N ASN C 413 1.51 19.45 -46.64
CA ASN C 413 1.25 20.75 -46.02
C ASN C 413 2.53 21.54 -45.61
N TRP C 414 2.29 22.76 -45.11
CA TRP C 414 3.30 23.86 -44.90
C TRP C 414 4.66 23.47 -44.31
N TYR C 415 4.68 22.60 -43.29
CA TYR C 415 5.94 22.17 -42.63
C TYR C 415 6.64 20.89 -43.13
N ALA C 416 6.20 20.37 -44.27
CA ALA C 416 6.88 19.25 -44.93
C ALA C 416 7.87 19.89 -45.84
N VAL C 417 9.16 19.85 -45.48
CA VAL C 417 10.18 20.62 -46.21
C VAL C 417 11.37 19.75 -46.59
N ASN C 418 12.04 20.10 -47.67
CA ASN C 418 13.35 19.54 -47.98
C ASN C 418 13.30 18.02 -48.27
N THR C 419 12.38 17.63 -49.14
CA THR C 419 12.23 16.24 -49.46
C THR C 419 13.03 15.85 -50.71
N THR C 420 13.64 14.65 -50.67
CA THR C 420 14.25 14.11 -51.84
C THR C 420 13.50 12.83 -52.12
N PHE C 421 13.06 12.64 -53.35
CA PHE C 421 12.44 11.44 -53.77
C PHE C 421 13.13 11.04 -55.05
N ARG C 422 14.04 10.08 -54.95
CA ARG C 422 14.81 9.67 -56.10
C ARG C 422 14.87 8.19 -56.35
N TYR C 423 15.07 7.86 -57.60
CA TYR C 423 15.35 6.48 -57.96
C TYR C 423 14.29 5.49 -57.44
N ASN C 424 13.04 5.94 -57.37
CA ASN C 424 11.93 5.09 -57.04
C ASN C 424 11.22 4.65 -58.32
N ILE C 425 10.52 3.54 -58.28
CA ILE C 425 9.63 3.12 -59.38
C ILE C 425 8.21 3.10 -58.76
N SER C 426 7.25 3.68 -59.45
CA SER C 426 5.83 3.75 -59.04
C SER C 426 5.01 3.17 -60.20
N GLN C 427 4.34 2.03 -59.95
CA GLN C 427 3.58 1.33 -61.00
C GLN C 427 2.12 1.26 -60.62
N ASN C 428 1.24 1.75 -61.47
CA ASN C 428 -0.21 1.67 -61.25
C ASN C 428 -0.71 2.24 -59.92
N ASP C 429 -0.05 3.29 -59.38
CA ASP C 429 -0.57 4.01 -58.20
C ASP C 429 -1.72 4.87 -58.70
N ARG C 430 -2.77 5.06 -57.90
CA ARG C 430 -4.07 5.57 -58.43
C ARG C 430 -4.39 7.01 -58.05
N GLN C 431 -5.12 7.67 -58.96
CA GLN C 431 -5.58 9.07 -58.83
C GLN C 431 -4.51 10.17 -58.69
N GLY C 432 -3.36 9.98 -59.33
CA GLY C 432 -2.25 10.93 -59.22
C GLY C 432 -1.08 10.17 -58.65
N VAL C 433 0.11 10.50 -59.09
CA VAL C 433 1.30 9.82 -58.59
C VAL C 433 1.94 10.68 -57.49
N PHE C 434 1.88 12.00 -57.66
CA PHE C 434 2.49 12.92 -56.74
C PHE C 434 1.38 13.76 -56.20
N ASP C 435 1.35 13.85 -54.87
CA ASP C 435 0.36 14.59 -54.17
C ASP C 435 1.11 15.72 -53.44
N LEU C 436 0.88 16.94 -53.92
CA LEU C 436 1.56 18.13 -53.42
C LEU C 436 0.56 19.16 -52.85
N PRO C 437 -0.19 18.83 -51.77
CA PRO C 437 -1.10 19.80 -51.17
C PRO C 437 -0.39 20.74 -50.18
N SER C 438 -0.12 21.96 -50.65
CA SER C 438 0.37 23.06 -49.79
C SER C 438 1.66 22.73 -49.07
N ASN C 439 2.51 21.90 -49.68
CA ASN C 439 3.78 21.50 -49.05
C ASN C 439 4.75 22.69 -49.03
N GLY C 440 5.64 22.67 -48.04
CA GLY C 440 6.70 23.61 -47.99
C GLY C 440 7.66 23.43 -49.14
N PRO C 441 8.65 24.34 -49.27
CA PRO C 441 9.72 24.29 -50.29
C PRO C 441 10.81 23.24 -50.06
N GLY C 442 11.74 23.21 -51.01
CA GLY C 442 12.96 22.38 -50.94
C GLY C 442 12.89 20.95 -51.48
N ASN C 443 11.79 20.61 -52.16
CA ASN C 443 11.51 19.24 -52.56
C ASN C 443 12.07 18.95 -53.96
N HIS C 444 12.79 17.83 -54.08
CA HIS C 444 13.53 17.49 -55.30
C HIS C 444 13.11 16.07 -55.68
N ILE C 445 12.65 15.89 -56.93
CA ILE C 445 12.05 14.63 -57.35
C ILE C 445 12.72 14.16 -58.62
N TYR C 446 13.63 13.19 -58.53
CA TYR C 446 14.45 12.89 -59.67
C TYR C 446 14.81 11.45 -59.92
N ASN C 447 15.13 11.21 -61.18
CA ASN C 447 15.44 9.88 -61.63
C ASN C 447 14.41 8.80 -61.20
N ASN C 448 13.13 9.15 -61.14
CA ASN C 448 12.09 8.13 -60.90
C ASN C 448 11.49 7.62 -62.22
N THR C 449 11.04 6.37 -62.24
CA THR C 449 10.34 5.86 -63.43
C THR C 449 8.95 5.70 -62.82
N VAL C 450 7.95 6.42 -63.37
CA VAL C 450 6.53 6.32 -62.98
C VAL C 450 5.67 5.82 -64.16
N TYR C 451 4.93 4.75 -63.91
CA TYR C 451 4.02 4.10 -64.86
C TYR C 451 2.59 4.56 -64.44
N VAL C 452 1.97 5.41 -65.27
CA VAL C 452 0.68 6.05 -65.01
C VAL C 452 -0.46 5.47 -65.91
N ASP C 453 -1.37 4.68 -65.29
CA ASP C 453 -2.53 4.07 -65.98
C ASP C 453 -3.70 5.05 -66.17
N ALA C 454 -4.78 4.56 -66.79
CA ALA C 454 -6.08 5.28 -66.92
C ALA C 454 -6.82 5.72 -65.63
N ASP C 455 -6.52 5.09 -64.50
CA ASP C 455 -7.11 5.44 -63.22
C ASP C 455 -6.24 6.43 -62.46
N SER C 456 -5.35 7.11 -63.18
CA SER C 456 -4.38 7.97 -62.56
C SER C 456 -3.92 9.03 -63.55
N GLN C 457 -2.89 9.76 -63.12
CA GLN C 457 -2.33 10.90 -63.82
C GLN C 457 -1.11 11.27 -62.95
N VAL C 458 -0.37 12.30 -63.33
CA VAL C 458 0.89 12.63 -62.71
C VAL C 458 0.74 13.35 -61.36
N LEU C 459 -0.20 14.29 -61.26
CA LEU C 459 -0.44 15.03 -60.05
C LEU C 459 -1.88 14.79 -59.60
N THR C 460 -2.05 14.59 -58.28
CA THR C 460 -3.38 14.50 -57.66
C THR C 460 -4.08 15.81 -57.99
N LYS C 461 -5.42 15.74 -58.05
CA LYS C 461 -6.28 16.91 -58.36
C LYS C 461 -5.98 18.04 -57.39
N ARG C 462 -5.75 17.70 -56.14
CA ARG C 462 -5.58 18.69 -55.09
C ARG C 462 -4.16 19.24 -54.92
N SER C 463 -3.23 18.88 -55.83
CA SER C 463 -1.85 19.38 -55.78
C SER C 463 -1.79 20.84 -56.21
N ASN C 464 -0.91 21.60 -55.56
CA ASN C 464 -0.77 23.05 -55.82
C ASN C 464 0.59 23.70 -55.41
N SER C 465 1.65 22.91 -55.23
CA SER C 465 2.86 23.39 -54.55
C SER C 465 4.22 22.84 -55.07
N GLN C 466 5.25 23.00 -54.25
CA GLN C 466 6.66 22.95 -54.67
C GLN C 466 7.09 21.57 -55.15
N SER C 467 7.80 21.50 -56.27
CA SER C 467 8.70 20.35 -56.59
C SER C 467 9.64 20.60 -57.77
N LEU C 468 10.84 20.04 -57.70
CA LEU C 468 11.74 20.10 -58.81
C LEU C 468 11.84 18.75 -59.45
N PHE C 469 11.33 18.61 -60.67
CA PHE C 469 11.29 17.33 -61.40
C PHE C 469 12.41 17.29 -62.43
N GLU C 470 13.31 16.34 -62.32
CA GLU C 470 14.49 16.25 -63.18
C GLU C 470 14.78 14.81 -63.46
N ASN C 471 15.11 14.48 -64.69
CA ASN C 471 15.61 13.13 -64.99
C ASN C 471 14.60 12.02 -64.80
N ASN C 472 13.32 12.35 -64.68
CA ASN C 472 12.28 11.29 -64.55
C ASN C 472 11.86 10.78 -65.88
N ILE C 473 11.47 9.52 -65.91
CA ILE C 473 10.75 8.99 -67.06
C ILE C 473 9.29 8.95 -66.67
N PHE C 474 8.47 9.81 -67.29
CA PHE C 474 7.01 9.77 -67.14
C PHE C 474 6.36 8.90 -68.23
N ILE C 475 5.63 7.86 -67.83
CA ILE C 475 4.99 6.94 -68.77
C ILE C 475 3.49 7.04 -68.71
N ASN C 476 2.91 7.53 -69.80
CA ASN C 476 1.49 7.48 -70.02
C ASN C 476 1.26 6.06 -70.56
N ALA C 477 0.72 5.21 -69.68
CA ALA C 477 0.36 3.83 -70.03
C ALA C 477 -1.14 3.79 -70.34
N THR C 478 -1.51 4.47 -71.42
CA THR C 478 -2.87 4.45 -71.97
C THR C 478 -2.66 4.44 -73.49
N ASN C 479 -3.75 4.25 -74.22
CA ASN C 479 -3.68 4.04 -75.66
C ASN C 479 -3.36 5.30 -76.45
N THR C 480 -4.13 6.35 -76.20
CA THR C 480 -3.92 7.64 -76.90
C THR C 480 -2.70 8.40 -76.37
N LYS C 481 -2.18 9.32 -77.20
CA LYS C 481 -1.22 10.30 -76.73
C LYS C 481 -1.98 11.31 -75.85
N LYS C 482 -1.76 11.22 -74.55
CA LYS C 482 -2.50 11.97 -73.56
C LYS C 482 -1.99 13.42 -73.44
N THR C 483 -2.95 14.35 -73.40
CA THR C 483 -2.73 15.72 -73.07
C THR C 483 -2.87 15.82 -71.56
N GLU C 484 -1.73 15.82 -70.87
CA GLU C 484 -1.68 15.74 -69.40
C GLU C 484 -1.68 17.12 -68.72
N THR C 485 -2.18 17.18 -67.51
CA THR C 485 -2.04 18.40 -66.72
C THR C 485 -0.75 18.34 -65.87
N TRP C 486 0.27 19.02 -66.40
CA TRP C 486 1.63 19.02 -65.84
C TRP C 486 1.87 20.01 -64.73
N ASN C 487 0.97 21.00 -64.62
CA ASN C 487 0.99 21.98 -63.53
C ASN C 487 -0.35 22.22 -62.96
N ARG C 488 -0.41 22.21 -61.62
CA ARG C 488 -1.53 22.72 -60.87
C ARG C 488 -0.94 23.67 -59.84
N GLY C 489 -1.63 24.81 -59.65
CA GLY C 489 -1.24 25.84 -58.67
C GLY C 489 0.16 26.42 -58.87
N SER C 490 0.57 27.19 -57.87
CA SER C 490 1.94 27.71 -57.77
C SER C 490 2.34 28.13 -56.34
N GLN C 491 1.80 27.46 -55.33
CA GLN C 491 2.14 27.76 -53.94
C GLN C 491 3.60 27.38 -53.75
N ASN C 492 4.31 28.24 -53.02
CA ASN C 492 5.75 28.30 -53.11
C ASN C 492 6.08 28.22 -54.63
N GLY C 493 7.03 27.43 -55.09
CA GLY C 493 7.30 27.46 -56.56
C GLY C 493 6.22 26.92 -57.52
N GLY C 494 5.34 26.04 -57.04
CA GLY C 494 4.60 25.12 -57.94
C GLY C 494 5.59 24.12 -58.52
N GLN C 495 5.29 23.53 -59.66
CA GLN C 495 6.07 22.40 -60.17
C GLN C 495 6.99 22.83 -61.33
N THR C 496 8.28 22.67 -61.17
CA THR C 496 9.25 23.05 -62.18
C THR C 496 9.83 21.76 -62.72
N TYR C 497 10.07 21.71 -64.03
CA TYR C 497 10.55 20.53 -64.69
C TYR C 497 11.73 20.91 -65.55
N ASP C 498 12.76 20.06 -65.55
CA ASP C 498 13.83 20.20 -66.47
C ASP C 498 14.51 18.87 -66.69
N ASN C 499 14.74 18.52 -67.93
CA ASN C 499 15.48 17.32 -68.33
C ASN C 499 14.74 15.99 -68.02
N ASN C 500 13.41 15.95 -68.16
CA ASN C 500 12.65 14.67 -67.96
C ASN C 500 12.31 14.00 -69.28
N MET C 501 11.86 12.76 -69.22
CA MET C 501 11.47 12.03 -70.42
C MET C 501 10.00 11.82 -70.33
N TYR C 502 9.32 12.07 -71.45
CA TYR C 502 7.86 12.11 -71.55
C TYR C 502 7.46 11.07 -72.58
N VAL C 503 6.88 9.95 -72.11
CA VAL C 503 6.67 8.77 -72.97
C VAL C 503 5.22 8.62 -73.30
N ASN C 504 4.92 8.63 -74.60
CA ASN C 504 3.56 8.58 -75.13
C ASN C 504 2.63 9.69 -74.64
N TYR C 505 3.14 10.89 -74.44
CA TYR C 505 2.30 12.07 -74.17
C TYR C 505 2.16 12.96 -75.42
N ALA C 506 1.13 13.83 -75.39
CA ALA C 506 0.88 14.82 -76.48
C ALA C 506 1.52 16.17 -76.19
N ASN C 507 1.67 16.50 -74.91
CA ASN C 507 2.30 17.73 -74.49
C ASN C 507 3.50 17.45 -73.56
N LYS C 508 4.03 18.51 -72.99
CA LYS C 508 5.12 18.47 -72.04
C LYS C 508 4.90 19.64 -71.08
N PRO C 509 5.52 19.60 -69.87
CA PRO C 509 5.37 20.79 -68.99
C PRO C 509 6.02 21.99 -69.68
N THR C 510 5.37 23.13 -69.54
CA THR C 510 5.85 24.30 -70.23
C THR C 510 7.33 24.57 -69.75
N SER C 511 7.65 24.32 -68.47
CA SER C 511 8.94 24.71 -67.87
C SER C 511 10.16 23.90 -68.29
N ASP C 512 9.94 22.75 -68.94
CA ASP C 512 11.02 21.85 -69.31
C ASP C 512 11.49 22.15 -70.73
N ALA C 513 12.60 22.89 -70.76
CA ALA C 513 13.30 23.27 -71.98
C ALA C 513 14.19 22.17 -72.56
N ASN C 514 14.41 21.11 -71.78
CA ASN C 514 15.29 20.02 -72.22
C ASN C 514 14.54 18.72 -72.24
N ALA C 515 13.29 18.79 -72.69
CA ALA C 515 12.35 17.69 -72.61
C ALA C 515 12.91 16.65 -73.52
N ILE C 516 12.83 15.40 -73.12
CA ILE C 516 13.05 14.29 -74.04
C ILE C 516 11.65 13.72 -74.24
N GLU C 517 11.33 13.35 -75.47
CA GLU C 517 10.04 12.82 -75.80
C GLU C 517 10.21 11.51 -76.54
N ALA C 518 9.43 10.49 -76.16
CA ALA C 518 9.33 9.29 -77.00
C ALA C 518 7.89 8.95 -77.19
N ASP C 519 7.58 8.34 -78.33
CA ASP C 519 6.23 7.94 -78.71
C ASP C 519 5.81 6.55 -78.11
N ASP C 520 6.77 5.72 -77.74
CA ASP C 520 6.58 4.30 -77.51
C ASP C 520 7.59 3.74 -76.50
N VAL C 521 7.07 3.32 -75.36
CA VAL C 521 7.86 2.91 -74.20
C VAL C 521 8.70 1.63 -74.42
N SER C 522 8.30 0.81 -75.39
CA SER C 522 9.03 -0.41 -75.71
C SER C 522 10.31 -0.14 -76.52
N ALA C 523 10.57 1.08 -76.99
CA ALA C 523 11.91 1.44 -77.51
C ALA C 523 12.74 2.17 -76.44
N VAL C 524 12.15 2.36 -75.28
CA VAL C 524 12.80 3.06 -74.18
C VAL C 524 13.20 2.08 -73.04
N LEU C 525 12.28 1.22 -72.61
CA LEU C 525 12.48 0.25 -71.52
C LEU C 525 12.13 -1.16 -71.92
N ALA C 526 12.72 -2.16 -71.25
CA ALA C 526 12.57 -3.56 -71.69
C ALA C 526 11.13 -4.09 -71.61
N GLY C 527 10.46 -3.74 -70.50
CA GLY C 527 9.09 -4.22 -70.22
C GLY C 527 8.43 -3.38 -69.13
N ALA C 528 8.16 -2.13 -69.43
CA ALA C 528 7.49 -1.26 -68.46
C ALA C 528 6.14 -1.88 -68.03
N GLY C 529 5.85 -1.84 -66.74
CA GLY C 529 4.55 -2.28 -66.24
C GLY C 529 4.57 -3.66 -65.63
N SER C 530 5.68 -4.37 -65.80
CA SER C 530 5.83 -5.74 -65.40
C SER C 530 6.45 -5.94 -64.02
N ALA C 531 6.60 -4.92 -63.20
CA ALA C 531 7.07 -5.16 -61.81
C ALA C 531 5.94 -5.82 -61.00
N PRO C 532 6.20 -6.23 -59.76
CA PRO C 532 5.12 -7.03 -59.10
C PRO C 532 3.80 -6.26 -58.76
N THR C 533 2.71 -7.01 -58.66
CA THR C 533 1.38 -6.47 -58.28
C THR C 533 1.02 -6.79 -56.86
N SER C 534 1.88 -7.56 -56.22
CA SER C 534 1.62 -8.06 -54.91
C SER C 534 2.95 -8.33 -54.26
N ALA C 535 2.98 -8.18 -52.93
CA ALA C 535 4.08 -8.62 -52.09
C ALA C 535 4.30 -10.09 -52.27
N LEU C 536 5.54 -10.54 -52.15
CA LEU C 536 5.77 -11.97 -52.13
C LEU C 536 4.95 -12.62 -51.02
N LYS C 537 4.54 -13.85 -51.25
CA LYS C 537 3.82 -14.63 -50.23
C LYS C 537 4.50 -14.54 -48.84
N SER C 538 5.80 -14.75 -48.77
CA SER C 538 6.49 -14.81 -47.46
C SER C 538 6.68 -13.43 -46.81
N GLY C 539 6.30 -12.34 -47.53
CA GLY C 539 6.57 -10.95 -47.15
C GLY C 539 7.99 -10.40 -47.32
N ALA C 540 8.90 -11.22 -47.81
CA ALA C 540 10.28 -10.76 -48.13
C ALA C 540 10.19 -9.78 -49.32
N GLU C 541 11.13 -8.86 -49.43
CA GLU C 541 11.21 -8.06 -50.64
C GLU C 541 11.50 -8.97 -51.88
N HIS C 542 11.18 -8.45 -53.05
CA HIS C 542 11.51 -9.16 -54.29
C HIS C 542 13.00 -9.10 -54.59
N ALA C 543 13.48 -10.01 -55.42
CA ALA C 543 14.86 -9.93 -55.93
C ALA C 543 14.95 -8.80 -56.95
N ARG C 544 16.02 -8.04 -56.87
CA ARG C 544 16.38 -7.08 -57.92
C ARG C 544 17.58 -7.54 -58.82
N THR C 545 18.12 -8.73 -58.50
CA THR C 545 19.22 -9.39 -59.22
C THR C 545 18.96 -10.91 -59.40
N GLY C 546 19.64 -11.51 -60.37
CA GLY C 546 19.59 -12.96 -60.59
C GLY C 546 18.37 -13.43 -61.34
N GLU C 547 18.11 -14.73 -61.32
CA GLU C 547 17.02 -15.27 -62.14
C GLU C 547 15.65 -14.78 -61.63
N LYS C 548 15.54 -14.48 -60.34
CA LYS C 548 14.28 -13.96 -59.77
C LYS C 548 14.18 -12.44 -59.78
N ALA C 549 15.14 -11.75 -60.40
CA ALA C 549 15.07 -10.29 -60.51
C ALA C 549 13.68 -9.92 -61.01
N ALA C 550 13.00 -9.01 -60.32
CA ALA C 550 11.58 -8.68 -60.62
C ALA C 550 11.31 -7.33 -61.28
N PHE C 551 12.33 -6.48 -61.42
CA PHE C 551 12.18 -5.13 -61.97
C PHE C 551 13.00 -4.93 -63.24
N ASP C 552 13.34 -6.02 -63.91
CA ASP C 552 14.22 -5.98 -65.13
C ASP C 552 13.53 -5.30 -66.30
N GLY C 553 12.20 -5.23 -66.28
CA GLY C 553 11.47 -4.46 -67.27
C GLY C 553 11.58 -2.95 -67.22
N TYR C 554 12.25 -2.42 -66.21
CA TYR C 554 12.53 -0.97 -66.09
C TYR C 554 13.95 -0.49 -66.53
N ARG C 555 14.79 -1.47 -66.83
CA ARG C 555 16.04 -1.34 -67.58
C ARG C 555 15.82 -0.76 -68.97
N PRO C 556 16.57 0.32 -69.32
CA PRO C 556 16.76 0.82 -70.68
C PRO C 556 17.16 -0.26 -71.70
N VAL C 557 16.46 -0.35 -72.83
CA VAL C 557 16.86 -1.22 -73.96
C VAL C 557 17.97 -0.55 -74.75
N ALA C 558 18.63 -1.33 -75.63
CA ALA C 558 19.68 -0.81 -76.53
C ALA C 558 19.12 0.28 -77.45
N GLY C 559 19.83 1.41 -77.55
CA GLY C 559 19.35 2.57 -78.34
C GLY C 559 18.38 3.53 -77.67
N SER C 560 17.82 3.13 -76.50
CA SER C 560 16.93 3.94 -75.65
C SER C 560 17.40 5.36 -75.39
N LYS C 561 16.49 6.31 -75.59
CA LYS C 561 16.71 7.74 -75.32
C LYS C 561 16.90 8.10 -73.82
N ALA C 562 16.60 7.14 -72.95
CA ALA C 562 16.99 7.20 -71.53
C ALA C 562 18.52 7.19 -71.29
N ILE C 563 19.26 6.50 -72.16
CA ILE C 563 20.68 6.18 -71.98
C ILE C 563 21.50 7.47 -72.09
N ASN C 564 22.26 7.81 -71.04
CA ASN C 564 23.12 9.04 -70.92
C ASN C 564 22.49 10.42 -71.17
N ALA C 565 21.16 10.47 -71.19
CA ALA C 565 20.44 11.69 -71.51
C ALA C 565 20.13 12.50 -70.29
N GLY C 566 20.52 11.98 -69.11
CA GLY C 566 20.26 12.63 -67.82
C GLY C 566 21.34 13.63 -67.45
N LYS C 567 20.92 14.68 -66.76
CA LYS C 567 21.82 15.73 -66.32
C LYS C 567 22.45 15.30 -65.02
N VAL C 568 23.62 15.86 -64.67
CA VAL C 568 24.26 15.59 -63.38
C VAL C 568 23.42 16.41 -62.40
N VAL C 569 22.82 15.71 -61.45
CA VAL C 569 21.86 16.30 -60.53
C VAL C 569 22.61 16.97 -59.38
N SER C 570 22.14 18.16 -59.01
CA SER C 570 22.59 18.82 -57.77
C SER C 570 21.53 18.80 -56.64
N ASP C 571 21.62 17.80 -55.76
CA ASP C 571 20.51 17.46 -54.82
C ASP C 571 20.25 18.57 -53.81
N LEU C 572 19.00 19.02 -53.65
CA LEU C 572 18.66 20.30 -52.93
C LEU C 572 18.87 20.21 -51.42
N ASN C 573 19.14 18.98 -50.96
CA ASN C 573 19.20 18.57 -49.56
C ASN C 573 20.53 17.85 -49.25
N ASP C 574 21.53 17.97 -50.13
CA ASP C 574 22.94 17.57 -49.86
C ASP C 574 23.31 16.06 -49.94
N TYR C 575 22.44 15.27 -50.57
CA TYR C 575 22.55 13.84 -50.59
C TYR C 575 23.21 13.46 -51.91
N ALA C 576 24.44 12.99 -51.83
CA ALA C 576 25.21 12.61 -52.98
C ALA C 576 24.50 11.47 -53.67
N VAL C 577 24.49 11.53 -54.99
CA VAL C 577 23.95 10.48 -55.84
C VAL C 577 25.00 9.38 -55.80
N GLU C 578 24.62 8.20 -55.30
CA GLU C 578 25.52 7.03 -55.18
C GLU C 578 25.15 5.93 -56.18
N ASN C 579 23.86 5.60 -56.33
CA ASN C 579 23.46 4.45 -57.16
C ASN C 579 22.00 4.53 -57.66
N ASP C 580 21.59 3.52 -58.44
CA ASP C 580 20.25 3.52 -59.04
C ASP C 580 19.36 2.52 -58.28
N PHE C 581 18.13 2.32 -58.75
CA PHE C 581 17.11 1.47 -58.08
C PHE C 581 17.60 0.05 -57.95
N LEU C 582 18.31 -0.43 -58.96
CA LEU C 582 18.93 -1.75 -58.91
C LEU C 582 20.25 -1.84 -58.08
N GLY C 583 20.70 -0.76 -57.44
CA GLY C 583 22.02 -0.71 -56.78
C GLY C 583 23.29 -0.66 -57.67
N ASN C 584 23.13 -0.53 -59.00
CA ASN C 584 24.23 -0.14 -59.94
C ASN C 584 24.76 1.26 -59.59
N ALA C 585 26.07 1.41 -59.53
CA ALA C 585 26.68 2.77 -59.48
C ALA C 585 26.23 3.68 -60.65
N VAL C 586 26.14 4.97 -60.37
CA VAL C 586 25.77 5.99 -61.34
C VAL C 586 27.06 6.74 -61.63
N LYS C 587 27.70 6.37 -62.73
CA LYS C 587 29.03 6.89 -63.07
C LYS C 587 29.00 8.32 -63.62
N GLY C 588 29.01 8.48 -64.94
CA GLY C 588 29.21 9.80 -65.55
C GLY C 588 27.92 10.59 -65.71
N ARG C 589 27.45 10.65 -66.94
CA ARG C 589 26.18 11.26 -67.26
C ARG C 589 25.10 10.26 -66.81
N PRO C 590 24.31 10.57 -65.75
CA PRO C 590 23.21 9.64 -65.39
C PRO C 590 22.26 9.28 -66.54
N ASP C 591 21.79 8.04 -66.52
CA ASP C 591 20.65 7.65 -67.35
C ASP C 591 19.39 8.36 -66.80
N LEU C 592 18.42 8.61 -67.67
CA LEU C 592 17.08 9.02 -67.23
C LEU C 592 16.34 7.88 -66.48
N GLY C 593 15.48 8.27 -65.54
CA GLY C 593 14.64 7.35 -64.78
C GLY C 593 15.40 6.63 -63.69
N ALA C 594 14.88 5.49 -63.30
CA ALA C 594 15.32 4.79 -62.09
C ALA C 594 16.40 3.78 -62.29
N VAL C 595 16.64 3.37 -63.54
CA VAL C 595 17.54 2.25 -63.85
C VAL C 595 18.56 2.57 -64.93
N GLU C 596 19.83 2.35 -64.58
CA GLU C 596 20.98 2.49 -65.48
C GLU C 596 21.06 1.30 -66.44
N ALA C 597 21.67 1.49 -67.61
CA ALA C 597 21.90 0.37 -68.57
C ALA C 597 23.00 -0.62 -68.10
N ALA C 598 22.83 -1.91 -68.45
CA ALA C 598 23.64 -3.04 -67.90
C ALA C 598 25.14 -2.96 -68.22
N SER D 16 46.56 -72.94 0.76
CA SER D 16 45.25 -72.23 0.78
C SER D 16 44.19 -72.97 -0.06
N GLY D 17 42.93 -72.92 0.39
CA GLY D 17 41.75 -73.33 -0.42
C GLY D 17 41.05 -74.66 -0.09
N THR D 18 39.75 -74.61 0.21
CA THR D 18 38.94 -75.83 0.42
C THR D 18 37.94 -76.06 -0.70
N THR D 19 37.91 -77.28 -1.23
CA THR D 19 36.83 -77.71 -2.11
C THR D 19 35.75 -78.55 -1.38
N TYR D 20 34.56 -77.95 -1.28
CA TYR D 20 33.35 -78.63 -0.90
C TYR D 20 32.71 -79.23 -2.13
N TYR D 21 32.16 -80.43 -2.00
CA TYR D 21 31.47 -81.14 -3.10
C TYR D 21 29.99 -81.29 -2.74
N VAL D 22 29.11 -81.33 -3.73
CA VAL D 22 27.68 -81.52 -3.49
C VAL D 22 27.08 -82.33 -4.62
N SER D 23 26.19 -83.28 -4.28
CA SER D 23 25.58 -84.19 -5.28
C SER D 23 24.03 -84.23 -5.40
N SER D 24 23.28 -84.69 -4.41
CA SER D 24 21.82 -84.91 -4.60
C SER D 24 21.52 -86.07 -5.57
N ALA D 25 21.64 -87.28 -5.05
CA ALA D 25 21.76 -88.54 -5.81
C ALA D 25 22.88 -89.37 -5.14
N HIS D 26 23.84 -88.71 -4.48
CA HIS D 26 24.70 -89.39 -3.50
C HIS D 26 24.68 -88.49 -2.26
N GLY D 27 25.66 -87.61 -2.13
CA GLY D 27 25.49 -86.49 -1.23
C GLY D 27 25.48 -86.69 0.27
N ASP D 28 24.30 -86.96 0.83
CA ASP D 28 24.00 -86.81 2.30
C ASP D 28 24.62 -85.57 3.05
N ASP D 29 23.77 -84.75 3.68
CA ASP D 29 24.25 -83.52 4.36
C ASP D 29 25.09 -83.74 5.64
N ALA D 30 24.95 -84.91 6.27
CA ALA D 30 25.76 -85.25 7.45
C ALA D 30 27.23 -85.50 7.09
N ASN D 31 27.53 -85.75 5.80
CA ASN D 31 28.93 -85.83 5.29
C ASN D 31 29.85 -84.63 5.62
N ALA D 32 31.15 -84.81 5.42
CA ALA D 32 32.15 -83.75 5.65
C ALA D 32 32.07 -82.69 4.57
N GLY D 33 31.59 -83.07 3.38
CA GLY D 33 31.43 -82.15 2.25
C GLY D 33 32.69 -81.94 1.44
N THR D 34 33.81 -81.83 2.15
CA THR D 34 35.15 -81.99 1.59
C THR D 34 35.23 -83.44 1.11
N SER D 35 35.76 -83.66 -0.10
CA SER D 35 35.95 -85.03 -0.75
C SER D 35 34.83 -85.52 -1.71
N GLU D 36 35.25 -85.89 -2.93
CA GLU D 36 34.38 -86.41 -4.01
C GLU D 36 33.60 -87.68 -3.63
N ASN D 37 34.23 -88.51 -2.81
CA ASN D 37 33.61 -89.70 -2.20
C ASN D 37 32.44 -89.37 -1.24
N ALA D 38 32.61 -88.30 -0.46
CA ALA D 38 31.75 -87.94 0.70
C ALA D 38 31.15 -86.52 0.58
N PRO D 39 30.19 -86.34 -0.37
CA PRO D 39 29.98 -85.01 -0.92
C PRO D 39 28.58 -84.38 -0.77
N TRP D 40 28.24 -83.78 0.38
CA TRP D 40 26.90 -83.10 0.65
C TRP D 40 25.70 -83.32 -0.30
N LYS D 41 24.46 -83.19 0.20
CA LYS D 41 23.23 -83.48 -0.62
C LYS D 41 22.50 -82.25 -1.23
N SER D 42 22.45 -81.15 -0.46
CA SER D 42 21.59 -80.00 -0.73
C SER D 42 22.39 -78.70 -0.55
N LEU D 43 21.76 -77.56 -0.87
CA LEU D 43 22.42 -76.24 -0.77
C LEU D 43 22.31 -75.56 0.59
N THR D 44 21.70 -76.26 1.55
CA THR D 44 21.59 -75.83 2.96
C THR D 44 22.94 -75.56 3.61
N LYS D 45 23.84 -76.51 3.52
CA LYS D 45 25.15 -76.39 4.17
C LYS D 45 26.07 -75.46 3.37
N VAL D 46 25.78 -75.31 2.08
CA VAL D 46 26.52 -74.38 1.21
C VAL D 46 26.27 -72.96 1.70
N ASN D 47 25.00 -72.63 1.79
CA ASN D 47 24.54 -71.35 2.37
C ASN D 47 25.09 -71.01 3.76
N ASP D 48 25.05 -71.97 4.68
CA ASP D 48 25.69 -71.84 6.00
C ASP D 48 27.15 -71.33 5.92
N ILE D 49 27.92 -71.84 4.95
CA ILE D 49 29.38 -71.57 4.84
C ILE D 49 29.76 -70.49 3.79
N ALA D 50 28.80 -70.13 2.92
CA ALA D 50 29.09 -69.30 1.75
C ALA D 50 29.59 -67.90 2.06
N SER D 51 29.06 -67.24 3.10
CA SER D 51 29.62 -65.95 3.57
C SER D 51 30.98 -66.06 4.27
N ASP D 52 31.52 -67.28 4.44
CA ASP D 52 32.87 -67.52 5.00
C ASP D 52 33.95 -67.93 3.96
N LEU D 53 33.56 -68.35 2.74
CA LEU D 53 34.53 -68.53 1.64
C LEU D 53 35.18 -67.15 1.41
N GLY D 54 36.49 -66.96 1.23
CA GLY D 54 37.54 -67.92 1.04
C GLY D 54 38.33 -67.76 -0.27
N PRO D 55 39.41 -66.93 -0.31
CA PRO D 55 40.36 -67.02 -1.41
C PRO D 55 40.82 -68.47 -1.66
N GLY D 56 40.67 -68.93 -2.90
CA GLY D 56 40.97 -70.30 -3.26
C GLY D 56 39.94 -71.33 -2.85
N ASP D 57 38.81 -70.92 -2.27
CA ASP D 57 37.76 -71.87 -1.90
C ASP D 57 36.93 -72.25 -3.13
N SER D 58 36.18 -73.33 -3.01
CA SER D 58 35.33 -73.81 -4.09
C SER D 58 34.17 -74.69 -3.60
N VAL D 59 33.09 -74.65 -4.36
CA VAL D 59 31.89 -75.43 -4.13
C VAL D 59 31.55 -76.02 -5.51
N LEU D 60 31.67 -77.33 -5.64
CA LEU D 60 31.43 -78.00 -6.89
C LEU D 60 30.15 -78.77 -6.77
N LEU D 61 29.26 -78.65 -7.74
CA LEU D 61 27.97 -79.33 -7.70
C LEU D 61 28.02 -80.41 -8.77
N GLU D 62 27.60 -81.63 -8.46
CA GLU D 62 27.83 -82.72 -9.41
C GLU D 62 26.97 -82.58 -10.69
N TYR D 63 27.60 -82.67 -11.87
CA TYR D 63 26.86 -82.77 -13.15
C TYR D 63 25.75 -83.80 -13.02
N GLY D 64 24.56 -83.49 -13.48
CA GLY D 64 23.40 -84.37 -13.24
C GLY D 64 22.53 -84.00 -12.06
N SER D 65 23.07 -83.26 -11.09
CA SER D 65 22.32 -82.86 -9.89
C SER D 65 21.09 -82.01 -10.24
N GLU D 66 20.13 -82.04 -9.32
CA GLU D 66 18.87 -81.28 -9.44
C GLU D 66 18.44 -80.76 -8.08
N PHE D 67 18.87 -79.55 -7.73
CA PHE D 67 18.52 -78.96 -6.43
C PHE D 67 17.15 -78.20 -6.43
N ASN D 68 16.05 -78.95 -6.39
CA ASN D 68 14.70 -78.34 -6.33
C ASN D 68 14.35 -77.58 -5.03
N ASP D 69 13.64 -76.49 -5.19
CA ASP D 69 13.32 -75.52 -4.15
C ASP D 69 14.55 -75.06 -3.38
N GLN D 70 15.59 -74.73 -4.14
CA GLN D 70 16.88 -74.41 -3.55
C GLN D 70 17.50 -73.23 -4.30
N TYR D 71 18.52 -72.65 -3.67
CA TYR D 71 19.06 -71.33 -4.02
C TYR D 71 20.39 -71.16 -3.37
N LEU D 72 21.23 -70.32 -3.95
CA LEU D 72 22.57 -70.05 -3.40
C LEU D 72 22.75 -68.54 -3.20
N HIS D 73 22.79 -68.12 -1.94
CA HIS D 73 22.92 -66.74 -1.54
C HIS D 73 24.26 -66.57 -0.91
N ILE D 74 25.01 -65.61 -1.39
CA ILE D 74 26.34 -65.40 -0.89
C ILE D 74 26.54 -63.92 -0.69
N LYS D 75 27.01 -63.56 0.51
CA LYS D 75 26.98 -62.18 0.98
C LYS D 75 28.29 -61.81 1.68
N ASP D 76 28.88 -60.67 1.33
CA ASP D 76 29.90 -59.98 2.18
C ASP D 76 31.21 -60.76 2.35
N THR D 77 31.70 -61.26 1.23
CA THR D 77 32.95 -62.00 1.18
C THR D 77 33.74 -61.70 -0.10
N ALA D 78 34.89 -62.35 -0.24
CA ALA D 78 35.75 -62.16 -1.42
C ALA D 78 36.89 -63.17 -1.55
N GLY D 79 37.20 -63.54 -2.79
CA GLY D 79 38.51 -64.10 -3.14
C GLY D 79 39.61 -63.03 -3.18
N ASN D 80 40.71 -63.31 -3.86
CA ASN D 80 41.67 -62.26 -4.23
C ASN D 80 42.13 -62.52 -5.64
N ALA D 81 42.98 -61.65 -6.18
CA ALA D 81 43.53 -61.77 -7.56
C ALA D 81 44.01 -63.18 -8.00
N ASP D 82 45.01 -63.71 -7.28
CA ASP D 82 45.58 -65.06 -7.56
C ASP D 82 44.75 -66.26 -7.10
N ALA D 83 43.62 -66.03 -6.42
CA ALA D 83 42.78 -67.11 -5.98
C ALA D 83 41.34 -66.62 -5.76
N PRO D 84 40.46 -66.77 -6.78
CA PRO D 84 39.04 -66.41 -6.62
C PRO D 84 38.29 -67.41 -5.77
N ILE D 85 37.02 -67.12 -5.46
CA ILE D 85 36.06 -68.12 -4.98
C ILE D 85 35.54 -68.78 -6.28
N THR D 86 35.21 -70.05 -6.23
CA THR D 86 34.71 -70.76 -7.42
C THR D 86 33.47 -71.62 -7.10
N ILE D 87 32.34 -71.31 -7.72
CA ILE D 87 31.14 -72.12 -7.64
C ILE D 87 31.01 -72.73 -9.04
N SER D 88 31.15 -74.06 -9.15
CA SER D 88 31.09 -74.71 -10.45
C SER D 88 30.58 -76.14 -10.35
N ALA D 89 30.64 -76.89 -11.45
CA ALA D 89 30.24 -78.31 -11.48
C ALA D 89 31.43 -79.29 -11.32
N TYR D 90 31.11 -80.58 -11.10
CA TYR D 90 32.13 -81.65 -11.22
C TYR D 90 31.52 -82.95 -11.69
N GLY D 91 32.36 -83.79 -12.30
CA GLY D 91 31.96 -85.11 -12.75
C GLY D 91 31.86 -85.17 -14.25
N ASP D 92 30.89 -85.92 -14.75
CA ASP D 92 30.83 -86.22 -16.17
C ASP D 92 29.91 -85.23 -16.85
N ALA D 93 30.50 -84.25 -17.52
CA ALA D 93 29.77 -83.22 -18.24
C ALA D 93 28.52 -83.71 -18.97
N ASP D 94 28.54 -84.93 -19.49
CA ASP D 94 27.41 -85.42 -20.29
C ASP D 94 26.12 -85.74 -19.47
N GLU D 95 26.21 -85.71 -18.14
CA GLU D 95 25.02 -85.88 -17.30
C GLU D 95 24.02 -84.70 -17.32
N GLY D 96 24.52 -83.54 -17.77
CA GLY D 96 23.80 -82.26 -17.77
C GLY D 96 24.45 -81.29 -16.79
N LYS D 97 24.25 -79.99 -16.99
CA LYS D 97 24.66 -79.01 -15.97
C LYS D 97 23.87 -79.27 -14.67
N PRO D 98 24.49 -79.03 -13.51
CA PRO D 98 23.71 -79.17 -12.28
C PRO D 98 22.69 -78.07 -12.23
N VAL D 99 21.41 -78.44 -12.11
CA VAL D 99 20.30 -77.51 -12.10
C VAL D 99 20.05 -76.91 -10.70
N ILE D 100 19.97 -75.58 -10.62
CA ILE D 100 19.48 -74.90 -9.40
C ILE D 100 18.10 -74.30 -9.69
N ALA D 101 17.04 -74.87 -9.12
CA ALA D 101 15.67 -74.40 -9.35
C ALA D 101 15.05 -73.95 -8.00
N SER D 102 15.03 -72.64 -7.81
CA SER D 102 14.46 -72.01 -6.64
C SER D 102 12.93 -72.03 -6.61
N ASN D 103 12.26 -72.14 -7.77
CA ASN D 103 10.77 -72.07 -7.86
C ASN D 103 10.03 -70.96 -7.01
N GLY D 104 10.71 -69.87 -6.75
CA GLY D 104 10.12 -68.71 -6.11
C GLY D 104 9.97 -68.85 -4.59
N VAL D 105 10.67 -69.81 -3.98
CA VAL D 105 10.41 -70.16 -2.58
C VAL D 105 10.89 -69.10 -1.59
N LYS D 106 10.22 -69.10 -0.44
CA LYS D 106 10.42 -68.11 0.61
C LYS D 106 11.89 -67.90 0.89
N GLY D 107 12.63 -68.98 1.07
CA GLY D 107 14.08 -68.90 1.33
C GLY D 107 14.93 -68.21 0.25
N SER D 108 14.44 -68.15 -0.99
CA SER D 108 15.14 -67.51 -2.10
C SER D 108 14.94 -66.00 -2.09
N GLN D 109 13.91 -65.56 -1.37
CA GLN D 109 13.43 -64.18 -1.39
C GLN D 109 14.31 -63.29 -0.52
N TRP D 110 14.56 -62.06 -0.99
CA TRP D 110 15.31 -61.05 -0.20
C TRP D 110 14.67 -59.67 -0.43
N GLU D 111 15.06 -58.71 0.43
CA GLU D 111 14.47 -57.36 0.40
C GLU D 111 15.38 -56.40 -0.34
N GLN D 112 14.98 -56.05 -1.57
CA GLN D 112 15.71 -55.11 -2.40
C GLN D 112 15.28 -53.68 -2.04
N ASP D 113 16.25 -52.78 -1.89
CA ASP D 113 15.95 -51.39 -1.60
C ASP D 113 17.04 -50.52 -2.14
N TYR D 114 16.70 -49.67 -3.11
CA TYR D 114 17.71 -48.77 -3.63
C TYR D 114 18.09 -47.69 -2.66
N ARG D 115 17.18 -47.33 -1.75
CA ARG D 115 17.41 -46.24 -0.79
C ARG D 115 17.73 -44.92 -1.48
N ALA D 116 17.10 -44.75 -2.62
CA ALA D 116 17.19 -43.55 -3.41
C ALA D 116 16.13 -43.59 -4.53
N ASN D 117 15.74 -42.44 -5.05
CA ASN D 117 14.84 -42.38 -6.21
C ASN D 117 15.70 -42.69 -7.43
N VAL D 118 15.26 -43.65 -8.21
CA VAL D 118 15.92 -44.08 -9.46
C VAL D 118 14.94 -44.05 -10.60
N GLY D 119 14.12 -43.00 -10.59
CA GLY D 119 13.17 -42.76 -11.63
C GLY D 119 11.80 -43.32 -11.34
N ASN D 120 11.02 -43.36 -12.40
CA ASN D 120 9.62 -43.67 -12.36
C ASN D 120 9.38 -45.18 -12.48
N HIS D 121 9.73 -45.87 -11.39
CA HIS D 121 9.83 -47.32 -11.33
C HIS D 121 9.79 -47.79 -9.87
N LYS D 122 9.31 -49.01 -9.67
CA LYS D 122 9.45 -49.66 -8.41
C LYS D 122 10.90 -49.77 -8.02
N ASN D 123 11.24 -49.34 -6.80
CA ASN D 123 12.62 -49.38 -6.37
C ASN D 123 12.77 -50.09 -5.02
N LYS D 124 11.73 -50.80 -4.60
CA LYS D 124 11.74 -51.45 -3.31
C LYS D 124 10.65 -52.48 -3.25
N GLY D 125 10.99 -53.65 -2.75
CA GLY D 125 10.06 -54.77 -2.65
C GLY D 125 10.80 -56.10 -2.42
N THR D 126 10.04 -57.17 -2.23
CA THR D 126 10.61 -58.50 -2.06
C THR D 126 10.91 -59.10 -3.44
N VAL D 127 12.11 -59.64 -3.57
CA VAL D 127 12.61 -60.26 -4.79
C VAL D 127 13.02 -61.70 -4.49
N SER D 128 12.59 -62.64 -5.34
CA SER D 128 13.14 -64.05 -5.34
C SER D 128 14.35 -64.20 -6.29
N THR D 129 15.46 -64.67 -5.75
CA THR D 129 16.72 -64.81 -6.53
C THR D 129 17.39 -66.18 -6.35
N THR D 130 17.57 -66.89 -7.45
CA THR D 130 18.11 -68.24 -7.40
C THR D 130 19.56 -68.28 -6.96
N LEU D 131 20.37 -67.43 -7.55
CA LEU D 131 21.75 -67.23 -7.13
C LEU D 131 21.99 -65.74 -6.90
N LEU D 132 22.32 -65.38 -5.66
CA LEU D 132 22.49 -63.99 -5.27
C LEU D 132 23.91 -63.69 -4.84
N LEU D 133 24.48 -62.66 -5.47
CA LEU D 133 25.81 -62.21 -5.17
C LEU D 133 25.72 -60.81 -4.57
N LYS D 134 25.61 -60.72 -3.25
CA LYS D 134 25.54 -59.44 -2.57
C LYS D 134 26.95 -59.11 -1.98
N ASP D 135 27.62 -58.15 -2.59
CA ASP D 135 28.94 -57.70 -2.17
C ASP D 135 29.90 -58.87 -2.00
N VAL D 136 30.03 -59.60 -3.10
CA VAL D 136 30.94 -60.69 -3.24
C VAL D 136 31.85 -60.27 -4.36
N SER D 137 33.13 -60.14 -4.07
CA SER D 137 34.16 -59.88 -5.07
C SER D 137 35.08 -61.11 -5.29
N TYR D 138 35.67 -61.18 -6.47
CA TYR D 138 36.67 -62.20 -6.82
C TYR D 138 36.06 -63.55 -6.73
N ILE D 139 35.04 -63.76 -7.55
CA ILE D 139 34.26 -65.01 -7.55
C ILE D 139 33.89 -65.37 -8.97
N THR D 140 34.01 -66.65 -9.30
CA THR D 140 33.67 -67.15 -10.61
C THR D 140 32.56 -68.12 -10.40
N VAL D 141 31.53 -68.05 -11.24
CA VAL D 141 30.43 -68.97 -11.14
C VAL D 141 30.28 -69.51 -12.54
N SER D 142 30.39 -70.82 -12.67
CA SER D 142 30.35 -71.40 -13.99
C SER D 142 29.65 -72.75 -14.07
N ASN D 143 29.13 -73.03 -15.25
CA ASN D 143 28.59 -74.33 -15.65
C ASN D 143 27.40 -74.77 -14.84
N LEU D 144 26.54 -73.83 -14.46
CA LEU D 144 25.32 -74.13 -13.75
C LEU D 144 24.16 -73.81 -14.65
N GLU D 145 23.08 -74.55 -14.48
CA GLU D 145 21.77 -74.25 -15.05
C GLU D 145 20.90 -73.74 -13.92
N ILE D 146 20.21 -72.62 -14.15
CA ILE D 146 19.57 -71.82 -13.10
C ILE D 146 18.15 -71.45 -13.58
N THR D 147 17.15 -71.74 -12.78
CA THR D 147 15.76 -71.35 -13.07
C THR D 147 15.11 -70.70 -11.86
N ASN D 148 14.01 -70.01 -12.12
CA ASN D 148 13.23 -69.42 -11.05
C ASN D 148 11.82 -69.47 -11.56
N ASP D 149 11.29 -70.70 -11.56
CA ASP D 149 10.09 -71.14 -12.31
C ASP D 149 8.82 -71.08 -11.46
N ASP D 150 7.76 -70.59 -12.08
CA ASP D 150 6.41 -70.70 -11.60
C ASP D 150 5.67 -71.71 -12.49
N ALA D 151 5.32 -72.85 -11.90
CA ALA D 151 4.55 -73.87 -12.60
C ALA D 151 3.31 -73.34 -13.31
N ASP D 152 2.74 -72.24 -12.81
CA ASP D 152 1.54 -71.59 -13.39
C ASP D 152 1.80 -70.47 -14.42
N VAL D 153 3.05 -70.23 -14.83
CA VAL D 153 3.39 -69.32 -15.97
C VAL D 153 4.11 -70.17 -17.05
N TYR D 154 3.62 -70.09 -18.28
CA TYR D 154 4.12 -70.92 -19.36
C TYR D 154 3.92 -70.16 -20.69
N ASP D 155 4.99 -69.65 -21.28
CA ASP D 155 4.88 -68.90 -22.52
C ASP D 155 6.19 -68.99 -23.29
N PRO D 156 6.61 -70.23 -23.61
CA PRO D 156 7.94 -70.47 -24.13
C PRO D 156 8.12 -69.81 -25.48
N ILE D 157 9.31 -69.24 -25.64
CA ILE D 157 9.65 -68.50 -26.85
C ILE D 157 9.62 -69.38 -28.12
N ASP D 158 10.02 -70.64 -28.00
CA ASP D 158 10.23 -71.48 -29.16
C ASP D 158 8.99 -71.67 -30.02
N THR D 159 7.80 -71.72 -29.39
CA THR D 159 6.51 -71.90 -30.07
C THR D 159 5.63 -70.64 -29.98
N TRP D 160 6.27 -69.50 -29.74
CA TRP D 160 5.57 -68.24 -29.51
C TRP D 160 5.02 -67.72 -30.80
N LYS D 161 3.83 -67.13 -30.74
CA LYS D 161 3.21 -66.50 -31.89
C LYS D 161 2.10 -65.54 -31.45
N TRP D 162 1.64 -64.73 -32.38
CA TRP D 162 0.59 -63.76 -32.09
C TRP D 162 -0.77 -64.39 -32.34
N THR D 163 -1.60 -64.37 -31.30
CA THR D 163 -2.96 -64.89 -31.34
C THR D 163 -3.93 -63.72 -31.28
N ASP D 164 -5.08 -63.90 -31.93
CA ASP D 164 -6.19 -62.96 -31.82
C ASP D 164 -6.60 -62.74 -30.36
N THR D 165 -6.44 -63.76 -29.51
CA THR D 165 -6.93 -63.66 -28.12
C THR D 165 -5.84 -64.14 -27.14
N PRO D 166 -5.72 -63.50 -25.95
CA PRO D 166 -4.62 -63.76 -25.01
C PRO D 166 -4.60 -65.16 -24.43
N ASP D 167 -3.41 -65.75 -24.29
CA ASP D 167 -3.22 -67.04 -23.63
C ASP D 167 -4.02 -68.19 -24.28
N SER D 168 -4.11 -68.21 -25.62
CA SER D 168 -5.09 -69.05 -26.38
C SER D 168 -4.53 -70.32 -27.05
N ASP D 169 -3.35 -70.73 -26.62
CA ASP D 169 -2.64 -71.84 -27.27
C ASP D 169 -2.02 -72.80 -26.24
N GLY D 170 -2.56 -72.83 -25.03
CA GLY D 170 -1.94 -73.54 -23.91
C GLY D 170 -1.09 -72.68 -22.97
N THR D 171 -0.94 -71.40 -23.28
CA THR D 171 -0.05 -70.51 -22.50
C THR D 171 -0.78 -69.74 -21.38
N LYS D 172 -0.08 -69.43 -20.31
CA LYS D 172 -0.65 -68.71 -19.17
C LYS D 172 0.38 -67.75 -18.60
N LEU D 173 -0.08 -66.56 -18.24
CA LEU D 173 0.75 -65.45 -17.70
C LEU D 173 0.09 -64.73 -16.54
N ASP D 174 0.89 -64.38 -15.54
CA ASP D 174 0.45 -63.52 -14.48
C ASP D 174 0.75 -62.07 -14.90
N ARG D 175 -0.31 -61.37 -15.34
CA ARG D 175 -0.33 -59.95 -15.68
C ARG D 175 -0.42 -58.92 -14.53
N SER D 176 -0.53 -59.40 -13.30
CA SER D 176 -0.60 -58.50 -12.15
C SER D 176 0.65 -57.63 -12.02
N ALA D 177 0.47 -56.30 -12.02
CA ALA D 177 1.52 -55.30 -11.65
C ALA D 177 2.30 -55.64 -10.42
N SER D 178 1.69 -56.34 -9.46
CA SER D 178 2.38 -56.56 -8.19
C SER D 178 3.02 -57.92 -8.09
N ARG D 179 3.14 -58.63 -9.21
CA ARG D 179 3.75 -59.95 -9.20
C ARG D 179 5.13 -59.82 -8.62
N MET D 180 5.55 -60.81 -7.83
CA MET D 180 6.84 -60.76 -7.21
C MET D 180 7.94 -60.75 -8.29
N ASP D 181 8.89 -59.86 -8.08
CA ASP D 181 10.09 -59.81 -8.88
C ASP D 181 10.96 -61.08 -8.71
N ARG D 182 11.48 -61.63 -9.83
CA ARG D 182 12.37 -62.80 -9.74
C ARG D 182 13.63 -62.66 -10.57
N THR D 183 14.76 -63.10 -10.02
CA THR D 183 16.02 -63.16 -10.80
C THR D 183 16.64 -64.56 -10.93
N GLY D 184 17.25 -64.80 -12.09
CA GLY D 184 18.19 -65.92 -12.23
C GLY D 184 19.39 -65.65 -11.34
N VAL D 185 20.18 -64.67 -11.74
CA VAL D 185 21.33 -64.23 -10.97
C VAL D 185 21.25 -62.72 -10.76
N ALA D 186 21.57 -62.28 -9.56
CA ALA D 186 21.57 -60.90 -9.18
C ALA D 186 22.90 -60.59 -8.56
N GLY D 187 23.57 -59.57 -9.07
CA GLY D 187 24.74 -59.02 -8.42
C GLY D 187 24.31 -57.72 -7.79
N ILE D 188 24.54 -57.60 -6.48
CA ILE D 188 24.10 -56.45 -5.73
C ILE D 188 25.23 -55.84 -4.91
N ALA D 189 25.62 -54.61 -5.24
CA ALA D 189 26.51 -53.83 -4.40
C ALA D 189 25.64 -52.82 -3.58
N GLU D 190 25.63 -52.96 -2.26
CA GLU D 190 24.91 -52.02 -1.40
C GLU D 190 25.64 -51.71 -0.11
N ASN D 191 26.96 -51.83 -0.15
CA ASN D 191 27.81 -51.57 0.97
C ASN D 191 28.51 -50.23 0.96
N GLY D 192 28.31 -49.45 -0.10
CA GLY D 192 29.05 -48.25 -0.33
C GLY D 192 30.45 -48.50 -0.85
N ALA D 193 30.66 -49.67 -1.43
CA ALA D 193 31.97 -50.07 -1.96
C ALA D 193 31.87 -50.75 -3.34
N THR D 194 33.00 -50.75 -4.03
CA THR D 194 33.18 -51.47 -5.27
C THR D 194 33.06 -52.95 -5.01
N MET D 195 32.30 -53.60 -5.89
CA MET D 195 32.17 -55.05 -6.01
C MET D 195 32.81 -55.44 -7.36
N SER D 196 33.88 -56.25 -7.29
CA SER D 196 34.82 -56.41 -8.40
C SER D 196 35.09 -57.85 -8.72
N ASN D 197 35.56 -58.08 -9.94
CA ASN D 197 36.09 -59.36 -10.36
C ASN D 197 35.06 -60.46 -10.21
N VAL D 198 33.88 -60.22 -10.77
CA VAL D 198 32.83 -61.21 -10.75
C VAL D 198 32.77 -61.73 -12.14
N THR D 199 32.67 -63.02 -12.27
CA THR D 199 32.71 -63.66 -13.59
C THR D 199 31.61 -64.72 -13.59
N LEU D 200 30.63 -64.56 -14.48
CA LEU D 200 29.65 -65.59 -14.74
C LEU D 200 30.03 -66.20 -16.09
N ASP D 201 30.17 -67.52 -16.13
CA ASP D 201 30.71 -68.20 -17.28
C ASP D 201 29.90 -69.42 -17.54
N ASN D 202 29.39 -69.51 -18.77
CA ASN D 202 28.73 -70.72 -19.23
C ASN D 202 27.61 -71.16 -18.37
N LEU D 203 26.70 -70.24 -18.06
CA LEU D 203 25.46 -70.57 -17.33
C LEU D 203 24.32 -70.69 -18.32
N TYR D 204 23.35 -71.51 -17.99
CA TYR D 204 22.15 -71.63 -18.77
C TYR D 204 21.02 -71.23 -17.83
N ILE D 205 20.52 -70.00 -18.02
CA ILE D 205 19.50 -69.42 -17.13
C ILE D 205 18.25 -69.43 -17.90
N HIS D 206 17.18 -70.03 -17.38
CA HIS D 206 15.96 -70.06 -18.14
C HIS D 206 14.74 -70.23 -17.25
N ASP D 207 13.56 -69.84 -17.77
CA ASP D 207 12.28 -69.90 -17.02
C ASP D 207 12.36 -69.16 -15.71
N VAL D 208 12.66 -67.88 -15.82
CA VAL D 208 12.64 -67.00 -14.67
C VAL D 208 11.37 -66.20 -14.81
N ASP D 209 10.33 -66.53 -14.04
CA ASP D 209 9.03 -65.97 -14.23
C ASP D 209 8.85 -64.75 -13.30
N GLY D 210 9.56 -63.71 -13.68
CA GLY D 210 9.52 -62.45 -12.98
C GLY D 210 8.30 -61.61 -13.30
N ASN D 211 8.33 -60.39 -12.76
CA ASN D 211 7.27 -59.39 -13.01
C ASN D 211 7.32 -58.95 -14.48
N ILE D 212 6.19 -58.72 -15.17
CA ILE D 212 6.22 -58.42 -16.62
C ILE D 212 6.70 -57.00 -16.89
N TYR D 213 6.45 -56.11 -15.93
CA TYR D 213 6.66 -54.66 -16.05
C TYR D 213 7.98 -54.13 -15.50
N ASN D 214 8.32 -54.53 -14.28
CA ASN D 214 9.32 -53.79 -13.49
C ASN D 214 10.68 -53.79 -14.20
N LYS D 215 11.18 -52.61 -14.59
CA LYS D 215 12.45 -52.49 -15.32
C LYS D 215 13.69 -52.45 -14.45
N HIS D 216 13.56 -52.11 -13.17
CA HIS D 216 14.77 -51.90 -12.35
C HIS D 216 14.79 -52.50 -10.94
N MET D 217 13.81 -53.34 -10.61
CA MET D 217 14.03 -54.38 -9.65
C MET D 217 14.85 -55.49 -10.30
N ALA D 218 15.46 -56.31 -9.43
CA ALA D 218 16.33 -57.37 -9.87
C ALA D 218 15.46 -58.43 -10.48
N ASN D 219 15.06 -58.19 -11.72
CA ASN D 219 13.92 -58.86 -12.32
C ASN D 219 14.20 -59.33 -13.74
N GLY D 220 14.70 -60.56 -13.84
CA GLY D 220 15.07 -61.16 -15.11
C GLY D 220 16.08 -62.27 -14.99
N GLY D 221 16.69 -62.59 -16.14
CA GLY D 221 17.83 -63.53 -16.23
C GLY D 221 18.98 -63.14 -15.34
N ILE D 222 19.68 -62.05 -15.71
CA ILE D 222 20.80 -61.50 -14.92
C ILE D 222 20.66 -59.99 -14.74
N TYR D 223 20.79 -59.50 -13.50
CA TYR D 223 20.74 -58.09 -13.26
C TYR D 223 21.76 -57.73 -12.22
N PHE D 224 22.67 -56.85 -12.55
CA PHE D 224 23.62 -56.31 -11.59
C PHE D 224 23.22 -54.89 -11.36
N MET D 225 23.00 -54.53 -10.10
CA MET D 225 22.66 -53.16 -9.74
C MET D 225 23.29 -52.76 -8.42
N ALA D 226 23.32 -51.46 -8.15
CA ALA D 226 23.91 -50.95 -6.92
C ALA D 226 22.92 -50.03 -6.19
N HIS D 227 22.92 -50.14 -4.85
CA HIS D 227 22.09 -49.34 -3.95
C HIS D 227 22.92 -48.47 -3.03
N TYR D 228 22.28 -47.42 -2.50
CA TYR D 228 22.87 -46.66 -1.39
C TYR D 228 22.88 -47.59 -0.20
N PRO D 229 23.96 -47.59 0.61
CA PRO D 229 23.92 -48.41 1.85
C PRO D 229 22.97 -47.86 2.91
N MET D 230 22.70 -46.55 2.87
CA MET D 230 21.63 -45.91 3.66
C MET D 230 20.95 -44.79 2.83
N GLU D 231 19.68 -44.51 3.14
CA GLU D 231 18.94 -43.33 2.61
C GLU D 231 19.71 -42.02 2.78
N ASN D 232 19.74 -41.19 1.73
CA ASN D 232 20.40 -39.90 1.83
C ASN D 232 19.50 -38.88 2.62
N THR D 233 19.75 -38.84 3.94
CA THR D 233 18.90 -38.10 4.91
C THR D 233 19.38 -36.70 5.32
N SER D 234 20.60 -36.31 5.00
CA SER D 234 21.15 -35.06 5.50
C SER D 234 22.37 -34.64 4.76
N ALA D 235 22.92 -33.49 5.13
CA ALA D 235 24.21 -33.02 4.58
C ALA D 235 25.38 -33.98 4.76
N GLU D 236 25.41 -34.66 5.89
CA GLU D 236 26.53 -35.54 6.26
C GLU D 236 26.36 -36.92 5.59
N THR D 237 25.12 -37.38 5.40
CA THR D 237 24.95 -38.57 4.51
C THR D 237 25.38 -38.21 3.08
N ASP D 238 25.11 -37.00 2.63
CA ASP D 238 25.49 -36.60 1.26
C ASP D 238 26.99 -36.50 1.01
N VAL D 239 27.71 -35.93 1.96
CA VAL D 239 29.19 -35.91 1.99
C VAL D 239 29.81 -37.30 1.82
N TRP D 240 29.29 -38.22 2.62
CA TRP D 240 29.73 -39.60 2.67
C TRP D 240 29.40 -40.39 1.40
N LEU D 241 28.15 -40.29 0.92
CA LEU D 241 27.70 -41.01 -0.30
C LEU D 241 28.47 -40.59 -1.55
N ARG D 242 28.76 -39.31 -1.68
CA ARG D 242 29.61 -38.78 -2.75
C ARG D 242 31.00 -39.43 -2.87
N GLU D 243 31.54 -39.90 -1.76
CA GLU D 243 32.86 -40.52 -1.71
C GLU D 243 32.86 -42.01 -1.55
N HIS D 244 31.80 -42.58 -0.97
CA HIS D 244 31.67 -44.03 -0.80
C HIS D 244 30.56 -44.59 -1.73
N VAL D 245 31.01 -45.15 -2.85
CA VAL D 245 30.14 -45.57 -3.95
C VAL D 245 30.01 -47.10 -4.03
N SER D 246 28.80 -47.63 -3.89
CA SER D 246 28.51 -48.98 -4.33
C SER D 246 28.48 -48.98 -5.86
N ARG D 247 29.36 -49.76 -6.48
CA ARG D 247 29.54 -49.84 -7.94
C ARG D 247 30.24 -51.14 -8.34
N PHE D 248 30.34 -51.41 -9.64
CA PHE D 248 31.03 -52.61 -10.12
C PHE D 248 32.30 -52.33 -10.91
N ASP D 249 33.22 -53.31 -10.90
CA ASP D 249 34.45 -53.27 -11.69
C ASP D 249 34.86 -54.67 -12.05
N HIS D 250 35.29 -54.88 -13.28
CA HIS D 250 35.73 -56.20 -13.77
C HIS D 250 34.60 -57.22 -13.57
N VAL D 251 33.41 -56.83 -13.99
CA VAL D 251 32.34 -57.81 -14.12
C VAL D 251 32.39 -58.38 -15.52
N THR D 252 32.45 -59.71 -15.61
CA THR D 252 32.36 -60.36 -16.91
C THR D 252 31.27 -61.39 -16.90
N ILE D 253 30.45 -61.35 -17.93
CA ILE D 253 29.44 -62.35 -18.15
C ILE D 253 29.67 -62.89 -19.57
N ARG D 254 30.06 -64.15 -19.68
CA ARG D 254 30.34 -64.74 -20.99
C ARG D 254 29.79 -66.12 -21.19
N ASN D 255 29.66 -66.52 -22.44
CA ASN D 255 29.24 -67.89 -22.86
C ASN D 255 27.97 -68.41 -22.21
N SER D 256 27.02 -67.55 -21.91
CA SER D 256 25.86 -67.96 -21.13
C SER D 256 24.63 -67.85 -21.96
N THR D 257 23.66 -68.73 -21.71
CA THR D 257 22.41 -68.67 -22.38
C THR D 257 21.37 -68.18 -21.37
N VAL D 258 20.58 -67.21 -21.80
CA VAL D 258 19.43 -66.71 -21.03
C VAL D 258 18.27 -66.84 -21.96
N LYS D 259 17.23 -67.55 -21.51
CA LYS D 259 16.06 -67.86 -22.33
C LYS D 259 14.73 -67.88 -21.53
N ASP D 260 13.65 -67.35 -22.12
CA ASP D 260 12.31 -67.38 -21.48
C ASP D 260 12.34 -66.79 -20.07
N VAL D 261 12.72 -65.52 -19.98
CA VAL D 261 12.76 -64.81 -18.71
C VAL D 261 11.87 -63.55 -18.76
N ASP D 262 11.35 -63.16 -17.59
CA ASP D 262 10.69 -61.86 -17.41
C ASP D 262 11.36 -61.07 -16.27
N ARG D 263 11.72 -59.78 -16.48
CA ARG D 263 11.53 -59.01 -17.71
C ARG D 263 12.80 -59.00 -18.58
N TRP D 264 13.88 -58.49 -17.99
CA TRP D 264 15.15 -58.24 -18.71
C TRP D 264 15.92 -59.51 -18.99
N GLY D 265 16.66 -59.54 -20.10
CA GLY D 265 17.57 -60.66 -20.36
C GLY D 265 18.77 -60.54 -19.44
N ILE D 266 19.64 -59.60 -19.79
CA ILE D 266 20.84 -59.29 -19.01
C ILE D 266 20.97 -57.81 -18.88
N ALA D 267 21.14 -57.34 -17.65
CA ALA D 267 21.23 -55.91 -17.37
C ALA D 267 22.34 -55.72 -16.37
N VAL D 268 23.21 -54.75 -16.63
CA VAL D 268 24.28 -54.44 -15.70
C VAL D 268 24.44 -52.95 -15.62
N GLY D 269 24.37 -52.47 -14.37
CA GLY D 269 24.95 -51.24 -13.93
C GLY D 269 23.99 -50.25 -13.31
N TYR D 270 22.68 -50.49 -13.38
CA TYR D 270 21.73 -49.53 -12.79
C TYR D 270 22.10 -49.24 -11.34
N THR D 271 22.05 -47.95 -10.99
CA THR D 271 22.56 -47.51 -9.70
C THR D 271 21.85 -46.30 -9.08
N ALA D 272 21.66 -46.35 -7.75
CA ALA D 272 21.30 -45.18 -6.90
C ALA D 272 22.19 -43.99 -7.06
N TYR D 273 23.44 -44.24 -7.42
CA TYR D 273 24.42 -43.22 -7.73
C TYR D 273 24.14 -42.50 -9.07
N LEU D 274 23.10 -42.89 -9.81
CA LEU D 274 22.52 -41.94 -10.76
C LEU D 274 22.05 -40.61 -10.14
N ASN D 275 21.87 -40.51 -8.83
CA ASN D 275 21.55 -39.20 -8.27
C ASN D 275 22.69 -38.19 -8.44
N TYR D 276 23.91 -38.68 -8.63
CA TYR D 276 25.05 -37.85 -9.00
C TYR D 276 25.43 -37.87 -10.48
N ILE D 277 25.33 -39.03 -11.13
CA ILE D 277 25.72 -39.13 -12.56
C ILE D 277 24.81 -38.22 -13.36
N ASP D 278 23.51 -38.23 -13.00
CA ASP D 278 22.47 -37.49 -13.73
C ASP D 278 22.06 -36.11 -13.19
N ALA D 279 22.75 -35.62 -12.17
CA ALA D 279 22.51 -34.27 -11.65
C ALA D 279 22.52 -33.16 -12.73
N ASN D 280 23.47 -33.21 -13.68
CA ASN D 280 23.71 -32.14 -14.64
C ASN D 280 23.83 -32.75 -16.00
N TYR D 281 22.71 -32.83 -16.71
CA TYR D 281 22.73 -33.37 -18.06
C TYR D 281 23.56 -32.53 -19.02
N GLY D 282 23.50 -31.21 -18.87
CA GLY D 282 24.24 -30.26 -19.71
C GLY D 282 23.88 -30.51 -21.15
N ASP D 283 24.88 -30.74 -21.97
CA ASP D 283 24.67 -31.04 -23.40
C ASP D 283 24.59 -32.56 -23.70
N GLY D 284 24.55 -33.42 -22.68
CA GLY D 284 24.52 -34.87 -22.95
C GLY D 284 25.88 -35.61 -22.92
N SER D 285 26.98 -34.89 -22.87
CA SER D 285 28.27 -35.54 -22.68
C SER D 285 28.45 -35.98 -21.22
N ILE D 286 29.17 -37.09 -21.06
CA ILE D 286 29.48 -37.64 -19.76
C ILE D 286 30.98 -37.56 -19.48
N ASP D 287 31.31 -36.65 -18.57
CA ASP D 287 32.64 -36.49 -18.04
C ASP D 287 33.17 -37.84 -17.49
N ASP D 288 34.41 -38.16 -17.84
CA ASP D 288 35.06 -39.44 -17.52
C ASP D 288 35.24 -39.74 -16.03
N ALA D 289 35.66 -38.71 -15.27
CA ALA D 289 35.83 -38.82 -13.80
C ALA D 289 34.51 -39.13 -13.10
N LEU D 290 33.45 -38.46 -13.54
CA LEU D 290 32.11 -38.73 -13.04
C LEU D 290 31.68 -40.17 -13.27
N ILE D 291 31.72 -40.63 -14.51
CA ILE D 291 31.30 -41.99 -14.80
C ILE D 291 32.25 -43.06 -14.18
N ALA D 292 33.54 -42.75 -14.11
CA ALA D 292 34.53 -43.69 -13.53
C ALA D 292 34.31 -43.86 -12.02
N LYS D 293 33.92 -42.74 -11.39
CA LYS D 293 33.74 -42.69 -9.94
C LYS D 293 32.39 -43.23 -9.47
N TYR D 294 31.31 -42.79 -10.10
CA TYR D 294 29.96 -43.25 -9.66
C TYR D 294 29.41 -44.46 -10.45
N GLY D 295 29.94 -44.71 -11.64
CA GLY D 295 29.46 -45.84 -12.47
C GLY D 295 30.32 -47.07 -12.41
N SER D 296 30.07 -48.01 -13.31
CA SER D 296 30.73 -49.31 -13.34
C SER D 296 31.81 -49.42 -14.41
N THR D 297 32.99 -49.94 -14.05
CA THR D 297 34.15 -49.98 -14.94
C THR D 297 34.49 -51.39 -15.41
N ASN D 298 35.15 -51.48 -16.57
CA ASN D 298 35.62 -52.77 -17.08
C ASN D 298 34.51 -53.85 -17.03
N VAL D 299 33.33 -53.48 -17.50
CA VAL D 299 32.28 -54.46 -17.75
C VAL D 299 32.51 -55.06 -19.11
N ARG D 300 32.45 -56.38 -19.17
CA ARG D 300 32.55 -57.06 -20.44
C ARG D 300 31.42 -58.07 -20.57
N ILE D 301 30.68 -58.03 -21.68
CA ILE D 301 29.55 -58.91 -21.91
C ILE D 301 29.79 -59.57 -23.24
N GLU D 302 30.19 -60.84 -23.19
CA GLU D 302 30.78 -61.53 -24.32
C GLU D 302 30.12 -62.89 -24.58
N ASN D 303 29.82 -63.18 -25.83
CA ASN D 303 29.57 -64.59 -26.27
C ASN D 303 28.33 -65.21 -25.61
N ASN D 304 27.29 -64.42 -25.42
CA ASN D 304 26.10 -64.85 -24.70
C ASN D 304 25.00 -65.00 -25.73
N TYR D 305 24.03 -65.86 -25.46
CA TYR D 305 22.79 -65.93 -26.25
C TYR D 305 21.59 -65.52 -25.37
N VAL D 306 20.80 -64.56 -25.81
CA VAL D 306 19.55 -64.13 -25.08
C VAL D 306 18.35 -64.32 -25.96
N LYS D 307 17.51 -65.30 -25.63
CA LYS D 307 16.37 -65.65 -26.46
C LYS D 307 15.04 -65.49 -25.72
N GLY D 308 14.14 -64.66 -26.21
CA GLY D 308 12.78 -64.62 -25.67
C GLY D 308 12.69 -64.08 -24.25
N ALA D 309 13.37 -62.97 -24.03
CA ALA D 309 13.21 -62.19 -22.83
C ALA D 309 11.87 -61.48 -22.98
N GLY D 310 11.23 -61.22 -21.84
CA GLY D 310 9.96 -60.50 -21.86
C GLY D 310 10.09 -59.11 -22.43
N GLY D 311 11.17 -58.42 -22.04
CA GLY D 311 11.52 -57.09 -22.53
C GLY D 311 12.85 -57.09 -23.29
N ASP D 312 13.78 -56.24 -22.85
CA ASP D 312 15.06 -56.05 -23.56
C ASP D 312 16.03 -57.26 -23.43
N ALA D 313 16.91 -57.45 -24.44
CA ALA D 313 17.97 -58.51 -24.41
C ALA D 313 19.16 -58.21 -23.51
N ILE D 314 19.91 -57.16 -23.84
CA ILE D 314 21.12 -56.82 -23.07
C ILE D 314 21.20 -55.31 -22.97
N THR D 315 21.49 -54.83 -21.78
CA THR D 315 21.51 -53.44 -21.56
C THR D 315 22.54 -53.06 -20.53
N LEU D 316 23.40 -52.14 -20.93
CA LEU D 316 24.47 -51.69 -20.08
C LEU D 316 23.99 -50.31 -19.68
N MET D 317 24.26 -49.94 -18.44
CA MET D 317 23.63 -48.83 -17.76
C MET D 317 24.69 -48.19 -16.88
N TYR D 318 24.90 -46.88 -17.04
CA TYR D 318 25.85 -46.12 -16.19
C TYR D 318 27.22 -46.81 -16.13
N CYS D 319 27.71 -47.17 -17.32
CA CYS D 319 28.95 -47.97 -17.46
C CYS D 319 29.96 -47.12 -18.18
N ASP D 320 31.19 -47.16 -17.69
CA ASP D 320 32.31 -46.50 -18.32
C ASP D 320 32.99 -47.47 -19.23
N ARG D 321 33.01 -47.19 -20.53
CA ARG D 321 33.75 -48.00 -21.50
C ARG D 321 33.53 -49.53 -21.36
N PRO D 322 32.26 -49.93 -21.30
CA PRO D 322 31.96 -51.35 -21.36
C PRO D 322 32.21 -51.88 -22.77
N VAL D 323 32.53 -53.17 -22.86
CA VAL D 323 32.69 -53.89 -24.11
C VAL D 323 31.64 -54.99 -24.17
N ILE D 324 30.90 -54.98 -25.27
CA ILE D 324 29.79 -55.84 -25.53
C ILE D 324 30.02 -56.51 -26.88
N GLU D 325 30.41 -57.79 -26.87
CA GLU D 325 30.86 -58.42 -28.11
C GLU D 325 30.48 -59.88 -28.28
N HIS D 326 30.22 -60.27 -29.52
CA HIS D 326 29.99 -61.64 -29.86
C HIS D 326 28.73 -62.21 -29.15
N ASN D 327 27.75 -61.36 -28.85
CA ASN D 327 26.52 -61.79 -28.29
C ASN D 327 25.51 -61.99 -29.42
N VAL D 328 24.51 -62.82 -29.15
CA VAL D 328 23.38 -63.00 -30.02
C VAL D 328 22.09 -62.74 -29.22
N GLY D 329 21.23 -61.84 -29.72
CA GLY D 329 19.92 -61.60 -29.14
C GLY D 329 18.96 -62.09 -30.17
N ASP D 330 17.86 -62.67 -29.68
CA ASP D 330 16.90 -63.32 -30.55
C ASP D 330 15.52 -63.30 -29.91
N SER D 331 14.61 -62.58 -30.55
CA SER D 331 13.18 -62.65 -30.35
C SER D 331 12.81 -62.17 -29.00
N VAL D 332 13.25 -60.97 -28.64
CA VAL D 332 12.95 -60.45 -27.31
C VAL D 332 11.73 -59.53 -27.43
N SER D 333 11.38 -58.82 -26.36
CA SER D 333 10.16 -58.03 -26.29
C SER D 333 8.88 -58.90 -26.42
N LYS D 334 8.93 -60.11 -25.85
CA LYS D 334 7.86 -61.12 -26.02
C LYS D 334 6.53 -60.67 -25.37
N HIS D 335 6.65 -60.00 -24.22
CA HIS D 335 5.53 -59.48 -23.43
C HIS D 335 5.25 -57.98 -23.54
N ILE D 336 5.94 -57.32 -24.50
CA ILE D 336 5.81 -55.91 -24.70
C ILE D 336 4.85 -55.80 -25.83
N ASN D 337 3.59 -55.93 -25.46
CA ASN D 337 2.47 -55.81 -26.36
C ASN D 337 1.16 -55.55 -25.58
N THR D 338 0.12 -55.16 -26.34
CA THR D 338 -1.20 -54.77 -25.84
C THR D 338 -1.98 -55.87 -25.10
N GLN D 339 -1.61 -57.10 -25.32
CA GLN D 339 -2.30 -58.28 -24.85
C GLN D 339 -1.67 -58.83 -23.58
N ASP D 340 -0.39 -58.55 -23.35
CA ASP D 340 0.35 -59.02 -22.18
C ASP D 340 0.72 -57.88 -21.20
N TYR D 341 0.95 -56.68 -21.72
CA TYR D 341 1.44 -55.57 -20.91
C TYR D 341 0.23 -54.77 -20.38
N THR D 342 -0.58 -55.40 -19.54
CA THR D 342 -1.96 -54.87 -19.31
C THR D 342 -2.10 -53.97 -18.10
N GLN D 343 -1.11 -53.98 -17.22
CA GLN D 343 -1.12 -53.13 -16.02
C GLN D 343 0.17 -52.32 -15.91
N PRO D 344 0.40 -51.36 -16.83
CA PRO D 344 1.61 -50.51 -16.80
C PRO D 344 1.67 -49.49 -15.66
N GLY D 345 0.53 -49.26 -15.00
CA GLY D 345 0.48 -48.34 -13.91
C GLY D 345 0.94 -47.02 -14.44
N SER D 346 1.63 -46.29 -13.58
CA SER D 346 2.10 -45.00 -13.89
C SER D 346 3.54 -45.03 -14.31
N TYR D 347 4.12 -46.22 -14.38
CA TYR D 347 5.49 -46.44 -14.84
C TYR D 347 5.63 -46.54 -16.38
N GLY D 348 4.56 -46.88 -17.10
CA GLY D 348 4.57 -47.16 -18.56
C GLY D 348 5.56 -48.27 -18.90
N GLY D 349 6.58 -47.97 -19.72
CA GLY D 349 7.63 -48.93 -20.01
C GLY D 349 7.34 -49.99 -21.06
N ARG D 350 6.28 -49.79 -21.84
CA ARG D 350 5.92 -50.70 -22.92
C ARG D 350 6.76 -50.43 -24.17
N VAL D 351 8.06 -50.58 -24.01
CA VAL D 351 9.04 -50.36 -25.03
C VAL D 351 10.21 -51.30 -24.73
N ALA D 352 10.77 -51.87 -25.77
CA ALA D 352 11.99 -52.66 -25.61
C ALA D 352 12.78 -52.71 -26.89
N ALA D 353 14.09 -52.50 -26.72
CA ALA D 353 15.13 -52.72 -27.75
C ALA D 353 15.99 -53.95 -27.43
N GLY D 354 16.87 -54.28 -28.37
CA GLY D 354 17.73 -55.47 -28.33
C GLY D 354 18.96 -55.36 -27.42
N ILE D 355 20.02 -54.75 -27.94
CA ILE D 355 21.30 -54.75 -27.26
C ILE D 355 21.79 -53.33 -27.26
N TRP D 356 21.93 -52.75 -26.06
CA TRP D 356 22.05 -51.32 -25.99
C TRP D 356 22.54 -50.69 -24.67
N PRO D 357 23.04 -49.43 -24.77
CA PRO D 357 23.52 -48.71 -23.58
C PRO D 357 22.53 -47.64 -23.10
N TRP D 358 22.50 -47.45 -21.79
CA TRP D 358 21.81 -46.31 -21.16
C TRP D 358 22.80 -45.56 -20.29
N ARG D 359 22.96 -44.28 -20.58
CA ARG D 359 23.89 -43.37 -19.82
C ARG D 359 25.28 -43.97 -19.56
N CYS D 360 25.85 -44.52 -20.64
CA CYS D 360 27.23 -45.00 -20.67
C CYS D 360 28.14 -44.00 -21.32
N LYS D 361 29.44 -44.20 -21.13
CA LYS D 361 30.44 -43.38 -21.79
C LYS D 361 31.31 -44.29 -22.65
N ASP D 362 31.36 -44.00 -23.94
CA ASP D 362 32.12 -44.74 -24.95
C ASP D 362 31.90 -46.28 -24.85
N PRO D 363 30.65 -46.73 -24.76
CA PRO D 363 30.46 -48.16 -24.83
C PRO D 363 30.77 -48.65 -26.23
N VAL D 364 31.29 -49.86 -26.34
CA VAL D 364 31.62 -50.45 -27.64
C VAL D 364 30.79 -51.71 -27.88
N PHE D 365 29.94 -51.68 -28.89
CA PHE D 365 29.09 -52.81 -29.23
C PHE D 365 29.64 -53.41 -30.53
N GLN D 366 30.16 -54.62 -30.49
CA GLN D 366 30.81 -55.16 -31.70
C GLN D 366 30.70 -56.64 -31.92
N TYR D 367 30.57 -57.03 -33.18
CA TYR D 367 30.40 -58.44 -33.57
C TYR D 367 29.23 -59.11 -32.82
N ASN D 368 28.12 -58.40 -32.63
CA ASN D 368 26.87 -59.00 -32.13
C ASN D 368 25.88 -59.32 -33.27
N GLU D 369 24.99 -60.29 -33.07
CA GLU D 369 23.83 -60.48 -33.98
C GLU D 369 22.53 -60.16 -33.23
N MET D 370 21.55 -59.61 -33.95
CA MET D 370 20.24 -59.32 -33.33
C MET D 370 19.14 -59.61 -34.28
N TYR D 371 18.32 -60.63 -33.94
CA TYR D 371 17.22 -61.14 -34.75
C TYR D 371 15.86 -60.86 -34.12
N ASN D 372 14.92 -60.43 -34.96
CA ASN D 372 13.51 -60.59 -34.72
C ASN D 372 13.01 -60.00 -33.41
N ASN D 373 13.45 -58.77 -33.08
CA ASN D 373 12.92 -58.09 -31.92
C ASN D 373 11.45 -57.84 -32.23
N LEU D 374 10.62 -58.23 -31.27
CA LEU D 374 9.24 -58.46 -31.50
C LEU D 374 8.35 -57.33 -31.10
N ASN D 375 7.15 -57.38 -31.69
CA ASN D 375 5.91 -56.77 -31.17
C ASN D 375 5.74 -55.27 -31.40
N ALA D 376 6.55 -54.69 -32.29
CA ALA D 376 6.31 -53.33 -32.67
C ALA D 376 4.97 -53.13 -33.39
N GLU D 377 4.41 -54.19 -33.98
CA GLU D 377 3.10 -54.15 -34.65
C GLU D 377 1.95 -54.21 -33.66
N HIS D 378 2.25 -54.70 -32.46
CA HIS D 378 1.26 -54.97 -31.45
C HIS D 378 1.58 -54.26 -30.14
N GLY D 379 2.15 -53.06 -30.22
CA GLY D 379 2.27 -52.19 -29.07
C GLY D 379 3.62 -51.90 -28.50
N ASN D 380 4.68 -52.54 -29.00
CA ASN D 380 6.06 -52.15 -28.67
C ASN D 380 6.38 -50.83 -29.35
N GLY D 381 6.68 -49.82 -28.54
CA GLY D 381 6.93 -48.46 -29.03
C GLY D 381 8.36 -48.28 -29.56
N ASP D 382 9.19 -49.30 -29.33
CA ASP D 382 10.53 -49.40 -29.88
C ASP D 382 10.61 -50.65 -30.76
N GLY D 383 11.41 -51.66 -30.42
CA GLY D 383 11.57 -52.86 -31.26
C GLY D 383 12.72 -52.85 -32.26
N GLN D 384 13.74 -52.03 -31.97
CA GLN D 384 14.95 -51.95 -32.80
C GLN D 384 15.95 -53.02 -32.39
N ALA D 385 16.90 -53.32 -33.28
CA ALA D 385 18.04 -54.17 -32.90
C ALA D 385 18.92 -53.41 -31.89
N TRP D 386 19.29 -52.18 -32.26
CA TRP D 386 20.27 -51.33 -31.58
C TRP D 386 19.66 -49.99 -31.21
N ASP D 387 20.17 -49.43 -30.11
CA ASP D 387 19.61 -48.22 -29.51
C ASP D 387 20.71 -47.42 -28.81
N ALA D 388 21.26 -46.42 -29.47
CA ALA D 388 22.17 -45.50 -28.79
C ALA D 388 21.22 -44.51 -28.10
N ASP D 389 20.84 -44.88 -26.91
CA ASP D 389 19.92 -44.13 -26.09
C ASP D 389 20.73 -43.03 -25.36
N TYR D 390 20.13 -42.38 -24.38
CA TYR D 390 20.81 -41.30 -23.66
C TYR D 390 22.21 -41.75 -23.35
N GLY D 391 23.17 -40.89 -23.63
CA GLY D 391 24.54 -41.25 -23.36
C GLY D 391 25.42 -40.71 -24.45
N ASP D 392 26.69 -41.07 -24.36
CA ASP D 392 27.75 -40.32 -25.02
C ASP D 392 28.79 -41.30 -25.49
N GLY D 393 29.00 -41.35 -26.79
CA GLY D 393 30.13 -42.09 -27.36
C GLY D 393 29.83 -43.50 -27.81
N THR D 394 28.56 -43.84 -27.90
CA THR D 394 28.19 -45.21 -28.34
C THR D 394 28.83 -45.56 -29.70
N LEU D 395 29.64 -46.59 -29.68
CA LEU D 395 30.17 -47.23 -30.87
C LEU D 395 29.51 -48.58 -31.16
N TYR D 396 28.82 -48.66 -32.28
CA TYR D 396 28.23 -49.90 -32.78
C TYR D 396 29.01 -50.21 -34.03
N GLN D 397 29.73 -51.32 -34.02
CA GLN D 397 30.48 -51.73 -35.23
C GLN D 397 30.49 -53.25 -35.45
N TYR D 398 30.51 -53.64 -36.71
CA TYR D 398 30.65 -55.06 -37.07
C TYR D 398 29.52 -55.91 -36.45
N ASN D 399 28.33 -55.35 -36.39
CA ASN D 399 27.15 -56.05 -35.87
C ASN D 399 26.22 -56.41 -37.05
N TYR D 400 25.49 -57.50 -36.91
CA TYR D 400 24.50 -57.91 -37.92
C TYR D 400 23.15 -57.82 -37.25
N SER D 401 22.16 -57.35 -37.99
CA SER D 401 20.79 -57.34 -37.50
C SER D 401 19.92 -57.84 -38.64
N TYR D 402 19.04 -58.80 -38.31
CA TYR D 402 18.02 -59.27 -39.22
C TYR D 402 16.59 -59.22 -38.66
N GLY D 403 15.67 -58.81 -39.53
CA GLY D 403 14.23 -58.90 -39.34
C GLY D 403 13.68 -58.33 -38.05
N ASN D 404 14.22 -57.22 -37.54
CA ASN D 404 13.66 -56.63 -36.31
C ASN D 404 12.37 -55.85 -36.65
N SER D 405 11.42 -55.84 -35.72
CA SER D 405 10.01 -55.36 -36.06
C SER D 405 9.91 -53.85 -36.31
N PHE D 406 10.87 -53.09 -35.80
CA PHE D 406 10.93 -51.64 -36.05
C PHE D 406 12.39 -51.20 -36.00
N ALA D 407 13.04 -51.15 -37.16
CA ALA D 407 14.40 -50.61 -37.35
C ALA D 407 15.59 -51.45 -36.89
N SER D 408 16.74 -51.03 -37.40
CA SER D 408 18.04 -51.53 -36.96
C SER D 408 18.59 -50.67 -35.81
N LEU D 409 18.75 -49.36 -36.07
CA LEU D 409 19.36 -48.42 -35.12
C LEU D 409 18.40 -47.32 -34.74
N MET D 410 18.19 -47.16 -33.44
CA MET D 410 17.54 -45.91 -32.91
C MET D 410 18.62 -45.09 -32.24
N ILE D 411 18.53 -43.79 -32.43
CA ILE D 411 19.27 -42.85 -31.60
C ILE D 411 18.14 -42.03 -30.94
N CYS D 412 18.08 -42.10 -29.62
CA CYS D 412 16.87 -41.79 -28.89
C CYS D 412 16.98 -40.46 -28.19
N ASN D 413 16.41 -39.44 -28.81
CA ASN D 413 16.02 -38.24 -28.07
C ASN D 413 17.27 -37.39 -27.71
N TRP D 414 17.02 -36.26 -27.05
CA TRP D 414 17.91 -35.08 -27.04
C TRP D 414 19.28 -35.38 -26.46
N TYR D 415 19.37 -36.28 -25.49
CA TYR D 415 20.63 -36.51 -24.79
C TYR D 415 21.34 -37.80 -25.25
N ALA D 416 20.95 -38.31 -26.40
CA ALA D 416 21.70 -39.35 -27.06
C ALA D 416 22.59 -38.63 -28.04
N VAL D 417 23.89 -38.62 -27.73
CA VAL D 417 24.86 -37.81 -28.43
C VAL D 417 26.08 -38.65 -28.80
N ASN D 418 26.73 -38.26 -29.88
CA ASN D 418 28.09 -38.66 -30.17
C ASN D 418 28.25 -40.12 -30.53
N THR D 419 27.38 -40.58 -31.39
CA THR D 419 27.23 -42.00 -31.65
C THR D 419 27.95 -42.28 -32.90
N THR D 420 28.76 -43.32 -32.95
CA THR D 420 29.18 -43.83 -34.24
C THR D 420 28.51 -45.18 -34.51
N PHE D 421 28.15 -45.41 -35.75
CA PHE D 421 27.54 -46.66 -36.21
C PHE D 421 28.19 -47.04 -37.53
N ARG D 422 29.10 -48.00 -37.51
CA ARG D 422 29.94 -48.23 -38.67
C ARG D 422 30.20 -49.69 -38.92
N TYR D 423 30.32 -50.05 -40.19
CA TYR D 423 30.68 -51.41 -40.57
C TYR D 423 29.72 -52.47 -40.01
N ASN D 424 28.45 -52.10 -39.93
CA ASN D 424 27.38 -52.97 -39.51
C ASN D 424 26.62 -53.44 -40.76
N ILE D 425 25.91 -54.53 -40.71
CA ILE D 425 25.03 -54.92 -41.82
C ILE D 425 23.62 -55.11 -41.29
N SER D 426 22.64 -54.53 -41.94
CA SER D 426 21.23 -54.65 -41.51
C SER D 426 20.49 -55.29 -42.66
N GLN D 427 19.83 -56.43 -42.40
CA GLN D 427 19.09 -57.11 -43.47
C GLN D 427 17.63 -57.37 -43.11
N ASN D 428 16.69 -56.87 -43.89
CA ASN D 428 15.24 -57.02 -43.63
C ASN D 428 14.70 -56.45 -42.28
N ASP D 429 15.36 -55.40 -41.74
CA ASP D 429 14.79 -54.65 -40.60
C ASP D 429 13.64 -53.83 -41.13
N ARG D 430 12.48 -53.96 -40.47
CA ARG D 430 11.18 -53.39 -40.95
C ARG D 430 10.85 -51.95 -40.42
N GLN D 431 9.97 -51.29 -41.16
CA GLN D 431 9.45 -49.94 -40.84
C GLN D 431 10.45 -48.77 -40.83
N GLY D 432 11.61 -48.97 -41.45
CA GLY D 432 12.75 -48.04 -41.46
C GLY D 432 14.01 -48.71 -40.89
N VAL D 433 15.19 -48.34 -41.39
CA VAL D 433 16.46 -48.88 -40.88
C VAL D 433 17.01 -48.01 -39.77
N PHE D 434 17.00 -46.69 -40.00
CA PHE D 434 17.47 -45.71 -39.02
C PHE D 434 16.29 -44.91 -38.45
N ASP D 435 16.23 -44.92 -37.12
CA ASP D 435 15.22 -44.25 -36.33
C ASP D 435 15.98 -43.09 -35.63
N LEU D 436 15.83 -41.89 -36.18
CA LEU D 436 16.40 -40.69 -35.60
C LEU D 436 15.35 -39.71 -34.98
N PRO D 437 14.64 -40.13 -33.90
CA PRO D 437 13.68 -39.27 -33.21
C PRO D 437 14.27 -38.26 -32.19
N SER D 438 14.47 -37.04 -32.67
CA SER D 438 14.91 -35.87 -31.86
C SER D 438 16.22 -36.13 -31.12
N ASN D 439 17.04 -36.97 -31.70
CA ASN D 439 18.34 -37.26 -31.13
C ASN D 439 19.21 -36.03 -31.14
N GLY D 440 20.17 -36.03 -30.22
CA GLY D 440 21.19 -35.02 -30.19
C GLY D 440 22.14 -35.08 -31.40
N PRO D 441 23.11 -34.19 -31.44
CA PRO D 441 24.13 -34.16 -32.48
C PRO D 441 25.33 -35.10 -32.30
N GLY D 442 26.20 -35.12 -33.31
CA GLY D 442 27.46 -35.85 -33.25
C GLY D 442 27.45 -37.25 -33.81
N ASN D 443 26.37 -37.62 -34.47
CA ASN D 443 26.16 -39.02 -34.93
C ASN D 443 26.66 -39.24 -36.34
N HIS D 444 27.47 -40.27 -36.49
CA HIS D 444 28.17 -40.54 -37.73
C HIS D 444 27.87 -41.98 -38.13
N ILE D 445 27.29 -42.15 -39.30
CA ILE D 445 26.81 -43.45 -39.76
C ILE D 445 27.57 -43.76 -41.06
N TYR D 446 28.47 -44.73 -41.02
CA TYR D 446 29.35 -44.92 -42.20
C TYR D 446 29.84 -46.33 -42.45
N ASN D 447 30.11 -46.59 -43.72
CA ASN D 447 30.46 -47.95 -44.18
C ASN D 447 29.54 -49.03 -43.61
N ASN D 448 28.25 -48.78 -43.61
CA ASN D 448 27.29 -49.84 -43.29
C ASN D 448 26.69 -50.36 -44.63
N THR D 449 26.13 -51.56 -44.63
CA THR D 449 25.42 -52.08 -45.82
C THR D 449 24.00 -52.39 -45.40
N VAL D 450 23.01 -51.73 -45.98
CA VAL D 450 21.62 -51.94 -45.55
C VAL D 450 20.81 -52.44 -46.73
N TYR D 451 20.08 -53.52 -46.50
CA TYR D 451 19.31 -54.23 -47.52
C TYR D 451 17.90 -54.08 -47.09
N VAL D 452 17.16 -53.24 -47.82
CA VAL D 452 15.93 -52.66 -47.34
C VAL D 452 14.78 -53.19 -48.19
N ASP D 453 13.99 -54.09 -47.60
CA ASP D 453 12.88 -54.72 -48.29
C ASP D 453 11.65 -53.79 -48.36
N ALA D 454 10.52 -54.35 -48.82
CA ALA D 454 9.30 -53.59 -49.11
C ALA D 454 8.49 -53.26 -47.87
N ASP D 455 8.79 -53.89 -46.74
CA ASP D 455 8.17 -53.48 -45.48
C ASP D 455 9.02 -52.52 -44.70
N SER D 456 9.95 -51.85 -45.38
CA SER D 456 10.86 -50.93 -44.72
C SER D 456 11.22 -49.81 -45.66
N GLN D 457 12.18 -49.02 -45.20
CA GLN D 457 12.70 -47.83 -45.87
C GLN D 457 13.95 -47.41 -45.13
N VAL D 458 14.63 -46.38 -45.60
CA VAL D 458 15.88 -45.94 -45.00
C VAL D 458 15.70 -45.27 -43.64
N LEU D 459 14.72 -44.37 -43.57
CA LEU D 459 14.37 -43.66 -42.34
C LEU D 459 12.96 -44.00 -41.85
N THR D 460 12.85 -44.29 -40.54
CA THR D 460 11.58 -44.46 -39.84
C THR D 460 10.71 -43.22 -40.06
N LYS D 461 9.39 -43.42 -40.08
CA LYS D 461 8.47 -42.35 -40.43
C LYS D 461 8.66 -41.22 -39.42
N ARG D 462 8.78 -41.58 -38.14
CA ARG D 462 8.93 -40.58 -37.08
C ARG D 462 10.32 -39.89 -36.98
N SER D 463 11.24 -40.13 -37.92
CA SER D 463 12.65 -39.69 -37.80
C SER D 463 12.67 -38.24 -38.12
N ASN D 464 13.48 -37.45 -37.40
CA ASN D 464 13.60 -36.02 -37.72
C ASN D 464 14.92 -35.27 -37.43
N SER D 465 15.95 -35.99 -37.01
CA SER D 465 17.13 -35.37 -36.44
C SER D 465 18.40 -35.90 -37.07
N GLN D 466 19.52 -35.47 -36.46
CA GLN D 466 20.80 -35.39 -37.16
C GLN D 466 21.41 -36.77 -37.44
N SER D 467 22.00 -36.91 -38.60
CA SER D 467 23.06 -37.92 -38.75
C SER D 467 23.83 -37.59 -39.98
N LEU D 468 25.12 -37.90 -39.94
CA LEU D 468 26.01 -37.79 -41.09
C LEU D 468 26.20 -39.13 -41.74
N PHE D 469 25.71 -39.27 -42.96
CA PHE D 469 25.75 -40.56 -43.63
C PHE D 469 26.84 -40.55 -44.69
N GLU D 470 27.84 -41.44 -44.55
CA GLU D 470 28.97 -41.53 -45.48
C GLU D 470 29.32 -42.96 -45.74
N ASN D 471 29.74 -43.24 -46.95
CA ASN D 471 30.35 -44.53 -47.30
C ASN D 471 29.44 -45.73 -47.16
N ASN D 472 28.14 -45.49 -47.10
CA ASN D 472 27.19 -46.57 -46.90
C ASN D 472 26.79 -47.11 -48.27
N ILE D 473 26.31 -48.34 -48.30
CA ILE D 473 25.68 -48.92 -49.46
C ILE D 473 24.24 -49.15 -49.05
N PHE D 474 23.35 -48.34 -49.61
CA PHE D 474 21.91 -48.44 -49.37
C PHE D 474 21.34 -49.23 -50.55
N ILE D 475 20.70 -50.36 -50.25
CA ILE D 475 20.16 -51.25 -51.29
C ILE D 475 18.64 -51.28 -51.30
N ASN D 476 18.04 -50.80 -52.39
CA ASN D 476 16.62 -50.95 -52.53
C ASN D 476 16.34 -52.36 -53.02
N ALA D 477 15.89 -53.20 -52.11
CA ALA D 477 15.65 -54.59 -52.42
C ALA D 477 14.19 -54.79 -52.74
N THR D 478 13.76 -54.20 -53.83
CA THR D 478 12.38 -54.30 -54.29
C THR D 478 12.46 -54.31 -55.82
N ASN D 479 11.30 -54.26 -56.46
CA ASN D 479 11.13 -54.64 -57.87
C ASN D 479 10.98 -53.47 -58.84
N THR D 480 10.97 -52.24 -58.35
CA THR D 480 11.15 -51.06 -59.20
C THR D 480 12.28 -50.25 -58.59
N LYS D 481 12.62 -49.16 -59.27
CA LYS D 481 13.49 -48.15 -58.74
C LYS D 481 12.70 -47.13 -57.87
N LYS D 482 12.88 -47.24 -56.56
CA LYS D 482 12.14 -46.45 -55.56
C LYS D 482 12.58 -44.96 -55.45
N THR D 483 11.59 -44.07 -55.44
CA THR D 483 11.78 -42.72 -54.97
C THR D 483 11.71 -42.75 -53.43
N GLU D 484 12.87 -42.68 -52.80
CA GLU D 484 12.97 -42.83 -51.35
C GLU D 484 12.93 -41.50 -50.65
N THR D 485 12.29 -41.43 -49.50
CA THR D 485 12.35 -40.18 -48.73
C THR D 485 13.66 -40.14 -47.95
N TRP D 486 14.68 -39.47 -48.47
CA TRP D 486 16.03 -39.42 -47.84
C TRP D 486 16.19 -38.41 -46.71
N ASN D 487 15.16 -37.56 -46.52
CA ASN D 487 15.20 -36.52 -45.53
C ASN D 487 13.86 -36.30 -44.87
N ARG D 488 13.89 -36.28 -43.52
CA ARG D 488 12.77 -35.87 -42.69
C ARG D 488 13.27 -34.96 -41.57
N GLY D 489 12.54 -33.87 -41.33
CA GLY D 489 12.94 -32.89 -40.33
C GLY D 489 14.24 -32.19 -40.66
N SER D 490 14.73 -31.41 -39.70
CA SER D 490 15.97 -30.66 -39.84
C SER D 490 16.70 -30.43 -38.50
N GLN D 491 16.31 -31.17 -37.47
CA GLN D 491 16.69 -30.85 -36.12
C GLN D 491 18.15 -31.24 -35.94
N ASN D 492 18.89 -30.38 -35.26
CA ASN D 492 20.33 -30.50 -35.13
C ASN D 492 21.10 -30.68 -36.46
N GLY D 493 20.55 -30.14 -37.55
CA GLY D 493 21.15 -30.17 -38.89
C GLY D 493 20.45 -31.10 -39.87
N GLY D 494 19.67 -32.03 -39.33
CA GLY D 494 19.04 -33.04 -40.17
C GLY D 494 19.97 -34.13 -40.67
N GLN D 495 19.54 -34.79 -41.73
CA GLN D 495 20.33 -35.84 -42.30
C GLN D 495 21.12 -35.22 -43.44
N THR D 496 22.43 -35.45 -43.43
CA THR D 496 23.29 -35.00 -44.51
C THR D 496 24.04 -36.24 -45.00
N TYR D 497 24.29 -36.31 -46.31
CA TYR D 497 24.81 -37.50 -46.94
C TYR D 497 25.96 -37.10 -47.85
N ASP D 498 27.05 -37.85 -47.81
CA ASP D 498 28.21 -37.62 -48.68
C ASP D 498 28.91 -38.92 -49.04
N ASN D 499 29.05 -39.20 -50.34
CA ASN D 499 29.83 -40.33 -50.81
C ASN D 499 29.22 -41.67 -50.40
N ASN D 500 27.90 -41.74 -50.45
CA ASN D 500 27.22 -43.03 -50.33
C ASN D 500 26.93 -43.69 -51.69
N MET D 501 26.63 -44.99 -51.68
CA MET D 501 26.17 -45.75 -52.83
C MET D 501 24.67 -45.98 -52.72
N TYR D 502 23.97 -45.74 -53.83
CA TYR D 502 22.52 -45.88 -53.92
C TYR D 502 22.24 -46.89 -55.03
N VAL D 503 21.82 -48.09 -54.61
CA VAL D 503 21.66 -49.23 -55.49
C VAL D 503 20.17 -49.33 -55.80
N ASN D 504 19.81 -49.28 -57.08
CA ASN D 504 18.44 -49.50 -57.51
C ASN D 504 17.43 -48.48 -57.01
N TYR D 505 17.89 -47.26 -56.77
CA TYR D 505 16.98 -46.20 -56.40
C TYR D 505 16.81 -45.30 -57.59
N ALA D 506 15.64 -44.67 -57.68
CA ALA D 506 15.32 -43.72 -58.73
C ALA D 506 15.96 -42.38 -58.45
N ASN D 507 16.25 -42.09 -57.17
CA ASN D 507 16.77 -40.82 -56.71
C ASN D 507 17.97 -40.95 -55.76
N LYS D 508 18.42 -39.80 -55.28
CA LYS D 508 19.41 -39.73 -54.26
C LYS D 508 19.14 -38.54 -53.32
N PRO D 509 19.83 -38.50 -52.16
CA PRO D 509 19.63 -37.34 -51.28
C PRO D 509 20.14 -36.10 -51.95
N THR D 510 19.46 -34.99 -51.70
CA THR D 510 19.89 -33.70 -52.22
C THR D 510 21.33 -33.34 -51.78
N SER D 511 21.69 -33.66 -50.53
CA SER D 511 23.03 -33.32 -50.00
C SER D 511 24.23 -34.14 -50.54
N ASP D 512 23.97 -35.34 -51.08
CA ASP D 512 25.09 -36.14 -51.60
C ASP D 512 25.52 -35.71 -53.02
N ALA D 513 26.49 -34.80 -53.04
CA ALA D 513 27.22 -34.41 -54.28
C ALA D 513 28.29 -35.40 -54.73
N ASN D 514 28.56 -36.45 -53.94
CA ASN D 514 29.52 -37.49 -54.34
C ASN D 514 28.82 -38.86 -54.42
N ALA D 515 27.55 -38.89 -54.84
CA ALA D 515 26.81 -40.14 -54.96
C ALA D 515 27.39 -41.12 -56.00
N ILE D 516 27.48 -42.40 -55.64
CA ILE D 516 27.80 -43.49 -56.55
C ILE D 516 26.45 -44.14 -56.76
N GLU D 517 25.94 -44.15 -57.96
CA GLU D 517 24.65 -44.80 -58.24
C GLU D 517 24.91 -46.11 -58.97
N ALA D 518 24.20 -47.19 -58.61
CA ALA D 518 24.25 -48.46 -59.36
C ALA D 518 22.87 -49.03 -59.57
N ASP D 519 22.64 -49.51 -60.80
CA ASP D 519 21.36 -50.06 -61.20
C ASP D 519 20.99 -51.39 -60.47
N ASP D 520 21.98 -52.26 -60.31
CA ASP D 520 21.78 -53.68 -60.06
C ASP D 520 22.71 -54.14 -58.97
N VAL D 521 22.14 -54.65 -57.88
CA VAL D 521 22.96 -55.16 -56.77
C VAL D 521 23.86 -56.34 -57.16
N SER D 522 23.54 -57.10 -58.21
CA SER D 522 24.37 -58.28 -58.65
C SER D 522 25.77 -57.97 -59.05
N ALA D 523 25.91 -56.79 -59.67
CA ALA D 523 27.18 -56.25 -60.10
C ALA D 523 28.00 -55.59 -58.98
N VAL D 524 27.36 -55.33 -57.86
CA VAL D 524 27.94 -54.61 -56.71
C VAL D 524 28.43 -55.61 -55.64
N LEU D 525 27.51 -56.47 -55.17
CA LEU D 525 27.78 -57.49 -54.16
C LEU D 525 27.49 -58.92 -54.65
N ALA D 526 28.22 -59.88 -54.07
CA ALA D 526 28.15 -61.31 -54.41
C ALA D 526 26.72 -61.87 -54.32
N GLY D 527 26.08 -61.66 -53.19
CA GLY D 527 24.72 -62.21 -52.98
C GLY D 527 24.03 -61.50 -51.85
N ALA D 528 23.54 -60.30 -52.11
CA ALA D 528 22.95 -59.50 -51.07
C ALA D 528 21.65 -60.14 -50.57
N GLY D 529 21.32 -59.96 -49.29
CA GLY D 529 20.08 -60.59 -48.73
C GLY D 529 20.18 -62.02 -48.25
N SER D 530 21.37 -62.61 -48.39
CA SER D 530 21.63 -64.01 -48.19
C SER D 530 22.27 -64.30 -46.89
N ALA D 531 22.40 -63.32 -45.99
CA ALA D 531 22.89 -63.56 -44.62
C ALA D 531 21.78 -64.17 -43.77
N PRO D 532 22.11 -64.63 -42.54
CA PRO D 532 21.11 -65.41 -41.79
C PRO D 532 19.79 -64.72 -41.39
N THR D 533 18.74 -65.52 -41.39
CA THR D 533 17.41 -65.10 -41.00
C THR D 533 17.02 -65.54 -39.58
N SER D 534 17.90 -66.28 -38.93
CA SER D 534 17.73 -66.68 -37.57
C SER D 534 19.07 -66.99 -36.91
N ALA D 535 19.11 -66.96 -35.58
CA ALA D 535 20.28 -67.40 -34.83
C ALA D 535 20.54 -68.86 -35.10
N LEU D 536 21.81 -69.25 -35.18
CA LEU D 536 22.22 -70.65 -35.14
C LEU D 536 21.56 -71.37 -33.96
N LYS D 537 21.14 -72.62 -34.17
CA LYS D 537 20.39 -73.39 -33.14
C LYS D 537 21.01 -73.34 -31.73
N SER D 538 22.32 -73.44 -31.70
CA SER D 538 23.11 -73.43 -30.49
C SER D 538 23.20 -72.08 -29.82
N GLY D 539 22.86 -71.01 -30.51
CA GLY D 539 23.04 -69.63 -29.97
C GLY D 539 24.37 -68.92 -30.19
N ALA D 540 25.38 -69.64 -30.60
CA ALA D 540 26.62 -69.03 -31.06
C ALA D 540 26.38 -68.11 -32.26
N GLU D 541 27.12 -67.00 -32.27
CA GLU D 541 27.32 -66.23 -33.49
C GLU D 541 27.64 -67.12 -34.70
N HIS D 542 27.24 -66.67 -35.88
CA HIS D 542 27.60 -67.34 -37.12
C HIS D 542 29.05 -67.08 -37.39
N ALA D 543 29.70 -68.05 -38.03
CA ALA D 543 31.03 -67.91 -38.62
C ALA D 543 31.04 -66.77 -39.63
N ARG D 544 32.10 -65.97 -39.55
CA ARG D 544 32.42 -64.98 -40.55
C ARG D 544 33.44 -65.46 -41.59
N THR D 545 34.21 -66.50 -41.25
CA THR D 545 35.28 -67.04 -42.10
C THR D 545 35.10 -68.51 -42.19
N GLY D 546 35.79 -69.10 -43.14
CA GLY D 546 35.85 -70.51 -43.26
C GLY D 546 34.67 -70.95 -44.07
N GLU D 547 34.44 -72.26 -44.13
CA GLU D 547 33.40 -72.83 -45.02
C GLU D 547 31.95 -72.51 -44.60
N LYS D 548 31.72 -72.23 -43.31
CA LYS D 548 30.41 -71.82 -42.74
C LYS D 548 30.18 -70.32 -42.73
N ALA D 549 31.06 -69.56 -43.36
CA ALA D 549 30.96 -68.12 -43.33
C ALA D 549 29.55 -67.81 -43.83
N ALA D 550 28.83 -67.01 -43.07
CA ALA D 550 27.42 -66.74 -43.34
C ALA D 550 27.18 -65.39 -44.07
N PHE D 551 28.22 -64.55 -44.22
CA PHE D 551 28.06 -63.20 -44.78
C PHE D 551 28.83 -62.91 -46.09
N ASP D 552 29.25 -63.96 -46.81
CA ASP D 552 30.08 -63.79 -48.02
C ASP D 552 29.29 -63.14 -49.15
N GLY D 553 27.96 -63.15 -49.08
CA GLY D 553 27.14 -62.45 -50.07
C GLY D 553 27.26 -60.95 -50.01
N TYR D 554 27.77 -60.44 -48.89
CA TYR D 554 28.06 -59.01 -48.78
C TYR D 554 29.50 -58.56 -49.15
N ARG D 555 30.31 -59.48 -49.67
CA ARG D 555 31.56 -59.13 -50.38
C ARG D 555 31.31 -58.42 -51.70
N PRO D 556 32.12 -57.38 -52.00
CA PRO D 556 32.10 -56.78 -53.32
C PRO D 556 32.58 -57.78 -54.34
N VAL D 557 31.93 -57.81 -55.49
CA VAL D 557 32.41 -58.64 -56.61
C VAL D 557 33.49 -57.87 -57.37
N ALA D 558 34.14 -58.54 -58.33
CA ALA D 558 35.21 -57.97 -59.11
C ALA D 558 34.61 -56.95 -60.04
N GLY D 559 35.24 -55.78 -60.13
CA GLY D 559 34.64 -54.65 -60.82
C GLY D 559 33.40 -54.01 -60.20
N SER D 560 33.08 -54.33 -58.95
CA SER D 560 32.08 -53.56 -58.20
C SER D 560 32.54 -52.11 -58.08
N LYS D 561 31.60 -51.22 -58.32
CA LYS D 561 31.80 -49.80 -58.03
C LYS D 561 31.90 -49.42 -56.53
N ALA D 562 31.77 -50.41 -55.64
CA ALA D 562 32.14 -50.30 -54.22
C ALA D 562 33.66 -50.22 -53.97
N ILE D 563 34.45 -50.86 -54.83
CA ILE D 563 35.90 -50.93 -54.64
C ILE D 563 36.63 -49.56 -54.79
N ASN D 564 37.30 -49.17 -53.70
CA ASN D 564 38.11 -47.95 -53.60
C ASN D 564 37.32 -46.66 -53.74
N ALA D 565 35.99 -46.74 -53.67
CA ALA D 565 35.12 -45.64 -54.01
C ALA D 565 34.70 -44.79 -52.76
N GLY D 566 35.19 -45.17 -51.60
CA GLY D 566 34.87 -44.47 -50.36
C GLY D 566 35.83 -43.35 -50.09
N LYS D 567 35.46 -42.47 -49.19
CA LYS D 567 36.33 -41.41 -48.73
C LYS D 567 37.01 -41.81 -47.43
N VAL D 568 38.18 -41.27 -47.18
CA VAL D 568 38.87 -41.49 -45.89
C VAL D 568 37.96 -40.79 -44.92
N VAL D 569 37.56 -41.45 -43.85
CA VAL D 569 36.56 -40.92 -42.93
C VAL D 569 37.27 -40.31 -41.73
N SER D 570 36.79 -39.19 -41.26
CA SER D 570 37.24 -38.62 -40.00
C SER D 570 36.03 -38.81 -39.10
N ASP D 571 36.06 -39.89 -38.33
CA ASP D 571 35.04 -40.23 -37.37
C ASP D 571 34.79 -39.02 -36.47
N LEU D 572 33.52 -38.65 -36.28
CA LEU D 572 33.15 -37.43 -35.58
C LEU D 572 33.43 -37.57 -34.08
N ASN D 573 33.60 -38.82 -33.67
CA ASN D 573 33.78 -39.19 -32.28
C ASN D 573 35.17 -39.75 -31.99
N ASP D 574 36.12 -39.57 -32.91
CA ASP D 574 37.54 -39.88 -32.66
C ASP D 574 37.86 -41.38 -32.49
N TYR D 575 37.09 -42.20 -33.18
CA TYR D 575 37.36 -43.64 -33.20
C TYR D 575 38.08 -43.92 -34.49
N ALA D 576 39.35 -44.30 -34.40
CA ALA D 576 40.13 -44.57 -35.59
C ALA D 576 39.51 -45.78 -36.33
N VAL D 577 39.33 -45.67 -37.64
CA VAL D 577 39.03 -46.84 -38.48
C VAL D 577 40.13 -47.88 -38.35
N GLU D 578 39.75 -49.15 -38.41
CA GLU D 578 40.67 -50.27 -38.28
C GLU D 578 40.31 -51.40 -39.23
N ASN D 579 39.17 -52.08 -38.95
CA ASN D 579 38.72 -53.21 -39.76
C ASN D 579 37.28 -53.06 -40.22
N ASP D 580 36.91 -53.98 -41.11
CA ASP D 580 35.58 -54.04 -41.71
C ASP D 580 34.73 -55.06 -40.95
N PHE D 581 33.59 -55.48 -41.51
CA PHE D 581 32.68 -56.44 -40.85
C PHE D 581 33.28 -57.85 -40.69
N LEU D 582 34.10 -58.23 -41.65
CA LEU D 582 34.80 -59.51 -41.62
C LEU D 582 36.09 -59.49 -40.81
N GLY D 583 36.37 -58.40 -40.09
CA GLY D 583 37.63 -58.22 -39.38
C GLY D 583 38.88 -58.07 -40.25
N ASN D 584 38.72 -57.67 -41.52
CA ASN D 584 39.88 -57.42 -42.38
C ASN D 584 40.30 -55.97 -42.32
N ALA D 585 41.61 -55.73 -42.46
CA ALA D 585 42.19 -54.37 -42.38
C ALA D 585 41.66 -53.46 -43.50
N VAL D 586 41.31 -52.22 -43.11
CA VAL D 586 40.91 -51.16 -44.05
C VAL D 586 42.07 -50.22 -44.15
N LYS D 587 42.74 -50.17 -45.30
CA LYS D 587 43.99 -49.45 -45.34
C LYS D 587 43.93 -48.22 -46.21
N GLY D 588 43.55 -48.40 -47.47
CA GLY D 588 43.72 -47.32 -48.45
C GLY D 588 42.62 -46.29 -48.40
N ARG D 589 42.06 -46.00 -49.56
CA ARG D 589 40.71 -45.52 -49.61
C ARG D 589 39.86 -46.76 -49.28
N PRO D 590 38.94 -46.62 -48.32
CA PRO D 590 38.02 -47.71 -48.11
C PRO D 590 37.07 -47.99 -49.28
N ASP D 591 36.71 -49.28 -49.43
CA ASP D 591 35.56 -49.66 -50.27
C ASP D 591 34.29 -49.18 -49.57
N LEU D 592 33.27 -48.98 -50.37
CA LEU D 592 31.96 -48.66 -49.85
C LEU D 592 31.37 -49.86 -49.13
N GLY D 593 30.47 -49.54 -48.19
CA GLY D 593 29.72 -50.55 -47.46
C GLY D 593 30.54 -51.12 -46.34
N ALA D 594 30.11 -52.28 -45.83
CA ALA D 594 30.68 -52.84 -44.62
C ALA D 594 31.85 -53.77 -44.86
N VAL D 595 32.04 -54.23 -46.09
CA VAL D 595 32.96 -55.34 -46.37
C VAL D 595 33.92 -54.98 -47.48
N GLU D 596 35.21 -54.88 -47.13
CA GLU D 596 36.26 -54.74 -48.13
C GLU D 596 36.34 -55.98 -49.02
N ALA D 597 36.78 -55.76 -50.26
CA ALA D 597 37.04 -56.86 -51.24
C ALA D 597 38.39 -57.56 -51.04
N ALA D 598 38.69 -58.60 -51.84
CA ALA D 598 39.77 -59.55 -51.47
C ALA D 598 40.08 -60.55 -52.59
N SER E 16 -4.55 80.43 45.37
CA SER E 16 -3.32 81.11 44.83
C SER E 16 -3.14 80.75 43.32
N GLY E 17 -1.90 80.88 42.84
CA GLY E 17 -1.49 80.29 41.55
C GLY E 17 -1.08 81.28 40.48
N THR E 18 0.16 81.14 39.99
CA THR E 18 0.62 81.83 38.78
C THR E 18 0.48 80.92 37.52
N THR E 19 -0.10 81.50 36.47
CA THR E 19 -0.29 80.88 35.18
C THR E 19 0.70 81.53 34.20
N TYR E 20 1.56 80.71 33.60
CA TYR E 20 2.48 81.16 32.59
C TYR E 20 1.97 80.76 31.20
N TYR E 21 2.19 81.65 30.24
CA TYR E 21 1.71 81.49 28.89
C TYR E 21 2.88 81.48 27.96
N VAL E 22 2.87 80.55 27.02
CA VAL E 22 3.91 80.44 25.98
C VAL E 22 3.26 80.29 24.61
N SER E 23 3.69 81.10 23.66
CA SER E 23 3.21 81.03 22.27
C SER E 23 4.39 81.24 21.32
N SER E 24 4.66 80.27 20.44
CA SER E 24 5.79 80.37 19.45
C SER E 24 5.56 81.40 18.32
N ALA E 25 4.27 81.63 18.05
CA ALA E 25 3.80 82.55 17.02
C ALA E 25 3.73 84.01 17.53
N HIS E 26 3.01 84.28 18.63
CA HIS E 26 2.81 85.68 19.14
C HIS E 26 3.70 86.09 20.33
N GLY E 27 4.53 85.18 20.82
CA GLY E 27 5.19 85.36 22.12
C GLY E 27 6.52 86.06 22.06
N ASP E 28 7.02 86.48 23.23
CA ASP E 28 8.40 86.98 23.37
C ASP E 28 9.05 86.64 24.73
N ASP E 29 10.27 86.11 24.71
CA ASP E 29 11.02 85.84 25.94
C ASP E 29 11.32 87.10 26.80
N ALA E 30 11.16 88.30 26.26
CA ALA E 30 11.27 89.53 27.04
C ALA E 30 10.00 89.89 27.81
N ASN E 31 8.85 89.28 27.51
CA ASN E 31 7.57 89.57 28.20
C ASN E 31 7.51 88.93 29.57
N ALA E 32 6.53 89.33 30.37
CA ALA E 32 6.41 88.80 31.73
C ALA E 32 5.97 87.32 31.77
N GLY E 33 5.23 86.86 30.73
CA GLY E 33 4.76 85.46 30.59
C GLY E 33 3.52 85.06 31.40
N THR E 34 3.09 85.97 32.26
CA THR E 34 1.82 85.90 32.95
C THR E 34 0.84 86.62 32.03
N SER E 35 -0.43 86.22 32.06
CA SER E 35 -1.48 86.74 31.11
C SER E 35 -1.30 86.43 29.60
N GLU E 36 -2.43 86.15 28.93
CA GLU E 36 -2.49 85.84 27.48
C GLU E 36 -1.98 86.97 26.55
N ASN E 37 -1.97 88.21 27.02
CA ASN E 37 -1.48 89.35 26.23
C ASN E 37 0.01 89.32 26.02
N ALA E 38 0.74 88.77 26.99
CA ALA E 38 2.19 88.99 27.13
C ALA E 38 2.95 87.68 27.39
N PRO E 39 3.08 86.81 26.35
CA PRO E 39 3.21 85.39 26.63
C PRO E 39 4.48 84.59 26.29
N TRP E 40 5.70 85.10 26.30
CA TRP E 40 6.94 84.20 26.10
C TRP E 40 6.93 83.38 24.82
N LYS E 41 8.09 83.23 24.19
CA LYS E 41 8.22 82.55 22.89
C LYS E 41 8.63 81.07 22.94
N SER E 42 9.45 80.72 23.94
CA SER E 42 10.16 79.43 23.97
C SER E 42 9.97 78.64 25.29
N LEU E 43 10.04 77.32 25.19
CA LEU E 43 10.01 76.45 26.35
C LEU E 43 11.31 76.53 27.14
N THR E 44 12.35 77.08 26.52
CA THR E 44 13.67 77.18 27.13
C THR E 44 13.65 78.27 28.25
N LYS E 45 12.78 79.29 28.06
CA LYS E 45 12.43 80.26 29.11
C LYS E 45 11.80 79.61 30.36
N VAL E 46 10.94 78.64 30.08
CA VAL E 46 10.15 77.88 31.05
C VAL E 46 11.03 76.92 31.91
N ASN E 47 11.94 76.23 31.26
CA ASN E 47 12.92 75.40 32.01
C ASN E 47 13.59 76.14 33.16
N ASP E 48 13.97 77.41 33.00
CA ASP E 48 14.58 78.16 34.09
C ASP E 48 13.67 78.28 35.30
N ILE E 49 12.36 78.28 35.08
CA ILE E 49 11.40 78.49 36.16
C ILE E 49 10.76 77.17 36.68
N ALA E 50 10.86 76.09 35.90
CA ALA E 50 10.00 74.94 36.05
C ALA E 50 10.22 74.17 37.33
N SER E 51 11.43 74.17 37.81
CA SER E 51 11.72 73.48 39.05
C SER E 51 11.47 74.40 40.26
N ASP E 52 10.64 75.44 40.10
CA ASP E 52 10.12 76.25 41.24
C ASP E 52 8.57 76.38 41.30
N LEU E 53 7.85 75.65 40.45
CA LEU E 53 6.39 75.54 40.54
C LEU E 53 6.17 74.53 41.69
N GLY E 54 5.05 74.45 42.42
CA GLY E 54 3.98 75.43 42.52
C GLY E 54 2.57 74.85 42.65
N PRO E 55 2.08 74.59 43.89
CA PRO E 55 0.61 74.31 43.98
C PRO E 55 -0.27 75.43 43.30
N GLY E 56 -1.22 75.01 42.45
CA GLY E 56 -1.98 75.95 41.60
C GLY E 56 -1.24 76.69 40.49
N ASP E 57 0.05 76.39 40.26
CA ASP E 57 0.82 77.01 39.16
C ASP E 57 0.62 76.29 37.82
N SER E 58 0.65 77.05 36.74
CA SER E 58 0.36 76.46 35.45
C SER E 58 1.24 77.01 34.36
N VAL E 59 1.49 76.17 33.37
CA VAL E 59 2.17 76.54 32.12
C VAL E 59 1.28 76.08 30.97
N LEU E 60 0.76 77.07 30.26
CA LEU E 60 -0.14 76.85 29.16
C LEU E 60 0.60 77.23 27.90
N LEU E 61 0.49 76.37 26.90
CA LEU E 61 1.15 76.50 25.61
C LEU E 61 0.07 76.74 24.57
N GLU E 62 0.28 77.72 23.70
CA GLU E 62 -0.79 78.15 22.83
C GLU E 62 -1.08 77.06 21.81
N TYR E 63 -2.36 76.68 21.64
CA TYR E 63 -2.79 75.84 20.49
C TYR E 63 -2.25 76.40 19.20
N GLY E 64 -1.64 75.55 18.38
CA GLY E 64 -1.01 75.97 17.10
C GLY E 64 0.51 76.09 17.15
N SER E 65 1.08 76.18 18.36
CA SER E 65 2.55 76.35 18.52
C SER E 65 3.42 75.14 18.07
N GLU E 66 4.62 75.47 17.61
CA GLU E 66 5.63 74.48 17.27
C GLU E 66 6.92 74.89 17.98
N PHE E 67 7.19 74.26 19.10
CA PHE E 67 8.44 74.45 19.84
C PHE E 67 9.53 73.41 19.40
N ASN E 68 10.24 73.73 18.30
CA ASN E 68 11.30 72.90 17.69
C ASN E 68 12.67 73.00 18.34
N ASP E 69 13.35 71.87 18.45
CA ASP E 69 14.63 71.72 19.19
C ASP E 69 14.50 72.05 20.66
N GLN E 70 13.32 71.76 21.20
CA GLN E 70 12.97 72.16 22.54
C GLN E 70 12.39 71.02 23.37
N TYR E 71 12.22 71.34 24.65
CA TYR E 71 12.07 70.34 25.64
C TYR E 71 11.64 70.94 26.98
N LEU E 72 10.95 70.12 27.78
CA LEU E 72 10.56 70.48 29.12
C LEU E 72 11.02 69.47 30.19
N HIS E 73 11.90 69.96 31.07
CA HIS E 73 12.56 69.19 32.11
C HIS E 73 12.21 69.85 33.44
N ILE E 74 11.41 69.15 34.22
CA ILE E 74 10.88 69.65 35.50
C ILE E 74 11.36 68.70 36.58
N LYS E 75 12.12 69.24 37.53
CA LYS E 75 12.76 68.45 38.56
C LYS E 75 12.45 68.91 40.01
N ASP E 76 12.19 67.96 40.91
CA ASP E 76 12.25 68.18 42.38
C ASP E 76 11.31 69.27 42.87
N THR E 77 10.01 68.98 42.78
CA THR E 77 8.96 69.94 43.14
C THR E 77 7.58 69.30 43.06
N ALA E 78 6.54 70.02 43.47
CA ALA E 78 5.18 69.46 43.51
C ALA E 78 4.09 70.48 43.68
N GLY E 79 2.88 70.07 43.31
CA GLY E 79 1.65 70.68 43.79
C GLY E 79 1.18 69.97 45.06
N ASN E 80 -0.08 70.13 45.39
CA ASN E 80 -0.66 69.37 46.51
C ASN E 80 -2.06 68.92 46.13
N ALA E 81 -2.76 68.26 47.05
CA ALA E 81 -4.13 67.75 46.80
C ALA E 81 -5.23 68.82 46.59
N ASP E 82 -4.94 70.10 46.84
CA ASP E 82 -5.84 71.24 46.50
C ASP E 82 -5.71 71.70 45.05
N ALA E 83 -4.46 71.86 44.65
CA ALA E 83 -4.17 72.42 43.37
C ALA E 83 -2.87 71.78 42.87
N PRO E 84 -2.95 71.01 41.79
CA PRO E 84 -1.73 70.46 41.22
C PRO E 84 -0.98 71.53 40.43
N ILE E 85 0.22 71.20 39.99
CA ILE E 85 0.86 71.91 38.88
C ILE E 85 0.17 71.48 37.56
N THR E 86 -0.05 72.41 36.64
CA THR E 86 -0.68 72.08 35.34
C THR E 86 0.20 72.50 34.20
N ILE E 87 0.47 71.54 33.31
CA ILE E 87 1.11 71.81 32.02
C ILE E 87 0.10 71.43 30.95
N SER E 88 -0.31 72.41 30.14
CA SER E 88 -1.30 72.16 29.13
C SER E 88 -1.37 73.25 28.07
N ALA E 89 -2.54 73.36 27.42
CA ALA E 89 -2.74 74.20 26.27
C ALA E 89 -3.75 75.31 26.55
N TYR E 90 -3.68 76.43 25.81
CA TYR E 90 -4.71 77.48 25.81
C TYR E 90 -5.03 78.02 24.37
N GLY E 91 -6.19 78.68 24.30
CA GLY E 91 -6.70 79.35 23.11
C GLY E 91 -7.70 78.51 22.30
N ASP E 92 -7.43 78.43 20.99
CA ASP E 92 -8.30 77.77 20.02
C ASP E 92 -7.89 76.32 19.70
N ALA E 93 -8.56 75.35 20.32
CA ALA E 93 -8.26 73.93 20.08
C ALA E 93 -8.33 73.46 18.62
N ASP E 94 -9.03 74.16 17.73
CA ASP E 94 -9.00 73.85 16.28
C ASP E 94 -7.63 74.16 15.61
N GLU E 95 -6.79 74.95 16.28
CA GLU E 95 -5.42 75.21 15.81
C GLU E 95 -4.46 73.97 15.91
N GLY E 96 -4.88 72.99 16.74
CA GLY E 96 -4.11 71.76 16.96
C GLY E 96 -3.22 71.84 18.20
N LYS E 97 -2.93 70.66 18.73
CA LYS E 97 -2.15 70.55 19.96
C LYS E 97 -0.81 71.24 19.79
N PRO E 98 -0.43 72.08 20.78
CA PRO E 98 0.93 72.59 20.71
C PRO E 98 1.94 71.42 20.61
N VAL E 99 2.99 71.62 19.79
CA VAL E 99 3.99 70.57 19.50
C VAL E 99 5.36 70.85 20.16
N ILE E 100 5.80 69.93 21.01
CA ILE E 100 7.14 69.99 21.58
C ILE E 100 8.03 68.93 20.93
N ALA E 101 8.97 69.36 20.06
CA ALA E 101 9.86 68.49 19.29
C ALA E 101 11.29 68.74 19.69
N SER E 102 11.85 67.87 20.51
CA SER E 102 13.29 67.97 20.90
C SER E 102 14.31 67.59 19.84
N ASN E 103 13.93 66.77 18.85
CA ASN E 103 14.86 66.27 17.82
C ASN E 103 16.21 65.73 18.35
N GLY E 104 16.16 65.16 19.54
CA GLY E 104 17.32 64.62 20.22
C GLY E 104 18.38 65.61 20.68
N VAL E 105 18.09 66.91 20.78
CA VAL E 105 19.14 67.92 21.04
C VAL E 105 19.80 67.74 22.41
N LYS E 106 21.04 68.24 22.55
CA LYS E 106 21.86 68.12 23.81
C LYS E 106 21.11 68.54 25.06
N GLY E 107 20.40 69.65 25.02
CA GLY E 107 19.66 70.16 26.20
C GLY E 107 18.49 69.30 26.64
N SER E 108 18.04 68.41 25.76
CA SER E 108 17.02 67.40 26.09
C SER E 108 17.62 66.22 26.82
N GLN E 109 18.97 66.13 26.86
CA GLN E 109 19.68 64.93 27.31
C GLN E 109 20.04 64.98 28.82
N TRP E 110 19.87 63.83 29.48
CA TRP E 110 20.14 63.75 30.88
C TRP E 110 20.69 62.37 31.16
N GLU E 111 21.18 62.22 32.40
CA GLU E 111 21.99 61.05 32.78
C GLU E 111 21.16 60.11 33.61
N GLN E 112 20.79 58.97 33.03
CA GLN E 112 20.00 57.97 33.73
C GLN E 112 20.97 57.00 34.44
N ASP E 113 20.70 56.74 35.69
CA ASP E 113 21.42 55.73 36.44
C ASP E 113 20.49 55.10 37.45
N TYR E 114 20.16 53.82 37.28
CA TYR E 114 19.40 53.09 38.35
C TYR E 114 20.17 52.99 39.67
N ARG E 115 21.51 53.00 39.60
CA ARG E 115 22.42 52.79 40.73
C ARG E 115 22.17 51.46 41.45
N ALA E 116 21.78 50.47 40.63
CA ALA E 116 21.67 49.09 41.05
C ALA E 116 21.55 48.21 39.82
N ASN E 117 21.91 46.94 39.97
CA ASN E 117 21.79 46.03 38.86
C ASN E 117 20.31 45.76 38.67
N VAL E 118 19.80 45.88 37.46
CA VAL E 118 18.38 45.62 37.23
C VAL E 118 18.20 44.63 36.12
N GLY E 119 19.12 43.66 36.13
CA GLY E 119 19.17 42.54 35.21
C GLY E 119 20.07 42.78 34.03
N ASN E 120 19.94 41.89 33.04
CA ASN E 120 20.77 41.87 31.84
C ASN E 120 20.31 42.88 30.77
N HIS E 121 20.46 44.14 31.16
CA HIS E 121 20.01 45.26 30.40
C HIS E 121 20.93 46.46 30.65
N LYS E 122 21.00 47.40 29.70
CA LYS E 122 21.68 48.65 29.96
C LYS E 122 20.89 49.34 31.07
N ASN E 123 21.61 49.90 32.07
CA ASN E 123 21.01 50.55 33.20
C ASN E 123 21.59 51.93 33.51
N LYS E 124 22.35 52.50 32.58
CA LYS E 124 22.99 53.76 32.77
C LYS E 124 23.56 54.28 31.48
N GLY E 125 23.37 55.59 31.29
CA GLY E 125 23.96 56.31 30.16
C GLY E 125 23.08 57.47 29.82
N THR E 126 23.47 58.15 28.74
CA THR E 126 22.76 59.33 28.26
C THR E 126 21.41 58.99 27.55
N VAL E 127 20.35 59.68 27.99
CA VAL E 127 18.99 59.61 27.43
C VAL E 127 18.51 61.03 27.02
N SER E 128 17.89 61.12 25.82
CA SER E 128 17.17 62.31 25.35
C SER E 128 15.69 62.15 25.66
N THR E 129 15.14 63.15 26.34
CA THR E 129 13.74 63.13 26.79
C THR E 129 13.08 64.48 26.52
N THR E 130 12.01 64.47 25.75
CA THR E 130 11.29 65.71 25.41
C THR E 130 10.54 66.28 26.63
N LEU E 131 9.83 65.44 27.39
CA LEU E 131 9.24 65.89 28.61
C LEU E 131 9.74 65.06 29.77
N LEU E 132 10.56 65.67 30.63
CA LEU E 132 11.12 64.99 31.79
C LEU E 132 10.48 65.47 33.10
N LEU E 133 9.90 64.52 33.80
CA LEU E 133 9.30 64.77 35.08
C LEU E 133 10.15 63.99 36.03
N LYS E 134 10.96 64.67 36.82
CA LYS E 134 11.81 63.99 37.77
C LYS E 134 11.50 64.40 39.20
N ASP E 135 10.80 63.53 39.91
CA ASP E 135 10.36 63.76 41.28
C ASP E 135 9.55 65.03 41.34
N VAL E 136 8.50 64.98 40.54
CA VAL E 136 7.43 65.96 40.56
C VAL E 136 6.17 65.20 40.96
N SER E 137 5.54 65.61 42.06
CA SER E 137 4.29 65.05 42.49
C SER E 137 3.16 66.04 42.30
N TYR E 138 1.93 65.54 42.11
CA TYR E 138 0.75 66.41 41.98
C TYR E 138 0.93 67.34 40.78
N ILE E 139 1.06 66.72 39.61
CA ILE E 139 1.22 67.42 38.33
C ILE E 139 0.37 66.77 37.26
N THR E 140 -0.23 67.62 36.43
CA THR E 140 -1.09 67.23 35.32
C THR E 140 -0.53 67.79 34.05
N VAL E 141 -0.43 66.90 33.05
CA VAL E 141 0.11 67.21 31.74
C VAL E 141 -0.89 66.74 30.69
N SER E 142 -1.37 67.68 29.91
CA SER E 142 -2.47 67.44 29.05
C SER E 142 -2.37 68.18 27.75
N ASN E 143 -2.93 67.54 26.71
CA ASN E 143 -3.27 68.19 25.48
C ASN E 143 -2.05 68.74 24.73
N LEU E 144 -0.92 68.02 24.83
CA LEU E 144 0.30 68.30 24.05
C LEU E 144 0.66 67.16 23.08
N GLU E 145 1.43 67.53 22.08
CA GLU E 145 1.96 66.64 21.11
C GLU E 145 3.45 66.71 21.34
N ILE E 146 4.08 65.54 21.39
CA ILE E 146 5.46 65.42 21.81
C ILE E 146 6.12 64.48 20.83
N THR E 147 7.20 64.95 20.23
CA THR E 147 8.11 64.14 19.44
C THR E 147 9.53 64.15 20.01
N ASN E 148 10.30 63.18 19.52
CA ASN E 148 11.74 63.09 19.73
C ASN E 148 12.35 62.44 18.51
N ASP E 149 12.21 63.18 17.40
CA ASP E 149 12.48 62.68 16.04
C ASP E 149 13.94 62.78 15.64
N ASP E 150 14.38 61.76 14.90
CA ASP E 150 15.63 61.76 14.16
C ASP E 150 15.32 61.73 12.65
N ALA E 151 15.80 62.74 11.95
CA ALA E 151 15.55 62.92 10.52
C ALA E 151 16.18 61.84 9.63
N ASP E 152 17.17 61.13 10.15
CA ASP E 152 17.72 59.97 9.45
C ASP E 152 17.10 58.60 9.84
N VAL E 153 16.02 58.59 10.63
CA VAL E 153 15.26 57.35 10.91
C VAL E 153 13.84 57.58 10.37
N TYR E 154 13.39 56.68 9.50
CA TYR E 154 12.05 56.72 8.93
C TYR E 154 11.49 55.31 8.70
N ASP E 155 10.53 54.91 9.50
CA ASP E 155 9.91 53.56 9.37
C ASP E 155 8.47 53.61 9.88
N PRO E 156 7.62 54.42 9.23
CA PRO E 156 6.29 54.67 9.76
C PRO E 156 5.48 53.40 9.71
N ILE E 157 4.73 53.17 10.77
CA ILE E 157 3.90 51.99 10.85
C ILE E 157 2.81 51.97 9.76
N ASP E 158 2.27 53.13 9.39
CA ASP E 158 1.13 53.14 8.49
C ASP E 158 1.32 52.52 7.12
N THR E 159 2.56 52.37 6.69
CA THR E 159 2.88 51.84 5.36
C THR E 159 3.86 50.67 5.51
N TRP E 160 4.03 50.15 6.72
CA TRP E 160 5.12 49.22 7.03
C TRP E 160 4.80 47.87 6.45
N LYS E 161 5.81 47.18 5.95
CA LYS E 161 5.60 45.81 5.50
C LYS E 161 6.89 45.08 5.50
N TRP E 162 6.76 43.76 5.52
CA TRP E 162 7.91 42.87 5.46
C TRP E 162 8.49 42.92 4.04
N THR E 163 9.78 43.23 3.96
CA THR E 163 10.50 43.24 2.71
C THR E 163 11.52 42.11 2.69
N ASP E 164 11.84 41.68 1.46
CA ASP E 164 12.96 40.73 1.18
C ASP E 164 14.29 41.25 1.71
N THR E 165 14.48 42.57 1.59
CA THR E 165 15.72 43.24 1.98
C THR E 165 15.47 44.38 2.96
N PRO E 166 16.45 44.62 3.85
CA PRO E 166 16.30 45.72 4.80
C PRO E 166 16.25 47.10 4.13
N ASP E 167 15.32 47.94 4.59
CA ASP E 167 15.23 49.37 4.21
C ASP E 167 15.03 49.65 2.66
N SER E 168 14.48 48.64 1.94
CA SER E 168 14.32 48.71 0.47
C SER E 168 13.07 49.45 -0.02
N ASP E 169 12.20 49.87 0.91
CA ASP E 169 10.91 50.51 0.58
C ASP E 169 10.90 52.01 0.96
N GLY E 170 12.02 52.69 0.76
CA GLY E 170 12.19 54.10 1.15
C GLY E 170 12.50 54.29 2.63
N THR E 171 12.64 53.21 3.40
CA THR E 171 12.74 53.34 4.85
C THR E 171 14.19 53.43 5.26
N LYS E 172 14.41 53.89 6.49
CA LYS E 172 15.75 53.92 7.07
C LYS E 172 15.75 53.78 8.60
N LEU E 173 16.64 52.90 9.09
CA LEU E 173 16.89 52.65 10.50
C LEU E 173 18.36 52.70 10.93
N ASP E 174 18.59 53.24 12.13
CA ASP E 174 19.85 53.12 12.83
C ASP E 174 19.76 51.88 13.71
N ARG E 175 20.48 50.83 13.29
CA ARG E 175 20.50 49.56 14.00
C ARG E 175 21.55 49.49 15.09
N SER E 176 22.26 50.58 15.30
CA SER E 176 23.35 50.59 16.23
C SER E 176 22.91 50.23 17.69
N ALA E 177 23.55 49.21 18.29
CA ALA E 177 23.36 48.88 19.71
C ALA E 177 23.68 50.01 20.69
N SER E 178 24.52 50.97 20.29
CA SER E 178 24.82 52.11 21.18
C SER E 178 24.03 53.35 20.84
N ARG E 179 23.01 53.24 19.98
CA ARG E 179 22.15 54.36 19.66
C ARG E 179 21.62 54.98 20.97
N MET E 180 21.68 56.29 21.05
CA MET E 180 21.20 56.99 22.19
C MET E 180 19.68 56.74 22.40
N ASP E 181 19.34 56.44 23.64
CA ASP E 181 17.98 56.16 24.08
C ASP E 181 17.09 57.42 24.02
N ARG E 182 15.86 57.31 23.54
CA ARG E 182 14.97 58.50 23.58
C ARG E 182 13.63 58.15 24.18
N THR E 183 13.03 59.10 24.92
CA THR E 183 11.63 59.04 25.34
C THR E 183 10.88 60.27 24.94
N GLY E 184 9.56 60.11 24.74
CA GLY E 184 8.61 61.23 24.70
C GLY E 184 8.47 61.89 26.08
N VAL E 185 8.02 61.05 27.02
CA VAL E 185 7.74 61.45 28.36
C VAL E 185 8.43 60.45 29.29
N ALA E 186 9.18 60.96 30.28
CA ALA E 186 9.82 60.11 31.29
C ALA E 186 9.53 60.58 32.71
N GLY E 187 9.03 59.64 33.51
CA GLY E 187 8.75 59.86 34.91
C GLY E 187 9.82 59.17 35.72
N ILE E 188 10.65 59.96 36.43
CA ILE E 188 11.79 59.45 37.20
C ILE E 188 11.63 59.75 38.68
N ALA E 189 11.50 58.70 39.48
CA ALA E 189 11.68 58.77 40.96
C ALA E 189 13.07 58.25 41.30
N GLU E 190 13.95 59.11 41.81
CA GLU E 190 15.29 58.69 42.26
C GLU E 190 15.80 59.40 43.54
N ASN E 191 14.87 59.77 44.42
CA ASN E 191 15.19 60.50 45.68
C ASN E 191 14.94 59.70 46.96
N GLY E 192 14.45 58.47 46.83
CA GLY E 192 14.15 57.61 47.98
C GLY E 192 12.77 57.86 48.58
N ALA E 193 11.91 58.44 47.76
CA ALA E 193 10.57 58.84 48.19
C ALA E 193 9.53 58.59 47.11
N THR E 194 8.27 58.57 47.55
CA THR E 194 7.16 58.48 46.63
C THR E 194 7.13 59.72 45.68
N MET E 195 6.89 59.44 44.40
CA MET E 195 6.48 60.39 43.43
C MET E 195 5.03 60.07 43.09
N SER E 196 4.10 60.98 43.41
CA SER E 196 2.66 60.69 43.37
C SER E 196 1.81 61.67 42.61
N ASN E 197 0.64 61.19 42.16
CA ASN E 197 -0.44 62.05 41.62
C ASN E 197 0.06 62.73 40.38
N VAL E 198 0.57 61.90 39.48
CA VAL E 198 0.97 62.30 38.15
C VAL E 198 -0.10 61.86 37.14
N THR E 199 -0.60 62.84 36.40
CA THR E 199 -1.62 62.58 35.41
C THR E 199 -1.08 62.98 34.08
N LEU E 200 -1.12 62.05 33.12
CA LEU E 200 -0.84 62.33 31.72
C LEU E 200 -2.15 62.13 30.98
N ASP E 201 -2.62 63.18 30.31
CA ASP E 201 -4.01 63.21 29.77
C ASP E 201 -3.95 63.74 28.37
N ASN E 202 -4.44 62.93 27.42
CA ASN E 202 -4.68 63.40 26.06
C ASN E 202 -3.45 63.94 25.37
N LEU E 203 -2.33 63.22 25.52
CA LEU E 203 -1.09 63.58 24.85
C LEU E 203 -1.04 62.83 23.52
N TYR E 204 -0.35 63.43 22.57
CA TYR E 204 -0.05 62.71 21.37
C TYR E 204 1.47 62.57 21.23
N ILE E 205 1.99 61.40 21.51
CA ILE E 205 3.42 61.17 21.46
C ILE E 205 3.74 60.33 20.25
N HIS E 206 4.64 60.83 19.42
CA HIS E 206 4.99 60.10 18.22
C HIS E 206 6.35 60.45 17.70
N ASP E 207 6.90 59.57 16.85
CA ASP E 207 8.21 59.70 16.24
C ASP E 207 9.29 59.95 17.26
N VAL E 208 9.41 58.97 18.14
CA VAL E 208 10.42 58.96 19.22
C VAL E 208 11.37 57.82 18.78
N ASP E 209 12.52 58.22 18.22
CA ASP E 209 13.36 57.33 17.48
C ASP E 209 14.46 56.96 18.41
N GLY E 210 14.07 56.11 19.33
CA GLY E 210 14.97 55.59 20.31
C GLY E 210 15.86 54.49 19.82
N ASN E 211 16.48 53.87 20.80
CA ASN E 211 17.30 52.69 20.66
C ASN E 211 16.36 51.53 20.43
N ILE E 212 16.64 50.73 19.41
CA ILE E 212 15.76 49.63 19.01
C ILE E 212 15.69 48.50 20.03
N TYR E 213 16.75 48.32 20.81
CA TYR E 213 16.93 47.16 21.68
C TYR E 213 16.62 47.41 23.19
N ASN E 214 17.10 48.55 23.72
CA ASN E 214 17.16 48.70 25.19
C ASN E 214 15.76 48.63 25.87
N LYS E 215 15.54 47.63 26.76
CA LYS E 215 14.22 47.44 27.41
C LYS E 215 13.90 48.32 28.65
N HIS E 216 14.92 48.80 29.36
CA HIS E 216 14.71 49.49 30.62
C HIS E 216 15.53 50.76 30.83
N MET E 217 16.13 51.31 29.77
CA MET E 217 16.46 52.75 29.73
C MET E 217 15.16 53.49 29.37
N ALA E 218 15.12 54.81 29.60
CA ALA E 218 13.90 55.56 29.36
C ALA E 218 13.80 55.78 27.85
N ASN E 219 13.27 54.74 27.20
CA ASN E 219 13.46 54.52 25.77
C ASN E 219 12.18 54.06 25.08
N GLY E 220 11.55 54.99 24.38
CA GLY E 220 10.18 54.78 23.86
C GLY E 220 9.21 55.92 24.21
N GLY E 221 7.90 55.65 24.06
CA GLY E 221 6.84 56.69 24.18
C GLY E 221 6.73 57.30 25.57
N ILE E 222 6.35 56.47 26.55
CA ILE E 222 6.22 56.91 27.93
C ILE E 222 6.88 55.86 28.80
N TYR E 223 7.69 56.31 29.76
CA TYR E 223 8.39 55.38 30.63
C TYR E 223 8.51 56.00 31.97
N PHE E 224 8.01 55.30 32.96
CA PHE E 224 8.18 55.69 34.33
C PHE E 224 9.02 54.63 34.96
N MET E 225 10.15 55.02 35.54
CA MET E 225 10.97 54.09 36.30
C MET E 225 11.53 54.76 37.52
N ALA E 226 12.01 53.94 38.47
CA ALA E 226 12.56 54.44 39.72
C ALA E 226 13.95 53.90 40.00
N HIS E 227 14.82 54.73 40.59
CA HIS E 227 16.24 54.44 40.82
C HIS E 227 16.54 54.52 42.31
N TYR E 228 17.62 53.86 42.73
CA TYR E 228 18.20 54.13 44.03
C TYR E 228 18.71 55.54 44.00
N PRO E 229 18.65 56.29 45.12
CA PRO E 229 19.29 57.62 45.09
C PRO E 229 20.78 57.56 45.23
N MET E 230 21.29 56.39 45.61
CA MET E 230 22.71 56.15 45.79
C MET E 230 22.95 54.67 45.60
N GLU E 231 24.18 54.33 45.28
CA GLU E 231 24.63 52.95 45.16
C GLU E 231 24.58 52.27 46.51
N ASN E 232 24.19 51.00 46.52
CA ASN E 232 24.13 50.23 47.76
C ASN E 232 25.53 49.76 48.10
N THR E 233 26.27 50.57 48.86
CA THR E 233 27.69 50.35 49.08
C THR E 233 28.07 49.81 50.47
N SER E 234 27.09 49.54 51.32
CA SER E 234 27.35 49.10 52.68
C SER E 234 26.05 48.68 53.39
N ALA E 235 26.23 48.08 54.55
CA ALA E 235 25.12 47.70 55.43
C ALA E 235 24.23 48.89 55.86
N GLU E 236 24.85 50.07 55.98
CA GLU E 236 24.19 51.30 56.38
C GLU E 236 23.37 51.84 55.20
N THR E 237 23.96 51.81 54.00
CA THR E 237 23.18 52.18 52.79
C THR E 237 21.99 51.23 52.67
N ASP E 238 22.23 49.96 52.94
CA ASP E 238 21.19 48.94 52.75
C ASP E 238 19.99 49.15 53.69
N VAL E 239 20.27 49.59 54.92
CA VAL E 239 19.26 49.86 55.95
C VAL E 239 18.38 51.03 55.54
N TRP E 240 19.02 52.07 55.04
CA TRP E 240 18.33 53.26 54.56
C TRP E 240 17.49 52.92 53.34
N LEU E 241 18.08 52.24 52.38
CA LEU E 241 17.40 51.94 51.12
C LEU E 241 16.18 51.09 51.34
N ARG E 242 16.26 50.16 52.28
CA ARG E 242 15.14 49.25 52.56
C ARG E 242 13.91 49.94 53.12
N GLU E 243 14.09 51.12 53.74
CA GLU E 243 13.03 52.01 54.22
C GLU E 243 12.70 53.28 53.39
N HIS E 244 13.60 53.74 52.53
CA HIS E 244 13.40 54.98 51.77
C HIS E 244 13.36 54.57 50.30
N VAL E 245 12.17 54.63 49.72
CA VAL E 245 11.85 53.93 48.47
C VAL E 245 11.41 54.93 47.42
N SER E 246 12.21 55.09 46.37
CA SER E 246 11.78 55.72 45.13
C SER E 246 10.74 54.82 44.48
N ARG E 247 9.55 55.36 44.26
CA ARG E 247 8.39 54.55 43.77
C ARG E 247 7.28 55.48 43.30
N PHE E 248 6.22 54.92 42.72
CA PHE E 248 5.09 55.76 42.28
C PHE E 248 3.81 55.45 42.99
N ASP E 249 2.96 56.47 43.08
CA ASP E 249 1.60 56.29 43.58
C ASP E 249 0.59 57.25 42.88
N HIS E 250 -0.52 56.68 42.42
CA HIS E 250 -1.57 57.46 41.77
C HIS E 250 -0.97 58.08 40.50
N VAL E 251 -0.54 57.20 39.60
CA VAL E 251 -0.11 57.61 38.24
C VAL E 251 -1.22 57.21 37.28
N THR E 252 -1.63 58.18 36.47
CA THR E 252 -2.70 57.99 35.49
C THR E 252 -2.18 58.44 34.14
N ILE E 253 -2.34 57.57 33.14
CA ILE E 253 -2.05 57.86 31.77
C ILE E 253 -3.31 57.50 30.99
N ARG E 254 -3.89 58.51 30.36
CA ARG E 254 -5.21 58.34 29.82
C ARG E 254 -5.43 59.15 28.57
N ASN E 255 -6.28 58.61 27.69
CA ASN E 255 -6.66 59.29 26.45
C ASN E 255 -5.48 59.66 25.54
N SER E 256 -4.41 58.90 25.54
CA SER E 256 -3.22 59.33 24.83
C SER E 256 -2.92 58.41 23.69
N THR E 257 -2.36 58.97 22.62
CA THR E 257 -1.94 58.20 21.48
C THR E 257 -0.42 58.16 21.54
N VAL E 258 0.16 56.96 21.41
CA VAL E 258 1.60 56.75 21.28
C VAL E 258 1.81 56.03 19.94
N LYS E 259 2.55 56.65 19.04
CA LYS E 259 2.75 56.11 17.67
C LYS E 259 4.19 56.20 17.16
N ASP E 260 4.66 55.23 16.38
CA ASP E 260 5.99 55.28 15.76
C ASP E 260 7.10 55.65 16.76
N VAL E 261 7.30 54.76 17.73
CA VAL E 261 8.33 54.95 18.77
C VAL E 261 9.25 53.75 18.88
N ASP E 262 10.45 53.98 19.41
CA ASP E 262 11.33 52.88 19.72
C ASP E 262 11.83 53.16 21.13
N ARG E 263 11.90 52.16 22.02
CA ARG E 263 11.49 50.79 21.81
C ARG E 263 10.04 50.60 22.28
N TRP E 264 9.77 50.96 23.53
CA TRP E 264 8.49 50.70 24.24
C TRP E 264 7.43 51.78 23.97
N GLY E 265 6.17 51.38 23.93
CA GLY E 265 5.04 52.32 23.80
C GLY E 265 4.85 53.03 25.12
N ILE E 266 4.27 52.30 26.07
CA ILE E 266 4.01 52.79 27.38
C ILE E 266 4.45 51.75 28.36
N ALA E 267 5.30 52.19 29.29
CA ALA E 267 5.84 51.30 30.31
C ALA E 267 5.88 52.03 31.68
N VAL E 268 5.44 51.34 32.74
CA VAL E 268 5.44 51.93 34.08
C VAL E 268 5.90 50.95 35.16
N GLY E 269 6.79 51.43 36.02
CA GLY E 269 7.06 50.80 37.30
C GLY E 269 8.38 50.10 37.50
N TYR E 270 9.19 49.97 36.46
CA TYR E 270 10.46 49.26 36.59
C TYR E 270 11.32 50.02 37.59
N THR E 271 12.02 49.29 38.43
CA THR E 271 12.64 49.86 39.60
C THR E 271 13.93 49.16 40.05
N ALA E 272 14.91 49.94 40.46
CA ALA E 272 16.03 49.48 41.28
C ALA E 272 15.65 48.65 42.55
N TYR E 273 14.47 48.93 43.10
CA TYR E 273 13.96 48.23 44.30
C TYR E 273 13.46 46.81 44.04
N LEU E 274 13.47 46.37 42.78
CA LEU E 274 13.38 44.96 42.50
C LEU E 274 14.56 44.15 43.16
N ASN E 275 15.64 44.82 43.55
CA ASN E 275 16.67 44.09 44.30
C ASN E 275 16.09 43.53 45.59
N TYR E 276 15.00 44.14 46.08
CA TYR E 276 14.27 43.62 47.22
C TYR E 276 13.03 42.80 46.86
N ILE E 277 12.25 43.26 45.88
CA ILE E 277 11.03 42.53 45.49
C ILE E 277 11.30 41.08 45.01
N ASP E 278 12.41 40.91 44.32
CA ASP E 278 12.76 39.64 43.68
C ASP E 278 13.90 38.86 44.33
N ALA E 279 14.28 39.28 45.53
CA ALA E 279 15.22 38.51 46.36
C ALA E 279 14.76 37.06 46.66
N ASN E 280 13.47 36.83 46.95
CA ASN E 280 12.96 35.47 47.27
C ASN E 280 11.81 35.14 46.37
N TYR E 281 12.10 34.49 45.25
CA TYR E 281 11.04 34.15 44.30
C TYR E 281 9.99 33.18 44.84
N GLY E 282 10.46 32.19 45.63
CA GLY E 282 9.60 31.24 46.34
C GLY E 282 8.78 30.38 45.38
N ASP E 283 7.48 30.29 45.63
CA ASP E 283 6.53 29.60 44.72
C ASP E 283 5.88 30.58 43.66
N GLY E 284 6.39 31.81 43.59
CA GLY E 284 5.93 32.82 42.63
C GLY E 284 4.89 33.78 43.16
N SER E 285 4.41 33.53 44.37
CA SER E 285 3.40 34.38 44.96
C SER E 285 4.13 35.65 45.42
N ILE E 286 3.42 36.78 45.39
CA ILE E 286 3.98 38.05 45.76
C ILE E 286 3.25 38.57 46.99
N ASP E 287 4.06 38.91 48.00
CA ASP E 287 3.52 39.36 49.24
C ASP E 287 2.91 40.74 49.06
N ASP E 288 1.72 40.96 49.62
CA ASP E 288 1.06 42.29 49.59
C ASP E 288 1.93 43.40 50.12
N ALA E 289 2.57 43.19 51.29
CA ALA E 289 3.27 44.24 52.00
C ALA E 289 4.51 44.71 51.21
N LEU E 290 5.23 43.73 50.67
CA LEU E 290 6.45 43.93 49.83
C LEU E 290 6.20 44.75 48.55
N ILE E 291 5.21 44.30 47.77
CA ILE E 291 4.87 45.01 46.55
C ILE E 291 4.31 46.40 46.88
N ALA E 292 3.52 46.50 47.93
CA ALA E 292 3.05 47.85 48.38
C ALA E 292 4.21 48.81 48.71
N LYS E 293 5.19 48.31 49.44
CA LYS E 293 6.26 49.13 49.96
C LYS E 293 7.33 49.40 48.95
N TYR E 294 7.70 48.40 48.15
CA TYR E 294 8.77 48.59 47.17
C TYR E 294 8.29 48.94 45.74
N GLY E 295 7.04 48.60 45.42
CA GLY E 295 6.49 48.72 44.07
C GLY E 295 5.54 49.91 44.00
N SER E 296 4.85 50.06 42.88
CA SER E 296 4.08 51.28 42.58
C SER E 296 2.58 50.96 42.74
N THR E 297 1.86 51.83 43.44
CA THR E 297 0.44 51.64 43.79
C THR E 297 -0.46 52.59 42.99
N ASN E 298 -1.73 52.21 42.94
CA ASN E 298 -2.78 52.95 42.19
C ASN E 298 -2.36 53.44 40.79
N VAL E 299 -1.71 52.56 40.03
CA VAL E 299 -1.38 52.87 38.64
C VAL E 299 -2.64 52.58 37.81
N ARG E 300 -3.09 53.60 37.09
CA ARG E 300 -4.18 53.47 36.15
C ARG E 300 -3.71 53.85 34.74
N ILE E 301 -4.00 52.95 33.79
CA ILE E 301 -3.72 53.12 32.38
C ILE E 301 -5.01 52.84 31.61
N GLU E 302 -5.58 53.91 31.04
CA GLU E 302 -6.92 53.86 30.46
C GLU E 302 -7.08 54.69 29.19
N ASN E 303 -7.83 54.11 28.24
CA ASN E 303 -8.30 54.87 27.09
C ASN E 303 -7.18 55.37 26.23
N ASN E 304 -6.07 54.60 26.15
CA ASN E 304 -4.96 54.98 25.30
C ASN E 304 -4.92 54.12 24.04
N TYR E 305 -4.19 54.66 23.06
CA TYR E 305 -3.95 54.03 21.76
C TYR E 305 -2.45 53.92 21.51
N VAL E 306 -1.96 52.71 21.23
CA VAL E 306 -0.55 52.44 20.98
C VAL E 306 -0.41 51.68 19.69
N LYS E 307 0.23 52.31 18.72
CA LYS E 307 0.37 51.79 17.36
C LYS E 307 1.81 51.93 16.83
N GLY E 308 2.43 50.83 16.44
CA GLY E 308 3.76 50.89 15.84
C GLY E 308 4.89 51.23 16.77
N ALA E 309 4.75 50.78 18.02
CA ALA E 309 5.89 50.69 18.90
C ALA E 309 6.85 49.65 18.32
N GLY E 310 8.14 49.93 18.51
CA GLY E 310 9.20 49.03 18.01
C GLY E 310 9.21 47.71 18.75
N GLY E 311 8.98 47.75 20.06
CA GLY E 311 8.68 46.56 20.86
C GLY E 311 7.28 46.50 21.47
N ASP E 312 7.20 46.34 22.78
CA ASP E 312 5.90 45.98 23.45
C ASP E 312 5.00 47.21 23.47
N ALA E 313 3.67 47.03 23.51
CA ALA E 313 2.73 48.19 23.49
C ALA E 313 2.60 48.89 24.86
N ILE E 314 2.07 48.13 25.84
CA ILE E 314 1.86 48.62 27.20
C ILE E 314 2.32 47.59 28.17
N THR E 315 3.09 47.99 29.15
CA THR E 315 3.56 47.07 30.15
C THR E 315 3.67 47.73 31.52
N LEU E 316 3.13 47.05 32.54
CA LEU E 316 3.21 47.50 33.92
C LEU E 316 4.18 46.60 34.65
N MET E 317 4.98 47.19 35.53
CA MET E 317 6.08 46.46 36.15
C MET E 317 6.13 46.77 37.63
N TYR E 318 6.25 45.73 38.45
CA TYR E 318 6.35 45.86 39.90
C TYR E 318 5.25 46.80 40.46
N CYS E 319 4.02 46.61 39.95
CA CYS E 319 2.84 47.37 40.38
C CYS E 319 1.92 46.56 41.29
N ASP E 320 1.44 47.22 42.34
CA ASP E 320 0.40 46.70 43.22
C ASP E 320 -0.98 46.99 42.61
N ARG E 321 -1.71 45.94 42.19
CA ARG E 321 -3.11 46.11 41.74
C ARG E 321 -3.30 47.32 40.78
N PRO E 322 -2.51 47.37 39.68
CA PRO E 322 -2.74 48.38 38.66
C PRO E 322 -3.98 48.04 37.90
N VAL E 323 -4.58 49.06 37.29
CA VAL E 323 -5.76 48.92 36.42
C VAL E 323 -5.33 49.36 35.01
N ILE E 324 -5.70 48.53 34.02
CA ILE E 324 -5.35 48.72 32.62
C ILE E 324 -6.63 48.48 31.82
N GLU E 325 -7.28 49.55 31.38
CA GLU E 325 -8.59 49.44 30.76
C GLU E 325 -8.88 50.37 29.60
N HIS E 326 -9.76 49.87 28.70
CA HIS E 326 -10.22 50.64 27.53
C HIS E 326 -9.07 51.13 26.65
N ASN E 327 -7.98 50.34 26.54
CA ASN E 327 -6.84 50.69 25.74
C ASN E 327 -6.98 49.86 24.46
N VAL E 328 -6.46 50.44 23.37
CA VAL E 328 -6.25 49.73 22.15
C VAL E 328 -4.74 49.62 21.81
N GLY E 329 -4.29 48.41 21.58
CA GLY E 329 -2.93 48.17 21.14
C GLY E 329 -2.98 47.64 19.71
N ASP E 330 -2.01 48.08 18.90
CA ASP E 330 -2.12 47.93 17.44
C ASP E 330 -0.77 47.90 16.74
N SER E 331 -0.44 46.75 16.21
CA SER E 331 0.68 46.57 15.25
C SER E 331 1.99 46.97 15.86
N VAL E 332 2.33 46.34 16.97
CA VAL E 332 3.58 46.60 17.65
C VAL E 332 4.56 45.44 17.37
N SER E 333 5.69 45.44 18.06
CA SER E 333 6.82 44.65 17.71
C SER E 333 7.37 44.92 16.28
N LYS E 334 7.25 46.14 15.81
CA LYS E 334 7.62 46.54 14.43
C LYS E 334 9.07 46.20 14.13
N HIS E 335 9.90 46.38 15.15
CA HIS E 335 11.32 46.17 15.02
C HIS E 335 11.85 44.88 15.62
N ILE E 336 10.96 44.01 16.08
CA ILE E 336 11.34 42.79 16.75
C ILE E 336 11.37 41.73 15.67
N ASN E 337 12.47 41.74 14.91
CA ASN E 337 12.66 40.87 13.74
C ASN E 337 14.12 40.78 13.34
N THR E 338 14.39 39.76 12.53
CA THR E 338 15.75 39.41 12.07
C THR E 338 16.48 40.45 11.23
N GLN E 339 15.74 41.35 10.62
CA GLN E 339 16.22 42.41 9.73
C GLN E 339 16.53 43.73 10.44
N ASP E 340 15.86 43.98 11.55
CA ASP E 340 16.03 45.22 12.32
C ASP E 340 16.73 45.01 13.67
N TYR E 341 16.56 43.85 14.29
CA TYR E 341 17.11 43.58 15.60
C TYR E 341 18.55 42.90 15.42
N THR E 342 19.50 43.62 14.84
CA THR E 342 20.74 42.98 14.40
C THR E 342 21.93 43.02 15.36
N GLN E 343 21.85 43.83 16.40
CA GLN E 343 22.92 43.90 17.41
C GLN E 343 22.36 43.69 18.82
N PRO E 344 21.81 42.50 19.14
CA PRO E 344 21.25 42.26 20.47
C PRO E 344 22.29 42.18 21.60
N GLY E 345 23.55 41.97 21.25
CA GLY E 345 24.63 41.86 22.20
C GLY E 345 24.32 40.73 23.14
N SER E 346 24.73 40.89 24.39
CA SER E 346 24.52 39.89 25.41
C SER E 346 23.17 40.02 26.02
N TYR E 347 22.44 41.10 25.67
CA TYR E 347 21.14 41.39 26.23
C TYR E 347 19.94 40.65 25.62
N GLY E 348 20.08 40.19 24.38
CA GLY E 348 18.92 39.68 23.58
C GLY E 348 17.70 40.60 23.53
N GLY E 349 16.54 40.08 23.88
CA GLY E 349 15.30 40.87 23.90
C GLY E 349 14.47 40.87 22.63
N ARG E 350 14.73 39.97 21.68
CA ARG E 350 13.97 39.90 20.45
C ARG E 350 12.63 39.21 20.63
N VAL E 351 11.86 39.82 21.54
CA VAL E 351 10.61 39.29 22.05
C VAL E 351 9.77 40.52 22.42
N ALA E 352 8.50 40.51 22.07
CA ALA E 352 7.57 41.53 22.57
C ALA E 352 6.19 40.96 22.48
N ALA E 353 5.45 41.20 23.56
CA ALA E 353 4.00 40.97 23.65
C ALA E 353 3.23 42.30 23.60
N GLY E 354 1.90 42.22 23.55
CA GLY E 354 1.02 43.43 23.51
C GLY E 354 0.88 44.18 24.83
N ILE E 355 0.01 43.71 25.68
CA ILE E 355 -0.39 44.53 26.84
C ILE E 355 -0.36 43.62 27.99
N TRP E 356 0.53 43.88 28.95
CA TRP E 356 0.90 42.85 29.93
C TRP E 356 1.64 43.37 31.15
N PRO E 357 1.65 42.56 32.24
CA PRO E 357 2.36 42.86 33.48
C PRO E 357 3.65 42.04 33.67
N TRP E 358 4.61 42.64 34.34
CA TRP E 358 5.79 41.93 34.85
C TRP E 358 5.83 42.10 36.37
N ARG E 359 5.97 41.00 37.09
CA ARG E 359 6.11 41.02 38.57
C ARG E 359 5.19 42.03 39.26
N CYS E 360 3.90 41.97 38.86
CA CYS E 360 2.80 42.71 39.50
C CYS E 360 1.96 41.80 40.40
N LYS E 361 1.17 42.41 41.27
CA LYS E 361 0.23 41.70 42.16
C LYS E 361 -1.18 42.09 41.81
N ASP E 362 -1.96 41.09 41.42
CA ASP E 362 -3.38 41.23 41.06
C ASP E 362 -3.66 42.43 40.15
N PRO E 363 -2.91 42.56 39.03
CA PRO E 363 -3.25 43.56 38.01
C PRO E 363 -4.55 43.22 37.29
N VAL E 364 -5.40 44.22 37.08
CA VAL E 364 -6.63 44.05 36.33
C VAL E 364 -6.45 44.60 34.91
N PHE E 365 -6.52 43.71 33.93
CA PHE E 365 -6.50 44.07 32.53
C PHE E 365 -7.89 43.86 31.94
N GLN E 366 -8.62 44.95 31.65
CA GLN E 366 -10.01 44.79 31.21
C GLN E 366 -10.53 45.72 30.12
N TYR E 367 -11.40 45.19 29.26
CA TYR E 367 -12.02 45.99 28.16
C TYR E 367 -10.96 46.60 27.24
N ASN E 368 -9.86 45.86 27.03
CA ASN E 368 -8.86 46.25 26.09
C ASN E 368 -9.07 45.53 24.76
N GLU E 369 -8.46 46.14 23.72
CA GLU E 369 -8.33 45.53 22.39
C GLU E 369 -6.84 45.49 21.96
N MET E 370 -6.47 44.41 21.26
CA MET E 370 -5.12 44.18 20.84
C MET E 370 -5.12 43.53 19.46
N TYR E 371 -4.60 44.28 18.50
CA TYR E 371 -4.56 43.89 17.09
C TYR E 371 -3.12 43.67 16.58
N ASN E 372 -2.91 42.54 15.93
CA ASN E 372 -1.86 42.44 14.93
C ASN E 372 -0.45 42.64 15.48
N ASN E 373 -0.12 41.99 16.60
CA ASN E 373 1.22 42.07 17.12
C ASN E 373 2.11 41.34 16.10
N LEU E 374 3.17 42.00 15.66
CA LEU E 374 3.90 41.59 14.47
C LEU E 374 5.09 40.69 14.71
N ASN E 375 5.46 39.97 13.66
CA ASN E 375 6.85 39.41 13.46
C ASN E 375 7.22 38.14 14.15
N ALA E 376 6.25 37.45 14.74
CA ALA E 376 6.50 36.07 15.12
C ALA E 376 7.02 35.22 13.93
N GLU E 377 6.61 35.57 12.70
CA GLU E 377 7.08 34.86 11.51
C GLU E 377 8.57 35.21 11.12
N HIS E 378 9.07 36.32 11.66
CA HIS E 378 10.36 36.89 11.28
C HIS E 378 11.27 37.22 12.48
N GLY E 379 11.10 36.48 13.58
CA GLY E 379 12.07 36.50 14.66
C GLY E 379 11.59 36.91 16.05
N ASN E 380 10.34 37.37 16.18
CA ASN E 380 9.74 37.64 17.47
C ASN E 380 9.49 36.32 18.16
N GLY E 381 10.26 36.05 19.21
CA GLY E 381 10.01 34.88 20.08
C GLY E 381 8.71 34.87 20.91
N ASP E 382 7.99 35.99 20.93
CA ASP E 382 6.67 36.10 21.57
C ASP E 382 5.69 36.47 20.41
N GLY E 383 4.97 37.58 20.51
CA GLY E 383 4.01 37.99 19.49
C GLY E 383 2.56 37.82 19.90
N GLN E 384 2.31 37.54 21.17
CA GLN E 384 0.94 37.38 21.69
C GLN E 384 0.29 38.76 21.90
N ALA E 385 -1.05 38.78 22.00
CA ALA E 385 -1.77 39.97 22.45
C ALA E 385 -1.50 40.21 23.96
N TRP E 386 -1.71 39.14 24.76
CA TRP E 386 -1.64 39.21 26.21
C TRP E 386 -0.53 38.31 26.74
N ASP E 387 0.09 38.73 27.84
CA ASP E 387 1.18 37.94 28.44
C ASP E 387 1.15 37.96 29.94
N ALA E 388 0.51 36.96 30.57
CA ALA E 388 0.59 36.86 32.04
C ALA E 388 1.98 36.36 32.37
N ASP E 389 2.91 37.30 32.49
CA ASP E 389 4.31 36.94 32.62
C ASP E 389 4.61 36.60 34.08
N TYR E 390 5.88 36.49 34.49
CA TYR E 390 6.24 36.38 35.95
C TYR E 390 5.34 37.36 36.72
N GLY E 391 4.65 36.83 37.71
CA GLY E 391 3.78 37.65 38.52
C GLY E 391 2.74 36.77 39.08
N ASP E 392 1.82 37.39 39.82
CA ASP E 392 0.89 36.72 40.74
C ASP E 392 -0.47 37.41 40.57
N GLY E 393 -1.48 36.66 40.18
CA GLY E 393 -2.85 37.18 40.23
C GLY E 393 -3.32 37.89 38.99
N THR E 394 -2.69 37.70 37.84
CA THR E 394 -3.07 38.49 36.69
C THR E 394 -4.52 38.16 36.31
N LEU E 395 -5.35 39.20 36.27
CA LEU E 395 -6.74 39.12 35.81
C LEU E 395 -6.85 39.79 34.44
N TYR E 396 -7.07 38.98 33.41
CA TYR E 396 -7.43 39.47 32.06
C TYR E 396 -8.86 39.13 31.80
N GLN E 397 -9.72 40.12 31.73
CA GLN E 397 -11.14 39.88 31.45
C GLN E 397 -11.76 40.87 30.44
N TYR E 398 -12.69 40.41 29.59
CA TYR E 398 -13.47 41.33 28.74
C TYR E 398 -12.59 41.95 27.64
N ASN E 399 -11.53 41.25 27.25
CA ASN E 399 -10.61 41.74 26.24
C ASN E 399 -10.88 41.11 24.85
N TYR E 400 -10.59 41.89 23.81
CA TYR E 400 -10.70 41.43 22.46
C TYR E 400 -9.29 41.35 21.86
N SER E 401 -8.97 40.22 21.22
CA SER E 401 -7.73 40.10 20.47
C SER E 401 -8.02 39.60 19.09
N TYR E 402 -7.43 40.28 18.10
CA TYR E 402 -7.49 39.90 16.71
C TYR E 402 -6.10 39.82 16.00
N GLY E 403 -5.92 38.77 15.19
CA GLY E 403 -4.80 38.66 14.24
C GLY E 403 -3.43 38.91 14.77
N ASN E 404 -3.14 38.50 16.01
CA ASN E 404 -1.77 38.56 16.54
C ASN E 404 -0.94 37.37 16.05
N SER E 405 0.34 37.62 15.78
CA SER E 405 1.14 36.68 14.98
C SER E 405 1.37 35.31 15.68
N PHE E 406 1.42 35.32 17.01
CA PHE E 406 1.60 34.13 17.84
C PHE E 406 0.72 34.22 19.09
N ALA E 407 -0.41 33.52 19.11
CA ALA E 407 -1.28 33.41 20.28
C ALA E 407 -2.03 34.68 20.70
N SER E 408 -3.18 34.45 21.33
CA SER E 408 -3.89 35.44 22.13
C SER E 408 -3.16 35.66 23.51
N LEU E 409 -3.06 34.57 24.30
CA LEU E 409 -2.53 34.63 25.66
C LEU E 409 -1.30 33.75 25.84
N MET E 410 -0.24 34.33 26.35
CA MET E 410 0.86 33.54 26.94
C MET E 410 0.69 33.54 28.45
N ILE E 411 0.94 32.39 29.07
CA ILE E 411 1.37 32.33 30.51
C ILE E 411 2.85 31.86 30.57
N CYS E 412 3.71 32.71 31.14
CA CYS E 412 5.15 32.61 30.86
C CYS E 412 6.11 32.03 31.94
N ASN E 413 6.34 30.71 31.86
CA ASN E 413 7.40 30.03 32.62
C ASN E 413 7.04 29.95 34.13
N TRP E 414 7.97 29.36 34.91
CA TRP E 414 7.70 28.81 36.23
C TRP E 414 7.06 29.76 37.22
N TYR E 415 7.37 31.06 37.15
CA TYR E 415 6.84 32.01 38.16
C TYR E 415 5.66 32.85 37.68
N ALA E 416 4.99 32.37 36.65
CA ALA E 416 3.75 32.96 36.17
C ALA E 416 2.65 32.16 36.79
N VAL E 417 1.99 32.72 37.81
CA VAL E 417 1.10 31.93 38.67
C VAL E 417 -0.22 32.67 38.89
N ASN E 418 -1.28 31.90 39.04
CA ASN E 418 -2.54 32.42 39.59
C ASN E 418 -3.16 33.43 38.61
N THR E 419 -3.26 33.04 37.34
CA THR E 419 -3.84 33.86 36.30
C THR E 419 -5.28 33.52 36.08
N THR E 420 -6.13 34.54 35.99
CA THR E 420 -7.48 34.36 35.55
C THR E 420 -7.70 35.04 34.17
N PHE E 421 -8.04 34.25 33.16
CA PHE E 421 -8.32 34.72 31.83
C PHE E 421 -9.76 34.38 31.51
N ARG E 422 -10.64 35.38 31.50
CA ARG E 422 -12.05 35.11 31.35
C ARG E 422 -12.89 36.16 30.58
N TYR E 423 -13.97 35.68 29.94
CA TYR E 423 -14.93 36.53 29.24
C TYR E 423 -14.20 37.35 28.20
N ASN E 424 -13.19 36.75 27.58
CA ASN E 424 -12.38 37.37 26.49
C ASN E 424 -12.79 36.70 25.15
N ILE E 425 -12.49 37.41 24.07
CA ILE E 425 -12.75 36.94 22.73
C ILE E 425 -11.46 37.07 21.95
N SER E 426 -11.13 36.02 21.21
CA SER E 426 -9.97 35.95 20.38
C SER E 426 -10.44 35.51 19.02
N GLN E 427 -10.24 36.39 18.03
CA GLN E 427 -10.62 36.17 16.63
C GLN E 427 -9.34 36.11 15.75
N ASN E 428 -9.12 35.02 15.03
CA ASN E 428 -7.97 34.91 14.10
C ASN E 428 -6.56 35.19 14.70
N ASP E 429 -6.34 34.88 15.98
CA ASP E 429 -4.98 34.84 16.47
C ASP E 429 -4.32 33.56 15.99
N ARG E 430 -3.06 33.67 15.56
CA ARG E 430 -2.35 32.59 14.81
C ARG E 430 -1.35 31.80 15.60
N GLN E 431 -1.06 30.62 15.08
CA GLN E 431 -0.11 29.65 15.67
C GLN E 431 -0.52 29.01 17.04
N GLY E 432 -1.77 29.16 17.44
CA GLY E 432 -2.22 28.82 18.79
C GLY E 432 -2.97 29.98 19.43
N VAL E 433 -3.99 29.68 20.23
CA VAL E 433 -4.65 30.75 21.00
C VAL E 433 -4.05 30.92 22.39
N PHE E 434 -3.70 29.78 23.00
CA PHE E 434 -3.17 29.69 24.35
C PHE E 434 -1.75 29.13 24.33
N ASP E 435 -0.85 29.86 24.96
CA ASP E 435 0.56 29.57 24.92
C ASP E 435 0.94 29.39 26.38
N LEU E 436 1.18 28.13 26.75
CA LEU E 436 1.50 27.71 28.12
C LEU E 436 2.88 27.02 28.23
N PRO E 437 3.99 27.79 28.08
CA PRO E 437 5.35 27.21 28.16
C PRO E 437 5.96 27.19 29.57
N SER E 438 5.82 26.04 30.23
CA SER E 438 6.37 25.79 31.55
C SER E 438 5.90 26.81 32.59
N ASN E 439 4.65 27.26 32.47
CA ASN E 439 4.07 28.17 33.46
C ASN E 439 3.80 27.47 34.79
N GLY E 440 3.79 28.26 35.87
CA GLY E 440 3.38 27.78 37.19
C GLY E 440 1.90 27.38 37.26
N PRO E 441 1.43 26.96 38.45
CA PRO E 441 0.07 26.49 38.67
C PRO E 441 -0.93 27.66 38.92
N GLY E 442 -2.20 27.34 39.15
CA GLY E 442 -3.20 28.32 39.63
C GLY E 442 -3.97 29.06 38.53
N ASN E 443 -3.84 28.60 37.29
CA ASN E 443 -4.36 29.29 36.11
C ASN E 443 -5.71 28.73 35.65
N HIS E 444 -6.62 29.67 35.41
CA HIS E 444 -8.03 29.41 35.26
C HIS E 444 -8.56 30.23 34.08
N ILE E 445 -9.01 29.51 33.06
CA ILE E 445 -9.33 30.07 31.77
C ILE E 445 -10.81 29.70 31.51
N TYR E 446 -11.72 30.64 31.63
CA TYR E 446 -13.13 30.32 31.52
C TYR E 446 -13.99 31.37 30.89
N ASN E 447 -15.05 30.90 30.23
CA ASN E 447 -16.08 31.81 29.68
C ASN E 447 -15.55 32.76 28.60
N ASN E 448 -14.58 32.24 27.86
CA ASN E 448 -13.97 32.91 26.71
C ASN E 448 -14.56 32.29 25.45
N THR E 449 -14.51 33.03 24.36
CA THR E 449 -14.90 32.51 23.03
C THR E 449 -13.68 32.70 22.11
N VAL E 450 -13.29 31.62 21.42
CA VAL E 450 -12.10 31.59 20.63
C VAL E 450 -12.45 31.04 19.25
N TYR E 451 -12.22 31.88 18.25
CA TYR E 451 -12.52 31.59 16.87
C TYR E 451 -11.16 31.28 16.26
N VAL E 452 -10.96 30.01 15.90
CA VAL E 452 -9.63 29.47 15.61
C VAL E 452 -9.56 29.04 14.14
N ASP E 453 -8.86 29.85 13.34
CA ASP E 453 -8.81 29.68 11.89
C ASP E 453 -7.69 28.69 11.53
N ALA E 454 -7.54 28.39 10.25
CA ALA E 454 -6.57 27.41 9.76
C ALA E 454 -5.12 27.79 9.96
N ASP E 455 -4.82 29.07 10.22
CA ASP E 455 -3.47 29.47 10.62
C ASP E 455 -3.25 29.31 12.13
N SER E 456 -4.16 28.63 12.83
CA SER E 456 -4.12 28.48 14.29
C SER E 456 -4.58 27.10 14.78
N GLN E 457 -4.51 26.98 16.10
CA GLN E 457 -4.81 25.81 16.90
C GLN E 457 -5.27 26.38 18.25
N VAL E 458 -5.78 25.52 19.13
CA VAL E 458 -6.14 25.92 20.50
C VAL E 458 -4.89 26.23 21.36
N LEU E 459 -3.91 25.35 21.32
CA LEU E 459 -2.67 25.46 22.10
C LEU E 459 -1.52 25.63 21.15
N THR E 460 -0.50 26.40 21.55
CA THR E 460 0.69 26.55 20.73
C THR E 460 1.50 25.25 20.79
N LYS E 461 2.32 25.02 19.75
CA LYS E 461 3.14 23.79 19.67
C LYS E 461 3.99 23.57 20.94
N ARG E 462 4.61 24.63 21.43
CA ARG E 462 5.50 24.55 22.59
C ARG E 462 4.83 24.50 23.96
N SER E 463 3.49 24.54 24.02
CA SER E 463 2.74 24.55 25.28
C SER E 463 2.87 23.21 25.96
N ASN E 464 2.92 23.21 27.29
CA ASN E 464 3.19 21.98 28.09
C ASN E 464 2.74 21.96 29.55
N SER E 465 1.97 22.95 29.98
CA SER E 465 1.78 23.22 31.39
C SER E 465 0.31 23.53 31.74
N GLN E 466 0.11 23.96 32.99
CA GLN E 466 -1.18 23.94 33.61
C GLN E 466 -2.09 25.05 33.09
N SER E 467 -3.31 24.68 32.78
CA SER E 467 -4.43 25.63 32.87
C SER E 467 -5.67 24.80 33.02
N LEU E 468 -6.66 25.39 33.69
CA LEU E 468 -8.02 24.83 33.81
C LEU E 468 -9.04 25.55 32.91
N PHE E 469 -9.51 24.86 31.87
CA PHE E 469 -10.45 25.40 30.86
C PHE E 469 -11.89 25.00 31.19
N GLU E 470 -12.75 25.99 31.44
CA GLU E 470 -14.15 25.73 31.73
C GLU E 470 -15.05 26.78 31.06
N ASN E 471 -16.19 26.32 30.56
CA ASN E 471 -17.23 27.20 30.11
C ASN E 471 -16.81 27.98 28.84
N ASN E 472 -15.78 27.53 28.16
CA ASN E 472 -15.29 28.20 26.97
C ASN E 472 -16.13 27.78 25.75
N ILE E 473 -16.20 28.66 24.76
CA ILE E 473 -16.64 28.25 23.42
C ILE E 473 -15.40 28.17 22.52
N PHE E 474 -15.10 26.95 22.08
CA PHE E 474 -14.02 26.69 21.17
C PHE E 474 -14.62 26.52 19.77
N ILE E 475 -14.24 27.39 18.83
CA ILE E 475 -14.78 27.38 17.47
C ILE E 475 -13.71 27.02 16.43
N ASN E 476 -13.92 25.86 15.80
CA ASN E 476 -13.07 25.45 14.69
C ASN E 476 -13.64 26.10 13.42
N ALA E 477 -12.99 27.20 13.04
CA ALA E 477 -13.35 27.97 11.86
C ALA E 477 -12.60 27.45 10.63
N THR E 478 -12.94 26.21 10.28
CA THR E 478 -12.42 25.52 9.11
C THR E 478 -13.58 24.71 8.54
N ASN E 479 -13.34 24.09 7.39
CA ASN E 479 -14.37 23.47 6.55
C ASN E 479 -14.56 21.96 6.71
N THR E 480 -13.70 21.35 7.52
CA THR E 480 -13.92 19.99 8.02
C THR E 480 -13.93 20.07 9.53
N LYS E 481 -14.39 18.99 10.15
CA LYS E 481 -14.34 18.82 11.58
C LYS E 481 -12.92 18.44 11.98
N LYS E 482 -12.24 19.34 12.68
CA LYS E 482 -10.83 19.18 13.02
C LYS E 482 -10.67 18.22 14.21
N THR E 483 -9.67 17.34 14.07
CA THR E 483 -9.16 16.46 15.12
C THR E 483 -8.00 17.22 15.83
N GLU E 484 -8.32 17.89 16.91
CA GLU E 484 -7.49 18.88 17.56
C GLU E 484 -6.67 18.25 18.65
N THR E 485 -5.47 18.78 18.85
CA THR E 485 -4.64 18.36 19.95
C THR E 485 -5.01 19.21 21.17
N TRP E 486 -5.88 18.66 22.00
CA TRP E 486 -6.32 19.34 23.19
C TRP E 486 -5.35 19.32 24.35
N ASN E 487 -4.36 18.43 24.31
CA ASN E 487 -3.42 18.25 25.43
C ASN E 487 -2.00 18.08 24.94
N ARG E 488 -1.10 18.87 25.52
CA ARG E 488 0.32 18.75 25.29
C ARG E 488 1.00 18.85 26.67
N GLY E 489 1.95 17.95 26.89
CA GLY E 489 2.77 17.90 28.11
C GLY E 489 1.92 17.59 29.33
N SER E 490 2.53 17.76 30.51
CA SER E 490 1.87 17.53 31.77
C SER E 490 2.48 18.33 32.94
N GLN E 491 3.15 19.45 32.70
CA GLN E 491 3.77 20.22 33.82
C GLN E 491 2.71 20.83 34.74
N ASN E 492 2.94 20.73 36.05
CA ASN E 492 2.01 21.22 37.09
C ASN E 492 0.62 20.60 37.14
N GLY E 493 0.03 20.36 36.01
CA GLY E 493 -0.78 19.17 35.84
C GLY E 493 -1.32 19.00 34.45
N GLY E 494 -0.72 19.69 33.47
CA GLY E 494 -1.31 19.86 32.16
C GLY E 494 -2.68 20.59 32.11
N GLN E 495 -3.24 20.54 30.92
CA GLN E 495 -4.46 21.24 30.58
C GLN E 495 -5.60 20.32 30.97
N THR E 496 -6.54 20.83 31.75
CA THR E 496 -7.71 20.08 32.24
C THR E 496 -9.02 20.82 31.83
N TYR E 497 -9.96 20.12 31.23
CA TYR E 497 -11.13 20.73 30.60
C TYR E 497 -12.41 20.21 31.22
N ASP E 498 -13.33 21.12 31.58
CA ASP E 498 -14.67 20.75 31.99
C ASP E 498 -15.78 21.72 31.59
N ASN E 499 -16.83 21.18 30.95
CA ASN E 499 -18.02 21.95 30.69
C ASN E 499 -17.78 23.10 29.64
N ASN E 500 -17.06 22.78 28.58
CA ASN E 500 -16.77 23.68 27.48
C ASN E 500 -17.65 23.28 26.29
N MET E 501 -17.89 24.22 25.39
CA MET E 501 -18.60 23.94 24.12
C MET E 501 -17.54 23.64 23.10
N TYR E 502 -17.76 22.62 22.28
CA TYR E 502 -16.85 22.33 21.18
C TYR E 502 -17.64 22.43 19.89
N VAL E 503 -17.39 23.50 19.12
CA VAL E 503 -18.06 23.78 17.82
C VAL E 503 -17.22 23.34 16.60
N ASN E 504 -17.74 22.34 15.87
CA ASN E 504 -17.20 21.88 14.58
C ASN E 504 -15.83 21.14 14.74
N TYR E 505 -15.65 20.47 15.87
CA TYR E 505 -14.55 19.52 16.07
C TYR E 505 -15.06 18.10 15.93
N ALA E 506 -14.14 17.22 15.57
CA ALA E 506 -14.38 15.78 15.46
C ALA E 506 -14.12 15.08 16.76
N ASN E 507 -13.43 15.74 17.68
CA ASN E 507 -13.09 15.18 19.00
C ASN E 507 -13.24 16.24 20.10
N LYS E 508 -13.04 15.82 21.35
CA LYS E 508 -13.05 16.71 22.53
C LYS E 508 -11.95 16.26 23.46
N PRO E 509 -11.50 17.12 24.39
CA PRO E 509 -10.48 16.69 25.35
C PRO E 509 -10.91 15.43 26.13
N THR E 510 -9.98 14.49 26.31
CA THR E 510 -10.33 13.24 27.02
C THR E 510 -10.78 13.49 28.47
N SER E 511 -10.29 14.58 29.07
CA SER E 511 -10.70 15.04 30.41
C SER E 511 -12.06 15.73 30.54
N ASP E 512 -12.69 16.15 29.44
CA ASP E 512 -13.99 16.84 29.58
C ASP E 512 -15.19 15.87 29.57
N ALA E 513 -15.66 15.52 30.76
CA ALA E 513 -16.87 14.67 30.91
C ALA E 513 -18.20 15.42 30.74
N ASN E 514 -18.15 16.75 30.78
CA ASN E 514 -19.33 17.62 30.63
C ASN E 514 -19.26 18.48 29.33
N ALA E 515 -18.60 17.92 28.32
CA ALA E 515 -18.59 18.50 26.97
C ALA E 515 -20.00 18.70 26.40
N ILE E 516 -20.27 19.92 25.95
CA ILE E 516 -21.35 20.25 25.03
C ILE E 516 -20.65 20.30 23.68
N GLU E 517 -21.16 19.54 22.69
CA GLU E 517 -20.64 19.54 21.31
C GLU E 517 -21.72 20.07 20.34
N ALA E 518 -21.29 20.90 19.39
CA ALA E 518 -22.18 21.46 18.41
C ALA E 518 -21.54 21.34 17.02
N ASP E 519 -22.38 20.97 16.03
CA ASP E 519 -22.03 20.83 14.61
C ASP E 519 -21.68 22.14 13.89
N ASP E 520 -22.51 23.15 14.14
CA ASP E 520 -22.57 24.39 13.34
C ASP E 520 -22.59 25.61 14.27
N VAL E 521 -21.73 26.61 14.01
CA VAL E 521 -21.69 27.86 14.77
C VAL E 521 -22.87 28.84 14.54
N SER E 522 -23.48 28.81 13.34
CA SER E 522 -24.71 29.58 13.03
C SER E 522 -25.91 29.35 13.95
N ALA E 523 -26.00 28.13 14.49
CA ALA E 523 -27.05 27.76 15.46
C ALA E 523 -26.63 28.04 16.92
N VAL E 524 -25.41 28.56 17.09
CA VAL E 524 -24.80 28.81 18.39
C VAL E 524 -24.67 30.30 18.62
N LEU E 525 -23.98 30.99 17.72
CA LEU E 525 -23.80 32.46 17.82
C LEU E 525 -24.33 33.16 16.57
N ALA E 526 -24.62 34.45 16.71
CA ALA E 526 -25.23 35.21 15.63
C ALA E 526 -24.34 35.33 14.39
N GLY E 527 -23.07 35.68 14.61
CA GLY E 527 -22.16 36.08 13.52
C GLY E 527 -20.70 35.82 13.90
N ALA E 528 -20.40 34.59 14.22
CA ALA E 528 -19.06 34.27 14.66
C ALA E 528 -18.05 34.68 13.58
N GLY E 529 -16.96 35.34 13.98
CA GLY E 529 -15.90 35.82 13.07
C GLY E 529 -16.02 37.26 12.57
N SER E 530 -17.11 37.95 12.93
CA SER E 530 -17.41 39.26 12.37
C SER E 530 -17.05 40.40 13.32
N ALA E 531 -16.24 40.16 14.34
CA ALA E 531 -15.71 41.27 15.14
C ALA E 531 -14.60 41.98 14.33
N PRO E 532 -14.18 43.19 14.75
CA PRO E 532 -13.24 44.02 13.95
C PRO E 532 -11.89 43.35 13.63
N THR E 533 -11.32 43.76 12.50
CA THR E 533 -10.03 43.24 12.01
C THR E 533 -8.95 44.23 12.17
N SER E 534 -9.32 45.42 12.59
CA SER E 534 -8.39 46.49 12.70
C SER E 534 -8.94 47.41 13.77
N ALA E 535 -8.08 48.27 14.30
CA ALA E 535 -8.49 49.29 15.25
C ALA E 535 -9.23 50.34 14.49
N LEU E 536 -10.19 51.00 15.17
CA LEU E 536 -10.86 52.14 14.64
C LEU E 536 -9.79 53.19 14.27
N LYS E 537 -10.02 53.91 13.17
CA LYS E 537 -9.07 54.92 12.72
C LYS E 537 -8.55 55.86 13.84
N SER E 538 -9.45 56.37 14.68
CA SER E 538 -9.11 57.27 15.79
C SER E 538 -8.24 56.64 16.89
N GLY E 539 -8.35 55.33 17.06
CA GLY E 539 -7.70 54.65 18.15
C GLY E 539 -8.57 54.35 19.36
N ALA E 540 -9.80 54.87 19.34
CA ALA E 540 -10.74 54.60 20.39
C ALA E 540 -11.17 53.16 20.26
N GLU E 541 -11.53 52.58 21.41
CA GLU E 541 -12.06 51.23 21.47
C GLU E 541 -13.32 51.22 20.59
N HIS E 542 -13.64 50.08 19.99
CA HIS E 542 -14.96 49.89 19.39
C HIS E 542 -16.11 49.96 20.45
N ALA E 543 -17.31 50.34 19.98
CA ALA E 543 -18.55 50.25 20.75
C ALA E 543 -18.91 48.79 20.97
N ARG E 544 -19.40 48.51 22.17
CA ARG E 544 -19.87 47.16 22.52
C ARG E 544 -21.42 47.08 22.50
N THR E 545 -22.08 48.25 22.54
CA THR E 545 -23.53 48.41 22.48
C THR E 545 -23.94 49.56 21.57
N GLY E 546 -25.22 49.57 21.21
CA GLY E 546 -25.80 50.63 20.37
C GLY E 546 -25.69 50.26 18.90
N GLU E 547 -25.95 51.23 18.02
CA GLU E 547 -25.89 51.00 16.57
C GLU E 547 -24.48 50.67 16.04
N LYS E 548 -23.44 51.17 16.72
CA LYS E 548 -22.06 50.86 16.31
C LYS E 548 -21.44 49.59 16.90
N ALA E 549 -22.18 48.89 17.76
CA ALA E 549 -21.73 47.69 18.46
C ALA E 549 -20.97 46.75 17.53
N ALA E 550 -19.78 46.33 17.92
CA ALA E 550 -18.88 45.62 16.99
C ALA E 550 -18.79 44.10 17.24
N PHE E 551 -19.36 43.61 18.35
CA PHE E 551 -19.20 42.20 18.76
C PHE E 551 -20.50 41.36 18.74
N ASP E 552 -21.55 41.87 18.08
CA ASP E 552 -22.87 41.21 18.08
C ASP E 552 -22.90 39.86 17.44
N GLY E 553 -21.98 39.60 16.54
CA GLY E 553 -21.80 38.25 16.05
C GLY E 553 -21.49 37.23 17.15
N TYR E 554 -21.02 37.73 18.31
CA TYR E 554 -20.71 36.88 19.46
C TYR E 554 -21.86 36.64 20.49
N ARG E 555 -23.02 37.23 20.25
CA ARG E 555 -24.22 36.94 21.01
C ARG E 555 -24.75 35.57 20.69
N PRO E 556 -25.21 34.84 21.73
CA PRO E 556 -25.90 33.62 21.38
C PRO E 556 -27.24 33.95 20.75
N VAL E 557 -27.58 33.11 19.77
CA VAL E 557 -28.91 33.11 19.16
C VAL E 557 -29.93 32.32 20.02
N ALA E 558 -31.19 32.46 19.61
CA ALA E 558 -32.30 31.78 20.25
C ALA E 558 -32.16 30.27 20.06
N GLY E 559 -32.41 29.53 21.15
CA GLY E 559 -32.22 28.08 21.18
C GLY E 559 -30.78 27.67 21.09
N SER E 560 -29.86 28.54 21.49
CA SER E 560 -28.43 28.22 21.41
C SER E 560 -28.11 27.33 22.57
N LYS E 561 -27.44 26.23 22.27
CA LYS E 561 -26.93 25.31 23.28
C LYS E 561 -25.88 25.95 24.22
N ALA E 562 -25.42 27.18 23.94
CA ALA E 562 -24.67 28.00 24.89
C ALA E 562 -25.51 28.51 26.07
N ILE E 563 -26.83 28.66 25.87
CA ILE E 563 -27.66 29.37 26.84
C ILE E 563 -27.79 28.51 28.11
N ASN E 564 -27.42 29.11 29.23
CA ASN E 564 -27.44 28.47 30.55
C ASN E 564 -26.71 27.13 30.64
N ALA E 565 -25.75 26.84 29.76
CA ALA E 565 -25.11 25.52 29.75
C ALA E 565 -23.79 25.46 30.60
N GLY E 566 -23.36 26.61 31.12
CA GLY E 566 -22.15 26.67 31.93
C GLY E 566 -22.35 26.30 33.38
N LYS E 567 -21.27 25.88 34.01
CA LYS E 567 -21.28 25.69 35.45
C LYS E 567 -20.97 27.01 36.15
N VAL E 568 -21.62 27.24 37.29
CA VAL E 568 -21.23 28.34 38.19
C VAL E 568 -19.74 28.06 38.45
N VAL E 569 -18.91 29.06 38.20
CA VAL E 569 -17.47 28.89 38.23
C VAL E 569 -16.95 29.22 39.65
N SER E 570 -15.99 28.43 40.17
CA SER E 570 -15.24 28.87 41.38
C SER E 570 -13.84 29.36 40.96
N ASP E 571 -13.66 30.67 40.95
CA ASP E 571 -12.41 31.23 40.45
C ASP E 571 -11.26 30.81 41.39
N LEU E 572 -10.16 30.28 40.82
CA LEU E 572 -9.04 29.69 41.60
C LEU E 572 -8.24 30.79 42.29
N ASN E 573 -8.50 32.04 41.91
CA ASN E 573 -7.80 33.23 42.38
C ASN E 573 -8.71 34.20 43.09
N ASP E 574 -9.93 33.75 43.39
CA ASP E 574 -10.84 34.46 44.31
C ASP E 574 -11.38 35.79 43.78
N TYR E 575 -11.50 35.85 42.42
CA TYR E 575 -12.16 36.96 41.72
C TYR E 575 -13.59 36.57 41.38
N ALA E 576 -14.53 37.10 42.17
CA ALA E 576 -15.97 37.02 41.86
C ALA E 576 -16.32 37.35 40.36
N VAL E 577 -17.09 36.45 39.76
CA VAL E 577 -17.74 36.68 38.48
C VAL E 577 -18.80 37.83 38.66
N GLU E 578 -18.75 38.83 37.76
CA GLU E 578 -19.63 40.02 37.82
C GLU E 578 -20.47 40.12 36.54
N ASN E 579 -19.78 40.27 35.40
CA ASN E 579 -20.45 40.51 34.09
C ASN E 579 -19.79 39.75 32.95
N ASP E 580 -20.38 39.85 31.76
CA ASP E 580 -19.81 39.26 30.55
C ASP E 580 -18.96 40.28 29.79
N PHE E 581 -18.36 39.84 28.70
CA PHE E 581 -17.62 40.72 27.73
C PHE E 581 -18.32 42.07 27.35
N LEU E 582 -19.64 42.04 27.15
CA LEU E 582 -20.41 43.28 26.89
C LEU E 582 -20.81 44.09 28.12
N GLY E 583 -20.30 43.77 29.31
CA GLY E 583 -20.69 44.48 30.53
C GLY E 583 -22.02 44.07 31.18
N ASN E 584 -22.72 43.08 30.63
CA ASN E 584 -24.07 42.70 31.14
C ASN E 584 -23.99 41.70 32.27
N ALA E 585 -24.88 41.81 33.27
CA ALA E 585 -24.74 41.03 34.52
C ALA E 585 -24.83 39.52 34.30
N VAL E 586 -24.01 38.79 35.05
CA VAL E 586 -24.02 37.32 35.10
C VAL E 586 -24.63 36.96 36.46
N LYS E 587 -25.85 36.47 36.36
CA LYS E 587 -26.63 36.01 37.49
C LYS E 587 -27.15 34.66 37.05
N GLY E 588 -26.75 33.65 37.81
CA GLY E 588 -27.28 32.32 37.63
C GLY E 588 -26.27 31.41 37.00
N ARG E 589 -26.79 30.37 36.36
CA ARG E 589 -26.01 29.42 35.60
C ARG E 589 -25.48 30.15 34.35
N PRO E 590 -24.20 30.56 34.37
CA PRO E 590 -23.68 31.27 33.19
C PRO E 590 -23.89 30.54 31.84
N ASP E 591 -24.08 31.34 30.79
CA ASP E 591 -24.01 30.86 29.42
C ASP E 591 -22.55 30.55 29.09
N LEU E 592 -22.32 29.53 28.26
CA LEU E 592 -20.97 29.25 27.74
C LEU E 592 -20.41 30.44 26.93
N GLY E 593 -19.08 30.50 26.83
CA GLY E 593 -18.38 31.59 26.13
C GLY E 593 -18.50 32.95 26.81
N ALA E 594 -18.16 34.01 26.08
CA ALA E 594 -17.91 35.30 26.69
C ALA E 594 -19.13 36.21 26.76
N VAL E 595 -20.21 35.83 26.08
CA VAL E 595 -21.36 36.67 25.95
C VAL E 595 -22.66 35.94 26.31
N GLU E 596 -23.35 36.57 27.26
CA GLU E 596 -24.65 36.17 27.78
C GLU E 596 -25.70 36.57 26.73
N ALA E 597 -26.73 35.74 26.56
CA ALA E 597 -27.89 36.11 25.68
C ALA E 597 -28.75 37.21 26.32
N ALA E 598 -29.34 38.07 25.49
CA ALA E 598 -30.12 39.21 26.00
C ALA E 598 -31.53 38.74 26.33
N SER F 16 11.87 21.74 60.19
CA SER F 16 13.21 22.35 59.89
C SER F 16 13.69 21.92 58.51
N GLY F 17 14.92 22.31 58.16
CA GLY F 17 15.63 21.83 56.95
C GLY F 17 16.15 22.86 55.94
N THR F 18 17.35 22.60 55.40
CA THR F 18 17.90 23.30 54.22
C THR F 18 17.80 22.49 52.92
N THR F 19 17.30 23.11 51.86
CA THR F 19 17.22 22.48 50.55
C THR F 19 18.16 23.15 49.55
N TYR F 20 19.06 22.33 48.99
CA TYR F 20 19.93 22.72 47.88
C TYR F 20 19.39 22.14 46.58
N TYR F 21 19.74 22.78 45.45
CA TYR F 21 19.18 22.40 44.16
C TYR F 21 20.33 22.33 43.24
N VAL F 22 20.25 21.43 42.27
CA VAL F 22 21.29 21.25 41.26
C VAL F 22 20.65 21.03 39.89
N SER F 23 21.16 21.75 38.90
CA SER F 23 20.71 21.68 37.52
C SER F 23 21.96 21.75 36.62
N SER F 24 22.16 20.74 35.75
CA SER F 24 23.26 20.76 34.79
C SER F 24 23.05 21.76 33.62
N ALA F 25 21.80 21.91 33.18
CA ALA F 25 21.49 22.87 32.11
C ALA F 25 21.52 24.33 32.63
N HIS F 26 20.89 24.61 33.78
CA HIS F 26 20.68 26.00 34.25
C HIS F 26 21.61 26.51 35.36
N GLY F 27 22.35 25.62 36.01
CA GLY F 27 23.08 26.00 37.23
C GLY F 27 24.44 26.69 37.06
N ASP F 28 24.97 27.13 38.20
CA ASP F 28 26.34 27.66 38.34
C ASP F 28 26.81 27.33 39.78
N ASP F 29 28.01 26.76 39.89
CA ASP F 29 28.55 26.33 41.21
C ASP F 29 28.91 27.52 42.15
N ALA F 30 29.06 28.73 41.58
CA ALA F 30 29.21 29.96 42.38
C ALA F 30 27.96 30.37 43.17
N ASN F 31 26.77 29.94 42.74
CA ASN F 31 25.53 30.32 43.45
C ASN F 31 25.58 29.72 44.84
N ALA F 32 24.66 30.12 45.70
CA ALA F 32 24.60 29.53 47.04
C ALA F 32 23.86 28.19 47.03
N GLY F 33 23.39 27.76 45.84
CA GLY F 33 22.70 26.48 45.64
C GLY F 33 21.37 26.26 46.37
N THR F 34 20.97 27.22 47.21
CA THR F 34 19.86 27.08 48.18
C THR F 34 18.51 27.58 47.68
N SER F 35 18.52 28.22 46.51
CA SER F 35 17.32 28.67 45.81
C SER F 35 17.13 27.91 44.50
N GLU F 36 15.89 27.61 44.20
CA GLU F 36 15.50 26.94 42.94
C GLU F 36 15.91 27.75 41.68
N ASN F 37 15.78 29.07 41.76
CA ASN F 37 16.21 29.93 40.64
C ASN F 37 17.70 30.32 40.66
N ALA F 38 18.46 29.86 41.67
CA ALA F 38 19.96 29.98 41.71
C ALA F 38 20.66 28.65 42.08
N PRO F 39 20.57 27.64 41.20
CA PRO F 39 21.04 26.29 41.55
C PRO F 39 22.50 25.98 41.16
N TRP F 40 23.08 24.94 41.77
CA TRP F 40 24.43 24.52 41.39
C TRP F 40 24.39 23.86 40.01
N LYS F 41 25.54 23.78 39.37
CA LYS F 41 25.66 23.14 38.05
C LYS F 41 26.03 21.65 38.12
N SER F 42 26.79 21.28 39.14
CA SER F 42 27.37 19.95 39.24
C SER F 42 27.23 19.38 40.63
N LEU F 43 27.48 18.08 40.74
CA LEU F 43 27.55 17.36 42.05
C LEU F 43 28.88 17.55 42.80
N THR F 44 29.91 18.12 42.11
CA THR F 44 31.19 18.64 42.67
C THR F 44 30.98 19.25 44.02
N LYS F 45 30.11 20.26 44.05
CA LYS F 45 29.87 21.03 45.24
C LYS F 45 29.06 20.25 46.31
N VAL F 46 28.14 19.37 45.87
CA VAL F 46 27.27 18.53 46.73
C VAL F 46 28.09 17.57 47.56
N ASN F 47 29.00 16.87 46.91
CA ASN F 47 29.99 16.07 47.60
C ASN F 47 30.78 16.85 48.64
N ASP F 48 31.18 18.08 48.31
CA ASP F 48 31.84 18.92 49.31
C ASP F 48 31.05 19.00 50.61
N ILE F 49 29.73 19.15 50.51
CA ILE F 49 28.87 19.32 51.72
C ILE F 49 28.11 18.07 52.22
N ALA F 50 27.98 17.06 51.37
CA ALA F 50 27.20 15.83 51.66
C ALA F 50 27.33 15.27 53.11
N SER F 51 28.57 15.15 53.56
CA SER F 51 28.86 14.60 54.89
C SER F 51 28.34 15.49 56.03
N ASP F 52 27.93 16.72 55.74
CA ASP F 52 27.36 17.58 56.76
C ASP F 52 25.82 17.73 56.76
N LEU F 53 25.13 17.09 55.80
CA LEU F 53 23.64 16.92 55.88
C LEU F 53 23.38 15.96 57.05
N GLY F 54 22.35 16.10 57.89
CA GLY F 54 21.25 17.02 57.80
C GLY F 54 19.93 16.34 58.11
N PRO F 55 19.49 16.29 59.37
CA PRO F 55 18.07 16.00 59.49
C PRO F 55 17.21 17.08 58.83
N GLY F 56 16.36 16.66 57.89
CA GLY F 56 15.48 17.55 57.16
C GLY F 56 16.09 18.26 55.96
N ASP F 57 17.36 17.96 55.65
CA ASP F 57 18.06 18.55 54.51
C ASP F 57 17.87 17.73 53.22
N SER F 58 18.01 18.40 52.08
CA SER F 58 17.69 17.81 50.77
C SER F 58 18.59 18.29 49.67
N VAL F 59 18.74 17.43 48.68
CA VAL F 59 19.42 17.75 47.46
C VAL F 59 18.52 17.32 46.35
N LEU F 60 18.18 18.26 45.50
CA LEU F 60 17.26 18.02 44.40
C LEU F 60 17.97 18.30 43.10
N LEU F 61 17.94 17.33 42.21
CA LEU F 61 18.56 17.41 40.89
C LEU F 61 17.48 17.59 39.84
N GLU F 62 17.71 18.52 38.92
CA GLU F 62 16.65 18.94 38.06
C GLU F 62 16.40 17.86 37.00
N TYR F 63 15.15 17.42 36.91
CA TYR F 63 14.75 16.55 35.79
C TYR F 63 15.30 17.14 34.48
N GLY F 64 15.82 16.28 33.62
CA GLY F 64 16.48 16.71 32.39
C GLY F 64 17.99 16.90 32.53
N SER F 65 18.50 17.00 33.77
CA SER F 65 19.93 17.15 33.96
C SER F 65 20.70 15.88 33.53
N GLU F 66 21.96 16.07 33.10
CA GLU F 66 22.83 14.99 32.76
C GLU F 66 24.21 15.31 33.34
N PHE F 67 24.55 14.63 34.44
CA PHE F 67 25.79 14.84 35.18
C PHE F 67 26.88 13.83 34.77
N ASN F 68 27.50 14.08 33.61
CA ASN F 68 28.56 13.20 33.06
C ASN F 68 29.84 13.27 33.88
N ASP F 69 30.53 12.13 34.00
CA ASP F 69 31.77 12.00 34.80
C ASP F 69 31.55 12.47 36.22
N GLN F 70 30.36 12.28 36.76
CA GLN F 70 30.10 12.71 38.10
C GLN F 70 29.49 11.57 38.93
N TYR F 71 29.43 11.84 40.20
CA TYR F 71 29.18 10.83 41.20
C TYR F 71 28.77 11.50 42.48
N LEU F 72 28.07 10.75 43.31
CA LEU F 72 27.64 11.24 44.60
C LEU F 72 28.05 10.26 45.69
N HIS F 73 29.00 10.68 46.54
CA HIS F 73 29.46 9.90 47.65
C HIS F 73 29.06 10.60 48.96
N ILE F 74 28.39 9.88 49.85
CA ILE F 74 27.90 10.44 51.11
C ILE F 74 28.34 9.52 52.24
N LYS F 75 28.97 10.10 53.26
CA LYS F 75 29.75 9.36 54.21
C LYS F 75 29.60 9.96 55.59
N ASP F 76 29.18 9.12 56.55
CA ASP F 76 29.34 9.34 58.00
C ASP F 76 28.43 10.44 58.51
N THR F 77 27.15 10.29 58.20
CA THR F 77 26.15 11.23 58.64
C THR F 77 24.80 10.53 58.70
N ALA F 78 23.78 11.26 59.13
CA ALA F 78 22.44 10.71 59.22
C ALA F 78 21.39 11.79 59.32
N GLY F 79 20.18 11.44 58.93
CA GLY F 79 18.97 12.16 59.31
C GLY F 79 18.51 11.63 60.64
N ASN F 80 17.19 11.67 60.89
CA ASN F 80 16.59 11.01 62.05
C ASN F 80 15.13 10.69 61.76
N ALA F 81 14.44 10.18 62.78
CA ALA F 81 13.11 9.57 62.67
C ALA F 81 12.03 10.40 61.96
N ASP F 82 11.89 11.68 62.32
CA ASP F 82 10.88 12.55 61.63
C ASP F 82 11.45 13.46 60.52
N ALA F 83 12.76 13.41 60.28
CA ALA F 83 13.40 14.27 59.28
C ALA F 83 14.60 13.61 58.56
N PRO F 84 14.32 12.79 57.53
CA PRO F 84 15.42 12.20 56.75
C PRO F 84 16.22 13.22 55.91
N ILE F 85 17.40 12.83 55.45
CA ILE F 85 18.11 13.45 54.36
C ILE F 85 17.41 12.97 53.09
N THR F 86 17.31 13.81 52.06
CA THR F 86 16.58 13.43 50.83
C THR F 86 17.35 13.80 49.56
N ILE F 87 17.60 12.79 48.73
CA ILE F 87 18.23 13.04 47.45
C ILE F 87 17.18 12.68 46.43
N SER F 88 16.57 13.68 45.82
CA SER F 88 15.52 13.46 44.84
C SER F 88 15.64 14.45 43.70
N ALA F 89 14.57 14.52 42.89
CA ALA F 89 14.52 15.38 41.73
C ALA F 89 13.52 16.52 41.98
N TYR F 90 13.63 17.59 41.21
CA TYR F 90 12.61 18.66 41.21
C TYR F 90 12.37 19.11 39.78
N GLY F 91 11.22 19.78 39.58
CA GLY F 91 10.85 20.37 38.31
C GLY F 91 9.88 19.53 37.49
N ASP F 92 10.07 19.57 36.18
CA ASP F 92 9.14 18.94 35.24
C ASP F 92 9.53 17.48 34.96
N ALA F 93 8.81 16.55 35.57
CA ALA F 93 9.07 15.14 35.40
C ALA F 93 9.06 14.63 33.94
N ASP F 94 8.44 15.35 33.01
CA ASP F 94 8.52 14.97 31.58
C ASP F 94 9.92 15.09 30.91
N GLU F 95 10.83 15.82 31.56
CA GLU F 95 12.21 15.94 31.09
C GLU F 95 13.06 14.69 31.32
N GLY F 96 12.54 13.71 32.07
CA GLY F 96 13.25 12.46 32.34
C GLY F 96 14.05 12.61 33.63
N LYS F 97 14.11 11.53 34.42
CA LYS F 97 14.85 11.55 35.65
C LYS F 97 16.28 12.14 35.42
N PRO F 98 16.82 12.92 36.38
CA PRO F 98 18.23 13.37 36.29
C PRO F 98 19.18 12.17 36.22
N VAL F 99 20.24 12.28 35.44
CA VAL F 99 21.19 11.19 35.22
C VAL F 99 22.55 11.48 35.84
N ILE F 100 22.95 10.66 36.80
CA ILE F 100 24.29 10.67 37.31
C ILE F 100 25.05 9.54 36.63
N ALA F 101 26.00 9.91 35.79
CA ALA F 101 26.87 8.94 35.07
C ALA F 101 28.31 9.17 35.47
N SER F 102 28.85 8.26 36.27
CA SER F 102 30.20 8.38 36.73
C SER F 102 31.19 7.94 35.66
N ASN F 103 30.81 7.00 34.83
CA ASN F 103 31.71 6.47 33.80
C ASN F 103 33.07 5.90 34.28
N GLY F 104 33.15 5.56 35.56
CA GLY F 104 34.32 4.96 36.15
C GLY F 104 35.38 5.96 36.54
N VAL F 105 35.08 7.26 36.42
CA VAL F 105 36.05 8.28 36.76
C VAL F 105 36.72 8.07 38.10
N LYS F 106 37.96 8.58 38.18
CA LYS F 106 38.80 8.48 39.37
C LYS F 106 38.06 8.84 40.61
N GLY F 107 37.40 9.98 40.64
CA GLY F 107 36.75 10.44 41.88
C GLY F 107 35.59 9.57 42.39
N SER F 108 35.00 8.77 41.51
CA SER F 108 34.01 7.77 41.90
C SER F 108 34.60 6.55 42.66
N GLN F 109 35.94 6.43 42.60
CA GLN F 109 36.65 5.29 43.09
C GLN F 109 36.93 5.42 44.57
N TRP F 110 36.72 4.30 45.27
CA TRP F 110 37.06 4.17 46.69
C TRP F 110 37.64 2.75 46.97
N GLU F 111 38.27 2.64 48.12
CA GLU F 111 38.94 1.42 48.53
C GLU F 111 38.02 0.61 49.42
N GLN F 112 37.55 -0.53 48.91
CA GLN F 112 36.72 -1.46 49.69
C GLN F 112 37.57 -2.52 50.39
N ASP F 113 37.40 -2.64 51.68
CA ASP F 113 38.14 -3.61 52.46
C ASP F 113 37.24 -4.23 53.51
N TYR F 114 36.87 -5.50 53.35
CA TYR F 114 36.11 -6.22 54.38
C TYR F 114 36.82 -6.39 55.70
N ARG F 115 38.15 -6.34 55.68
CA ARG F 115 39.01 -6.57 56.85
C ARG F 115 38.76 -7.94 57.53
N ALA F 116 38.36 -8.90 56.69
CA ALA F 116 38.14 -10.27 57.12
C ALA F 116 38.07 -11.18 55.93
N ASN F 117 38.31 -12.46 56.16
CA ASN F 117 38.07 -13.43 55.13
C ASN F 117 36.57 -13.70 55.07
N VAL F 118 36.05 -13.57 53.85
CA VAL F 118 34.64 -13.74 53.55
C VAL F 118 34.46 -14.75 52.41
N GLY F 119 35.35 -15.73 52.41
CA GLY F 119 35.27 -16.81 51.47
C GLY F 119 36.34 -16.64 50.46
N ASN F 120 36.30 -17.52 49.46
CA ASN F 120 37.32 -17.52 48.43
C ASN F 120 36.76 -16.64 47.28
N HIS F 121 36.89 -15.34 47.55
CA HIS F 121 36.45 -14.25 46.75
C HIS F 121 37.36 -13.07 46.99
N LYS F 122 37.48 -12.23 45.97
CA LYS F 122 38.06 -10.92 46.13
C LYS F 122 37.26 -10.18 47.18
N ASN F 123 37.99 -9.65 48.17
CA ASN F 123 37.43 -9.00 49.31
C ASN F 123 38.11 -7.68 49.62
N LYS F 124 38.89 -7.18 48.68
CA LYS F 124 39.57 -5.92 48.88
C LYS F 124 40.11 -5.40 47.57
N GLY F 125 39.92 -4.11 47.33
CA GLY F 125 40.36 -3.49 46.09
C GLY F 125 39.57 -2.22 45.80
N THR F 126 39.97 -1.58 44.70
CA THR F 126 39.35 -0.37 44.24
C THR F 126 38.04 -0.63 43.49
N VAL F 127 37.08 0.24 43.80
CA VAL F 127 35.71 0.15 43.31
C VAL F 127 35.21 1.53 42.86
N SER F 128 34.64 1.59 41.65
CA SER F 128 33.93 2.75 41.13
C SER F 128 32.40 2.67 41.47
N THR F 129 31.91 3.60 42.28
CA THR F 129 30.55 3.63 42.72
C THR F 129 29.94 5.01 42.35
N THR F 130 28.93 4.98 41.48
CA THR F 130 28.20 6.21 41.11
C THR F 130 27.53 6.86 42.33
N LEU F 131 26.79 6.08 43.12
CA LEU F 131 26.17 6.62 44.34
C LEU F 131 26.56 5.82 45.56
N LEU F 132 27.40 6.35 46.42
CA LEU F 132 27.88 5.61 47.62
C LEU F 132 27.25 6.21 48.84
N LEU F 133 26.68 5.33 49.66
CA LEU F 133 26.16 5.67 50.97
C LEU F 133 27.00 4.89 51.98
N LYS F 134 27.91 5.54 52.69
CA LYS F 134 28.74 4.80 53.64
C LYS F 134 28.37 5.27 55.01
N ASP F 135 27.73 4.40 55.80
CA ASP F 135 27.32 4.72 57.16
C ASP F 135 26.58 6.03 57.15
N VAL F 136 25.45 5.99 56.45
CA VAL F 136 24.53 7.08 56.35
C VAL F 136 23.17 6.49 56.65
N SER F 137 22.59 6.95 57.75
CA SER F 137 21.30 6.49 58.26
C SER F 137 20.22 7.56 58.08
N TYR F 138 18.98 7.13 57.92
CA TYR F 138 17.83 8.02 57.80
C TYR F 138 18.00 8.90 56.56
N ILE F 139 17.97 8.23 55.40
CA ILE F 139 18.17 8.85 54.14
C ILE F 139 17.31 8.18 53.06
N THR F 140 16.60 9.00 52.26
CA THR F 140 15.81 8.57 51.14
C THR F 140 16.45 9.08 49.83
N VAL F 141 16.52 8.21 48.82
CA VAL F 141 17.07 8.55 47.50
C VAL F 141 16.01 8.12 46.51
N SER F 142 15.48 9.10 45.76
CA SER F 142 14.39 8.88 44.82
C SER F 142 14.60 9.52 43.44
N ASN F 143 13.98 8.90 42.44
CA ASN F 143 13.75 9.51 41.14
C ASN F 143 15.02 9.88 40.35
N LEU F 144 16.11 9.14 40.61
CA LEU F 144 17.37 9.28 39.88
C LEU F 144 17.57 8.18 38.85
N GLU F 145 18.24 8.54 37.76
CA GLU F 145 18.74 7.58 36.79
C GLU F 145 20.26 7.54 37.07
N ILE F 146 20.80 6.33 37.14
CA ILE F 146 22.19 6.11 37.57
C ILE F 146 22.87 5.15 36.63
N THR F 147 23.98 5.58 36.05
CA THR F 147 24.80 4.66 35.27
C THR F 147 26.19 4.61 35.86
N ASN F 148 26.95 3.63 35.38
CA ASN F 148 28.40 3.55 35.57
C ASN F 148 28.99 2.90 34.34
N ASP F 149 28.90 3.63 33.24
CA ASP F 149 29.08 3.08 31.89
C ASP F 149 30.55 3.09 31.45
N ASP F 150 30.89 2.13 30.61
CA ASP F 150 32.15 2.04 29.88
C ASP F 150 31.78 1.89 28.39
N ALA F 151 32.21 2.82 27.57
CA ALA F 151 31.85 2.87 26.18
C ALA F 151 32.47 1.74 25.37
N ASP F 152 33.47 1.07 25.96
CA ASP F 152 34.04 -0.15 25.38
C ASP F 152 33.32 -1.46 25.67
N VAL F 153 32.35 -1.43 26.59
CA VAL F 153 31.52 -2.60 26.93
C VAL F 153 30.10 -2.33 26.41
N TYR F 154 29.60 -3.22 25.59
CA TYR F 154 28.26 -3.10 25.07
C TYR F 154 27.76 -4.50 24.91
N ASP F 155 26.80 -4.90 25.76
CA ASP F 155 26.11 -6.19 25.58
C ASP F 155 24.67 -6.11 26.09
N PRO F 156 23.84 -5.32 25.37
CA PRO F 156 22.52 -4.96 25.95
C PRO F 156 21.60 -6.16 25.95
N ILE F 157 20.85 -6.33 27.03
CA ILE F 157 19.91 -7.44 27.16
C ILE F 157 18.77 -7.41 26.13
N ASP F 158 18.32 -6.23 25.72
CA ASP F 158 17.22 -6.13 24.79
C ASP F 158 17.40 -6.82 23.43
N THR F 159 18.64 -6.94 22.96
CA THR F 159 18.99 -7.66 21.74
C THR F 159 19.92 -8.83 22.00
N TRP F 160 20.03 -9.27 23.26
CA TRP F 160 20.93 -10.37 23.60
C TRP F 160 20.43 -11.68 23.01
N LYS F 161 21.36 -12.46 22.47
CA LYS F 161 21.10 -13.85 22.05
C LYS F 161 22.41 -14.61 21.92
N TRP F 162 22.31 -15.93 21.87
CA TRP F 162 23.50 -16.80 21.86
C TRP F 162 24.05 -16.97 20.45
N THR F 163 25.31 -16.65 20.27
CA THR F 163 25.97 -16.82 18.99
C THR F 163 27.04 -17.87 19.12
N ASP F 164 27.38 -18.44 17.97
CA ASP F 164 28.39 -19.51 17.90
C ASP F 164 29.77 -18.93 18.08
N THR F 165 29.89 -17.61 18.13
CA THR F 165 31.20 -16.97 18.31
C THR F 165 31.11 -15.73 19.23
N PRO F 166 32.11 -15.54 20.14
CA PRO F 166 32.00 -14.46 21.15
C PRO F 166 31.95 -13.09 20.52
N ASP F 167 31.23 -12.15 21.14
CA ASP F 167 31.24 -10.76 20.71
C ASP F 167 30.87 -10.58 19.20
N SER F 168 29.99 -11.46 18.72
CA SER F 168 29.69 -11.68 17.29
C SER F 168 29.01 -10.52 16.55
N ASP F 169 28.17 -9.78 17.26
CA ASP F 169 27.00 -9.11 16.69
C ASP F 169 26.94 -7.61 17.06
N GLY F 170 28.10 -6.97 17.02
CA GLY F 170 28.22 -5.58 17.47
C GLY F 170 28.53 -5.43 18.95
N THR F 171 28.66 -6.54 19.69
CA THR F 171 28.85 -6.48 21.14
C THR F 171 30.32 -6.65 21.57
N LYS F 172 30.68 -6.09 22.72
CA LYS F 172 32.05 -6.19 23.21
C LYS F 172 32.09 -6.27 24.75
N LEU F 173 32.90 -7.20 25.27
CA LEU F 173 33.04 -7.38 26.70
C LEU F 173 34.49 -7.41 27.13
N ASP F 174 34.77 -6.85 28.30
CA ASP F 174 36.04 -7.00 28.97
C ASP F 174 35.95 -8.19 29.93
N ARG F 175 36.59 -9.30 29.52
CA ARG F 175 36.65 -10.57 30.28
C ARG F 175 37.77 -10.67 31.32
N SER F 176 38.57 -9.62 31.43
CA SER F 176 39.60 -9.56 32.43
C SER F 176 39.09 -9.85 33.87
N ALA F 177 39.79 -10.76 34.55
CA ALA F 177 39.57 -11.05 35.98
C ALA F 177 39.88 -9.84 36.85
N SER F 178 40.81 -9.01 36.39
CA SER F 178 41.29 -7.84 37.14
C SER F 178 40.46 -6.56 36.91
N ARG F 179 39.53 -6.62 35.96
CA ARG F 179 38.66 -5.50 35.62
C ARG F 179 38.11 -4.88 36.86
N MET F 180 38.09 -3.57 36.90
CA MET F 180 37.62 -2.87 38.07
C MET F 180 36.12 -3.15 38.36
N ASP F 181 35.81 -3.32 39.63
CA ASP F 181 34.45 -3.49 40.14
C ASP F 181 33.70 -2.16 40.15
N ARG F 182 32.48 -2.15 39.62
CA ARG F 182 31.67 -0.93 39.51
C ARG F 182 30.28 -1.15 40.12
N THR F 183 29.80 -0.17 40.86
CA THR F 183 28.44 -0.20 41.37
C THR F 183 27.62 1.01 40.90
N GLY F 184 26.32 0.76 40.75
CA GLY F 184 25.33 1.81 40.67
C GLY F 184 25.19 2.52 42.01
N VAL F 185 24.63 1.81 42.97
CA VAL F 185 24.43 2.28 44.33
C VAL F 185 25.10 1.29 45.29
N ALA F 186 25.88 1.78 46.23
CA ALA F 186 26.48 0.92 47.21
C ALA F 186 26.13 1.46 48.58
N GLY F 187 25.65 0.57 49.45
CA GLY F 187 25.41 0.91 50.84
C GLY F 187 26.41 0.17 51.68
N ILE F 188 27.16 0.90 52.47
CA ILE F 188 28.34 0.37 53.10
C ILE F 188 28.33 0.73 54.56
N ALA F 189 28.45 -0.30 55.40
CA ALA F 189 28.51 -0.17 56.84
C ALA F 189 29.86 -0.75 57.25
N GLU F 190 30.77 0.08 57.78
CA GLU F 190 32.08 -0.38 58.22
C GLU F 190 32.60 0.34 59.44
N ASN F 191 31.71 0.89 60.25
CA ASN F 191 32.11 1.60 61.47
C ASN F 191 31.99 0.75 62.74
N GLY F 192 31.37 -0.42 62.66
CA GLY F 192 31.03 -1.22 63.86
C GLY F 192 29.64 -0.91 64.46
N ALA F 193 28.80 -0.27 63.67
CA ALA F 193 27.51 0.21 64.11
C ALA F 193 26.46 -0.13 63.04
N THR F 194 25.18 -0.08 63.44
CA THR F 194 24.04 -0.23 62.55
C THR F 194 24.02 0.97 61.60
N MET F 195 23.76 0.72 60.31
CA MET F 195 23.42 1.73 59.31
C MET F 195 21.93 1.53 59.01
N SER F 196 21.09 2.50 59.35
CA SER F 196 19.65 2.25 59.40
C SER F 196 18.79 3.19 58.59
N ASN F 197 17.60 2.71 58.24
CA ASN F 197 16.54 3.53 57.63
C ASN F 197 16.98 4.18 56.34
N VAL F 198 17.48 3.31 55.46
CA VAL F 198 17.84 3.71 54.14
C VAL F 198 16.72 3.30 53.19
N THR F 199 16.19 4.25 52.44
CA THR F 199 15.21 3.97 51.41
C THR F 199 15.73 4.36 50.02
N LEU F 200 15.62 3.43 49.07
CA LEU F 200 15.87 3.69 47.65
C LEU F 200 14.51 3.45 46.94
N ASP F 201 14.04 4.48 46.23
CA ASP F 201 12.68 4.52 45.71
C ASP F 201 12.72 5.06 44.31
N ASN F 202 12.18 4.28 43.39
CA ASN F 202 12.04 4.67 41.98
C ASN F 202 13.34 5.18 41.31
N LEU F 203 14.40 4.38 41.40
CA LEU F 203 15.70 4.62 40.71
C LEU F 203 15.79 3.84 39.45
N TYR F 204 16.40 4.40 38.41
CA TYR F 204 16.69 3.64 37.21
C TYR F 204 18.22 3.49 37.09
N ILE F 205 18.70 2.30 37.41
CA ILE F 205 20.10 1.99 37.44
C ILE F 205 20.41 1.11 36.28
N HIS F 206 21.23 1.58 35.35
CA HIS F 206 21.57 0.75 34.20
C HIS F 206 22.96 0.99 33.65
N ASP F 207 23.40 0.10 32.75
CA ASP F 207 24.76 0.16 32.20
C ASP F 207 25.79 0.47 33.31
N VAL F 208 25.87 -0.46 34.26
CA VAL F 208 26.95 -0.51 35.25
C VAL F 208 27.86 -1.60 34.76
N ASP F 209 28.94 -1.22 34.10
CA ASP F 209 29.81 -2.23 33.46
C ASP F 209 30.89 -2.72 34.43
N GLY F 210 30.47 -3.52 35.40
CA GLY F 210 31.35 -3.93 36.50
C GLY F 210 32.17 -5.12 36.09
N ASN F 211 32.68 -5.84 37.09
CA ASN F 211 33.49 -7.03 36.88
C ASN F 211 32.56 -8.22 36.61
N ILE F 212 32.82 -8.99 35.56
CA ILE F 212 31.93 -10.09 35.21
C ILE F 212 31.85 -11.17 36.29
N TYR F 213 32.92 -11.35 37.05
CA TYR F 213 33.11 -12.44 38.02
C TYR F 213 32.81 -12.12 39.47
N ASN F 214 33.30 -11.00 39.95
CA ASN F 214 33.45 -10.85 41.40
C ASN F 214 32.12 -10.79 42.02
N LYS F 215 31.84 -11.66 43.00
CA LYS F 215 30.50 -11.68 43.58
C LYS F 215 30.30 -10.88 44.83
N HIS F 216 31.34 -10.41 45.50
CA HIS F 216 31.17 -9.78 46.81
C HIS F 216 31.94 -8.49 47.05
N MET F 217 32.55 -7.96 45.99
CA MET F 217 32.90 -6.53 45.92
C MET F 217 31.60 -5.80 45.53
N ALA F 218 31.51 -4.49 45.79
CA ALA F 218 30.32 -3.71 45.43
C ALA F 218 30.26 -3.63 43.91
N ASN F 219 29.70 -4.68 43.31
CA ASN F 219 29.87 -4.91 41.90
C ASN F 219 28.56 -5.32 41.24
N GLY F 220 27.81 -4.31 40.83
CA GLY F 220 26.61 -4.42 40.02
C GLY F 220 25.67 -3.26 40.30
N GLY F 221 24.37 -3.53 40.23
CA GLY F 221 23.30 -2.50 40.33
C GLY F 221 23.25 -1.87 41.68
N ILE F 222 22.84 -2.66 42.66
CA ILE F 222 22.73 -2.21 44.06
C ILE F 222 23.40 -3.30 44.88
N TYR F 223 24.28 -2.93 45.80
CA TYR F 223 24.90 -3.89 46.68
C TYR F 223 25.11 -3.24 48.03
N PHE F 224 24.53 -3.85 49.06
CA PHE F 224 24.71 -3.38 50.48
C PHE F 224 25.56 -4.38 51.27
N MET F 225 26.50 -3.91 52.07
CA MET F 225 27.46 -4.81 52.70
C MET F 225 28.08 -4.19 53.90
N ALA F 226 28.52 -5.07 54.81
CA ALA F 226 29.16 -4.64 56.02
C ALA F 226 30.59 -5.20 56.15
N HIS F 227 31.50 -4.37 56.65
CA HIS F 227 32.89 -4.72 56.87
C HIS F 227 33.28 -4.65 58.35
N TYR F 228 34.31 -5.39 58.77
CA TYR F 228 34.95 -5.09 60.05
C TYR F 228 35.55 -3.64 60.00
N PRO F 229 35.33 -2.83 61.03
CA PRO F 229 36.04 -1.51 61.03
C PRO F 229 37.55 -1.61 61.15
N MET F 230 38.02 -2.76 61.66
CA MET F 230 39.44 -3.08 61.91
C MET F 230 39.63 -4.60 61.79
N GLU F 231 40.74 -5.02 61.18
CA GLU F 231 41.15 -6.43 61.11
C GLU F 231 41.13 -7.04 62.50
N ASN F 232 40.84 -8.36 62.57
CA ASN F 232 40.80 -9.09 63.85
C ASN F 232 42.17 -9.66 64.34
N THR F 233 42.97 -8.78 64.94
CA THR F 233 44.39 -9.07 65.16
C THR F 233 44.75 -9.65 66.51
N SER F 234 43.81 -9.66 67.44
CA SER F 234 44.14 -10.11 68.77
C SER F 234 42.87 -10.54 69.51
N ALA F 235 43.04 -11.05 70.71
CA ALA F 235 41.88 -11.48 71.52
C ALA F 235 40.94 -10.32 71.88
N GLU F 236 41.57 -9.14 72.02
CA GLU F 236 40.94 -7.92 72.48
C GLU F 236 40.12 -7.26 71.35
N THR F 237 40.62 -7.30 70.12
CA THR F 237 39.85 -6.94 68.91
C THR F 237 38.64 -7.83 68.74
N ASP F 238 38.86 -9.13 68.85
CA ASP F 238 37.76 -10.10 68.80
C ASP F 238 36.67 -9.90 69.86
N VAL F 239 37.06 -9.52 71.09
CA VAL F 239 36.07 -9.16 72.15
C VAL F 239 35.23 -7.95 71.69
N TRP F 240 35.91 -6.95 71.14
CA TRP F 240 35.25 -5.73 70.61
C TRP F 240 34.39 -5.96 69.35
N LEU F 241 34.95 -6.58 68.31
CA LEU F 241 34.14 -6.90 67.11
C LEU F 241 32.87 -7.71 67.39
N ARG F 242 32.89 -8.59 68.39
CA ARG F 242 31.68 -9.35 68.85
C ARG F 242 30.47 -8.56 69.42
N GLU F 243 30.67 -7.31 69.88
CA GLU F 243 29.58 -6.40 70.34
C GLU F 243 29.28 -5.19 69.46
N HIS F 244 30.27 -4.81 68.65
CA HIS F 244 30.22 -3.62 67.83
C HIS F 244 30.13 -4.09 66.35
N VAL F 245 28.90 -4.32 65.90
CA VAL F 245 28.60 -4.94 64.60
C VAL F 245 28.09 -3.94 63.57
N SER F 246 28.87 -3.79 62.49
CA SER F 246 28.42 -3.17 61.23
C SER F 246 27.33 -4.03 60.58
N ARG F 247 26.16 -3.46 60.34
CA ARG F 247 24.97 -4.20 59.92
C ARG F 247 23.87 -3.24 59.54
N PHE F 248 22.85 -3.75 58.85
CA PHE F 248 21.72 -2.91 58.39
C PHE F 248 20.42 -3.19 59.11
N ASP F 249 19.61 -2.14 59.21
CA ASP F 249 18.26 -2.23 59.75
C ASP F 249 17.40 -1.24 59.00
N HIS F 250 16.22 -1.69 58.56
CA HIS F 250 15.23 -0.85 57.86
C HIS F 250 15.86 -0.35 56.61
N VAL F 251 16.30 -1.31 55.79
CA VAL F 251 16.71 -1.00 54.44
C VAL F 251 15.54 -1.37 53.54
N THR F 252 15.14 -0.41 52.73
CA THR F 252 14.12 -0.65 51.75
C THR F 252 14.62 -0.28 50.39
N ILE F 253 14.34 -1.17 49.44
CA ILE F 253 14.52 -0.87 48.03
C ILE F 253 13.19 -1.13 47.31
N ARG F 254 12.64 -0.08 46.70
CA ARG F 254 11.34 -0.17 46.08
C ARG F 254 11.28 0.60 44.76
N ASN F 255 10.51 0.04 43.83
CA ASN F 255 10.05 0.69 42.60
C ASN F 255 11.15 1.03 41.64
N SER F 256 12.28 0.33 41.74
CA SER F 256 13.45 0.68 40.98
C SER F 256 13.66 -0.31 39.87
N THR F 257 14.23 0.16 38.75
CA THR F 257 14.68 -0.72 37.69
C THR F 257 16.18 -0.88 37.76
N VAL F 258 16.61 -2.09 37.48
CA VAL F 258 18.03 -2.41 37.36
C VAL F 258 18.20 -3.22 36.07
N LYS F 259 19.00 -2.70 35.14
CA LYS F 259 19.13 -3.30 33.83
C LYS F 259 20.55 -3.19 33.26
N ASP F 260 21.01 -4.23 32.55
CA ASP F 260 22.32 -4.23 31.90
C ASP F 260 23.42 -3.83 32.91
N VAL F 261 23.58 -4.65 33.95
CA VAL F 261 24.66 -4.47 34.94
C VAL F 261 25.49 -5.73 35.13
N ASP F 262 26.74 -5.57 35.56
CA ASP F 262 27.56 -6.72 35.99
C ASP F 262 28.16 -6.41 37.36
N ARG F 263 28.21 -7.38 38.29
CA ARG F 263 27.69 -8.73 38.14
C ARG F 263 26.28 -8.83 38.67
N TRP F 264 26.06 -8.39 39.91
CA TRP F 264 24.75 -8.56 40.60
C TRP F 264 23.72 -7.53 40.13
N GLY F 265 22.47 -7.94 40.04
CA GLY F 265 21.37 -6.97 39.99
C GLY F 265 21.27 -6.22 41.32
N ILE F 266 20.69 -6.89 42.33
CA ILE F 266 20.47 -6.32 43.64
C ILE F 266 20.90 -7.28 44.74
N ALA F 267 21.77 -6.80 45.63
CA ALA F 267 22.27 -7.65 46.69
C ALA F 267 22.37 -6.83 47.92
N VAL F 268 21.76 -7.35 49.00
CA VAL F 268 21.84 -6.74 50.31
C VAL F 268 22.32 -7.77 51.34
N GLY F 269 23.38 -7.44 52.08
CA GLY F 269 23.65 -8.00 53.41
C GLY F 269 24.91 -8.84 53.60
N TYR F 270 25.73 -9.00 52.59
CA TYR F 270 26.96 -9.75 52.81
C TYR F 270 27.78 -8.99 53.85
N THR F 271 28.38 -9.74 54.78
CA THR F 271 29.02 -9.15 55.94
C THR F 271 30.20 -9.97 56.39
N ALA F 272 31.26 -9.26 56.81
CA ALA F 272 32.46 -9.84 57.45
C ALA F 272 32.16 -10.58 58.73
N TYR F 273 31.01 -10.22 59.31
CA TYR F 273 30.56 -10.83 60.51
C TYR F 273 29.97 -12.21 60.25
N LEU F 274 29.95 -12.66 58.99
CA LEU F 274 29.78 -14.09 58.70
C LEU F 274 30.80 -14.99 59.43
N ASN F 275 31.95 -14.43 59.77
CA ASN F 275 32.94 -15.10 60.62
C ASN F 275 32.39 -15.52 62.01
N TYR F 276 31.35 -14.84 62.48
CA TYR F 276 30.57 -15.26 63.65
C TYR F 276 29.27 -15.99 63.29
N ILE F 277 28.58 -15.49 62.28
CA ILE F 277 27.33 -16.15 61.82
C ILE F 277 27.56 -17.63 61.37
N ASP F 278 28.67 -17.90 60.70
CA ASP F 278 28.96 -19.23 60.16
C ASP F 278 30.00 -20.08 60.89
N ALA F 279 30.38 -19.70 62.11
CA ALA F 279 31.32 -20.47 62.95
C ALA F 279 30.82 -21.87 63.30
N ASN F 280 29.52 -22.02 63.53
CA ASN F 280 28.92 -23.34 63.74
C ASN F 280 27.73 -23.52 62.88
N TYR F 281 27.94 -24.22 61.77
CA TYR F 281 26.83 -24.57 60.90
C TYR F 281 25.85 -25.47 61.60
N GLY F 282 26.37 -26.38 62.43
CA GLY F 282 25.58 -27.35 63.19
C GLY F 282 24.75 -28.17 62.21
N ASP F 283 23.43 -28.11 62.34
CA ASP F 283 22.54 -28.78 61.38
C ASP F 283 21.89 -27.81 60.37
N GLY F 284 22.49 -26.64 60.15
CA GLY F 284 21.95 -25.62 59.23
C GLY F 284 20.82 -24.70 59.72
N SER F 285 20.23 -25.01 60.87
CA SER F 285 19.26 -24.08 61.45
C SER F 285 20.04 -22.88 61.97
N ILE F 286 19.38 -21.75 62.07
CA ILE F 286 20.09 -20.51 62.39
C ILE F 286 19.42 -19.91 63.59
N ASP F 287 20.22 -19.68 64.62
CA ASP F 287 19.75 -19.21 65.88
C ASP F 287 19.32 -17.77 65.73
N ASP F 288 18.08 -17.50 66.15
CA ASP F 288 17.49 -16.14 66.15
C ASP F 288 18.30 -15.01 66.81
N ALA F 289 18.89 -15.26 67.99
CA ALA F 289 19.69 -14.22 68.65
C ALA F 289 20.92 -13.87 67.80
N LEU F 290 21.57 -14.90 67.27
CA LEU F 290 22.79 -14.74 66.42
C LEU F 290 22.59 -13.92 65.09
N ILE F 291 21.54 -14.25 64.34
CA ILE F 291 21.29 -13.56 63.07
C ILE F 291 20.69 -12.15 63.32
N ALA F 292 19.91 -12.00 64.39
CA ALA F 292 19.47 -10.64 64.82
C ALA F 292 20.68 -9.75 65.12
N LYS F 293 21.65 -10.30 65.86
CA LYS F 293 22.78 -9.52 66.36
C LYS F 293 23.86 -9.21 65.29
N TYR F 294 24.20 -10.20 64.46
CA TYR F 294 25.26 -10.05 63.47
C TYR F 294 24.76 -9.76 62.03
N GLY F 295 23.55 -10.22 61.73
CA GLY F 295 22.91 -10.01 60.45
C GLY F 295 22.09 -8.74 60.46
N SER F 296 21.35 -8.59 59.36
CA SER F 296 20.66 -7.37 58.97
C SER F 296 19.15 -7.60 59.08
N THR F 297 18.46 -6.68 59.76
CA THR F 297 17.05 -6.81 60.14
C THR F 297 16.17 -5.87 59.31
N ASN F 298 14.88 -6.20 59.21
CA ASN F 298 13.86 -5.38 58.46
C ASN F 298 14.31 -4.91 57.07
N VAL F 299 14.88 -5.81 56.30
CA VAL F 299 15.16 -5.55 54.90
C VAL F 299 13.89 -5.81 54.09
N ARG F 300 13.47 -4.82 53.32
CA ARG F 300 12.33 -4.98 52.41
C ARG F 300 12.81 -4.70 50.98
N ILE F 301 12.49 -5.62 50.08
CA ILE F 301 12.84 -5.51 48.66
C ILE F 301 11.51 -5.71 47.90
N GLU F 302 11.00 -4.64 47.29
CA GLU F 302 9.61 -4.47 46.89
C GLU F 302 9.45 -3.84 45.51
N ASN F 303 8.67 -4.46 44.63
CA ASN F 303 8.18 -3.79 43.43
C ASN F 303 9.30 -3.27 42.51
N ASN F 304 10.41 -4.01 42.47
CA ASN F 304 11.52 -3.66 41.59
C ASN F 304 11.51 -4.51 40.36
N TYR F 305 12.22 -4.06 39.34
CA TYR F 305 12.38 -4.82 38.12
C TYR F 305 13.87 -5.03 37.83
N VAL F 306 14.32 -6.28 37.75
CA VAL F 306 15.71 -6.64 37.36
C VAL F 306 15.76 -7.42 36.02
N LYS F 307 16.50 -6.84 35.08
CA LYS F 307 16.58 -7.40 33.76
C LYS F 307 18.01 -7.37 33.23
N GLY F 308 18.51 -8.48 32.69
CA GLY F 308 19.83 -8.49 32.06
C GLY F 308 20.99 -8.15 32.99
N ALA F 309 20.89 -8.51 34.27
CA ALA F 309 22.07 -8.55 35.12
C ALA F 309 23.00 -9.60 34.57
N GLY F 310 24.29 -9.42 34.88
CA GLY F 310 25.30 -10.35 34.45
C GLY F 310 25.22 -11.66 35.17
N GLY F 311 24.97 -11.57 36.48
CA GLY F 311 24.78 -12.75 37.35
C GLY F 311 23.32 -12.84 37.83
N ASP F 312 23.16 -12.87 39.15
CA ASP F 312 21.89 -13.14 39.84
C ASP F 312 21.00 -11.88 39.84
N ALA F 313 19.67 -12.04 39.96
CA ALA F 313 18.78 -10.88 40.01
C ALA F 313 18.77 -10.19 41.36
N ILE F 314 18.27 -10.89 42.38
CA ILE F 314 18.05 -10.32 43.71
C ILE F 314 18.52 -11.34 44.73
N THR F 315 19.34 -10.93 45.68
CA THR F 315 19.84 -11.86 46.64
C THR F 315 19.94 -11.23 48.01
N LEU F 316 19.33 -11.91 48.97
CA LEU F 316 19.37 -11.52 50.37
C LEU F 316 20.41 -12.39 51.09
N MET F 317 21.28 -11.78 51.90
CA MET F 317 22.40 -12.47 52.52
C MET F 317 22.44 -12.09 53.95
N TYR F 318 22.48 -13.11 54.82
CA TYR F 318 22.70 -12.91 56.27
C TYR F 318 21.73 -11.87 56.79
N CYS F 319 20.48 -12.01 56.32
CA CYS F 319 19.36 -11.16 56.76
C CYS F 319 18.44 -11.93 57.71
N ASP F 320 17.96 -11.23 58.73
CA ASP F 320 16.88 -11.66 59.63
C ASP F 320 15.49 -11.30 59.07
N ARG F 321 14.75 -12.31 58.65
CA ARG F 321 13.35 -12.14 58.28
C ARG F 321 13.07 -11.02 57.28
N PRO F 322 13.88 -10.94 56.20
CA PRO F 322 13.61 -10.00 55.13
C PRO F 322 12.32 -10.35 54.34
N VAL F 323 11.70 -9.32 53.77
CA VAL F 323 10.52 -9.47 52.96
C VAL F 323 10.92 -9.01 51.56
N ILE F 324 10.66 -9.91 50.61
CA ILE F 324 10.97 -9.75 49.22
C ILE F 324 9.68 -9.92 48.39
N GLU F 325 9.05 -8.85 47.95
CA GLU F 325 7.77 -9.02 47.33
C GLU F 325 7.52 -8.17 46.08
N HIS F 326 6.65 -8.71 45.21
CA HIS F 326 6.19 -7.96 44.03
C HIS F 326 7.35 -7.53 43.12
N ASN F 327 8.48 -8.24 43.19
CA ASN F 327 9.55 -8.01 42.27
C ASN F 327 9.33 -8.79 40.97
N VAL F 328 9.89 -8.26 39.87
CA VAL F 328 9.99 -9.01 38.63
C VAL F 328 11.45 -9.14 38.24
N GLY F 329 11.83 -10.34 37.83
CA GLY F 329 13.16 -10.64 37.39
C GLY F 329 13.08 -11.28 36.02
N ASP F 330 13.96 -10.83 35.13
CA ASP F 330 13.85 -11.16 33.74
C ASP F 330 15.23 -11.27 33.00
N SER F 331 15.59 -12.48 32.64
CA SER F 331 16.71 -12.80 31.72
C SER F 331 18.01 -12.35 32.33
N VAL F 332 18.25 -12.84 33.54
CA VAL F 332 19.53 -12.58 34.20
C VAL F 332 20.54 -13.70 33.84
N SER F 333 21.65 -13.77 34.56
CA SER F 333 22.73 -14.70 34.24
C SER F 333 23.26 -14.47 32.80
N LYS F 334 23.29 -13.22 32.37
CA LYS F 334 23.65 -12.92 30.98
C LYS F 334 25.05 -13.41 30.63
N HIS F 335 25.97 -13.17 31.55
CA HIS F 335 27.41 -13.40 31.32
C HIS F 335 27.93 -14.66 31.97
N ILE F 336 27.00 -15.46 32.50
CA ILE F 336 27.31 -16.71 33.12
C ILE F 336 27.22 -17.80 32.06
N ASN F 337 28.27 -17.89 31.26
CA ASN F 337 28.38 -18.88 30.21
C ASN F 337 29.83 -19.03 29.73
N THR F 338 30.04 -20.03 28.85
CA THR F 338 31.37 -20.44 28.39
C THR F 338 32.09 -19.42 27.50
N GLN F 339 31.36 -18.44 26.98
CA GLN F 339 31.89 -17.47 26.05
C GLN F 339 32.34 -16.21 26.77
N ASP F 340 31.62 -15.83 27.83
CA ASP F 340 31.86 -14.58 28.57
C ASP F 340 32.60 -14.78 29.93
N TYR F 341 32.32 -15.89 30.62
CA TYR F 341 32.83 -16.17 31.95
C TYR F 341 34.14 -17.01 31.83
N THR F 342 35.18 -16.40 31.27
CA THR F 342 36.32 -17.17 30.77
C THR F 342 37.53 -17.14 31.68
N GLN F 343 37.56 -16.18 32.60
CA GLN F 343 38.65 -16.07 33.58
C GLN F 343 38.17 -16.23 35.05
N PRO F 344 37.59 -17.41 35.39
CA PRO F 344 37.09 -17.64 36.75
C PRO F 344 38.14 -17.70 37.84
N GLY F 345 39.39 -17.85 37.45
CA GLY F 345 40.45 -17.92 38.41
C GLY F 345 40.18 -19.08 39.34
N SER F 346 40.49 -18.88 40.60
CA SER F 346 40.23 -19.90 41.57
C SER F 346 38.92 -19.63 42.32
N TYR F 347 38.24 -18.53 42.02
CA TYR F 347 36.96 -18.26 42.70
C TYR F 347 35.78 -19.07 42.15
N GLY F 348 35.87 -19.57 40.91
CA GLY F 348 34.74 -20.25 40.25
C GLY F 348 33.57 -19.30 40.08
N GLY F 349 32.45 -19.63 40.70
CA GLY F 349 31.22 -18.85 40.61
C GLY F 349 30.51 -18.76 39.27
N ARG F 350 30.65 -19.77 38.41
CA ARG F 350 29.92 -19.75 37.13
C ARG F 350 28.50 -20.31 37.28
N VAL F 351 27.75 -19.69 38.21
CA VAL F 351 26.40 -20.11 38.57
C VAL F 351 25.61 -18.90 38.98
N ALA F 352 24.33 -18.87 38.60
CA ALA F 352 23.42 -17.82 39.08
C ALA F 352 21.95 -18.29 39.05
N ALA F 353 21.24 -17.81 40.06
CA ALA F 353 19.84 -18.13 40.22
C ALA F 353 19.15 -16.80 40.13
N GLY F 354 17.83 -16.78 40.24
CA GLY F 354 17.04 -15.56 40.04
C GLY F 354 16.87 -14.66 41.27
N ILE F 355 16.00 -15.07 42.19
CA ILE F 355 15.58 -14.28 43.33
C ILE F 355 15.63 -15.17 44.56
N TRP F 356 16.53 -14.92 45.50
CA TRP F 356 16.86 -15.93 46.48
C TRP F 356 17.71 -15.49 47.67
N PRO F 357 17.78 -16.32 48.74
CA PRO F 357 18.53 -15.98 49.95
C PRO F 357 19.78 -16.82 50.17
N TRP F 358 20.73 -16.25 50.91
CA TRP F 358 21.93 -16.94 51.36
C TRP F 358 22.04 -16.69 52.86
N ARG F 359 22.14 -17.78 53.61
CA ARG F 359 22.23 -17.73 55.07
C ARG F 359 21.32 -16.67 55.77
N CYS F 360 20.07 -16.59 55.30
CA CYS F 360 19.00 -15.83 55.92
C CYS F 360 18.16 -16.71 56.79
N LYS F 361 17.36 -16.09 57.65
CA LYS F 361 16.50 -16.82 58.58
C LYS F 361 15.09 -16.40 58.30
N ASP F 362 14.25 -17.37 57.97
CA ASP F 362 12.81 -17.12 57.69
C ASP F 362 12.57 -15.94 56.73
N PRO F 363 13.31 -15.90 55.62
CA PRO F 363 13.00 -14.89 54.65
C PRO F 363 11.69 -15.22 53.93
N VAL F 364 10.92 -14.20 53.60
CA VAL F 364 9.70 -14.40 52.86
C VAL F 364 9.84 -13.80 51.45
N PHE F 365 9.65 -14.65 50.45
CA PHE F 365 9.69 -14.32 49.06
C PHE F 365 8.28 -14.54 48.52
N GLN F 366 7.51 -13.47 48.30
CA GLN F 366 6.11 -13.62 47.89
C GLN F 366 5.68 -12.70 46.75
N TYR F 367 4.68 -13.13 45.95
CA TYR F 367 4.13 -12.34 44.79
C TYR F 367 5.24 -11.80 43.85
N ASN F 368 6.35 -12.53 43.70
CA ASN F 368 7.37 -12.16 42.74
C ASN F 368 7.08 -12.92 41.43
N GLU F 369 7.60 -12.41 40.30
CA GLU F 369 7.57 -13.13 38.99
C GLU F 369 9.02 -13.30 38.55
N MET F 370 9.35 -14.44 37.95
CA MET F 370 10.71 -14.65 37.47
C MET F 370 10.68 -15.35 36.13
N TYR F 371 11.25 -14.67 35.14
CA TYR F 371 11.24 -15.09 33.75
C TYR F 371 12.66 -15.39 33.26
N ASN F 372 12.84 -16.47 32.52
CA ASN F 372 13.91 -16.60 31.52
C ASN F 372 15.35 -16.57 32.03
N ASN F 373 15.64 -17.17 33.17
CA ASN F 373 16.97 -17.14 33.68
C ASN F 373 17.84 -17.89 32.68
N LEU F 374 18.91 -17.23 32.29
CA LEU F 374 19.62 -17.59 31.07
C LEU F 374 20.78 -18.58 31.29
N ASN F 375 21.17 -19.21 30.17
CA ASN F 375 22.48 -19.84 29.97
C ASN F 375 22.78 -21.15 30.71
N ALA F 376 21.76 -21.83 31.19
CA ALA F 376 21.93 -23.21 31.65
C ALA F 376 22.40 -24.22 30.55
N GLU F 377 22.02 -23.91 29.30
CA GLU F 377 22.42 -24.71 28.13
C GLU F 377 23.89 -24.42 27.71
N HIS F 378 24.51 -23.40 28.31
CA HIS F 378 25.80 -22.89 27.89
C HIS F 378 26.71 -22.54 29.06
N GLY F 379 26.64 -23.32 30.14
CA GLY F 379 27.61 -23.22 31.23
C GLY F 379 27.17 -22.64 32.56
N ASN F 380 25.92 -22.18 32.67
CA ASN F 380 25.37 -21.82 33.95
C ASN F 380 25.05 -23.12 34.70
N GLY F 381 25.78 -23.33 35.80
CA GLY F 381 25.54 -24.52 36.69
C GLY F 381 24.25 -24.49 37.53
N ASP F 382 23.56 -23.35 37.54
CA ASP F 382 22.26 -23.17 38.13
C ASP F 382 21.27 -22.74 37.00
N GLY F 383 20.64 -21.57 37.06
CA GLY F 383 19.56 -21.21 36.11
C GLY F 383 18.11 -21.35 36.57
N GLN F 384 17.89 -21.43 37.88
CA GLN F 384 16.55 -21.54 38.47
C GLN F 384 15.95 -20.18 38.72
N ALA F 385 14.62 -20.10 38.74
CA ALA F 385 13.91 -18.91 39.25
C ALA F 385 14.23 -18.59 40.71
N TRP F 386 14.12 -19.66 41.52
CA TRP F 386 14.14 -19.64 43.00
C TRP F 386 15.22 -20.58 43.47
N ASP F 387 15.86 -20.26 44.59
CA ASP F 387 16.98 -21.08 45.17
C ASP F 387 17.00 -20.91 46.67
N ALA F 388 16.30 -21.75 47.39
CA ALA F 388 16.47 -21.79 48.85
C ALA F 388 17.88 -22.34 49.07
N ASP F 389 18.90 -21.52 49.12
CA ASP F 389 20.27 -21.98 49.30
C ASP F 389 20.50 -22.25 50.82
N TYR F 390 21.77 -22.43 51.23
CA TYR F 390 22.10 -22.50 52.65
C TYR F 390 21.33 -21.43 53.42
N GLY F 391 20.69 -21.86 54.50
CA GLY F 391 19.71 -21.06 55.21
C GLY F 391 18.64 -21.93 55.80
N ASP F 392 17.72 -21.29 56.49
CA ASP F 392 16.83 -21.94 57.44
C ASP F 392 15.54 -21.15 57.35
N GLY F 393 14.48 -21.80 56.88
CA GLY F 393 13.13 -21.19 56.91
C GLY F 393 12.69 -20.37 55.69
N THR F 394 13.34 -20.58 54.55
CA THR F 394 12.90 -19.91 53.33
C THR F 394 11.46 -20.25 52.93
N LEU F 395 10.67 -19.21 52.82
CA LEU F 395 9.29 -19.30 52.43
C LEU F 395 9.16 -18.60 51.08
N TYR F 396 8.92 -19.40 50.03
CA TYR F 396 8.50 -18.95 48.71
C TYR F 396 7.04 -19.24 48.57
N GLN F 397 6.22 -18.22 48.47
CA GLN F 397 4.80 -18.38 48.34
C GLN F 397 4.20 -17.39 47.35
N TYR F 398 3.24 -17.86 46.55
CA TYR F 398 2.49 -17.01 45.59
C TYR F 398 3.37 -16.37 44.49
N ASN F 399 4.47 -17.02 44.11
CA ASN F 399 5.36 -16.51 43.04
C ASN F 399 5.05 -17.25 41.74
N TYR F 400 5.26 -16.58 40.59
CA TYR F 400 5.18 -17.18 39.22
C TYR F 400 6.55 -17.24 38.54
N SER F 401 6.80 -18.30 37.77
CA SER F 401 8.08 -18.53 37.12
C SER F 401 7.80 -19.14 35.76
N TYR F 402 8.51 -18.63 34.75
CA TYR F 402 8.29 -18.99 33.37
C TYR F 402 9.59 -19.05 32.57
N GLY F 403 9.76 -20.16 31.86
CA GLY F 403 10.79 -20.30 30.85
C GLY F 403 12.16 -20.06 31.37
N ASN F 404 12.40 -20.42 32.64
CA ASN F 404 13.73 -20.40 33.21
C ASN F 404 14.50 -21.58 32.68
N SER F 405 15.80 -21.43 32.51
CA SER F 405 16.56 -22.43 31.69
C SER F 405 16.94 -23.71 32.47
N PHE F 406 16.92 -23.65 33.80
CA PHE F 406 17.05 -24.89 34.63
C PHE F 406 16.18 -24.78 35.85
N ALA F 407 14.99 -25.34 35.79
CA ALA F 407 14.08 -25.44 36.96
C ALA F 407 13.46 -24.17 37.49
N SER F 408 12.41 -24.35 38.29
CA SER F 408 11.78 -23.26 39.04
C SER F 408 12.52 -23.03 40.37
N LEU F 409 12.65 -24.11 41.14
CA LEU F 409 13.15 -24.11 42.53
C LEU F 409 14.29 -25.12 42.74
N MET F 410 15.41 -24.61 43.27
CA MET F 410 16.46 -25.43 43.83
C MET F 410 16.46 -25.31 45.35
N ILE F 411 16.72 -26.43 46.00
CA ILE F 411 17.12 -26.45 47.41
C ILE F 411 18.55 -26.95 47.37
N CYS F 412 19.50 -26.05 47.67
CA CYS F 412 20.93 -26.28 47.42
C CYS F 412 21.77 -26.81 48.56
N ASN F 413 22.00 -28.11 48.50
CA ASN F 413 22.93 -28.84 49.38
C ASN F 413 22.62 -28.89 50.91
N TRP F 414 23.48 -29.61 51.61
CA TRP F 414 23.33 -30.07 52.97
C TRP F 414 22.77 -29.09 54.00
N TYR F 415 23.18 -27.83 53.92
CA TYR F 415 22.79 -26.84 54.94
C TYR F 415 21.66 -25.91 54.47
N ALA F 416 20.98 -26.28 53.38
CA ALA F 416 19.71 -25.65 52.96
C ALA F 416 18.62 -26.49 53.57
N VAL F 417 18.03 -25.96 54.65
CA VAL F 417 17.16 -26.74 55.56
C VAL F 417 15.86 -25.99 55.77
N ASN F 418 14.77 -26.73 55.94
CA ASN F 418 13.53 -26.17 56.47
C ASN F 418 12.87 -25.18 55.53
N THR F 419 12.77 -25.53 54.24
CA THR F 419 12.15 -24.66 53.19
C THR F 419 10.69 -24.97 53.03
N THR F 420 9.86 -23.95 52.84
CA THR F 420 8.46 -24.12 52.42
C THR F 420 8.23 -23.43 51.10
N PHE F 421 7.70 -24.16 50.14
CA PHE F 421 7.50 -23.65 48.79
C PHE F 421 6.04 -23.95 48.52
N ARG F 422 5.19 -22.93 48.47
CA ARG F 422 3.75 -23.17 48.34
C ARG F 422 2.95 -22.12 47.59
N TYR F 423 1.83 -22.54 47.01
CA TYR F 423 0.98 -21.62 46.27
C TYR F 423 1.70 -20.81 45.17
N ASN F 424 2.72 -21.41 44.58
CA ASN F 424 3.49 -20.86 43.49
C ASN F 424 3.08 -21.55 42.15
N ILE F 425 3.13 -20.83 41.05
CA ILE F 425 2.87 -21.42 39.73
C ILE F 425 4.18 -21.39 38.90
N SER F 426 4.41 -22.47 38.17
CA SER F 426 5.59 -22.72 37.37
C SER F 426 5.07 -23.17 36.02
N GLN F 427 5.43 -22.43 34.98
CA GLN F 427 5.02 -22.74 33.66
C GLN F 427 6.23 -22.70 32.69
N ASN F 428 6.42 -23.80 31.95
CA ASN F 428 7.55 -23.97 31.02
C ASN F 428 8.94 -23.65 31.63
N ASP F 429 9.19 -23.96 32.89
CA ASP F 429 10.57 -23.98 33.41
C ASP F 429 11.23 -25.26 32.89
N ARG F 430 12.45 -25.16 32.38
CA ARG F 430 13.08 -26.29 31.61
C ARG F 430 14.00 -27.17 32.43
N GLN F 431 14.21 -28.38 31.88
CA GLN F 431 15.13 -29.40 32.39
C GLN F 431 14.84 -29.93 33.81
N GLY F 432 13.59 -29.80 34.22
CA GLY F 432 13.11 -30.20 35.56
C GLY F 432 12.51 -29.02 36.29
N VAL F 433 11.46 -29.25 37.06
CA VAL F 433 10.82 -28.15 37.78
C VAL F 433 11.45 -27.95 39.16
N PHE F 434 11.67 -29.07 39.90
CA PHE F 434 12.32 -29.07 41.21
C PHE F 434 13.73 -29.66 41.18
N ASP F 435 14.63 -29.00 41.88
CA ASP F 435 16.04 -29.32 41.82
C ASP F 435 16.43 -29.53 43.29
N LEU F 436 16.80 -30.77 43.59
CA LEU F 436 16.99 -31.23 44.97
C LEU F 436 18.34 -31.93 45.14
N PRO F 437 19.45 -31.21 44.81
CA PRO F 437 20.80 -31.77 44.89
C PRO F 437 21.41 -31.76 46.28
N SER F 438 21.27 -32.91 46.96
CA SER F 438 21.89 -33.17 48.24
C SER F 438 21.43 -32.22 49.35
N ASN F 439 20.17 -31.79 49.28
CA ASN F 439 19.64 -30.83 50.25
C ASN F 439 19.44 -31.42 51.66
N GLY F 440 19.42 -30.52 52.63
CA GLY F 440 19.02 -30.82 53.97
C GLY F 440 17.54 -31.21 54.01
N PRO F 441 17.06 -31.64 55.17
CA PRO F 441 15.67 -32.04 55.36
C PRO F 441 14.79 -30.88 55.73
N GLY F 442 13.51 -31.17 55.82
CA GLY F 442 12.53 -30.25 56.36
C GLY F 442 11.81 -29.44 55.31
N ASN F 443 11.87 -29.88 54.05
CA ASN F 443 11.39 -29.06 52.94
C ASN F 443 10.00 -29.56 52.57
N HIS F 444 9.06 -28.64 52.49
CA HIS F 444 7.66 -28.96 52.30
C HIS F 444 7.24 -28.18 51.08
N ILE F 445 6.69 -28.89 50.11
CA ILE F 445 6.37 -28.34 48.81
C ILE F 445 4.92 -28.68 48.60
N TYR F 446 4.03 -27.71 48.58
CA TYR F 446 2.62 -28.01 48.50
C TYR F 446 1.78 -26.94 47.88
N ASN F 447 0.61 -27.32 47.35
CA ASN F 447 -0.35 -26.37 46.75
C ASN F 447 0.28 -25.49 45.68
N ASN F 448 1.15 -26.08 44.89
CA ASN F 448 1.64 -25.42 43.72
C ASN F 448 0.96 -26.05 42.52
N THR F 449 0.97 -25.32 41.42
CA THR F 449 0.58 -25.88 40.11
C THR F 449 1.79 -25.75 39.19
N VAL F 450 2.23 -26.87 38.63
CA VAL F 450 3.36 -26.88 37.73
C VAL F 450 2.98 -27.49 36.39
N TYR F 451 3.16 -26.67 35.35
CA TYR F 451 2.92 -26.98 33.96
C TYR F 451 4.21 -27.41 33.26
N VAL F 452 4.33 -28.70 33.02
CA VAL F 452 5.58 -29.33 32.59
C VAL F 452 5.49 -29.78 31.12
N ASP F 453 6.39 -29.20 30.33
CA ASP F 453 6.37 -29.37 28.89
C ASP F 453 7.40 -30.39 28.53
N ALA F 454 7.56 -30.61 27.23
CA ALA F 454 8.50 -31.63 26.71
C ALA F 454 9.96 -31.30 26.94
N ASP F 455 10.31 -30.05 27.16
CA ASP F 455 11.68 -29.63 27.50
C ASP F 455 12.00 -29.79 28.98
N SER F 456 11.13 -30.47 29.71
CA SER F 456 11.27 -30.59 31.14
C SER F 456 10.61 -31.86 31.63
N GLN F 457 10.67 -31.99 32.95
CA GLN F 457 10.05 -33.07 33.71
C GLN F 457 9.88 -32.55 35.15
N VAL F 458 9.55 -33.41 36.10
CA VAL F 458 9.18 -32.93 37.44
C VAL F 458 10.39 -32.65 38.32
N LEU F 459 11.30 -33.61 38.38
CA LEU F 459 12.60 -33.49 39.09
C LEU F 459 13.78 -33.32 38.10
N THR F 460 14.75 -32.47 38.45
CA THR F 460 15.98 -32.39 37.68
C THR F 460 16.72 -33.73 37.72
N LYS F 461 17.53 -34.02 36.68
CA LYS F 461 18.21 -35.33 36.58
C LYS F 461 19.08 -35.55 37.81
N ARG F 462 19.70 -34.47 38.27
CA ARG F 462 20.59 -34.50 39.43
C ARG F 462 19.96 -34.58 40.84
N SER F 463 18.64 -34.50 40.93
CA SER F 463 17.99 -34.47 42.27
C SER F 463 18.14 -35.81 42.92
N ASN F 464 18.37 -35.78 44.24
CA ASN F 464 18.60 -36.99 45.02
C ASN F 464 18.21 -36.92 46.50
N SER F 465 17.48 -35.89 46.93
CA SER F 465 17.35 -35.59 48.36
C SER F 465 15.95 -35.23 48.76
N GLN F 466 15.81 -34.69 49.96
CA GLN F 466 14.52 -34.66 50.66
C GLN F 466 13.54 -33.63 50.13
N SER F 467 12.27 -33.99 50.16
CA SER F 467 11.14 -33.08 50.01
C SER F 467 9.85 -33.81 50.28
N LEU F 468 8.91 -33.11 50.90
CA LEU F 468 7.56 -33.61 51.07
C LEU F 468 6.63 -32.84 50.14
N PHE F 469 6.10 -33.53 49.13
CA PHE F 469 5.10 -32.97 48.23
C PHE F 469 3.71 -33.38 48.66
N GLU F 470 2.83 -32.40 48.83
CA GLU F 470 1.42 -32.61 49.16
C GLU F 470 0.60 -31.56 48.41
N ASN F 471 -0.64 -31.89 48.07
CA ASN F 471 -1.64 -30.99 47.44
C ASN F 471 -1.23 -30.32 46.14
N ASN F 472 -0.19 -30.80 45.47
CA ASN F 472 0.23 -30.12 44.22
C ASN F 472 -0.67 -30.60 43.04
N ILE F 473 -0.75 -29.79 42.01
CA ILE F 473 -1.25 -30.22 40.72
C ILE F 473 -0.03 -30.36 39.81
N PHE F 474 0.30 -31.58 39.40
CA PHE F 474 1.40 -31.81 38.44
C PHE F 474 0.80 -32.00 37.05
N ILE F 475 1.10 -31.08 36.12
CA ILE F 475 0.51 -31.14 34.80
C ILE F 475 1.49 -31.63 33.75
N ASN F 476 1.24 -32.79 33.16
CA ASN F 476 2.08 -33.23 32.03
C ASN F 476 1.50 -32.56 30.80
N ALA F 477 2.18 -31.54 30.30
CA ALA F 477 1.71 -30.73 29.17
C ALA F 477 2.31 -31.27 27.85
N THR F 478 2.35 -32.59 27.71
CA THR F 478 2.84 -33.23 26.47
C THR F 478 1.64 -33.97 25.85
N ASN F 479 1.88 -34.69 24.77
CA ASN F 479 0.83 -35.21 23.91
C ASN F 479 0.45 -36.70 24.15
N THR F 480 1.16 -37.37 25.05
CA THR F 480 0.74 -38.66 25.58
C THR F 480 0.79 -38.66 27.08
N LYS F 481 0.28 -39.75 27.63
CA LYS F 481 0.42 -40.05 29.04
C LYS F 481 1.86 -40.43 29.39
N LYS F 482 2.57 -39.54 30.09
CA LYS F 482 3.99 -39.78 30.44
C LYS F 482 4.18 -40.75 31.62
N THR F 483 5.24 -41.58 31.53
CA THR F 483 5.76 -42.35 32.64
C THR F 483 6.87 -41.46 33.18
N GLU F 484 6.67 -40.97 34.40
CA GLU F 484 7.50 -39.92 34.93
C GLU F 484 8.35 -40.50 36.02
N THR F 485 9.64 -40.21 36.03
CA THR F 485 10.44 -40.57 37.20
C THR F 485 10.03 -39.65 38.37
N TRP F 486 9.25 -40.17 39.32
CA TRP F 486 8.83 -39.35 40.48
C TRP F 486 9.81 -39.40 41.63
N ASN F 487 10.75 -40.32 41.57
CA ASN F 487 11.68 -40.49 42.64
C ASN F 487 13.07 -40.71 42.11
N ARG F 488 14.01 -39.90 42.61
CA ARG F 488 15.44 -40.13 42.40
C ARG F 488 16.19 -40.03 43.72
N GLY F 489 17.05 -41.00 43.99
CA GLY F 489 17.87 -41.04 45.21
C GLY F 489 17.06 -41.24 46.49
N SER F 490 17.74 -41.11 47.63
CA SER F 490 17.08 -41.20 48.93
C SER F 490 17.82 -40.45 50.07
N GLN F 491 18.56 -39.40 49.71
CA GLN F 491 19.26 -38.69 50.72
C GLN F 491 18.24 -37.95 51.60
N ASN F 492 18.44 -38.04 52.92
CA ASN F 492 17.54 -37.44 53.91
C ASN F 492 16.07 -37.81 53.81
N GLY F 493 15.79 -39.02 53.31
CA GLY F 493 14.42 -39.50 53.09
C GLY F 493 14.03 -39.67 51.64
N GLY F 494 14.68 -38.89 50.77
CA GLY F 494 14.21 -38.77 49.39
C GLY F 494 12.91 -38.00 49.32
N GLN F 495 12.22 -38.19 48.20
CA GLN F 495 11.04 -37.43 47.87
C GLN F 495 9.82 -38.27 48.23
N THR F 496 8.87 -37.67 48.94
CA THR F 496 7.65 -38.38 49.38
C THR F 496 6.41 -37.58 48.95
N TYR F 497 5.38 -38.27 48.50
CA TYR F 497 4.19 -37.62 48.01
C TYR F 497 2.94 -38.05 48.78
N ASP F 498 1.98 -37.15 48.87
CA ASP F 498 0.67 -37.46 49.45
C ASP F 498 -0.34 -36.41 49.06
N ASN F 499 -1.47 -36.88 48.56
CA ASN F 499 -2.62 -36.07 48.18
C ASN F 499 -2.33 -35.05 47.07
N ASN F 500 -1.59 -35.48 46.04
CA ASN F 500 -1.35 -34.60 44.91
C ASN F 500 -2.24 -35.01 43.77
N MET F 501 -2.45 -34.09 42.82
CA MET F 501 -3.10 -34.41 41.57
C MET F 501 -2.06 -34.61 40.49
N TYR F 502 -2.30 -35.60 39.65
CA TYR F 502 -1.38 -35.97 38.60
C TYR F 502 -2.25 -35.88 37.36
N VAL F 503 -1.94 -34.98 36.45
CA VAL F 503 -2.78 -34.74 35.33
C VAL F 503 -2.04 -35.21 34.10
N ASN F 504 -2.71 -36.08 33.35
CA ASN F 504 -2.25 -36.64 32.10
C ASN F 504 -0.96 -37.44 32.20
N TYR F 505 -0.79 -38.16 33.30
CA TYR F 505 0.36 -39.03 33.47
C TYR F 505 -0.10 -40.47 33.32
N ALA F 506 0.86 -41.39 33.19
CA ALA F 506 0.59 -42.85 33.12
C ALA F 506 0.76 -43.52 34.48
N ASN F 507 1.53 -42.90 35.37
CA ASN F 507 1.85 -43.46 36.68
C ASN F 507 1.73 -42.38 37.74
N LYS F 508 2.05 -42.73 38.97
CA LYS F 508 2.02 -41.82 40.10
C LYS F 508 3.13 -42.29 40.99
N PRO F 509 3.60 -41.43 41.91
CA PRO F 509 4.56 -41.90 42.89
C PRO F 509 4.00 -43.08 43.71
N THR F 510 4.88 -44.00 44.08
CA THR F 510 4.53 -45.16 44.89
C THR F 510 4.32 -44.82 46.38
N SER F 511 4.95 -43.78 46.90
CA SER F 511 4.57 -43.29 48.24
C SER F 511 3.19 -42.60 48.32
N ASP F 512 2.57 -42.23 47.19
CA ASP F 512 1.31 -41.50 47.22
C ASP F 512 0.10 -42.44 47.15
N ALA F 513 -0.44 -42.72 48.34
CA ALA F 513 -1.58 -43.60 48.51
C ALA F 513 -2.88 -42.81 48.45
N ASN F 514 -2.78 -41.48 48.30
CA ASN F 514 -3.94 -40.60 48.15
C ASN F 514 -3.93 -39.78 46.85
N ALA F 515 -3.51 -40.38 45.77
CA ALA F 515 -3.37 -39.67 44.50
C ALA F 515 -4.74 -39.35 43.91
N ILE F 516 -4.88 -38.16 43.31
CA ILE F 516 -6.03 -37.84 42.45
C ILE F 516 -5.43 -37.81 41.06
N GLU F 517 -5.96 -38.65 40.17
CA GLU F 517 -5.46 -38.77 38.79
C GLU F 517 -6.49 -38.16 37.86
N ALA F 518 -6.07 -37.30 36.94
CA ALA F 518 -7.00 -36.81 35.95
C ALA F 518 -6.37 -36.84 34.59
N ASP F 519 -7.23 -37.09 33.61
CA ASP F 519 -6.87 -37.43 32.26
C ASP F 519 -6.61 -36.18 31.45
N ASP F 520 -7.55 -35.23 31.49
CA ASP F 520 -7.58 -33.98 30.71
C ASP F 520 -7.53 -32.68 31.54
N VAL F 521 -6.60 -31.81 31.21
CA VAL F 521 -6.40 -30.57 31.98
C VAL F 521 -7.55 -29.57 31.83
N SER F 522 -8.24 -29.61 30.69
CA SER F 522 -9.44 -28.77 30.44
C SER F 522 -10.63 -28.96 31.36
N ALA F 523 -10.73 -30.14 31.99
CA ALA F 523 -11.76 -30.44 33.00
C ALA F 523 -11.28 -30.14 34.42
N VAL F 524 -10.02 -29.71 34.57
CA VAL F 524 -9.47 -29.36 35.86
C VAL F 524 -9.27 -27.87 36.05
N LEU F 525 -8.60 -27.24 35.07
CA LEU F 525 -8.33 -25.81 35.07
C LEU F 525 -8.90 -25.14 33.84
N ALA F 526 -9.07 -23.84 33.93
CA ALA F 526 -9.69 -23.03 32.87
C ALA F 526 -8.89 -22.93 31.57
N GLY F 527 -7.59 -22.77 31.72
CA GLY F 527 -6.70 -22.77 30.57
C GLY F 527 -5.28 -22.73 31.04
N ALA F 528 -4.78 -23.87 31.49
CA ALA F 528 -3.40 -23.99 31.88
C ALA F 528 -2.38 -23.65 30.72
N GLY F 529 -1.16 -23.22 31.08
CA GLY F 529 -0.16 -22.71 30.07
C GLY F 529 -0.35 -21.30 29.49
N SER F 530 -1.45 -20.65 29.86
CA SER F 530 -1.82 -19.37 29.32
C SER F 530 -1.35 -18.21 30.18
N ALA F 531 -0.52 -18.43 31.21
CA ALA F 531 0.01 -17.27 31.96
C ALA F 531 1.11 -16.58 31.12
N PRO F 532 1.68 -15.47 31.62
CA PRO F 532 2.61 -14.74 30.72
C PRO F 532 3.97 -15.46 30.37
N THR F 533 4.43 -15.23 29.16
CA THR F 533 5.72 -15.69 28.72
C THR F 533 6.86 -14.66 28.86
N SER F 534 6.56 -13.54 29.47
CA SER F 534 7.45 -12.43 29.41
C SER F 534 6.99 -11.42 30.45
N ALA F 535 7.97 -10.70 30.98
CA ALA F 535 7.70 -9.57 31.84
C ALA F 535 6.96 -8.56 31.04
N LEU F 536 6.17 -7.76 31.73
CA LEU F 536 5.49 -6.62 31.11
C LEU F 536 6.57 -5.63 30.65
N LYS F 537 6.37 -5.02 29.49
CA LYS F 537 7.31 -4.01 28.99
C LYS F 537 7.80 -3.05 30.11
N SER F 538 6.88 -2.47 30.86
CA SER F 538 7.22 -1.57 31.99
C SER F 538 7.95 -2.24 33.15
N GLY F 539 7.79 -3.55 33.31
CA GLY F 539 8.46 -4.31 34.37
C GLY F 539 7.73 -4.43 35.69
N ALA F 540 6.51 -3.90 35.77
CA ALA F 540 5.68 -4.10 36.95
C ALA F 540 5.16 -5.51 36.87
N GLU F 541 4.91 -6.09 38.05
CA GLU F 541 4.22 -7.37 38.12
C GLU F 541 2.95 -7.27 37.28
N HIS F 542 2.51 -8.40 36.72
CA HIS F 542 1.19 -8.49 36.07
C HIS F 542 0.08 -8.37 37.11
N ALA F 543 -1.07 -7.90 36.64
CA ALA F 543 -2.30 -7.91 37.40
C ALA F 543 -2.71 -9.34 37.66
N ARG F 544 -3.03 -9.61 38.94
CA ARG F 544 -3.70 -10.84 39.34
C ARG F 544 -5.23 -10.79 39.35
N THR F 545 -5.82 -9.62 39.13
CA THR F 545 -7.26 -9.37 39.28
C THR F 545 -7.70 -8.37 38.27
N GLY F 546 -9.01 -8.28 38.08
CA GLY F 546 -9.57 -7.30 37.13
C GLY F 546 -9.42 -7.84 35.72
N GLU F 547 -9.65 -6.98 34.72
CA GLU F 547 -9.69 -7.42 33.31
C GLU F 547 -8.29 -7.78 32.75
N LYS F 548 -7.24 -7.21 33.35
CA LYS F 548 -5.85 -7.48 32.96
C LYS F 548 -5.25 -8.66 33.68
N ALA F 549 -6.07 -9.37 34.46
CA ALA F 549 -5.61 -10.51 35.21
C ALA F 549 -4.99 -11.56 34.28
N ALA F 550 -3.82 -12.03 34.65
CA ALA F 550 -3.01 -12.81 33.75
C ALA F 550 -2.89 -14.27 34.17
N PHE F 551 -3.39 -14.65 35.34
CA PHE F 551 -3.31 -16.03 35.82
C PHE F 551 -4.64 -16.75 35.94
N ASP F 552 -5.66 -16.22 35.27
CA ASP F 552 -7.02 -16.84 35.29
C ASP F 552 -7.07 -18.25 34.68
N GLY F 553 -6.06 -18.60 33.87
CA GLY F 553 -5.94 -19.90 33.32
C GLY F 553 -5.77 -20.95 34.38
N TYR F 554 -5.25 -20.56 35.54
CA TYR F 554 -4.96 -21.53 36.61
C TYR F 554 -6.02 -21.75 37.72
N ARG F 555 -7.15 -21.06 37.58
CA ARG F 555 -8.39 -21.25 38.35
C ARG F 555 -9.11 -22.57 37.99
N PRO F 556 -9.46 -23.38 39.00
CA PRO F 556 -10.28 -24.58 38.74
C PRO F 556 -11.59 -24.20 38.10
N VAL F 557 -12.07 -25.01 37.16
CA VAL F 557 -13.40 -24.79 36.54
C VAL F 557 -14.41 -25.58 37.30
N ALA F 558 -15.68 -25.34 36.99
CA ALA F 558 -16.78 -26.08 37.63
C ALA F 558 -16.62 -27.59 37.37
N GLY F 559 -16.84 -28.38 38.43
CA GLY F 559 -16.62 -29.83 38.39
C GLY F 559 -15.18 -30.27 38.58
N SER F 560 -14.23 -29.35 38.71
CA SER F 560 -12.85 -29.76 38.80
C SER F 560 -12.60 -30.68 40.02
N LYS F 561 -11.91 -31.80 39.76
CA LYS F 561 -11.38 -32.76 40.75
C LYS F 561 -10.39 -32.19 41.79
N ALA F 562 -9.86 -30.99 41.53
CA ALA F 562 -9.07 -30.26 42.52
C ALA F 562 -9.93 -29.63 43.62
N ILE F 563 -11.18 -29.32 43.32
CA ILE F 563 -12.01 -28.64 44.29
C ILE F 563 -12.20 -29.51 45.52
N ASN F 564 -11.87 -28.94 46.67
CA ASN F 564 -12.00 -29.57 47.98
C ASN F 564 -11.20 -30.87 48.25
N ALA F 565 -10.27 -31.19 47.36
CA ALA F 565 -9.61 -32.50 47.38
C ALA F 565 -8.30 -32.53 48.18
N GLY F 566 -7.86 -31.39 48.70
CA GLY F 566 -6.60 -31.32 49.42
C GLY F 566 -6.77 -31.74 50.86
N LYS F 567 -5.72 -32.29 51.43
CA LYS F 567 -5.60 -32.40 52.85
C LYS F 567 -5.31 -31.05 53.49
N VAL F 568 -5.61 -30.97 54.78
CA VAL F 568 -5.23 -29.84 55.62
C VAL F 568 -3.75 -30.01 55.95
N VAL F 569 -2.96 -29.00 55.57
CA VAL F 569 -1.53 -29.12 55.60
C VAL F 569 -1.03 -28.72 56.99
N SER F 570 -0.10 -29.49 57.51
CA SER F 570 0.62 -29.13 58.71
C SER F 570 2.02 -28.77 58.21
N ASP F 571 2.29 -27.47 58.06
CA ASP F 571 3.53 -27.02 57.47
C ASP F 571 4.71 -27.42 58.37
N LEU F 572 5.75 -28.02 57.78
CA LEU F 572 6.93 -28.53 58.50
C LEU F 572 7.70 -27.46 59.25
N ASN F 573 7.53 -26.22 58.83
CA ASN F 573 8.26 -25.07 59.39
C ASN F 573 7.36 -24.06 60.06
N ASP F 574 6.11 -24.46 60.32
CA ASP F 574 5.14 -23.71 61.17
C ASP F 574 4.58 -22.45 60.53
N TYR F 575 4.50 -22.44 59.21
CA TYR F 575 4.00 -21.28 58.50
C TYR F 575 2.51 -21.58 58.29
N ALA F 576 1.68 -20.88 59.02
CA ALA F 576 0.24 -21.08 58.95
C ALA F 576 -0.26 -20.80 57.52
N VAL F 577 -1.14 -21.64 56.98
CA VAL F 577 -1.79 -21.35 55.67
C VAL F 577 -2.67 -20.11 55.84
N GLU F 578 -2.72 -19.27 54.80
CA GLU F 578 -3.50 -18.03 54.80
C GLU F 578 -4.26 -17.83 53.53
N ASN F 579 -3.57 -17.74 52.41
CA ASN F 579 -4.22 -17.46 51.12
C ASN F 579 -3.58 -18.24 49.98
N ASP F 580 -4.22 -18.16 48.81
CA ASP F 580 -3.81 -18.88 47.62
C ASP F 580 -2.97 -17.91 46.77
N PHE F 581 -2.63 -18.34 45.55
CA PHE F 581 -1.86 -17.52 44.59
C PHE F 581 -2.49 -16.16 44.30
N LEU F 582 -3.83 -16.07 44.24
CA LEU F 582 -4.55 -14.82 43.89
C LEU F 582 -5.02 -13.94 45.08
N GLY F 583 -4.56 -14.26 46.31
CA GLY F 583 -5.01 -13.60 47.52
C GLY F 583 -6.29 -14.09 48.20
N ASN F 584 -6.92 -15.15 47.66
CA ASN F 584 -8.15 -15.67 48.24
C ASN F 584 -7.79 -16.43 49.47
N ALA F 585 -8.65 -16.34 50.49
CA ALA F 585 -8.49 -17.09 51.73
C ALA F 585 -8.67 -18.59 51.47
N VAL F 586 -7.92 -19.39 52.20
CA VAL F 586 -8.01 -20.86 52.25
C VAL F 586 -8.50 -21.17 53.65
N LYS F 587 -9.75 -21.62 53.80
CA LYS F 587 -10.30 -21.85 55.15
C LYS F 587 -10.60 -23.33 55.36
N GLY F 588 -11.52 -23.87 54.57
CA GLY F 588 -11.94 -25.25 54.75
C GLY F 588 -10.93 -26.30 54.28
N ARG F 589 -11.42 -27.21 53.46
CA ARG F 589 -10.60 -28.22 52.85
C ARG F 589 -9.93 -27.52 51.66
N PRO F 590 -8.59 -27.40 51.64
CA PRO F 590 -7.98 -26.73 50.52
C PRO F 590 -8.21 -27.45 49.19
N ASP F 591 -8.35 -26.66 48.14
CA ASP F 591 -8.34 -27.18 46.77
C ASP F 591 -6.90 -27.55 46.49
N LEU F 592 -6.75 -28.48 45.57
CA LEU F 592 -5.43 -28.88 45.09
C LEU F 592 -4.86 -27.76 44.24
N GLY F 593 -3.55 -27.64 44.28
CA GLY F 593 -2.87 -26.61 43.53
C GLY F 593 -2.82 -25.24 44.19
N ALA F 594 -2.52 -24.24 43.35
CA ALA F 594 -2.18 -22.87 43.74
C ALA F 594 -3.39 -21.94 43.82
N VAL F 595 -4.49 -22.35 43.21
CA VAL F 595 -5.62 -21.48 43.04
C VAL F 595 -6.88 -22.19 43.50
N GLU F 596 -7.48 -21.60 44.53
CA GLU F 596 -8.82 -21.93 44.99
C GLU F 596 -9.89 -21.50 43.94
N ALA F 597 -11.03 -22.19 43.91
CA ALA F 597 -12.14 -21.82 43.01
C ALA F 597 -12.96 -20.58 43.47
N ALA F 598 -13.51 -19.82 42.52
CA ALA F 598 -14.40 -18.67 42.81
C ALA F 598 -15.15 -18.24 41.55
N SER G 16 -26.92 -18.93 -27.20
CA SER G 16 -27.30 -20.25 -26.60
C SER G 16 -28.09 -21.10 -27.60
N GLY G 17 -28.36 -22.34 -27.18
CA GLY G 17 -29.13 -23.27 -27.99
C GLY G 17 -28.74 -24.69 -27.65
N THR G 18 -29.72 -25.49 -27.25
CA THR G 18 -29.59 -26.93 -27.05
C THR G 18 -30.70 -27.60 -27.81
N THR G 19 -30.47 -28.82 -28.27
CA THR G 19 -31.43 -29.47 -29.19
C THR G 19 -31.55 -30.94 -28.84
N TYR G 20 -32.68 -31.32 -28.25
CA TYR G 20 -32.93 -32.67 -27.79
C TYR G 20 -33.74 -33.36 -28.87
N TYR G 21 -33.41 -34.62 -29.16
CA TYR G 21 -34.09 -35.42 -30.20
C TYR G 21 -34.82 -36.53 -29.48
N VAL G 22 -35.86 -37.08 -30.13
CA VAL G 22 -36.61 -38.25 -29.62
C VAL G 22 -37.07 -39.16 -30.75
N SER G 23 -36.99 -40.48 -30.56
CA SER G 23 -37.60 -41.45 -31.48
C SER G 23 -38.25 -42.71 -30.82
N SER G 24 -39.56 -42.85 -30.98
CA SER G 24 -40.22 -44.14 -30.75
C SER G 24 -39.70 -45.11 -31.80
N ALA G 25 -39.55 -46.36 -31.40
CA ALA G 25 -39.16 -47.46 -32.30
C ALA G 25 -37.64 -47.62 -32.52
N HIS G 26 -36.85 -46.58 -32.24
CA HIS G 26 -35.39 -46.66 -32.39
C HIS G 26 -34.57 -45.71 -31.52
N GLY G 27 -35.11 -45.31 -30.38
CA GLY G 27 -34.40 -44.44 -29.47
C GLY G 27 -34.13 -45.19 -28.20
N ASP G 28 -33.47 -44.51 -27.27
CA ASP G 28 -33.22 -45.12 -25.98
C ASP G 28 -33.27 -44.07 -24.92
N ASP G 29 -34.01 -44.35 -23.85
CA ASP G 29 -34.16 -43.37 -22.77
C ASP G 29 -32.90 -43.18 -21.90
N ALA G 30 -31.96 -44.13 -21.99
CA ALA G 30 -30.68 -44.02 -21.27
C ALA G 30 -29.71 -42.95 -21.83
N ASN G 31 -29.90 -42.54 -23.09
CA ASN G 31 -28.90 -41.73 -23.81
C ASN G 31 -28.79 -40.30 -23.28
N ALA G 32 -27.82 -39.56 -23.82
CA ALA G 32 -27.61 -38.16 -23.45
C ALA G 32 -28.78 -37.32 -23.94
N GLY G 33 -29.40 -37.77 -25.04
CA GLY G 33 -30.58 -37.13 -25.62
C GLY G 33 -30.24 -36.26 -26.81
N THR G 34 -29.26 -35.38 -26.60
CA THR G 34 -28.72 -34.53 -27.65
C THR G 34 -28.19 -35.40 -28.82
N SER G 35 -28.00 -34.79 -30.00
CA SER G 35 -27.53 -35.49 -31.24
C SER G 35 -28.47 -36.57 -31.90
N GLU G 36 -28.54 -36.56 -33.24
CA GLU G 36 -29.44 -37.44 -34.03
C GLU G 36 -29.25 -38.94 -33.89
N ASN G 37 -28.00 -39.37 -33.61
CA ASN G 37 -27.65 -40.81 -33.39
C ASN G 37 -27.92 -41.37 -31.98
N ALA G 38 -28.05 -40.47 -30.99
CA ALA G 38 -28.38 -40.78 -29.58
C ALA G 38 -29.81 -40.28 -29.27
N PRO G 39 -30.86 -41.08 -29.66
CA PRO G 39 -32.17 -40.47 -29.89
C PRO G 39 -33.19 -40.19 -28.76
N TRP G 40 -33.15 -40.83 -27.58
CA TRP G 40 -34.31 -40.86 -26.60
C TRP G 40 -35.50 -41.68 -27.13
N LYS G 41 -36.02 -42.54 -26.26
CA LYS G 41 -37.06 -43.48 -26.65
C LYS G 41 -38.43 -42.82 -26.56
N SER G 42 -38.66 -42.16 -25.43
CA SER G 42 -40.00 -41.80 -24.94
C SER G 42 -40.08 -40.36 -24.37
N LEU G 43 -41.24 -39.76 -24.54
CA LEU G 43 -41.49 -38.38 -24.15
C LEU G 43 -41.40 -38.07 -22.66
N THR G 44 -41.47 -39.07 -21.76
CA THR G 44 -41.35 -38.82 -20.30
C THR G 44 -40.11 -38.02 -19.96
N LYS G 45 -39.01 -38.37 -20.63
CA LYS G 45 -37.74 -37.64 -20.55
C LYS G 45 -37.95 -36.15 -20.81
N VAL G 46 -38.59 -35.83 -21.94
CA VAL G 46 -38.86 -34.42 -22.35
C VAL G 46 -39.70 -33.66 -21.31
N ASN G 47 -40.68 -34.33 -20.70
CA ASN G 47 -41.50 -33.72 -19.63
C ASN G 47 -40.67 -33.41 -18.39
N ASP G 48 -39.67 -34.23 -18.10
CA ASP G 48 -38.77 -33.97 -16.98
C ASP G 48 -37.93 -32.70 -17.22
N ILE G 49 -37.59 -32.45 -18.47
CA ILE G 49 -36.83 -31.24 -18.84
C ILE G 49 -37.66 -30.10 -19.48
N ALA G 50 -38.99 -30.17 -19.39
CA ALA G 50 -39.90 -29.24 -20.10
C ALA G 50 -39.86 -27.80 -19.60
N SER G 51 -39.94 -27.64 -18.28
CA SER G 51 -39.87 -26.31 -17.65
C SER G 51 -38.50 -25.64 -17.80
N ASP G 52 -37.49 -26.40 -18.23
CA ASP G 52 -36.08 -25.94 -18.37
C ASP G 52 -35.68 -25.35 -19.77
N LEU G 53 -36.48 -25.59 -20.82
CA LEU G 53 -36.36 -24.89 -22.12
C LEU G 53 -36.70 -23.43 -21.83
N GLY G 54 -36.12 -22.38 -22.44
CA GLY G 54 -34.94 -22.39 -23.29
C GLY G 54 -35.03 -21.59 -24.58
N PRO G 55 -34.65 -20.30 -24.57
CA PRO G 55 -34.49 -19.62 -25.86
C PRO G 55 -33.45 -20.35 -26.74
N GLY G 56 -33.85 -20.69 -27.97
CA GLY G 56 -33.02 -21.48 -28.88
C GLY G 56 -32.98 -22.98 -28.61
N ASP G 57 -33.56 -23.42 -27.48
CA ASP G 57 -33.67 -24.83 -27.20
C ASP G 57 -34.71 -25.41 -28.11
N SER G 58 -34.70 -26.72 -28.26
CA SER G 58 -35.61 -27.39 -29.17
C SER G 58 -35.75 -28.84 -28.82
N VAL G 59 -36.90 -29.42 -29.19
CA VAL G 59 -37.20 -30.82 -29.00
C VAL G 59 -37.79 -31.30 -30.32
N LEU G 60 -36.93 -31.83 -31.19
CA LEU G 60 -37.40 -32.39 -32.46
C LEU G 60 -37.73 -33.86 -32.22
N LEU G 61 -38.80 -34.35 -32.85
CA LEU G 61 -39.24 -35.75 -32.71
C LEU G 61 -39.24 -36.35 -34.10
N GLU G 62 -38.95 -37.64 -34.21
CA GLU G 62 -38.62 -38.23 -35.49
C GLU G 62 -39.87 -38.52 -36.30
N TYR G 63 -39.89 -38.04 -37.53
CA TYR G 63 -40.90 -38.45 -38.50
C TYR G 63 -41.00 -39.97 -38.51
N GLY G 64 -42.20 -40.50 -38.31
CA GLY G 64 -42.44 -41.99 -38.17
C GLY G 64 -42.72 -42.46 -36.75
N SER G 65 -42.18 -41.71 -35.76
CA SER G 65 -42.52 -41.88 -34.34
C SER G 65 -44.05 -41.94 -34.04
N GLU G 66 -44.45 -42.89 -33.20
CA GLU G 66 -45.79 -42.95 -32.61
C GLU G 66 -45.65 -43.21 -31.10
N PHE G 67 -45.65 -42.13 -30.31
CA PHE G 67 -45.50 -42.19 -28.84
C PHE G 67 -46.83 -42.49 -28.10
N ASN G 68 -47.21 -43.77 -28.00
CA ASN G 68 -48.46 -44.21 -27.32
C ASN G 68 -48.56 -44.01 -25.81
N ASP G 69 -49.74 -43.57 -25.36
CA ASP G 69 -49.96 -43.20 -23.93
C ASP G 69 -48.97 -42.19 -23.38
N GLN G 70 -48.57 -41.23 -24.22
CA GLN G 70 -47.67 -40.14 -23.83
C GLN G 70 -48.25 -38.76 -24.22
N TYR G 71 -47.63 -37.77 -23.62
CA TYR G 71 -48.12 -36.44 -23.62
C TYR G 71 -46.93 -35.50 -23.37
N LEU G 72 -47.13 -34.25 -23.74
CA LEU G 72 -46.14 -33.20 -23.64
C LEU G 72 -46.76 -32.04 -22.84
N HIS G 73 -46.30 -31.85 -21.62
CA HIS G 73 -46.71 -30.70 -20.81
C HIS G 73 -45.49 -29.81 -20.55
N ILE G 74 -45.68 -28.51 -20.75
CA ILE G 74 -44.64 -27.52 -20.74
C ILE G 74 -45.20 -26.35 -19.94
N LYS G 75 -44.59 -26.06 -18.80
CA LYS G 75 -45.11 -25.07 -17.87
C LYS G 75 -44.13 -23.93 -17.59
N ASP G 76 -44.67 -22.73 -17.48
CA ASP G 76 -44.01 -21.61 -16.79
C ASP G 76 -42.72 -21.12 -17.41
N THR G 77 -42.47 -21.50 -18.66
CA THR G 77 -41.22 -21.21 -19.35
C THR G 77 -41.38 -20.16 -20.49
N ALA G 78 -40.35 -19.99 -21.34
CA ALA G 78 -40.30 -18.90 -22.36
C ALA G 78 -39.04 -18.88 -23.25
N GLY G 79 -39.22 -18.75 -24.57
CA GLY G 79 -38.11 -18.34 -25.46
C GLY G 79 -37.96 -16.83 -25.37
N ASN G 80 -37.38 -16.22 -26.40
CA ASN G 80 -37.38 -14.76 -26.54
C ASN G 80 -37.57 -14.39 -28.01
N ALA G 81 -37.59 -13.08 -28.29
CA ALA G 81 -37.80 -12.56 -29.67
C ALA G 81 -36.67 -12.95 -30.65
N ASP G 82 -35.42 -12.87 -30.18
CA ASP G 82 -34.25 -13.36 -30.97
C ASP G 82 -34.32 -14.87 -31.26
N ALA G 83 -34.74 -15.64 -30.26
CA ALA G 83 -34.72 -17.12 -30.33
C ALA G 83 -35.91 -17.80 -29.59
N PRO G 84 -36.81 -18.45 -30.34
CA PRO G 84 -37.90 -19.19 -29.70
C PRO G 84 -37.49 -20.55 -29.15
N ILE G 85 -38.36 -21.11 -28.33
CA ILE G 85 -38.35 -22.52 -28.02
C ILE G 85 -39.07 -23.14 -29.19
N THR G 86 -38.49 -24.18 -29.77
CA THR G 86 -39.13 -24.91 -30.87
C THR G 86 -39.50 -26.31 -30.37
N ILE G 87 -40.52 -26.91 -30.98
CA ILE G 87 -40.90 -28.31 -30.79
C ILE G 87 -41.39 -28.76 -32.15
N SER G 88 -40.70 -29.72 -32.77
CA SER G 88 -40.98 -29.99 -34.18
C SER G 88 -40.71 -31.42 -34.59
N ALA G 89 -40.50 -31.61 -35.89
CA ALA G 89 -40.03 -32.90 -36.41
C ALA G 89 -38.63 -32.85 -37.07
N TYR G 90 -37.93 -33.99 -36.99
CA TYR G 90 -36.66 -34.25 -37.71
C TYR G 90 -36.77 -35.59 -38.47
N GLY G 91 -35.95 -35.76 -39.51
CA GLY G 91 -35.87 -37.01 -40.26
C GLY G 91 -36.43 -36.87 -41.67
N ASP G 92 -37.20 -37.89 -42.09
CA ASP G 92 -37.77 -37.98 -43.46
C ASP G 92 -39.30 -37.79 -43.40
N ALA G 93 -39.74 -36.65 -43.91
CA ALA G 93 -41.16 -36.31 -43.93
C ALA G 93 -42.10 -37.34 -44.62
N ASP G 94 -41.59 -38.30 -45.40
CA ASP G 94 -42.43 -39.39 -45.99
C ASP G 94 -42.80 -40.52 -45.02
N GLU G 95 -42.09 -40.59 -43.91
CA GLU G 95 -42.42 -41.53 -42.86
C GLU G 95 -43.76 -41.20 -42.19
N GLY G 96 -43.99 -39.90 -42.07
CA GLY G 96 -45.21 -39.37 -41.47
C GLY G 96 -44.87 -38.41 -40.34
N LYS G 97 -45.80 -37.48 -40.08
CA LYS G 97 -45.79 -36.62 -38.89
C LYS G 97 -45.75 -37.48 -37.61
N PRO G 98 -44.80 -37.18 -36.69
CA PRO G 98 -44.76 -37.94 -35.44
C PRO G 98 -46.05 -37.77 -34.67
N VAL G 99 -46.62 -38.90 -34.21
CA VAL G 99 -47.87 -38.92 -33.41
C VAL G 99 -47.61 -38.92 -31.88
N ILE G 100 -48.32 -38.04 -31.18
CA ILE G 100 -48.37 -38.02 -29.70
C ILE G 100 -49.83 -38.35 -29.40
N ALA G 101 -50.07 -39.57 -28.94
CA ALA G 101 -51.41 -40.05 -28.64
C ALA G 101 -51.47 -40.31 -27.14
N SER G 102 -52.14 -39.42 -26.40
CA SER G 102 -52.23 -39.55 -24.92
C SER G 102 -53.29 -40.52 -24.42
N ASN G 103 -54.28 -40.83 -25.26
CA ASN G 103 -55.42 -41.71 -24.91
C ASN G 103 -56.04 -41.45 -23.53
N GLY G 104 -56.08 -40.16 -23.18
CA GLY G 104 -56.37 -39.65 -21.85
C GLY G 104 -55.82 -40.41 -20.66
N VAL G 105 -54.54 -40.80 -20.73
CA VAL G 105 -53.88 -41.38 -19.56
C VAL G 105 -53.83 -40.38 -18.41
N LYS G 106 -53.79 -40.92 -17.20
CA LYS G 106 -53.61 -40.16 -15.95
C LYS G 106 -52.50 -39.13 -15.99
N GLY G 107 -51.40 -39.43 -16.68
CA GLY G 107 -50.27 -38.50 -16.75
C GLY G 107 -50.55 -37.22 -17.54
N SER G 108 -51.53 -37.29 -18.46
CA SER G 108 -51.96 -36.14 -19.27
C SER G 108 -52.96 -35.20 -18.51
N GLN G 109 -53.38 -35.60 -17.29
CA GLN G 109 -54.44 -34.93 -16.57
C GLN G 109 -53.94 -33.88 -15.61
N TRP G 110 -54.65 -32.75 -15.62
CA TRP G 110 -54.33 -31.62 -14.79
C TRP G 110 -55.62 -30.97 -14.31
N GLU G 111 -55.48 -30.11 -13.31
CA GLU G 111 -56.61 -29.48 -12.66
C GLU G 111 -56.83 -28.04 -13.19
N GLN G 112 -57.96 -27.88 -13.90
CA GLN G 112 -58.29 -26.64 -14.55
C GLN G 112 -59.18 -25.90 -13.61
N ASP G 113 -58.93 -24.60 -13.46
CA ASP G 113 -59.72 -23.80 -12.52
C ASP G 113 -59.61 -22.32 -12.90
N TYR G 114 -60.71 -21.78 -13.41
CA TYR G 114 -60.80 -20.36 -13.75
C TYR G 114 -60.69 -19.47 -12.53
N ARG G 115 -61.02 -19.99 -11.36
CA ARG G 115 -61.03 -19.24 -10.09
C ARG G 115 -62.01 -18.05 -10.11
N ALA G 116 -63.04 -18.23 -10.93
CA ALA G 116 -64.14 -17.27 -11.06
C ALA G 116 -65.29 -17.90 -11.79
N ASN G 117 -66.47 -17.36 -11.57
CA ASN G 117 -67.63 -17.70 -12.38
C ASN G 117 -67.50 -17.14 -13.79
N VAL G 118 -67.67 -18.01 -14.75
CA VAL G 118 -67.63 -17.61 -16.13
C VAL G 118 -68.94 -17.95 -16.87
N GLY G 119 -70.03 -17.58 -16.24
CA GLY G 119 -71.38 -17.92 -16.68
C GLY G 119 -71.83 -19.33 -16.35
N ASN G 120 -72.75 -19.82 -17.14
CA ASN G 120 -73.46 -21.05 -16.79
C ASN G 120 -72.83 -22.24 -17.45
N HIS G 121 -71.63 -22.54 -16.97
CA HIS G 121 -70.82 -23.64 -17.50
C HIS G 121 -69.94 -24.27 -16.47
N LYS G 122 -69.60 -25.55 -16.65
CA LYS G 122 -68.44 -26.15 -16.00
C LYS G 122 -67.23 -25.21 -16.13
N ASN G 123 -66.70 -24.82 -14.97
CA ASN G 123 -65.58 -23.90 -14.87
C ASN G 123 -64.38 -24.47 -14.15
N LYS G 124 -64.41 -25.77 -13.85
CA LYS G 124 -63.52 -26.33 -12.84
C LYS G 124 -63.55 -27.85 -12.91
N GLY G 125 -62.39 -28.51 -12.85
CA GLY G 125 -62.34 -29.99 -12.88
C GLY G 125 -61.18 -30.64 -13.62
N THR G 126 -61.31 -31.94 -13.85
CA THR G 126 -60.16 -32.72 -14.33
C THR G 126 -60.15 -32.82 -15.88
N VAL G 127 -59.02 -32.43 -16.45
CA VAL G 127 -58.84 -32.39 -17.89
C VAL G 127 -57.62 -33.17 -18.36
N SER G 128 -57.79 -33.91 -19.47
CA SER G 128 -56.71 -34.63 -20.16
C SER G 128 -56.26 -33.89 -21.43
N THR G 129 -55.00 -33.43 -21.40
CA THR G 129 -54.42 -32.66 -22.52
C THR G 129 -53.18 -33.40 -23.05
N THR G 130 -53.17 -33.65 -24.35
CA THR G 130 -52.03 -34.30 -24.99
C THR G 130 -50.86 -33.34 -25.06
N LEU G 131 -51.09 -32.11 -25.51
CA LEU G 131 -50.07 -31.06 -25.48
C LEU G 131 -50.48 -29.80 -24.67
N LEU G 132 -49.97 -29.67 -23.45
CA LEU G 132 -50.27 -28.51 -22.60
C LEU G 132 -49.16 -27.45 -22.60
N LEU G 133 -49.47 -26.28 -23.15
CA LEU G 133 -48.65 -25.11 -23.01
C LEU G 133 -49.21 -24.26 -21.85
N LYS G 134 -48.65 -24.45 -20.66
CA LYS G 134 -49.11 -23.73 -19.48
C LYS G 134 -48.19 -22.55 -19.19
N ASP G 135 -48.64 -21.36 -19.53
CA ASP G 135 -47.85 -20.12 -19.43
C ASP G 135 -46.49 -20.29 -20.08
N VAL G 136 -46.51 -20.53 -21.38
CA VAL G 136 -45.27 -20.62 -22.13
C VAL G 136 -45.29 -19.59 -23.25
N SER G 137 -44.39 -18.62 -23.17
CA SER G 137 -44.21 -17.64 -24.23
C SER G 137 -43.12 -17.99 -25.25
N TYR G 138 -43.16 -17.32 -26.40
CA TYR G 138 -42.14 -17.46 -27.46
C TYR G 138 -41.87 -18.94 -27.69
N ILE G 139 -42.89 -19.61 -28.20
CA ILE G 139 -42.75 -21.01 -28.57
C ILE G 139 -43.46 -21.23 -29.89
N THR G 140 -42.88 -22.11 -30.69
CA THR G 140 -43.45 -22.60 -31.91
C THR G 140 -43.53 -24.09 -31.80
N VAL G 141 -44.68 -24.64 -32.17
CA VAL G 141 -44.88 -26.06 -32.19
C VAL G 141 -45.39 -26.33 -33.60
N SER G 142 -44.76 -27.26 -34.29
CA SER G 142 -45.09 -27.51 -35.69
C SER G 142 -44.79 -28.91 -36.11
N ASN G 143 -45.51 -29.34 -37.15
CA ASN G 143 -45.34 -30.63 -37.85
C ASN G 143 -45.60 -31.89 -37.02
N LEU G 144 -46.37 -31.73 -35.94
CA LEU G 144 -46.79 -32.84 -35.09
C LEU G 144 -48.22 -33.29 -35.45
N GLU G 145 -48.50 -34.55 -35.13
CA GLU G 145 -49.82 -35.13 -35.21
C GLU G 145 -50.21 -35.45 -33.77
N ILE G 146 -51.45 -35.12 -33.38
CA ILE G 146 -51.86 -35.16 -31.97
C ILE G 146 -53.24 -35.76 -31.85
N THR G 147 -53.37 -36.72 -30.94
CA THR G 147 -54.65 -37.32 -30.61
C THR G 147 -54.89 -37.41 -29.07
N ASN G 148 -56.10 -37.81 -28.69
CA ASN G 148 -56.46 -37.95 -27.27
C ASN G 148 -57.70 -38.79 -27.30
N ASP G 149 -57.42 -40.01 -27.72
CA ASP G 149 -58.35 -40.92 -28.27
C ASP G 149 -58.86 -41.81 -27.13
N ASP G 150 -60.12 -42.19 -27.23
CA ASP G 150 -60.72 -43.16 -26.34
C ASP G 150 -61.14 -44.23 -27.29
N ALA G 151 -60.55 -45.40 -27.14
CA ALA G 151 -60.84 -46.52 -28.02
C ALA G 151 -62.30 -47.01 -27.90
N ASP G 152 -63.01 -46.58 -26.85
CA ASP G 152 -64.43 -46.90 -26.73
C ASP G 152 -65.43 -45.87 -27.28
N VAL G 153 -64.91 -44.77 -27.83
CA VAL G 153 -65.73 -43.77 -28.48
C VAL G 153 -65.33 -43.74 -29.96
N TYR G 154 -66.30 -43.89 -30.87
CA TYR G 154 -66.01 -43.90 -32.33
C TYR G 154 -67.21 -43.35 -33.15
N ASP G 155 -67.01 -42.22 -33.82
CA ASP G 155 -68.08 -41.61 -34.65
C ASP G 155 -67.47 -40.73 -35.72
N PRO G 156 -66.76 -41.34 -36.68
CA PRO G 156 -65.98 -40.57 -37.62
C PRO G 156 -66.82 -39.73 -38.60
N ILE G 157 -66.49 -38.45 -38.71
CA ILE G 157 -67.15 -37.55 -39.62
C ILE G 157 -67.17 -38.07 -41.06
N ASP G 158 -66.10 -38.75 -41.47
CA ASP G 158 -66.00 -39.23 -42.83
C ASP G 158 -67.17 -40.13 -43.27
N THR G 159 -67.72 -40.95 -42.36
CA THR G 159 -68.90 -41.81 -42.63
C THR G 159 -70.21 -41.43 -41.86
N TRP G 160 -70.17 -40.36 -41.08
CA TRP G 160 -71.34 -39.90 -40.29
C TRP G 160 -72.57 -39.69 -41.13
N LYS G 161 -73.71 -40.16 -40.64
CA LYS G 161 -74.99 -39.80 -41.22
C LYS G 161 -76.11 -39.97 -40.20
N TRP G 162 -77.24 -39.32 -40.47
CA TRP G 162 -78.39 -39.35 -39.59
C TRP G 162 -79.17 -40.64 -39.78
N THR G 163 -79.16 -41.50 -38.77
CA THR G 163 -79.95 -42.72 -38.77
C THR G 163 -81.16 -42.53 -37.85
N ASP G 164 -82.18 -43.35 -38.06
CA ASP G 164 -83.35 -43.40 -37.15
C ASP G 164 -83.06 -43.98 -35.75
N THR G 165 -81.96 -44.71 -35.57
CA THR G 165 -81.56 -45.10 -34.21
C THR G 165 -80.12 -44.70 -33.85
N PRO G 166 -79.87 -44.31 -32.56
CA PRO G 166 -78.53 -43.89 -32.13
C PRO G 166 -77.47 -44.95 -32.35
N ASP G 167 -76.26 -44.48 -32.67
CA ASP G 167 -75.11 -45.33 -32.92
C ASP G 167 -75.38 -46.54 -33.81
N SER G 168 -75.96 -46.29 -34.96
CA SER G 168 -76.49 -47.37 -35.79
C SER G 168 -75.53 -48.07 -36.74
N ASP G 169 -74.32 -47.58 -36.92
CA ASP G 169 -73.45 -48.13 -37.98
C ASP G 169 -72.02 -48.36 -37.53
N GLY G 170 -71.85 -49.21 -36.52
CA GLY G 170 -70.52 -49.42 -35.96
C GLY G 170 -70.04 -48.27 -35.08
N THR G 171 -70.86 -47.24 -34.87
CA THR G 171 -70.44 -46.08 -34.08
C THR G 171 -70.81 -46.30 -32.62
N LYS G 172 -70.13 -45.58 -31.73
CA LYS G 172 -70.47 -45.49 -30.30
C LYS G 172 -70.03 -44.17 -29.66
N LEU G 173 -70.88 -43.63 -28.77
CA LEU G 173 -70.56 -42.43 -27.94
C LEU G 173 -70.70 -42.60 -26.42
N ASP G 174 -70.00 -41.75 -25.69
CA ASP G 174 -70.19 -41.61 -24.23
C ASP G 174 -70.96 -40.31 -24.08
N ARG G 175 -72.25 -40.44 -23.87
CA ARG G 175 -73.20 -39.33 -23.65
C ARG G 175 -73.31 -38.80 -22.21
N SER G 176 -72.38 -39.17 -21.32
CA SER G 176 -72.40 -38.63 -19.95
C SER G 176 -71.97 -37.15 -19.85
N ALA G 177 -72.78 -36.38 -19.15
CA ALA G 177 -72.45 -35.02 -18.74
C ALA G 177 -71.19 -34.88 -17.94
N SER G 178 -70.81 -35.90 -17.20
CA SER G 178 -69.62 -35.82 -16.34
C SER G 178 -68.36 -36.42 -16.97
N ARG G 179 -68.46 -36.87 -18.23
CA ARG G 179 -67.31 -37.33 -19.01
C ARG G 179 -66.08 -36.40 -18.92
N MET G 180 -64.91 -36.99 -18.69
CA MET G 180 -63.72 -36.20 -18.52
C MET G 180 -63.50 -35.39 -19.81
N ASP G 181 -63.10 -34.15 -19.59
CA ASP G 181 -62.84 -33.21 -20.66
C ASP G 181 -61.46 -33.51 -21.26
N ARG G 182 -61.38 -33.44 -22.59
CA ARG G 182 -60.12 -33.68 -23.31
C ARG G 182 -59.79 -32.60 -24.32
N THR G 183 -58.57 -32.09 -24.23
CA THR G 183 -58.02 -31.26 -25.29
C THR G 183 -56.95 -31.99 -26.10
N GLY G 184 -56.76 -31.55 -27.33
CA GLY G 184 -55.56 -31.86 -28.10
C GLY G 184 -54.39 -30.95 -27.71
N VAL G 185 -54.52 -29.67 -28.01
CA VAL G 185 -53.60 -28.64 -27.55
C VAL G 185 -54.40 -27.71 -26.66
N ALA G 186 -53.86 -27.42 -25.49
CA ALA G 186 -54.44 -26.45 -24.59
C ALA G 186 -53.38 -25.44 -24.30
N GLY G 187 -53.76 -24.17 -24.30
CA GLY G 187 -52.86 -23.07 -23.99
C GLY G 187 -53.55 -22.32 -22.88
N ILE G 188 -52.88 -22.26 -21.73
CA ILE G 188 -53.48 -21.85 -20.48
C ILE G 188 -52.56 -20.82 -19.89
N ALA G 189 -53.11 -19.65 -19.59
CA ALA G 189 -52.38 -18.65 -18.87
C ALA G 189 -53.13 -18.48 -17.60
N GLU G 190 -52.46 -18.72 -16.48
CA GLU G 190 -53.09 -18.56 -15.16
C GLU G 190 -52.15 -17.96 -14.08
N ASN G 191 -51.22 -17.11 -14.52
CA ASN G 191 -50.20 -16.47 -13.65
C ASN G 191 -50.38 -14.97 -13.38
N GLY G 192 -51.34 -14.33 -14.04
CA GLY G 192 -51.58 -12.88 -13.91
C GLY G 192 -50.82 -12.04 -14.92
N ALA G 193 -50.27 -12.70 -15.94
CA ALA G 193 -49.40 -12.10 -16.93
C ALA G 193 -49.80 -12.55 -18.34
N THR G 194 -49.34 -11.80 -19.33
CA THR G 194 -49.50 -12.14 -20.73
C THR G 194 -48.73 -13.41 -21.04
N MET G 195 -49.28 -14.19 -21.97
CA MET G 195 -48.61 -15.34 -22.55
C MET G 195 -48.66 -15.08 -24.06
N SER G 196 -47.49 -14.93 -24.64
CA SER G 196 -47.32 -14.27 -25.93
C SER G 196 -46.57 -15.14 -26.91
N ASN G 197 -46.74 -14.83 -28.20
CA ASN G 197 -45.87 -15.35 -29.26
C ASN G 197 -45.83 -16.83 -29.23
N VAL G 198 -47.01 -17.39 -29.29
CA VAL G 198 -47.17 -18.82 -29.43
C VAL G 198 -47.58 -19.06 -30.89
N THR G 199 -47.03 -20.11 -31.48
CA THR G 199 -47.31 -20.45 -32.84
C THR G 199 -47.54 -21.92 -33.01
N LEU G 200 -48.65 -22.25 -33.65
CA LEU G 200 -48.98 -23.63 -33.98
C LEU G 200 -49.15 -23.65 -35.48
N ASP G 201 -48.40 -24.52 -36.13
CA ASP G 201 -48.18 -24.47 -37.57
C ASP G 201 -48.13 -25.89 -38.05
N ASN G 202 -49.05 -26.24 -38.93
CA ASN G 202 -49.05 -27.53 -39.61
C ASN G 202 -49.26 -28.72 -38.70
N LEU G 203 -50.07 -28.51 -37.67
CA LEU G 203 -50.41 -29.56 -36.70
C LEU G 203 -51.57 -30.31 -37.22
N TYR G 204 -51.56 -31.62 -37.09
CA TYR G 204 -52.70 -32.44 -37.41
C TYR G 204 -53.24 -33.01 -36.08
N ILE G 205 -54.37 -32.45 -35.62
CA ILE G 205 -54.98 -32.78 -34.33
C ILE G 205 -56.32 -33.43 -34.59
N HIS G 206 -56.50 -34.65 -34.10
CA HIS G 206 -57.74 -35.36 -34.33
C HIS G 206 -57.96 -36.47 -33.31
N ASP G 207 -59.18 -37.01 -33.34
CA ASP G 207 -59.69 -37.96 -32.34
C ASP G 207 -59.38 -37.55 -30.93
N VAL G 208 -59.93 -36.37 -30.57
CA VAL G 208 -59.96 -35.90 -29.19
C VAL G 208 -61.39 -36.10 -28.73
N ASP G 209 -61.59 -37.19 -28.00
CA ASP G 209 -62.89 -37.60 -27.56
C ASP G 209 -63.20 -36.94 -26.20
N GLY G 210 -63.59 -35.68 -26.27
CA GLY G 210 -63.91 -34.90 -25.07
C GLY G 210 -65.32 -35.13 -24.58
N ASN G 211 -65.73 -34.25 -23.68
CA ASN G 211 -67.11 -34.16 -23.22
C ASN G 211 -67.94 -33.59 -24.36
N ILE G 212 -69.13 -34.12 -24.60
CA ILE G 212 -70.00 -33.58 -25.69
C ILE G 212 -70.57 -32.18 -25.40
N TYR G 213 -70.72 -31.88 -24.12
CA TYR G 213 -71.46 -30.73 -23.65
C TYR G 213 -70.63 -29.50 -23.40
N ASN G 214 -69.53 -29.63 -22.67
CA ASN G 214 -68.94 -28.49 -21.95
C ASN G 214 -68.22 -27.61 -22.93
N LYS G 215 -68.49 -26.31 -22.82
CA LYS G 215 -68.12 -25.32 -23.83
C LYS G 215 -66.86 -24.56 -23.49
N HIS G 216 -66.49 -24.59 -22.22
CA HIS G 216 -65.46 -23.72 -21.76
C HIS G 216 -64.42 -24.35 -20.83
N MET G 217 -64.50 -25.66 -20.58
CA MET G 217 -63.33 -26.39 -20.13
C MET G 217 -62.43 -26.49 -21.36
N ALA G 218 -61.15 -26.78 -21.12
CA ALA G 218 -60.17 -27.11 -22.17
C ALA G 218 -60.57 -28.40 -22.87
N ASN G 219 -61.58 -28.29 -23.72
CA ASN G 219 -62.35 -29.42 -24.16
C ASN G 219 -62.60 -29.40 -25.65
N GLY G 220 -61.69 -30.04 -26.37
CA GLY G 220 -61.81 -30.15 -27.82
C GLY G 220 -60.48 -30.11 -28.50
N GLY G 221 -60.49 -29.80 -29.80
CA GLY G 221 -59.26 -29.82 -30.61
C GLY G 221 -58.13 -28.93 -30.07
N ILE G 222 -58.41 -27.64 -30.01
CA ILE G 222 -57.47 -26.62 -29.56
C ILE G 222 -58.28 -25.58 -28.81
N TYR G 223 -57.77 -25.17 -27.65
CA TYR G 223 -58.40 -24.21 -26.78
C TYR G 223 -57.31 -23.49 -25.99
N PHE G 224 -57.35 -22.17 -26.05
CA PHE G 224 -56.52 -21.31 -25.27
C PHE G 224 -57.49 -20.54 -24.37
N MET G 225 -57.13 -20.38 -23.11
CA MET G 225 -57.99 -19.71 -22.14
C MET G 225 -57.20 -19.26 -20.93
N ALA G 226 -57.72 -18.27 -20.24
CA ALA G 226 -57.03 -17.60 -19.18
C ALA G 226 -57.83 -17.76 -17.94
N HIS G 227 -57.11 -17.99 -16.83
CA HIS G 227 -57.73 -18.05 -15.50
C HIS G 227 -57.18 -16.94 -14.63
N TYR G 228 -57.94 -16.56 -13.61
CA TYR G 228 -57.38 -15.84 -12.46
C TYR G 228 -56.39 -16.79 -11.75
N PRO G 229 -55.25 -16.27 -11.25
CA PRO G 229 -54.30 -17.11 -10.47
C PRO G 229 -54.77 -17.40 -9.08
N MET G 230 -55.80 -16.70 -8.63
CA MET G 230 -56.36 -16.87 -7.29
C MET G 230 -57.85 -16.51 -7.30
N GLU G 231 -58.62 -17.09 -6.38
CA GLU G 231 -60.01 -16.64 -6.16
C GLU G 231 -60.04 -15.13 -5.84
N ASN G 232 -61.09 -14.44 -6.29
CA ASN G 232 -61.25 -13.00 -5.97
C ASN G 232 -62.07 -12.83 -4.67
N THR G 233 -61.39 -12.94 -3.54
CA THR G 233 -62.08 -13.04 -2.24
C THR G 233 -62.30 -11.73 -1.49
N SER G 234 -61.63 -10.65 -1.88
CA SER G 234 -61.59 -9.39 -1.09
C SER G 234 -61.32 -8.18 -1.93
N ALA G 235 -61.29 -7.02 -1.27
CA ALA G 235 -60.79 -5.79 -1.85
C ALA G 235 -59.34 -5.87 -2.39
N GLU G 236 -58.45 -6.62 -1.74
CA GLU G 236 -57.00 -6.64 -2.14
C GLU G 236 -56.82 -7.49 -3.37
N THR G 237 -57.50 -8.64 -3.40
CA THR G 237 -57.50 -9.50 -4.60
C THR G 237 -57.95 -8.72 -5.85
N ASP G 238 -59.05 -7.99 -5.71
CA ASP G 238 -59.60 -7.20 -6.83
C ASP G 238 -58.68 -6.12 -7.40
N VAL G 239 -58.13 -5.28 -6.52
CA VAL G 239 -57.04 -4.36 -6.82
C VAL G 239 -55.98 -5.02 -7.72
N TRP G 240 -55.43 -6.13 -7.20
CA TRP G 240 -54.35 -6.86 -7.85
C TRP G 240 -54.79 -7.42 -9.20
N LEU G 241 -55.93 -8.12 -9.19
CA LEU G 241 -56.49 -8.75 -10.40
C LEU G 241 -56.85 -7.74 -11.50
N ARG G 242 -57.37 -6.58 -11.11
CA ARG G 242 -57.68 -5.53 -12.08
C ARG G 242 -56.44 -5.07 -12.89
N GLU G 243 -55.27 -5.29 -12.31
CA GLU G 243 -54.01 -4.87 -12.89
C GLU G 243 -53.15 -6.02 -13.45
N HIS G 244 -53.23 -7.21 -12.85
CA HIS G 244 -52.43 -8.32 -13.30
C HIS G 244 -53.29 -9.36 -14.01
N VAL G 245 -53.26 -9.29 -15.35
CA VAL G 245 -54.19 -10.00 -16.26
C VAL G 245 -53.58 -11.22 -16.96
N SER G 246 -54.02 -12.41 -16.62
CA SER G 246 -53.75 -13.57 -17.48
C SER G 246 -54.45 -13.38 -18.85
N ARG G 247 -53.69 -13.47 -19.94
CA ARG G 247 -54.21 -13.16 -21.29
C ARG G 247 -53.21 -13.58 -22.33
N PHE G 248 -53.60 -13.50 -23.61
CA PHE G 248 -52.70 -13.85 -24.74
C PHE G 248 -52.39 -12.64 -25.61
N ASP G 249 -51.22 -12.68 -26.26
CA ASP G 249 -50.81 -11.66 -27.28
C ASP G 249 -50.05 -12.37 -28.37
N HIS G 250 -50.33 -12.07 -29.64
CA HIS G 250 -49.60 -12.68 -30.78
C HIS G 250 -49.68 -14.19 -30.68
N VAL G 251 -50.88 -14.70 -30.87
CA VAL G 251 -51.09 -16.13 -31.01
C VAL G 251 -51.48 -16.36 -32.46
N THR G 252 -50.77 -17.26 -33.09
CA THR G 252 -51.01 -17.57 -34.47
C THR G 252 -51.19 -19.08 -34.53
N ILE G 253 -52.27 -19.50 -35.18
CA ILE G 253 -52.53 -20.89 -35.46
C ILE G 253 -52.74 -20.92 -36.97
N ARG G 254 -51.97 -21.76 -37.66
CA ARG G 254 -52.00 -21.79 -39.13
C ARG G 254 -51.67 -23.13 -39.68
N ASN G 255 -52.15 -23.41 -40.90
CA ASN G 255 -51.82 -24.66 -41.66
C ASN G 255 -52.11 -25.95 -40.94
N SER G 256 -53.06 -25.88 -40.01
CA SER G 256 -53.30 -27.00 -39.11
C SER G 256 -54.63 -27.63 -39.44
N THR G 257 -54.79 -28.90 -39.10
CA THR G 257 -56.03 -29.61 -39.34
C THR G 257 -56.57 -30.21 -38.05
N VAL G 258 -57.78 -29.81 -37.67
CA VAL G 258 -58.50 -30.39 -36.52
C VAL G 258 -59.73 -31.13 -37.04
N LYS G 259 -59.88 -32.38 -36.64
CA LYS G 259 -60.90 -33.24 -37.17
C LYS G 259 -61.36 -34.19 -36.10
N ASP G 260 -62.62 -34.61 -36.13
CA ASP G 260 -63.23 -35.55 -35.12
C ASP G 260 -62.79 -35.25 -33.71
N VAL G 261 -63.16 -34.07 -33.27
CA VAL G 261 -62.89 -33.63 -31.92
C VAL G 261 -64.24 -33.34 -31.29
N ASP G 262 -64.25 -33.27 -29.96
CA ASP G 262 -65.40 -32.86 -29.17
C ASP G 262 -64.93 -32.10 -27.95
N ARG G 263 -65.58 -31.02 -27.54
CA ARG G 263 -66.70 -30.39 -28.20
C ARG G 263 -66.12 -29.47 -29.30
N TRP G 264 -65.27 -28.55 -28.91
CA TRP G 264 -64.92 -27.42 -29.80
C TRP G 264 -63.83 -27.82 -30.80
N GLY G 265 -63.88 -27.21 -31.97
CA GLY G 265 -62.79 -27.31 -32.98
C GLY G 265 -61.52 -26.61 -32.50
N ILE G 266 -61.53 -25.29 -32.64
CA ILE G 266 -60.47 -24.39 -32.26
C ILE G 266 -61.17 -23.21 -31.61
N ALA G 267 -60.77 -22.87 -30.39
CA ALA G 267 -61.36 -21.74 -29.69
C ALA G 267 -60.24 -20.98 -28.98
N VAL G 268 -60.28 -19.65 -28.94
CA VAL G 268 -59.21 -18.91 -28.33
C VAL G 268 -59.76 -17.72 -27.63
N GLY G 269 -59.34 -17.56 -26.37
CA GLY G 269 -59.52 -16.33 -25.58
C GLY G 269 -60.50 -16.31 -24.42
N TYR G 270 -61.14 -17.43 -24.11
CA TYR G 270 -62.13 -17.40 -23.01
C TYR G 270 -61.37 -17.11 -21.72
N THR G 271 -61.94 -16.34 -20.81
CA THR G 271 -61.13 -15.83 -19.72
C THR G 271 -61.89 -15.41 -18.52
N ALA G 272 -61.32 -15.73 -17.34
CA ALA G 272 -61.88 -15.30 -16.05
C ALA G 272 -62.12 -13.81 -16.03
N TYR G 273 -61.27 -13.11 -16.77
CA TYR G 273 -61.39 -11.67 -16.84
C TYR G 273 -62.59 -11.12 -17.64
N LEU G 274 -63.52 -12.01 -18.04
CA LEU G 274 -64.78 -11.55 -18.56
C LEU G 274 -65.53 -10.86 -17.45
N ASN G 275 -65.24 -11.22 -16.22
CA ASN G 275 -65.80 -10.51 -15.05
C ASN G 275 -65.50 -9.05 -15.01
N TYR G 276 -64.40 -8.64 -15.63
CA TYR G 276 -64.17 -7.20 -15.97
C TYR G 276 -64.67 -6.73 -17.34
N ILE G 277 -64.43 -7.50 -18.39
CA ILE G 277 -64.90 -7.10 -19.72
C ILE G 277 -66.42 -6.95 -19.78
N ASP G 278 -67.16 -7.86 -19.16
CA ASP G 278 -68.62 -7.93 -19.24
C ASP G 278 -69.36 -7.27 -18.06
N ALA G 279 -68.67 -6.41 -17.34
CA ALA G 279 -69.24 -5.84 -16.14
C ALA G 279 -70.36 -4.86 -16.51
N ASN G 280 -70.12 -4.08 -17.58
CA ASN G 280 -71.09 -3.13 -18.15
C ASN G 280 -71.25 -3.36 -19.65
N TYR G 281 -72.35 -4.00 -20.00
CA TYR G 281 -72.66 -4.22 -21.42
C TYR G 281 -73.06 -2.93 -22.12
N GLY G 282 -73.69 -2.03 -21.37
CA GLY G 282 -74.15 -0.76 -21.89
C GLY G 282 -74.77 -0.97 -23.25
N ASP G 283 -74.01 -0.56 -24.24
CA ASP G 283 -74.42 -0.42 -25.63
C ASP G 283 -74.13 -1.68 -26.47
N GLY G 284 -73.25 -2.52 -25.94
CA GLY G 284 -72.73 -3.63 -26.67
C GLY G 284 -71.50 -3.22 -27.42
N SER G 285 -71.34 -1.91 -27.63
CA SER G 285 -70.03 -1.30 -27.96
C SER G 285 -69.02 -1.69 -26.90
N ILE G 286 -67.79 -1.91 -27.35
CA ILE G 286 -66.71 -2.42 -26.52
C ILE G 286 -65.56 -1.44 -26.55
N ASP G 287 -65.27 -0.81 -25.42
CA ASP G 287 -64.21 0.18 -25.37
C ASP G 287 -62.88 -0.48 -25.77
N ASP G 288 -62.10 0.22 -26.61
CA ASP G 288 -60.77 -0.24 -27.10
C ASP G 288 -59.74 -0.49 -25.98
N ALA G 289 -59.64 0.44 -25.03
CA ALA G 289 -58.76 0.30 -23.86
C ALA G 289 -59.09 -0.92 -23.04
N LEU G 290 -60.40 -1.13 -22.82
CA LEU G 290 -60.90 -2.28 -22.05
C LEU G 290 -60.49 -3.60 -22.69
N ILE G 291 -60.83 -3.81 -23.96
CA ILE G 291 -60.57 -5.11 -24.59
C ILE G 291 -59.06 -5.35 -24.77
N ALA G 292 -58.33 -4.29 -25.12
CA ALA G 292 -56.84 -4.32 -25.14
C ALA G 292 -56.22 -4.82 -23.80
N LYS G 293 -56.78 -4.32 -22.71
CA LYS G 293 -56.27 -4.59 -21.36
C LYS G 293 -56.57 -5.99 -20.87
N TYR G 294 -57.85 -6.34 -20.90
CA TYR G 294 -58.31 -7.59 -20.32
C TYR G 294 -58.42 -8.78 -21.30
N GLY G 295 -58.35 -8.48 -22.61
CA GLY G 295 -58.58 -9.46 -23.66
C GLY G 295 -57.28 -9.91 -24.29
N SER G 296 -57.39 -10.77 -25.32
CA SER G 296 -56.25 -11.22 -26.11
C SER G 296 -56.05 -10.48 -27.43
N THR G 297 -54.84 -9.97 -27.61
CA THR G 297 -54.43 -9.15 -28.74
C THR G 297 -53.58 -9.90 -29.77
N ASN G 298 -53.51 -9.28 -30.94
CA ASN G 298 -52.86 -9.84 -32.10
C ASN G 298 -53.06 -11.34 -32.27
N VAL G 299 -54.30 -11.82 -32.09
CA VAL G 299 -54.57 -13.21 -32.39
C VAL G 299 -54.82 -13.39 -33.88
N ARG G 300 -54.16 -14.36 -34.50
CA ARG G 300 -54.37 -14.62 -35.93
C ARG G 300 -54.62 -16.09 -36.17
N ILE G 301 -55.65 -16.41 -36.97
CA ILE G 301 -56.04 -17.79 -37.24
C ILE G 301 -56.11 -17.94 -38.76
N GLU G 302 -55.27 -18.79 -39.34
CA GLU G 302 -54.96 -18.73 -40.79
C GLU G 302 -54.84 -20.08 -41.45
N ASN G 303 -55.51 -20.30 -42.58
CA ASN G 303 -55.25 -21.50 -43.44
C ASN G 303 -55.36 -22.81 -42.67
N ASN G 304 -56.35 -22.90 -41.78
CA ASN G 304 -56.60 -24.12 -41.02
C ASN G 304 -57.77 -24.87 -41.61
N TYR G 305 -57.98 -26.09 -41.14
CA TYR G 305 -59.08 -26.89 -41.61
C TYR G 305 -59.76 -27.60 -40.47
N VAL G 306 -60.99 -27.21 -40.15
CA VAL G 306 -61.70 -27.88 -39.06
C VAL G 306 -62.85 -28.68 -39.61
N LYS G 307 -62.82 -29.97 -39.34
CA LYS G 307 -63.86 -30.88 -39.81
C LYS G 307 -64.37 -31.91 -38.75
N GLY G 308 -65.69 -32.10 -38.63
CA GLY G 308 -66.22 -33.06 -37.67
C GLY G 308 -66.01 -32.72 -36.19
N ALA G 309 -65.87 -31.44 -35.84
CA ALA G 309 -66.11 -31.05 -34.43
C ALA G 309 -67.53 -31.40 -33.97
N GLY G 310 -67.64 -31.63 -32.68
CA GLY G 310 -68.90 -32.05 -32.07
C GLY G 310 -69.79 -30.85 -31.94
N GLY G 311 -69.19 -29.72 -31.61
CA GLY G 311 -69.85 -28.44 -31.59
C GLY G 311 -69.27 -27.50 -32.66
N ASP G 312 -68.83 -26.31 -32.22
CA ASP G 312 -68.53 -25.18 -33.10
C ASP G 312 -67.19 -25.43 -33.83
N ALA G 313 -66.99 -24.82 -35.00
CA ALA G 313 -65.73 -24.99 -35.73
C ALA G 313 -64.60 -24.14 -35.17
N ILE G 314 -64.68 -22.82 -35.32
CA ILE G 314 -63.65 -21.88 -34.88
C ILE G 314 -64.28 -20.70 -34.22
N THR G 315 -63.96 -20.47 -32.95
CA THR G 315 -64.46 -19.32 -32.22
C THR G 315 -63.38 -18.48 -31.51
N LEU G 316 -63.48 -17.16 -31.63
CA LEU G 316 -62.55 -16.27 -31.00
C LEU G 316 -63.33 -15.54 -29.90
N MET G 317 -62.75 -15.44 -28.72
CA MET G 317 -63.45 -14.98 -27.53
C MET G 317 -62.64 -13.91 -26.86
N TYR G 318 -63.24 -12.75 -26.60
CA TYR G 318 -62.61 -11.66 -25.86
C TYR G 318 -61.28 -11.19 -26.51
N CYS G 319 -61.22 -11.26 -27.85
CA CYS G 319 -60.03 -10.87 -28.58
C CYS G 319 -60.20 -9.47 -29.19
N ASP G 320 -59.15 -8.65 -29.04
CA ASP G 320 -59.03 -7.32 -29.64
C ASP G 320 -58.50 -7.45 -31.08
N ARG G 321 -59.31 -7.15 -32.08
CA ARG G 321 -58.87 -7.10 -33.48
C ARG G 321 -58.11 -8.33 -34.04
N PRO G 322 -58.61 -9.54 -33.74
CA PRO G 322 -58.07 -10.73 -34.37
C PRO G 322 -58.40 -10.81 -35.85
N VAL G 323 -57.68 -11.69 -36.53
CA VAL G 323 -57.80 -11.84 -37.95
C VAL G 323 -57.96 -13.32 -38.19
N ILE G 324 -58.96 -13.65 -38.98
CA ILE G 324 -59.38 -15.02 -39.16
C ILE G 324 -59.55 -15.19 -40.66
N GLU G 325 -58.61 -15.89 -41.27
CA GLU G 325 -58.51 -15.82 -42.71
C GLU G 325 -58.02 -17.07 -43.37
N HIS G 326 -58.58 -17.35 -44.53
CA HIS G 326 -58.20 -18.52 -45.34
C HIS G 326 -58.47 -19.87 -44.66
N ASN G 327 -59.35 -19.88 -43.66
CA ASN G 327 -59.71 -21.18 -43.02
C ASN G 327 -60.81 -21.83 -43.82
N VAL G 328 -60.98 -23.13 -43.62
CA VAL G 328 -62.15 -23.89 -44.08
C VAL G 328 -62.82 -24.70 -42.98
N GLY G 329 -64.11 -24.43 -42.74
CA GLY G 329 -64.93 -25.20 -41.80
C GLY G 329 -65.78 -26.18 -42.59
N ASP G 330 -66.08 -27.32 -41.98
CA ASP G 330 -66.72 -28.41 -42.68
C ASP G 330 -67.37 -29.39 -41.72
N SER G 331 -68.68 -29.51 -41.82
CA SER G 331 -69.41 -30.55 -41.16
C SER G 331 -69.09 -30.56 -39.67
N VAL G 332 -69.27 -29.41 -39.04
CA VAL G 332 -69.27 -29.31 -37.59
C VAL G 332 -70.72 -29.46 -37.04
N SER G 333 -70.89 -29.12 -35.77
CA SER G 333 -72.09 -29.45 -34.97
C SER G 333 -72.55 -30.92 -35.02
N LYS G 334 -71.60 -31.84 -35.19
CA LYS G 334 -71.83 -33.27 -35.41
C LYS G 334 -72.68 -33.90 -34.32
N HIS G 335 -72.44 -33.46 -33.09
CA HIS G 335 -73.11 -34.00 -31.89
C HIS G 335 -74.18 -33.10 -31.27
N ILE G 336 -74.43 -31.93 -31.86
CA ILE G 336 -75.45 -31.00 -31.37
C ILE G 336 -76.76 -31.45 -31.99
N ASN G 337 -77.31 -32.51 -31.42
CA ASN G 337 -78.59 -33.08 -31.84
C ASN G 337 -79.30 -33.85 -30.70
N THR G 338 -80.57 -34.21 -30.94
CA THR G 338 -81.45 -34.94 -29.98
C THR G 338 -81.05 -36.39 -29.65
N GLN G 339 -80.11 -36.92 -30.41
CA GLN G 339 -79.69 -38.28 -30.30
C GLN G 339 -78.41 -38.39 -29.52
N ASP G 340 -77.58 -37.35 -29.59
CA ASP G 340 -76.22 -37.34 -29.07
C ASP G 340 -76.05 -36.37 -27.89
N TYR G 341 -76.75 -35.23 -27.97
CA TYR G 341 -76.77 -34.22 -26.90
C TYR G 341 -77.96 -34.47 -25.95
N THR G 342 -77.93 -35.62 -25.31
CA THR G 342 -79.06 -36.08 -24.53
C THR G 342 -78.96 -35.75 -23.04
N GLN G 343 -77.86 -35.16 -22.60
CA GLN G 343 -77.70 -34.76 -21.18
C GLN G 343 -77.33 -33.28 -20.94
N PRO G 344 -78.12 -32.35 -21.51
CA PRO G 344 -77.79 -30.92 -21.40
C PRO G 344 -77.91 -30.38 -20.01
N GLY G 345 -78.81 -31.00 -19.23
CA GLY G 345 -78.96 -30.67 -17.83
C GLY G 345 -79.27 -29.18 -17.71
N SER G 346 -78.67 -28.56 -16.70
CA SER G 346 -78.93 -27.15 -16.47
C SER G 346 -78.02 -26.21 -17.30
N TYR G 347 -76.96 -26.70 -17.92
CA TYR G 347 -76.16 -25.84 -18.81
C TYR G 347 -76.78 -25.52 -20.20
N GLY G 348 -77.64 -26.39 -20.72
CA GLY G 348 -78.15 -26.28 -22.09
C GLY G 348 -77.02 -26.41 -23.08
N GLY G 349 -76.84 -25.37 -23.89
CA GLY G 349 -75.78 -25.31 -24.87
C GLY G 349 -75.99 -26.09 -26.15
N ARG G 350 -77.21 -26.59 -26.41
CA ARG G 350 -77.43 -27.41 -27.63
C ARG G 350 -77.51 -26.52 -28.88
N VAL G 351 -76.43 -25.82 -29.12
CA VAL G 351 -76.33 -24.85 -30.21
C VAL G 351 -74.86 -24.81 -30.69
N ALA G 352 -74.65 -24.69 -32.00
CA ALA G 352 -73.33 -24.47 -32.52
C ALA G 352 -73.37 -23.83 -33.88
N ALA G 353 -72.40 -22.95 -34.14
CA ALA G 353 -72.19 -22.32 -35.44
C ALA G 353 -70.78 -22.64 -35.99
N GLY G 354 -70.49 -22.09 -37.16
CA GLY G 354 -69.27 -22.38 -37.90
C GLY G 354 -68.11 -21.64 -37.32
N ILE G 355 -67.87 -20.44 -37.87
CA ILE G 355 -66.67 -19.65 -37.65
C ILE G 355 -67.10 -18.27 -37.18
N TRP G 356 -66.75 -17.90 -35.95
CA TRP G 356 -67.37 -16.71 -35.36
C TRP G 356 -66.70 -16.19 -34.09
N PRO G 357 -67.01 -14.94 -33.69
CA PRO G 357 -66.49 -14.33 -32.50
C PRO G 357 -67.51 -14.12 -31.42
N TRP G 358 -67.02 -14.12 -30.18
CA TRP G 358 -67.83 -13.83 -29.00
C TRP G 358 -67.14 -12.69 -28.30
N ARG G 359 -67.83 -11.56 -28.22
CA ARG G 359 -67.37 -10.40 -27.45
C ARG G 359 -65.98 -9.88 -27.87
N CYS G 360 -65.76 -9.86 -29.17
CA CYS G 360 -64.52 -9.34 -29.75
C CYS G 360 -64.73 -7.91 -30.18
N LYS G 361 -63.61 -7.21 -30.39
CA LYS G 361 -63.61 -5.86 -30.97
C LYS G 361 -62.98 -5.92 -32.35
N ASP G 362 -63.75 -5.54 -33.36
CA ASP G 362 -63.27 -5.39 -34.72
C ASP G 362 -62.55 -6.58 -35.29
N PRO G 363 -63.04 -7.80 -35.00
CA PRO G 363 -62.42 -8.98 -35.61
C PRO G 363 -62.71 -9.05 -37.10
N VAL G 364 -61.77 -9.58 -37.87
CA VAL G 364 -61.95 -9.66 -39.32
C VAL G 364 -61.88 -11.09 -39.74
N PHE G 365 -62.93 -11.51 -40.39
CA PHE G 365 -63.05 -12.85 -40.91
C PHE G 365 -63.16 -12.68 -42.41
N GLN G 366 -62.13 -13.14 -43.11
CA GLN G 366 -62.07 -12.91 -44.51
C GLN G 366 -61.46 -14.09 -45.25
N TYR G 367 -61.95 -14.29 -46.49
CA TYR G 367 -61.55 -15.40 -47.36
C TYR G 367 -61.65 -16.78 -46.68
N ASN G 368 -62.65 -16.96 -45.81
CA ASN G 368 -62.94 -18.30 -45.28
C ASN G 368 -64.00 -19.00 -46.20
N GLU G 369 -64.14 -20.30 -46.00
CA GLU G 369 -65.21 -21.11 -46.56
C GLU G 369 -65.81 -21.95 -45.42
N MET G 370 -67.11 -22.21 -45.47
CA MET G 370 -67.76 -22.95 -44.39
C MET G 370 -68.92 -23.72 -44.99
N TYR G 371 -68.88 -25.02 -44.75
CA TYR G 371 -69.71 -25.99 -45.45
C TYR G 371 -70.52 -26.76 -44.46
N ASN G 372 -71.82 -26.90 -44.73
CA ASN G 372 -72.62 -27.98 -44.16
C ASN G 372 -72.59 -28.02 -42.66
N ASN G 373 -72.84 -26.88 -42.01
CA ASN G 373 -72.98 -26.92 -40.58
C ASN G 373 -74.19 -27.82 -40.36
N LEU G 374 -74.07 -28.76 -39.44
CA LEU G 374 -75.05 -29.84 -39.28
C LEU G 374 -76.14 -29.65 -38.19
N ASN G 375 -77.20 -30.43 -38.37
CA ASN G 375 -78.12 -30.84 -37.30
C ASN G 375 -79.17 -29.81 -36.82
N ALA G 376 -79.34 -28.74 -37.54
CA ALA G 376 -80.45 -27.83 -37.29
C ALA G 376 -81.82 -28.51 -37.46
N GLU G 377 -81.87 -29.51 -38.34
CA GLU G 377 -83.08 -30.31 -38.49
C GLU G 377 -83.27 -31.24 -37.28
N HIS G 378 -82.24 -31.42 -36.45
CA HIS G 378 -82.19 -32.51 -35.47
C HIS G 378 -81.78 -32.02 -34.10
N GLY G 379 -82.11 -30.79 -33.75
CA GLY G 379 -81.85 -30.29 -32.42
C GLY G 379 -80.89 -29.13 -32.29
N ASN G 380 -80.16 -28.79 -33.35
CA ASN G 380 -79.22 -27.66 -33.30
C ASN G 380 -79.94 -26.35 -33.43
N GLY G 381 -80.04 -25.60 -32.34
CA GLY G 381 -80.81 -24.31 -32.32
C GLY G 381 -80.23 -23.14 -33.15
N ASP G 382 -78.99 -23.32 -33.57
CA ASP G 382 -78.28 -22.48 -34.53
C ASP G 382 -77.99 -23.27 -35.82
N GLY G 383 -76.74 -23.58 -36.17
CA GLY G 383 -76.40 -24.26 -37.44
C GLY G 383 -76.01 -23.40 -38.62
N GLN G 384 -75.60 -22.17 -38.32
CA GLN G 384 -75.21 -21.15 -39.34
C GLN G 384 -73.73 -21.25 -39.65
N ALA G 385 -73.34 -20.72 -40.82
CA ALA G 385 -71.92 -20.62 -41.20
C ALA G 385 -71.25 -19.60 -40.35
N TRP G 386 -71.87 -18.44 -40.27
CA TRP G 386 -71.27 -17.28 -39.63
C TRP G 386 -72.22 -16.83 -38.57
N ASP G 387 -71.67 -16.18 -37.54
CA ASP G 387 -72.42 -15.74 -36.38
C ASP G 387 -71.72 -14.54 -35.74
N ALA G 388 -72.16 -13.32 -36.07
CA ALA G 388 -71.67 -12.16 -35.33
C ALA G 388 -72.47 -12.18 -34.02
N ASP G 389 -71.87 -12.81 -33.00
CA ASP G 389 -72.55 -12.96 -31.72
C ASP G 389 -72.32 -11.70 -30.86
N TYR G 390 -72.47 -11.77 -29.55
CA TYR G 390 -72.35 -10.54 -28.76
C TYR G 390 -71.03 -9.99 -29.16
N GLY G 391 -70.98 -8.72 -29.52
CA GLY G 391 -69.74 -8.17 -30.06
C GLY G 391 -69.88 -6.86 -30.75
N ASP G 392 -68.73 -6.30 -31.09
CA ASP G 392 -68.65 -4.96 -31.66
C ASP G 392 -67.70 -4.97 -32.82
N GLY G 393 -68.23 -4.76 -34.01
CA GLY G 393 -67.38 -4.45 -35.20
C GLY G 393 -67.04 -5.63 -36.05
N THR G 394 -67.82 -6.68 -35.97
CA THR G 394 -67.50 -7.87 -36.74
C THR G 394 -67.52 -7.63 -38.25
N LEU G 395 -66.42 -7.96 -38.88
CA LEU G 395 -66.30 -7.79 -40.29
C LEU G 395 -66.10 -9.13 -40.93
N TYR G 396 -67.13 -9.55 -41.65
CA TYR G 396 -67.10 -10.75 -42.47
C TYR G 396 -67.10 -10.30 -43.95
N GLN G 397 -66.02 -10.54 -44.64
CA GLN G 397 -65.91 -10.12 -46.03
C GLN G 397 -65.21 -11.18 -46.86
N TYR G 398 -65.68 -11.35 -48.10
CA TYR G 398 -65.01 -12.29 -49.05
C TYR G 398 -65.12 -13.74 -48.63
N ASN G 399 -66.17 -14.11 -47.88
CA ASN G 399 -66.34 -15.50 -47.43
C ASN G 399 -67.33 -16.25 -48.33
N TYR G 400 -67.18 -17.57 -48.35
CA TYR G 400 -68.11 -18.47 -49.00
C TYR G 400 -68.74 -19.41 -48.02
N SER G 401 -70.05 -19.58 -48.11
CA SER G 401 -70.73 -20.60 -47.36
C SER G 401 -71.69 -21.40 -48.26
N TYR G 402 -71.65 -22.71 -48.10
CA TYR G 402 -72.50 -23.60 -48.84
C TYR G 402 -73.18 -24.56 -47.90
N GLY G 403 -74.48 -24.78 -48.12
CA GLY G 403 -75.16 -25.98 -47.62
C GLY G 403 -75.33 -25.99 -46.13
N ASN G 404 -75.27 -24.85 -45.45
CA ASN G 404 -75.45 -24.92 -43.97
C ASN G 404 -76.91 -25.17 -43.58
N SER G 405 -77.10 -25.86 -42.47
CA SER G 405 -78.41 -26.41 -42.14
C SER G 405 -79.37 -25.36 -41.59
N PHE G 406 -78.85 -24.22 -41.13
CA PHE G 406 -79.68 -23.08 -40.72
C PHE G 406 -78.96 -21.76 -40.95
N ALA G 407 -79.12 -21.22 -42.13
CA ALA G 407 -78.54 -19.89 -42.51
C ALA G 407 -77.01 -19.72 -42.81
N SER G 408 -76.73 -18.62 -43.52
CA SER G 408 -75.36 -18.18 -43.76
C SER G 408 -74.91 -17.39 -42.51
N LEU G 409 -75.58 -16.28 -42.23
CA LEU G 409 -75.13 -15.38 -41.18
C LEU G 409 -76.23 -15.24 -40.17
N MET G 410 -75.85 -15.36 -38.89
CA MET G 410 -76.62 -14.82 -37.74
C MET G 410 -75.94 -13.54 -37.18
N ILE G 411 -76.80 -12.63 -36.75
CA ILE G 411 -76.44 -11.55 -35.88
C ILE G 411 -77.30 -11.76 -34.65
N CYS G 412 -76.65 -12.11 -33.54
CA CYS G 412 -77.28 -12.76 -32.41
C CYS G 412 -77.57 -11.89 -31.20
N ASN G 413 -78.85 -11.47 -31.13
CA ASN G 413 -79.41 -10.81 -29.96
C ASN G 413 -78.78 -9.47 -29.70
N TRP G 414 -79.13 -8.86 -28.57
CA TRP G 414 -79.23 -7.39 -28.48
C TRP G 414 -77.85 -6.74 -28.40
N TYR G 415 -76.84 -7.52 -27.98
CA TYR G 415 -75.46 -6.99 -27.81
C TYR G 415 -74.52 -7.35 -28.93
N ALA G 416 -75.08 -7.87 -30.02
CA ALA G 416 -74.40 -7.98 -31.32
C ALA G 416 -74.70 -6.71 -32.08
N VAL G 417 -73.65 -5.91 -32.30
CA VAL G 417 -73.77 -4.55 -32.84
C VAL G 417 -72.66 -4.27 -33.83
N ASN G 418 -72.95 -3.36 -34.75
CA ASN G 418 -71.94 -2.79 -35.65
C ASN G 418 -71.29 -3.88 -36.50
N THR G 419 -72.13 -4.68 -37.11
CA THR G 419 -71.64 -5.75 -37.99
C THR G 419 -71.58 -5.26 -39.44
N THR G 420 -70.48 -5.57 -40.09
CA THR G 420 -70.43 -5.49 -41.54
C THR G 420 -70.25 -6.87 -42.10
N PHE G 421 -71.07 -7.18 -43.11
CA PHE G 421 -71.06 -8.46 -43.82
C PHE G 421 -71.14 -8.13 -45.31
N ARG G 422 -70.05 -8.27 -46.03
CA ARG G 422 -69.95 -7.71 -47.39
C ARG G 422 -69.12 -8.54 -48.29
N TYR G 423 -69.43 -8.50 -49.56
CA TYR G 423 -68.64 -9.16 -50.58
C TYR G 423 -68.43 -10.64 -50.31
N ASN G 424 -69.44 -11.25 -49.68
CA ASN G 424 -69.55 -12.69 -49.44
C ASN G 424 -70.53 -13.36 -50.43
N ILE G 425 -70.36 -14.67 -50.60
CA ILE G 425 -71.25 -15.53 -51.42
C ILE G 425 -71.84 -16.67 -50.56
N SER G 426 -73.16 -16.81 -50.56
CA SER G 426 -73.85 -17.86 -49.85
C SER G 426 -74.59 -18.71 -50.88
N GLN G 427 -74.30 -20.02 -50.94
CA GLN G 427 -74.95 -20.95 -51.88
C GLN G 427 -75.66 -22.13 -51.19
N ASN G 428 -76.98 -22.22 -51.34
CA ASN G 428 -77.76 -23.36 -50.78
C ASN G 428 -77.67 -23.47 -49.25
N ASP G 429 -77.52 -22.36 -48.53
CA ASP G 429 -77.72 -22.40 -47.08
C ASP G 429 -79.23 -22.49 -46.84
N ARG G 430 -79.63 -23.23 -45.80
CA ARG G 430 -81.02 -23.65 -45.62
C ARG G 430 -81.82 -22.88 -44.56
N GLN G 431 -83.15 -22.85 -44.74
CA GLN G 431 -84.09 -22.26 -43.80
C GLN G 431 -83.94 -20.76 -43.54
N GLY G 432 -83.37 -20.04 -44.49
CA GLY G 432 -82.99 -18.63 -44.28
C GLY G 432 -81.53 -18.40 -44.59
N VAL G 433 -81.21 -17.30 -45.28
CA VAL G 433 -79.84 -16.86 -45.51
C VAL G 433 -79.46 -15.98 -44.34
N PHE G 434 -80.28 -14.99 -44.02
CA PHE G 434 -79.99 -14.04 -42.95
C PHE G 434 -80.85 -14.27 -41.73
N ASP G 435 -80.18 -14.39 -40.58
CA ASP G 435 -80.79 -14.72 -39.31
C ASP G 435 -80.62 -13.49 -38.41
N LEU G 436 -81.70 -12.69 -38.28
CA LEU G 436 -81.75 -11.47 -37.46
C LEU G 436 -82.65 -11.56 -36.19
N PRO G 437 -82.27 -12.42 -35.22
CA PRO G 437 -82.99 -12.55 -33.98
C PRO G 437 -82.58 -11.50 -32.93
N SER G 438 -83.41 -10.47 -32.82
CA SER G 438 -83.28 -9.42 -31.82
C SER G 438 -81.91 -8.77 -31.72
N ASN G 439 -81.23 -8.68 -32.86
CA ASN G 439 -79.88 -8.11 -32.87
C ASN G 439 -79.93 -6.61 -32.64
N GLY G 440 -78.83 -6.07 -32.14
CA GLY G 440 -78.67 -4.64 -31.88
C GLY G 440 -78.38 -3.89 -33.16
N PRO G 441 -78.24 -2.56 -33.08
CA PRO G 441 -78.18 -1.71 -34.29
C PRO G 441 -76.86 -1.79 -35.07
N GLY G 442 -76.76 -1.03 -36.16
CA GLY G 442 -75.45 -0.72 -36.80
C GLY G 442 -74.91 -1.73 -37.83
N ASN G 443 -75.80 -2.61 -38.30
CA ASN G 443 -75.43 -3.73 -39.13
C ASN G 443 -75.73 -3.42 -40.58
N HIS G 444 -74.74 -3.73 -41.42
CA HIS G 444 -74.66 -3.31 -42.80
C HIS G 444 -74.32 -4.53 -43.62
N ILE G 445 -75.20 -4.89 -44.54
CA ILE G 445 -75.08 -6.12 -45.29
C ILE G 445 -75.11 -5.71 -46.76
N TYR G 446 -73.95 -5.78 -47.41
CA TYR G 446 -73.88 -5.27 -48.76
C TYR G 446 -72.90 -5.92 -49.69
N ASN G 447 -73.24 -5.85 -50.99
CA ASN G 447 -72.45 -6.47 -52.04
C ASN G 447 -72.20 -7.96 -51.80
N ASN G 448 -73.21 -8.66 -51.33
CA ASN G 448 -73.18 -10.09 -51.30
C ASN G 448 -73.99 -10.65 -52.48
N THR G 449 -73.69 -11.87 -52.84
CA THR G 449 -74.52 -12.62 -53.75
C THR G 449 -75.01 -13.86 -53.04
N VAL G 450 -76.33 -14.05 -53.06
CA VAL G 450 -76.97 -15.07 -52.27
C VAL G 450 -77.90 -15.89 -53.19
N TYR G 451 -77.64 -17.20 -53.20
CA TYR G 451 -78.29 -18.16 -54.06
C TYR G 451 -79.20 -18.96 -53.16
N VAL G 452 -80.50 -18.66 -53.24
CA VAL G 452 -81.51 -19.11 -52.29
C VAL G 452 -82.38 -20.17 -52.95
N ASP G 453 -82.26 -21.41 -52.51
CA ASP G 453 -83.03 -22.53 -53.10
C ASP G 453 -84.37 -22.78 -52.41
N ALA G 454 -85.09 -23.77 -52.92
CA ALA G 454 -86.39 -24.24 -52.43
C ALA G 454 -86.46 -24.56 -50.93
N ASP G 455 -85.35 -24.96 -50.31
CA ASP G 455 -85.25 -25.22 -48.84
C ASP G 455 -84.86 -23.96 -48.03
N SER G 456 -84.85 -22.81 -48.68
CA SER G 456 -84.47 -21.59 -48.02
C SER G 456 -85.32 -20.43 -48.44
N GLN G 457 -85.00 -19.30 -47.83
CA GLN G 457 -85.60 -17.99 -48.14
C GLN G 457 -84.56 -16.95 -47.71
N VAL G 458 -84.80 -15.68 -48.00
CA VAL G 458 -83.87 -14.58 -47.61
C VAL G 458 -83.64 -14.39 -46.07
N LEU G 459 -84.73 -14.32 -45.30
CA LEU G 459 -84.66 -14.21 -43.83
C LEU G 459 -85.13 -15.48 -43.13
N THR G 460 -84.50 -15.86 -42.03
CA THR G 460 -85.05 -16.89 -41.19
C THR G 460 -86.42 -16.45 -40.62
N LYS G 461 -87.26 -17.43 -40.31
CA LYS G 461 -88.57 -17.22 -39.72
C LYS G 461 -88.53 -16.39 -38.43
N ARG G 462 -87.55 -16.67 -37.59
CA ARG G 462 -87.43 -15.96 -36.31
C ARG G 462 -86.81 -14.59 -36.40
N SER G 463 -86.50 -14.10 -37.60
CA SER G 463 -85.85 -12.81 -37.77
C SER G 463 -86.84 -11.72 -37.44
N ASN G 464 -86.36 -10.68 -36.76
CA ASN G 464 -87.21 -9.53 -36.41
C ASN G 464 -86.52 -8.16 -36.40
N SER G 465 -85.20 -8.11 -36.64
CA SER G 465 -84.42 -6.93 -36.25
C SER G 465 -83.65 -6.25 -37.42
N GLN G 466 -82.67 -5.40 -37.05
CA GLN G 466 -82.15 -4.43 -37.99
C GLN G 466 -81.14 -5.02 -38.98
N SER G 467 -81.13 -4.46 -40.18
CA SER G 467 -80.00 -4.58 -41.11
C SER G 467 -80.29 -3.73 -42.30
N LEU G 468 -79.23 -3.08 -42.77
CA LEU G 468 -79.25 -2.25 -43.94
C LEU G 468 -78.67 -3.05 -45.09
N PHE G 469 -79.54 -3.44 -46.04
CA PHE G 469 -79.17 -4.23 -47.24
C PHE G 469 -79.05 -3.32 -48.44
N GLU G 470 -77.86 -3.28 -49.02
CA GLU G 470 -77.52 -2.48 -50.20
C GLU G 470 -76.68 -3.28 -51.19
N ASN G 471 -76.85 -2.98 -52.46
CA ASN G 471 -75.99 -3.52 -53.52
C ASN G 471 -75.88 -5.05 -53.58
N ASN G 472 -76.78 -5.77 -52.92
CA ASN G 472 -76.74 -7.22 -52.92
C ASN G 472 -77.39 -7.78 -54.19
N ILE G 473 -77.02 -9.01 -54.57
CA ILE G 473 -77.80 -9.80 -55.58
C ILE G 473 -78.50 -10.98 -54.92
N PHE G 474 -79.81 -10.86 -54.78
CA PHE G 474 -80.63 -11.91 -54.22
C PHE G 474 -81.16 -12.71 -55.43
N ILE G 475 -80.90 -14.01 -55.41
CA ILE G 475 -81.32 -14.92 -56.48
C ILE G 475 -82.30 -15.93 -55.90
N ASN G 476 -83.51 -15.96 -56.44
CA ASN G 476 -84.42 -17.04 -56.15
C ASN G 476 -84.10 -18.16 -57.15
N ALA G 477 -83.35 -19.16 -56.67
CA ALA G 477 -83.05 -20.35 -57.44
C ALA G 477 -84.19 -21.37 -57.34
N THR G 478 -85.39 -20.98 -57.76
CA THR G 478 -86.51 -21.93 -57.89
C THR G 478 -87.19 -21.69 -59.23
N ASN G 479 -88.30 -22.37 -59.46
CA ASN G 479 -88.94 -22.39 -60.79
C ASN G 479 -90.16 -21.53 -60.92
N THR G 480 -90.55 -20.86 -59.84
CA THR G 480 -91.52 -19.82 -59.96
C THR G 480 -90.84 -18.57 -59.54
N LYS G 481 -91.23 -17.48 -60.19
CA LYS G 481 -91.05 -16.14 -59.71
C LYS G 481 -91.67 -16.00 -58.31
N LYS G 482 -90.82 -16.11 -57.29
CA LYS G 482 -91.28 -16.17 -55.89
C LYS G 482 -91.83 -14.85 -55.30
N THR G 483 -92.89 -14.99 -54.52
CA THR G 483 -93.33 -13.91 -53.68
C THR G 483 -92.64 -14.08 -52.33
N GLU G 484 -91.62 -13.29 -52.09
CA GLU G 484 -90.75 -13.47 -50.95
C GLU G 484 -91.20 -12.61 -49.78
N THR G 485 -91.04 -13.09 -48.56
CA THR G 485 -91.19 -12.27 -47.36
C THR G 485 -89.87 -11.54 -47.11
N TRP G 486 -89.82 -10.26 -47.47
CA TRP G 486 -88.61 -9.43 -47.41
C TRP G 486 -88.46 -8.71 -46.09
N ASN G 487 -89.55 -8.60 -45.36
CA ASN G 487 -89.54 -7.93 -44.09
C ASN G 487 -90.22 -8.77 -43.05
N ARG G 488 -89.51 -9.01 -41.93
CA ARG G 488 -90.11 -9.53 -40.69
C ARG G 488 -89.73 -8.63 -39.52
N GLY G 489 -90.73 -8.25 -38.73
CA GLY G 489 -90.55 -7.50 -37.48
C GLY G 489 -90.09 -6.08 -37.71
N SER G 490 -89.94 -5.34 -36.64
CA SER G 490 -89.58 -3.92 -36.72
C SER G 490 -88.73 -3.48 -35.52
N GLN G 491 -87.89 -4.37 -35.07
CA GLN G 491 -87.04 -4.09 -33.94
C GLN G 491 -85.86 -3.34 -34.50
N ASN G 492 -85.52 -2.23 -33.84
CA ASN G 492 -84.44 -1.36 -34.27
C ASN G 492 -84.52 -0.85 -35.72
N GLY G 493 -85.74 -0.61 -36.19
CA GLY G 493 -85.99 -0.06 -37.54
C GLY G 493 -86.29 -1.15 -38.56
N GLY G 494 -86.24 -2.40 -38.12
CA GLY G 494 -86.39 -3.55 -38.99
C GLY G 494 -85.32 -3.61 -40.06
N GLN G 495 -85.67 -4.26 -41.17
CA GLN G 495 -84.76 -4.49 -42.27
C GLN G 495 -85.09 -3.44 -43.30
N THR G 496 -84.09 -2.72 -43.78
CA THR G 496 -84.28 -1.66 -44.77
C THR G 496 -83.39 -2.04 -45.94
N TYR G 497 -83.94 -2.00 -47.14
CA TYR G 497 -83.21 -2.37 -48.38
C TYR G 497 -83.03 -1.17 -49.29
N ASP G 498 -81.89 -1.09 -49.99
CA ASP G 498 -81.71 -0.06 -50.98
C ASP G 498 -80.65 -0.39 -52.02
N ASN G 499 -81.00 -0.16 -53.28
CA ASN G 499 -80.11 -0.40 -54.43
C ASN G 499 -79.68 -1.85 -54.61
N ASN G 500 -80.55 -2.80 -54.29
CA ASN G 500 -80.23 -4.22 -54.51
C ASN G 500 -80.77 -4.76 -55.81
N MET G 501 -80.22 -5.86 -56.27
CA MET G 501 -80.83 -6.65 -57.32
C MET G 501 -81.72 -7.79 -56.77
N TYR G 502 -82.80 -8.08 -57.51
CA TYR G 502 -83.78 -9.09 -57.16
C TYR G 502 -83.97 -9.90 -58.41
N VAL G 503 -83.57 -11.16 -58.36
CA VAL G 503 -83.52 -11.99 -59.53
C VAL G 503 -84.57 -13.07 -59.40
N ASN G 504 -85.56 -13.06 -60.30
CA ASN G 504 -86.58 -14.13 -60.40
C ASN G 504 -87.58 -14.13 -59.24
N TYR G 505 -87.96 -12.93 -58.80
CA TYR G 505 -89.00 -12.76 -57.80
C TYR G 505 -90.21 -12.05 -58.41
N ALA G 506 -91.40 -12.31 -57.87
CA ALA G 506 -92.65 -11.56 -58.25
C ALA G 506 -92.83 -10.22 -57.50
N ASN G 507 -92.13 -10.11 -56.37
CA ASN G 507 -92.07 -8.89 -55.57
C ASN G 507 -90.63 -8.45 -55.28
N LYS G 508 -90.56 -7.30 -54.61
CA LYS G 508 -89.33 -6.72 -54.06
C LYS G 508 -89.71 -6.05 -52.72
N PRO G 509 -88.70 -5.59 -51.93
CA PRO G 509 -89.01 -4.98 -50.65
C PRO G 509 -89.69 -3.67 -50.82
N THR G 510 -90.68 -3.43 -49.97
CA THR G 510 -91.44 -2.20 -50.06
C THR G 510 -90.63 -0.97 -49.68
N SER G 511 -89.54 -1.10 -48.91
CA SER G 511 -88.59 0.02 -48.70
C SER G 511 -87.60 0.30 -49.83
N ASP G 512 -87.38 -0.64 -50.75
CA ASP G 512 -86.32 -0.44 -51.77
C ASP G 512 -86.77 0.39 -53.01
N ALA G 513 -86.48 1.68 -52.93
CA ALA G 513 -86.91 2.62 -53.94
C ALA G 513 -86.06 2.59 -55.21
N ASN G 514 -84.85 2.04 -55.12
CA ASN G 514 -83.93 1.94 -56.27
C ASN G 514 -83.63 0.48 -56.62
N ALA G 515 -84.66 -0.34 -56.62
CA ALA G 515 -84.55 -1.75 -56.94
C ALA G 515 -84.17 -1.98 -58.41
N ILE G 516 -83.44 -3.07 -58.64
CA ILE G 516 -83.06 -3.55 -59.97
C ILE G 516 -83.62 -4.96 -60.10
N GLU G 517 -84.72 -5.08 -60.82
CA GLU G 517 -85.39 -6.34 -60.93
C GLU G 517 -84.83 -7.04 -62.18
N ALA G 518 -84.43 -8.31 -62.08
CA ALA G 518 -83.99 -9.08 -63.25
C ALA G 518 -84.79 -10.37 -63.38
N ASP G 519 -85.18 -10.71 -64.60
CA ASP G 519 -86.04 -11.86 -64.88
C ASP G 519 -85.40 -13.24 -64.60
N ASP G 520 -84.16 -13.37 -65.05
CA ASP G 520 -83.50 -14.64 -65.30
C ASP G 520 -82.05 -14.49 -64.99
N VAL G 521 -81.58 -15.30 -64.06
CA VAL G 521 -80.23 -15.25 -63.56
C VAL G 521 -79.15 -15.47 -64.64
N SER G 522 -79.51 -16.18 -65.73
CA SER G 522 -78.55 -16.53 -66.81
C SER G 522 -78.00 -15.35 -67.58
N ALA G 523 -78.73 -14.24 -67.59
CA ALA G 523 -78.25 -12.93 -68.14
C ALA G 523 -77.58 -11.99 -67.07
N VAL G 524 -77.53 -12.39 -65.80
CA VAL G 524 -76.88 -11.59 -64.73
C VAL G 524 -75.44 -12.13 -64.55
N LEU G 525 -75.33 -13.40 -64.23
CA LEU G 525 -74.10 -14.08 -63.88
C LEU G 525 -73.87 -15.29 -64.76
N ALA G 526 -72.60 -15.67 -64.91
CA ALA G 526 -72.20 -16.77 -65.81
C ALA G 526 -72.80 -18.16 -65.47
N GLY G 527 -72.76 -18.55 -64.20
CA GLY G 527 -73.14 -19.92 -63.79
C GLY G 527 -73.50 -20.02 -62.31
N ALA G 528 -74.48 -19.22 -61.89
CA ALA G 528 -75.03 -19.20 -60.55
C ALA G 528 -75.35 -20.60 -60.08
N GLY G 529 -74.96 -20.89 -58.84
CA GLY G 529 -75.21 -22.21 -58.19
C GLY G 529 -74.11 -23.22 -58.35
N SER G 530 -73.05 -22.85 -59.05
CA SER G 530 -72.03 -23.78 -59.46
C SER G 530 -70.80 -23.70 -58.57
N ALA G 531 -70.82 -22.90 -57.50
CA ALA G 531 -69.67 -22.89 -56.58
C ALA G 531 -69.57 -24.22 -55.84
N PRO G 532 -68.43 -24.47 -55.17
CA PRO G 532 -68.23 -25.83 -54.62
C PRO G 532 -69.25 -26.29 -53.58
N THR G 533 -69.63 -27.56 -53.71
CA THR G 533 -70.59 -28.23 -52.84
C THR G 533 -69.88 -28.93 -51.68
N SER G 534 -68.56 -28.81 -51.62
CA SER G 534 -67.78 -29.41 -50.56
C SER G 534 -66.45 -28.72 -50.41
N ALA G 535 -65.87 -28.91 -49.23
CA ALA G 535 -64.46 -28.63 -49.03
C ALA G 535 -63.67 -29.54 -49.98
N LEU G 536 -62.58 -29.03 -50.52
CA LEU G 536 -61.56 -29.91 -51.14
C LEU G 536 -61.14 -31.02 -50.14
N LYS G 537 -60.66 -32.14 -50.65
CA LYS G 537 -60.26 -33.28 -49.79
C LYS G 537 -59.14 -32.95 -48.78
N SER G 538 -58.24 -32.03 -49.15
CA SER G 538 -57.09 -31.66 -48.34
C SER G 538 -57.34 -30.53 -47.33
N GLY G 539 -58.57 -30.00 -47.30
CA GLY G 539 -58.88 -28.93 -46.37
C GLY G 539 -58.45 -27.54 -46.77
N ALA G 540 -57.75 -27.39 -47.91
CA ALA G 540 -57.32 -26.05 -48.38
C ALA G 540 -58.52 -25.33 -48.97
N GLU G 541 -58.40 -24.00 -49.03
CA GLU G 541 -59.36 -23.23 -49.83
C GLU G 541 -59.27 -23.54 -51.33
N HIS G 542 -60.38 -23.36 -52.01
CA HIS G 542 -60.46 -23.37 -53.46
C HIS G 542 -59.72 -22.17 -54.08
N ALA G 543 -59.24 -22.39 -55.29
CA ALA G 543 -58.70 -21.33 -56.08
C ALA G 543 -59.84 -20.36 -56.39
N ARG G 544 -59.55 -19.09 -56.22
CA ARG G 544 -60.39 -18.03 -56.75
C ARG G 544 -59.92 -17.44 -58.12
N THR G 545 -58.67 -17.72 -58.54
CA THR G 545 -58.14 -17.32 -59.85
C THR G 545 -57.39 -18.52 -60.40
N GLY G 546 -56.96 -18.43 -61.65
CA GLY G 546 -56.20 -19.53 -62.30
C GLY G 546 -57.16 -20.55 -62.88
N GLU G 547 -56.64 -21.73 -63.20
CA GLU G 547 -57.37 -22.81 -63.94
C GLU G 547 -58.36 -23.62 -63.06
N LYS G 548 -58.04 -23.70 -61.77
CA LYS G 548 -58.91 -24.35 -60.77
C LYS G 548 -59.87 -23.40 -60.10
N ALA G 549 -59.99 -22.18 -60.61
CA ALA G 549 -60.91 -21.20 -60.11
C ALA G 549 -62.33 -21.79 -60.06
N ALA G 550 -62.84 -21.90 -58.83
CA ALA G 550 -64.16 -22.50 -58.57
C ALA G 550 -65.33 -21.54 -58.43
N PHE G 551 -65.13 -20.23 -58.47
CA PHE G 551 -66.26 -19.29 -58.32
C PHE G 551 -66.57 -18.42 -59.57
N ASP G 552 -66.08 -18.84 -60.74
CA ASP G 552 -66.26 -18.05 -61.98
C ASP G 552 -67.76 -17.89 -62.34
N GLY G 553 -68.62 -18.84 -61.94
CA GLY G 553 -70.09 -18.70 -62.09
C GLY G 553 -70.76 -17.47 -61.44
N TYR G 554 -70.06 -16.86 -60.47
CA TYR G 554 -70.49 -15.62 -59.82
C TYR G 554 -69.98 -14.34 -60.46
N ARG G 555 -69.20 -14.49 -61.54
CA ARG G 555 -68.79 -13.34 -62.35
C ARG G 555 -69.97 -12.84 -63.16
N PRO G 556 -70.15 -11.53 -63.20
CA PRO G 556 -71.15 -11.00 -64.11
C PRO G 556 -70.79 -11.24 -65.58
N VAL G 557 -71.82 -11.50 -66.39
CA VAL G 557 -71.66 -11.70 -67.83
C VAL G 557 -71.73 -10.37 -68.56
N ALA G 558 -71.37 -10.41 -69.84
CA ALA G 558 -71.50 -9.28 -70.75
C ALA G 558 -72.90 -8.69 -70.69
N GLY G 559 -72.99 -7.37 -70.47
CA GLY G 559 -74.26 -6.66 -70.50
C GLY G 559 -75.17 -6.98 -69.33
N SER G 560 -74.55 -7.38 -68.22
CA SER G 560 -75.27 -7.76 -67.04
C SER G 560 -75.82 -6.52 -66.40
N LYS G 561 -77.07 -6.60 -65.95
CA LYS G 561 -77.66 -5.48 -65.23
C LYS G 561 -76.98 -5.16 -63.86
N ALA G 562 -76.00 -6.01 -63.48
CA ALA G 562 -75.10 -5.79 -62.36
C ALA G 562 -73.95 -4.81 -62.63
N ILE G 563 -73.45 -4.73 -63.86
CA ILE G 563 -72.29 -3.90 -64.16
C ILE G 563 -72.60 -2.46 -63.77
N ASN G 564 -71.77 -1.89 -62.89
CA ASN G 564 -71.86 -0.47 -62.54
C ASN G 564 -73.20 0.01 -61.98
N ALA G 565 -74.10 -0.90 -61.61
CA ALA G 565 -75.44 -0.54 -61.11
C ALA G 565 -75.50 -0.32 -59.62
N GLY G 566 -74.38 -0.41 -58.91
CA GLY G 566 -74.38 -0.24 -57.47
C GLY G 566 -74.22 1.22 -57.05
N LYS G 567 -74.66 1.53 -55.84
CA LYS G 567 -74.33 2.80 -55.18
C LYS G 567 -72.95 2.73 -54.53
N VAL G 568 -72.31 3.88 -54.38
CA VAL G 568 -71.08 3.97 -53.59
C VAL G 568 -71.51 3.79 -52.16
N VAL G 569 -70.87 2.84 -51.46
CA VAL G 569 -71.27 2.50 -50.08
C VAL G 569 -70.39 3.28 -49.08
N SER G 570 -71.06 4.03 -48.21
CA SER G 570 -70.44 4.59 -47.01
C SER G 570 -70.73 3.57 -45.88
N ASP G 571 -69.72 2.77 -45.58
CA ASP G 571 -69.79 1.66 -44.61
C ASP G 571 -70.20 2.15 -43.20
N LEU G 572 -71.18 1.48 -42.59
CA LEU G 572 -71.74 1.93 -41.28
C LEU G 572 -70.76 1.79 -40.09
N ASN G 573 -69.62 1.11 -40.29
CA ASN G 573 -68.63 0.79 -39.25
C ASN G 573 -67.22 1.20 -39.63
N ASP G 574 -67.15 2.21 -40.50
CA ASP G 574 -65.88 2.86 -40.88
C ASP G 574 -64.87 1.89 -41.52
N TYR G 575 -65.34 0.76 -42.08
CA TYR G 575 -64.48 -0.17 -42.81
C TYR G 575 -64.56 0.24 -44.25
N ALA G 576 -63.54 0.93 -44.71
CA ALA G 576 -63.43 1.35 -46.09
C ALA G 576 -63.45 0.15 -47.06
N VAL G 577 -64.14 0.32 -48.19
CA VAL G 577 -64.25 -0.71 -49.23
C VAL G 577 -62.98 -0.75 -50.01
N GLU G 578 -62.40 -1.93 -50.20
CA GLU G 578 -61.08 -2.08 -50.83
C GLU G 578 -61.11 -2.97 -52.07
N ASN G 579 -61.66 -4.17 -51.94
CA ASN G 579 -61.76 -5.10 -53.09
C ASN G 579 -63.00 -5.99 -52.96
N ASP G 580 -63.18 -6.89 -53.94
CA ASP G 580 -64.33 -7.84 -53.97
C ASP G 580 -63.94 -9.27 -53.49
N PHE G 581 -64.89 -10.20 -53.60
CA PHE G 581 -64.70 -11.63 -53.37
C PHE G 581 -63.45 -12.23 -54.02
N LEU G 582 -63.13 -11.86 -55.26
CA LEU G 582 -61.92 -12.39 -55.95
C LEU G 582 -60.60 -11.61 -55.70
N GLY G 583 -60.65 -10.52 -54.94
CA GLY G 583 -59.45 -9.68 -54.69
C GLY G 583 -59.22 -8.53 -55.67
N ASN G 584 -60.02 -8.45 -56.72
CA ASN G 584 -59.92 -7.40 -57.72
C ASN G 584 -60.47 -6.08 -57.12
N ALA G 585 -59.82 -4.95 -57.44
CA ALA G 585 -60.19 -3.63 -56.89
C ALA G 585 -61.56 -3.23 -57.33
N VAL G 586 -62.20 -2.41 -56.54
CA VAL G 586 -63.55 -2.00 -56.85
C VAL G 586 -63.55 -0.64 -57.60
N LYS G 587 -63.74 -0.73 -58.92
CA LYS G 587 -63.84 0.40 -59.89
C LYS G 587 -64.05 1.79 -59.31
N GLY G 588 -65.29 2.25 -59.25
CA GLY G 588 -65.61 3.59 -58.78
C GLY G 588 -67.05 3.50 -58.36
N ARG G 589 -67.92 3.35 -59.36
CA ARG G 589 -69.31 2.98 -59.10
C ARG G 589 -69.36 1.45 -59.14
N PRO G 590 -69.58 0.81 -57.98
CA PRO G 590 -69.42 -0.64 -57.86
C PRO G 590 -70.48 -1.40 -58.62
N ASP G 591 -70.12 -2.59 -59.08
CA ASP G 591 -71.09 -3.57 -59.59
C ASP G 591 -71.97 -4.09 -58.43
N LEU G 592 -73.21 -4.42 -58.74
CA LEU G 592 -74.05 -5.15 -57.80
C LEU G 592 -73.43 -6.53 -57.52
N GLY G 593 -73.52 -6.94 -56.26
CA GLY G 593 -73.16 -8.29 -55.83
C GLY G 593 -71.74 -8.37 -55.35
N ALA G 594 -71.23 -9.59 -55.32
CA ALA G 594 -69.94 -9.88 -54.70
C ALA G 594 -68.80 -9.74 -55.62
N VAL G 595 -69.03 -9.88 -56.92
CA VAL G 595 -67.92 -10.02 -57.86
C VAL G 595 -68.00 -8.90 -58.90
N GLU G 596 -66.89 -8.16 -59.06
CA GLU G 596 -66.77 -7.16 -60.12
C GLU G 596 -66.63 -7.84 -61.47
N ALA G 597 -67.29 -7.23 -62.47
CA ALA G 597 -67.10 -7.50 -63.89
C ALA G 597 -65.65 -7.28 -64.27
N ALA G 598 -65.07 -8.19 -65.03
CA ALA G 598 -63.65 -8.10 -65.41
C ALA G 598 -63.46 -7.09 -66.56
N SER H 16 62.73 44.17 0.30
CA SER H 16 61.91 45.41 0.56
C SER H 16 61.67 45.61 2.07
N GLY H 17 60.67 46.43 2.42
CA GLY H 17 60.35 46.75 3.81
C GLY H 17 60.12 48.24 3.95
N THR H 18 58.84 48.65 3.98
CA THR H 18 58.46 50.07 4.10
C THR H 18 58.32 50.55 5.55
N THR H 19 59.01 51.62 5.91
CA THR H 19 58.99 52.16 7.27
C THR H 19 58.21 53.47 7.36
N TYR H 20 56.98 53.42 7.89
CA TYR H 20 56.16 54.64 8.12
C TYR H 20 56.56 55.38 9.42
N TYR H 21 56.27 56.68 9.47
CA TYR H 21 56.62 57.57 10.61
C TYR H 21 55.44 58.47 10.94
N VAL H 22 55.16 58.64 12.24
CA VAL H 22 54.04 59.44 12.72
C VAL H 22 54.57 60.30 13.87
N SER H 23 54.25 61.59 13.84
CA SER H 23 54.77 62.54 14.81
C SER H 23 53.70 63.25 15.65
N SER H 24 52.95 64.17 15.06
CA SER H 24 52.10 65.11 15.84
C SER H 24 53.01 66.11 16.53
N ALA H 25 52.78 67.39 16.27
CA ALA H 25 53.71 68.48 16.65
C ALA H 25 54.74 68.81 15.53
N HIS H 26 55.29 67.79 14.86
CA HIS H 26 56.07 67.98 13.62
C HIS H 26 55.30 67.61 12.37
N GLY H 27 54.53 66.53 12.43
CA GLY H 27 54.03 65.85 11.23
C GLY H 27 52.83 66.51 10.58
N ASP H 28 52.36 65.87 9.52
CA ASP H 28 51.27 66.37 8.69
C ASP H 28 50.76 65.19 7.87
N ASP H 29 49.46 64.94 7.89
CA ASP H 29 48.89 63.75 7.21
C ASP H 29 48.77 63.94 5.71
N ALA H 30 48.94 65.19 5.25
CA ALA H 30 49.13 65.48 3.84
C ALA H 30 50.45 64.86 3.30
N ASN H 31 51.47 64.73 4.15
CA ASN H 31 52.80 64.17 3.76
C ASN H 31 52.74 62.76 3.16
N ALA H 32 53.88 62.32 2.61
CA ALA H 32 53.99 60.98 2.00
C ALA H 32 53.92 59.86 3.05
N GLY H 33 54.60 60.08 4.17
CA GLY H 33 54.56 59.19 5.33
C GLY H 33 55.77 58.28 5.48
N THR H 34 56.47 58.02 4.38
CA THR H 34 57.70 57.27 4.40
C THR H 34 58.79 58.27 4.69
N SER H 35 59.96 57.78 5.10
CA SER H 35 61.11 58.62 5.50
C SER H 35 60.86 59.64 6.65
N GLU H 36 61.95 60.01 7.32
CA GLU H 36 61.86 60.77 8.57
C GLU H 36 61.68 62.30 8.44
N ASN H 37 61.60 62.81 7.20
CA ASN H 37 61.44 64.26 6.90
C ASN H 37 59.98 64.71 6.68
N ALA H 38 59.15 63.79 6.18
CA ALA H 38 57.74 64.02 5.82
C ALA H 38 56.84 63.01 6.57
N PRO H 39 56.58 63.25 7.89
CA PRO H 39 56.26 62.14 8.78
C PRO H 39 54.88 62.04 9.48
N TRP H 40 53.76 62.29 8.81
CA TRP H 40 52.38 62.03 9.38
C TRP H 40 52.00 62.55 10.81
N LYS H 41 50.82 63.14 10.91
CA LYS H 41 50.35 63.82 12.13
C LYS H 41 49.49 62.91 13.04
N SER H 42 48.73 62.01 12.42
CA SER H 42 47.73 61.21 13.11
C SER H 42 47.86 59.72 12.77
N LEU H 43 47.18 58.89 13.57
CA LEU H 43 47.12 57.46 13.34
C LEU H 43 45.95 57.08 12.41
N THR H 44 45.14 58.03 11.99
CA THR H 44 44.16 57.76 10.92
C THR H 44 44.85 57.21 9.66
N LYS H 45 45.96 57.84 9.27
CA LYS H 45 46.71 57.43 8.09
C LYS H 45 47.21 56.01 8.20
N VAL H 46 47.63 55.63 9.41
CA VAL H 46 48.16 54.30 9.68
C VAL H 46 47.04 53.25 9.69
N ASN H 47 45.85 53.63 10.19
CA ASN H 47 44.66 52.76 10.18
C ASN H 47 44.21 52.44 8.77
N ASP H 48 44.33 53.40 7.85
CA ASP H 48 43.87 53.20 6.47
C ASP H 48 44.72 52.19 5.70
N ILE H 49 46.02 52.11 6.02
CA ILE H 49 46.98 51.17 5.40
C ILE H 49 47.41 50.00 6.35
N ALA H 50 46.79 49.92 7.52
CA ALA H 50 47.08 48.88 8.52
C ALA H 50 46.97 47.44 7.99
N SER H 51 45.85 47.10 7.35
CA SER H 51 45.60 45.72 6.87
C SER H 51 46.46 45.21 5.71
N ASP H 52 47.32 46.08 5.15
CA ASP H 52 48.22 45.73 4.03
C ASP H 52 49.71 45.67 4.41
N LEU H 53 50.07 46.06 5.64
CA LEU H 53 51.40 45.72 6.16
C LEU H 53 51.40 44.19 6.26
N GLY H 54 52.40 43.42 5.83
CA GLY H 54 53.61 43.81 5.14
C GLY H 54 54.82 43.24 5.85
N PRO H 55 55.34 42.07 5.41
CA PRO H 55 56.60 41.62 5.99
C PRO H 55 57.71 42.66 5.81
N GLY H 56 58.46 42.88 6.89
CA GLY H 56 59.50 43.91 6.92
C GLY H 56 59.03 45.33 7.21
N ASP H 57 57.71 45.54 7.25
CA ASP H 57 57.15 46.87 7.39
C ASP H 57 57.03 47.30 8.84
N SER H 58 57.30 48.57 9.10
CA SER H 58 57.22 49.14 10.44
C SER H 58 56.38 50.40 10.46
N VAL H 59 55.96 50.76 11.66
CA VAL H 59 55.30 52.02 11.90
C VAL H 59 55.93 52.62 13.18
N LEU H 60 56.47 53.83 13.05
CA LEU H 60 57.29 54.38 14.09
C LEU H 60 56.72 55.69 14.55
N LEU H 61 56.31 55.74 15.82
CA LEU H 61 55.68 56.90 16.42
C LEU H 61 56.81 57.69 17.08
N GLU H 62 56.77 59.00 17.10
CA GLU H 62 57.90 59.70 17.67
C GLU H 62 57.78 59.77 19.20
N TYR H 63 58.89 59.51 19.88
CA TYR H 63 58.98 59.77 21.30
C TYR H 63 58.57 61.22 21.60
N GLY H 64 57.69 61.42 22.58
CA GLY H 64 57.15 62.76 22.89
C GLY H 64 55.80 63.08 22.26
N SER H 65 55.39 62.30 21.24
CA SER H 65 54.06 62.40 20.66
C SER H 65 52.95 62.03 21.68
N GLU H 66 51.80 62.63 21.49
CA GLU H 66 50.59 62.29 22.25
C GLU H 66 49.40 62.27 21.27
N PHE H 67 49.04 61.07 20.83
CA PHE H 67 47.92 60.82 19.94
C PHE H 67 46.56 60.67 20.66
N ASN H 68 45.87 61.79 20.83
CA ASN H 68 44.66 61.90 21.64
C ASN H 68 43.43 61.64 20.82
N ASP H 69 42.53 60.84 21.36
CA ASP H 69 41.35 60.33 20.66
C ASP H 69 41.70 59.47 19.46
N GLN H 70 42.79 58.75 19.58
CA GLN H 70 43.30 57.96 18.50
C GLN H 70 43.63 56.54 18.97
N TYR H 71 43.74 55.66 17.99
CA TYR H 71 43.86 54.25 18.19
C TYR H 71 44.57 53.63 16.98
N LEU H 72 44.91 52.38 17.11
CA LEU H 72 45.54 51.59 16.08
C LEU H 72 44.88 50.20 16.07
N HIS H 73 44.04 49.96 15.06
CA HIS H 73 43.47 48.64 14.83
C HIS H 73 44.18 48.05 13.63
N ILE H 74 44.69 46.83 13.76
CA ILE H 74 45.41 46.11 12.70
C ILE H 74 44.76 44.75 12.56
N LYS H 75 44.28 44.45 11.36
CA LYS H 75 43.39 43.30 11.13
C LYS H 75 43.82 42.48 9.89
N ASP H 76 43.82 41.16 10.04
CA ASP H 76 43.88 40.23 8.93
C ASP H 76 45.10 40.41 8.01
N THR H 77 46.27 40.29 8.64
CA THR H 77 47.54 40.34 7.93
C THR H 77 48.63 39.66 8.74
N ALA H 78 49.88 39.77 8.23
CA ALA H 78 51.00 39.10 8.88
C ALA H 78 52.34 39.63 8.44
N GLY H 79 53.34 39.38 9.28
CA GLY H 79 54.73 39.33 8.84
C GLY H 79 55.04 37.90 8.44
N ASN H 80 56.32 37.54 8.47
CA ASN H 80 56.77 36.15 8.32
C ASN H 80 57.98 35.95 9.25
N ALA H 81 58.52 34.73 9.29
CA ALA H 81 59.64 34.37 10.15
C ALA H 81 60.93 35.12 9.84
N ASP H 82 61.07 35.58 8.60
CA ASP H 82 62.22 36.38 8.19
C ASP H 82 62.04 37.85 8.57
N ALA H 83 60.79 38.34 8.49
CA ALA H 83 60.48 39.74 8.80
C ALA H 83 59.10 39.96 9.48
N PRO H 84 59.12 40.47 10.72
CA PRO H 84 57.88 40.82 11.38
C PRO H 84 57.42 42.18 10.97
N ILE H 85 56.12 42.47 11.12
CA ILE H 85 55.65 43.86 11.13
C ILE H 85 56.08 44.45 12.47
N THR H 86 56.68 45.63 12.51
CA THR H 86 57.16 46.08 13.82
C THR H 86 56.07 46.84 14.57
N ILE H 87 56.02 48.15 14.53
CA ILE H 87 55.21 49.00 15.46
C ILE H 87 55.98 49.38 16.74
N SER H 88 56.75 50.45 16.62
CA SER H 88 57.58 50.93 17.68
C SER H 88 57.68 52.44 17.65
N ALA H 89 58.75 52.97 18.23
CA ALA H 89 58.95 54.41 18.39
C ALA H 89 60.21 54.85 17.68
N TYR H 90 60.38 56.15 17.49
CA TYR H 90 61.62 56.71 16.89
C TYR H 90 61.87 58.07 17.54
N GLY H 91 63.07 58.59 17.32
CA GLY H 91 63.44 59.91 17.83
C GLY H 91 64.27 59.83 19.09
N ASP H 92 63.93 60.70 20.04
CA ASP H 92 64.75 60.95 21.22
C ASP H 92 64.07 60.38 22.47
N ALA H 93 64.57 59.22 22.92
CA ALA H 93 63.98 58.50 24.05
C ALA H 93 64.07 59.27 25.40
N ASP H 94 64.79 60.41 25.44
CA ASP H 94 64.64 61.40 26.55
C ASP H 94 63.22 61.98 26.63
N GLU H 95 62.59 62.17 25.46
CA GLU H 95 61.14 62.43 25.41
C GLU H 95 60.50 61.12 25.85
N GLY H 96 59.28 61.20 26.36
CA GLY H 96 58.62 59.98 26.82
C GLY H 96 58.32 59.00 25.67
N LYS H 97 57.80 57.83 26.04
CA LYS H 97 57.22 56.90 25.07
C LYS H 97 56.05 57.56 24.38
N PRO H 98 55.88 57.31 23.05
CA PRO H 98 54.67 57.87 22.43
C PRO H 98 53.38 57.33 23.10
N VAL H 99 52.39 58.20 23.20
CA VAL H 99 51.15 57.94 23.92
C VAL H 99 50.03 57.79 22.91
N ILE H 100 49.38 56.62 22.95
CA ILE H 100 48.12 56.40 22.24
C ILE H 100 47.03 56.33 23.27
N ALA H 101 46.18 57.35 23.28
CA ALA H 101 45.06 57.50 24.21
C ALA H 101 43.76 57.54 23.43
N SER H 102 43.01 56.45 23.40
CA SER H 102 41.77 56.41 22.62
C SER H 102 40.60 57.12 23.31
N ASN H 103 40.69 57.34 24.62
CA ASN H 103 39.56 57.89 25.41
C ASN H 103 38.19 57.23 25.17
N GLY H 104 38.18 55.98 24.73
CA GLY H 104 36.95 55.25 24.53
C GLY H 104 36.14 55.77 23.38
N VAL H 105 36.81 56.39 22.39
CA VAL H 105 36.05 57.06 21.29
C VAL H 105 35.45 56.06 20.31
N LYS H 106 34.31 56.49 19.75
CA LYS H 106 33.57 55.68 18.80
C LYS H 106 34.49 54.88 17.89
N GLY H 107 35.46 55.52 17.23
CA GLY H 107 36.33 54.85 16.24
C GLY H 107 37.11 53.65 16.77
N SER H 108 37.34 53.63 18.10
CA SER H 108 38.02 52.55 18.79
C SER H 108 37.11 51.38 19.14
N GLN H 109 35.81 51.50 18.89
CA GLN H 109 34.83 50.52 19.38
C GLN H 109 34.52 49.49 18.34
N TRP H 110 34.54 48.21 18.72
CA TRP H 110 34.26 47.12 17.79
C TRP H 110 33.39 46.13 18.49
N GLU H 111 32.84 45.20 17.73
CA GLU H 111 31.84 44.25 18.24
C GLU H 111 32.46 42.84 18.44
N GLN H 112 32.64 42.49 19.71
CA GLN H 112 33.22 41.22 20.13
C GLN H 112 32.11 40.22 20.26
N ASP H 113 32.38 39.01 19.84
CA ASP H 113 31.43 37.94 19.88
C ASP H 113 32.25 36.63 19.82
N TYR H 114 32.23 35.88 20.91
CA TYR H 114 32.87 34.59 20.95
C TYR H 114 32.15 33.59 20.00
N ARG H 115 30.86 33.84 19.76
CA ARG H 115 29.94 33.03 18.97
C ARG H 115 29.63 31.67 19.58
N ALA H 116 29.72 31.62 20.91
CA ALA H 116 29.49 30.41 21.68
C ALA H 116 29.34 30.77 23.14
N ASN H 117 28.55 30.00 23.88
CA ASN H 117 28.53 30.11 25.31
C ASN H 117 29.94 29.82 25.85
N VAL H 118 30.45 30.71 26.71
CA VAL H 118 31.74 30.58 27.39
C VAL H 118 31.60 30.72 28.93
N GLY H 119 30.56 30.09 29.46
CA GLY H 119 30.28 30.10 30.88
C GLY H 119 29.31 31.21 31.21
N ASN H 120 29.09 31.43 32.49
CA ASN H 120 28.16 32.47 32.93
C ASN H 120 28.81 33.85 32.89
N HIS H 121 28.93 34.40 31.69
CA HIS H 121 29.71 35.62 31.49
C HIS H 121 29.19 36.36 30.30
N LYS H 122 29.28 37.70 30.31
CA LYS H 122 29.11 38.47 29.09
C LYS H 122 30.15 37.98 28.05
N ASN H 123 29.62 37.57 26.88
CA ASN H 123 30.43 37.01 25.81
C ASN H 123 30.22 37.72 24.47
N LYS H 124 29.60 38.89 24.52
CA LYS H 124 29.04 39.50 23.32
C LYS H 124 28.88 40.97 23.61
N GLY H 125 29.43 41.86 22.76
CA GLY H 125 29.09 43.28 22.84
C GLY H 125 30.10 44.24 22.28
N THR H 126 29.88 45.51 22.61
CA THR H 126 30.73 46.60 22.16
C THR H 126 31.92 46.79 23.10
N VAL H 127 33.12 46.87 22.51
CA VAL H 127 34.36 47.07 23.24
C VAL H 127 35.16 48.24 22.65
N SER H 128 35.74 49.08 23.51
CA SER H 128 36.72 50.09 23.09
C SER H 128 38.09 49.55 23.36
N THR H 129 38.91 49.47 22.31
CA THR H 129 40.25 48.90 22.38
C THR H 129 41.14 49.90 21.70
N THR H 130 42.20 50.31 22.39
CA THR H 130 43.10 51.33 21.87
C THR H 130 44.04 50.73 20.82
N LEU H 131 44.63 49.59 21.13
CA LEU H 131 45.45 48.86 20.17
C LEU H 131 44.83 47.46 19.97
N LEU H 132 44.26 47.24 18.78
CA LEU H 132 43.63 45.97 18.47
C LEU H 132 44.47 45.20 17.42
N LEU H 133 44.92 44.00 17.79
CA LEU H 133 45.57 43.05 16.91
C LEU H 133 44.56 41.92 16.65
N LYS H 134 43.82 42.04 15.55
CA LYS H 134 42.85 41.02 15.18
C LYS H 134 43.41 40.12 14.06
N ASP H 135 43.86 38.93 14.41
CA ASP H 135 44.45 37.98 13.45
C ASP H 135 45.58 38.64 12.65
N VAL H 136 46.63 38.89 13.42
CA VAL H 136 47.85 39.45 12.94
C VAL H 136 48.95 38.58 13.53
N SER H 137 49.72 37.91 12.66
CA SER H 137 50.88 37.17 13.06
C SER H 137 52.21 37.85 12.70
N TYR H 138 53.27 37.34 13.30
CA TYR H 138 54.63 37.89 13.11
C TYR H 138 54.66 39.40 13.25
N ILE H 139 54.31 39.83 14.46
CA ILE H 139 54.29 41.24 14.82
C ILE H 139 54.89 41.47 16.21
N THR H 140 55.58 42.60 16.34
CA THR H 140 56.26 43.02 17.54
C THR H 140 55.79 44.44 17.82
N VAL H 141 55.16 44.69 18.96
CA VAL H 141 54.73 46.04 19.30
C VAL H 141 55.61 46.47 20.49
N SER H 142 56.29 47.60 20.36
CA SER H 142 57.19 48.01 21.42
C SER H 142 57.22 49.50 21.74
N ASN H 143 57.69 49.81 22.96
CA ASN H 143 58.00 51.18 23.46
C ASN H 143 56.84 52.18 23.37
N LEU H 144 55.60 51.71 23.56
CA LEU H 144 54.41 52.54 23.46
C LEU H 144 53.78 52.68 24.83
N GLU H 145 53.10 53.79 25.03
CA GLU H 145 52.37 54.10 26.24
C GLU H 145 50.93 54.15 25.79
N ILE H 146 50.10 53.25 26.30
CA ILE H 146 48.75 53.05 25.82
C ILE H 146 47.73 53.21 26.93
N THR H 147 46.75 54.07 26.72
CA THR H 147 45.69 54.30 27.68
C THR H 147 44.30 54.11 27.05
N ASN H 148 43.31 53.96 27.91
CA ASN H 148 41.95 54.07 27.47
C ASN H 148 41.08 54.73 28.50
N ASP H 149 41.32 56.01 28.64
CA ASP H 149 40.91 56.79 29.81
C ASP H 149 39.48 57.35 29.67
N ASP H 150 38.83 57.49 30.81
CA ASP H 150 37.55 58.17 30.96
C ASP H 150 37.78 59.23 32.08
N ALA H 151 37.48 60.50 31.78
CA ALA H 151 37.65 61.62 32.72
C ALA H 151 36.69 61.60 33.91
N ASP H 152 35.60 60.84 33.78
CA ASP H 152 34.63 60.65 34.83
C ASP H 152 34.99 59.50 35.77
N VAL H 153 35.95 58.67 35.39
CA VAL H 153 36.52 57.63 36.26
C VAL H 153 37.91 58.03 36.75
N TYR H 154 38.21 57.73 38.01
CA TYR H 154 39.47 58.12 38.59
C TYR H 154 39.62 57.46 39.98
N ASP H 155 40.59 56.58 40.13
CA ASP H 155 40.76 55.83 41.35
C ASP H 155 42.17 55.24 41.35
N PRO H 156 43.20 56.10 41.37
CA PRO H 156 44.55 55.63 41.28
C PRO H 156 44.99 54.69 42.42
N ILE H 157 45.71 53.62 42.05
CA ILE H 157 46.28 52.70 43.02
C ILE H 157 47.30 53.39 43.94
N ASP H 158 48.03 54.35 43.43
CA ASP H 158 49.14 54.95 44.15
C ASP H 158 48.75 55.63 45.45
N THR H 159 47.57 56.25 45.46
CA THR H 159 46.98 56.75 46.68
C THR H 159 45.66 56.03 47.07
N TRP H 160 45.45 54.81 46.59
CA TRP H 160 44.25 54.03 46.98
C TRP H 160 44.27 53.66 48.45
N LYS H 161 43.17 53.89 49.16
CA LYS H 161 42.97 53.27 50.48
C LYS H 161 41.50 53.05 50.84
N TRP H 162 41.25 52.08 51.70
CA TRP H 162 39.89 51.83 52.13
C TRP H 162 39.42 52.91 53.14
N THR H 163 38.23 53.43 52.91
CA THR H 163 37.55 54.39 53.79
C THR H 163 36.11 53.99 54.02
N ASP H 164 35.49 54.61 55.01
CA ASP H 164 34.11 54.32 55.38
C ASP H 164 33.10 54.87 54.39
N THR H 165 33.56 55.80 53.56
CA THR H 165 32.70 56.44 52.61
C THR H 165 33.24 56.11 51.19
N PRO H 166 32.38 55.58 50.29
CA PRO H 166 32.78 55.41 48.89
C PRO H 166 33.07 56.73 48.18
N ASP H 167 33.98 56.69 47.21
CA ASP H 167 34.35 57.87 46.39
C ASP H 167 34.74 59.08 47.26
N SER H 168 35.54 58.84 48.28
CA SER H 168 35.85 59.84 49.31
C SER H 168 37.02 60.79 49.02
N ASP H 169 37.97 60.41 48.19
CA ASP H 169 39.28 61.11 48.15
C ASP H 169 39.45 61.98 46.91
N GLY H 170 38.35 62.52 46.43
CA GLY H 170 38.26 62.90 45.04
C GLY H 170 38.41 61.69 44.11
N THR H 171 37.85 60.55 44.46
CA THR H 171 37.79 59.43 43.51
C THR H 171 36.36 59.28 43.02
N LYS H 172 36.19 58.56 41.92
CA LYS H 172 34.88 58.42 41.28
C LYS H 172 34.93 57.25 40.33
N LEU H 173 33.96 56.37 40.48
CA LEU H 173 33.85 55.15 39.69
C LEU H 173 32.51 55.08 39.04
N ASP H 174 32.43 54.47 37.87
CA ASP H 174 31.18 54.05 37.28
C ASP H 174 31.05 52.58 37.63
N ARG H 175 30.11 52.30 38.52
CA ARG H 175 29.82 50.97 39.05
C ARG H 175 28.77 50.22 38.25
N SER H 176 28.43 50.69 37.05
CA SER H 176 27.32 50.13 36.23
C SER H 176 27.74 48.81 35.62
N ALA H 177 26.91 47.77 35.83
CA ALA H 177 27.09 46.42 35.23
C ALA H 177 27.15 46.37 33.70
N SER H 178 26.49 47.34 33.05
CA SER H 178 26.48 47.46 31.57
C SER H 178 27.49 48.49 31.08
N ARG H 179 28.31 49.05 31.97
CA ARG H 179 29.39 49.94 31.51
C ARG H 179 30.20 49.27 30.39
N MET H 180 30.56 50.09 29.39
CA MET H 180 31.29 49.63 28.21
C MET H 180 32.69 49.06 28.55
N ASP H 181 32.93 47.89 27.96
CA ASP H 181 34.19 47.15 28.14
C ASP H 181 35.34 47.84 27.44
N ARG H 182 36.45 48.01 28.15
CA ARG H 182 37.66 48.64 27.54
C ARG H 182 38.95 47.81 27.63
N THR H 183 39.69 47.80 26.54
CA THR H 183 40.98 47.15 26.50
C THR H 183 42.03 48.21 26.19
N GLY H 184 43.24 47.96 26.70
CA GLY H 184 44.47 48.69 26.29
C GLY H 184 45.00 48.06 25.01
N VAL H 185 45.36 46.77 25.10
CA VAL H 185 45.77 45.94 23.97
C VAL H 185 44.87 44.71 23.93
N ALA H 186 44.18 44.50 22.81
CA ALA H 186 43.41 43.27 22.62
C ALA H 186 44.04 42.47 21.50
N GLY H 187 44.41 41.22 21.78
CA GLY H 187 44.79 40.26 20.74
C GLY H 187 43.58 39.39 20.51
N ILE H 188 43.07 39.35 19.28
CA ILE H 188 41.83 38.63 18.94
C ILE H 188 41.99 37.70 17.74
N ALA H 189 41.92 36.39 17.96
CA ALA H 189 41.89 35.40 16.88
C ALA H 189 40.48 34.85 16.65
N GLU H 190 39.87 35.16 15.49
CA GLU H 190 38.51 34.69 15.18
C GLU H 190 38.28 34.19 13.75
N ASN H 191 39.37 33.77 13.09
CA ASN H 191 39.32 33.24 11.72
C ASN H 191 39.24 31.74 11.65
N GLY H 192 39.36 31.09 12.80
CA GLY H 192 39.48 29.64 12.84
C GLY H 192 40.87 29.24 12.37
N ALA H 193 41.88 29.94 12.87
CA ALA H 193 43.26 29.69 12.56
C ALA H 193 44.21 30.27 13.64
N THR H 194 45.44 29.80 13.60
CA THR H 194 46.44 30.24 14.54
C THR H 194 46.82 31.69 14.24
N MET H 195 46.94 32.47 15.31
CA MET H 195 47.51 33.82 15.30
C MET H 195 48.78 33.60 16.06
N SER H 196 49.94 33.85 15.42
CA SER H 196 51.23 33.46 15.97
C SER H 196 52.27 34.59 16.04
N ASN H 197 53.26 34.40 16.89
CA ASN H 197 54.47 35.22 16.88
C ASN H 197 54.16 36.69 17.10
N VAL H 198 53.47 36.96 18.20
CA VAL H 198 53.12 38.30 18.59
C VAL H 198 53.96 38.67 19.80
N THR H 199 54.78 39.70 19.67
CA THR H 199 55.54 40.18 20.81
C THR H 199 55.04 41.53 21.21
N LEU H 200 54.85 41.69 22.50
CA LEU H 200 54.65 42.97 23.14
C LEU H 200 55.81 43.18 24.14
N ASP H 201 56.63 44.22 23.87
CA ASP H 201 57.88 44.48 24.54
C ASP H 201 57.79 45.91 24.99
N ASN H 202 58.09 46.15 26.26
CA ASN H 202 58.27 47.49 26.82
C ASN H 202 57.09 48.47 26.64
N LEU H 203 55.86 47.97 26.79
CA LEU H 203 54.65 48.79 26.71
C LEU H 203 54.30 49.33 28.06
N TYR H 204 53.55 50.43 28.09
CA TYR H 204 53.13 50.99 29.37
C TYR H 204 51.67 51.27 29.25
N ILE H 205 50.88 50.34 29.77
CA ILE H 205 49.47 50.43 29.64
C ILE H 205 48.91 50.92 30.95
N HIS H 206 48.09 51.95 30.90
CA HIS H 206 47.50 52.45 32.13
C HIS H 206 46.22 53.22 31.87
N ASP H 207 45.45 53.40 32.93
CA ASP H 207 44.17 54.09 32.85
C ASP H 207 43.33 53.53 31.74
N VAL H 208 43.08 52.23 31.82
CA VAL H 208 42.06 51.57 31.02
C VAL H 208 40.80 51.42 31.89
N ASP H 209 39.85 52.34 31.75
CA ASP H 209 38.67 52.34 32.61
C ASP H 209 37.54 51.52 31.99
N GLY H 210 37.72 50.20 32.06
CA GLY H 210 36.76 49.24 31.57
C GLY H 210 35.68 49.02 32.60
N ASN H 211 34.91 47.97 32.36
CA ASN H 211 33.82 47.48 33.20
C ASN H 211 34.41 46.79 34.45
N ILE H 212 33.79 47.02 35.60
CA ILE H 212 34.35 46.54 36.85
C ILE H 212 34.18 45.03 36.99
N TYR H 213 33.13 44.53 36.35
CA TYR H 213 32.65 43.19 36.57
C TYR H 213 33.19 42.14 35.59
N ASN H 214 33.21 42.49 34.33
CA ASN H 214 33.24 41.49 33.27
C ASN H 214 34.57 40.82 33.14
N LYS H 215 34.57 39.50 33.21
CA LYS H 215 35.79 38.70 33.22
C LYS H 215 36.32 38.36 31.82
N HIS H 216 35.44 38.24 30.84
CA HIS H 216 35.81 37.59 29.59
C HIS H 216 35.44 38.34 28.33
N MET H 217 35.03 39.59 28.46
CA MET H 217 35.16 40.54 27.39
C MET H 217 36.60 41.04 27.39
N ALA H 218 37.00 41.63 26.27
CA ALA H 218 38.31 42.29 26.15
C ALA H 218 38.32 43.52 27.03
N ASN H 219 38.52 43.31 28.33
CA ASN H 219 38.18 44.28 29.35
C ASN H 219 39.25 44.27 30.44
N GLY H 220 40.14 45.25 30.34
CA GLY H 220 41.39 45.22 31.08
C GLY H 220 42.57 45.79 30.32
N GLY H 221 43.75 45.61 30.87
CA GLY H 221 44.98 46.13 30.30
C GLY H 221 45.35 45.48 28.97
N ILE H 222 45.52 44.16 29.00
CA ILE H 222 45.89 43.36 27.85
C ILE H 222 45.03 42.11 27.94
N TYR H 223 44.34 41.76 26.86
CA TYR H 223 43.62 40.53 26.80
C TYR H 223 43.74 39.84 25.43
N PHE H 224 44.25 38.60 25.41
CA PHE H 224 44.26 37.79 24.20
C PHE H 224 43.18 36.72 24.28
N MET H 225 42.24 36.73 23.33
CA MET H 225 41.20 35.69 23.34
C MET H 225 40.81 35.26 21.97
N ALA H 226 40.16 34.10 21.91
CA ALA H 226 39.84 33.40 20.66
C ALA H 226 38.36 33.10 20.53
N HIS H 227 37.78 33.44 19.37
CA HIS H 227 36.36 33.24 19.04
C HIS H 227 36.16 32.24 17.91
N TYR H 228 34.97 31.64 17.88
CA TYR H 228 34.57 30.83 16.75
C TYR H 228 34.42 31.80 15.63
N PRO H 229 34.71 31.37 14.39
CA PRO H 229 34.43 32.31 13.28
C PRO H 229 32.96 32.45 12.92
N MET H 230 32.13 31.51 13.36
CA MET H 230 30.68 31.58 13.20
C MET H 230 30.10 30.70 14.26
N GLU H 231 28.81 30.90 14.56
CA GLU H 231 28.07 30.09 15.56
C GLU H 231 28.07 28.60 15.21
N ASN H 232 27.93 27.75 16.21
CA ASN H 232 27.93 26.30 16.00
C ASN H 232 26.50 25.75 15.90
N THR H 233 25.89 25.90 14.72
CA THR H 233 24.44 25.66 14.52
C THR H 233 24.04 24.32 13.85
N SER H 234 25.01 23.46 13.53
CA SER H 234 24.74 22.19 12.83
C SER H 234 25.93 21.23 12.90
N ALA H 235 25.75 20.03 12.35
CA ALA H 235 26.84 19.05 12.24
C ALA H 235 27.98 19.59 11.36
N GLU H 236 27.60 20.31 10.29
CA GLU H 236 28.58 20.82 9.31
C GLU H 236 29.45 21.90 9.96
N THR H 237 28.84 22.82 10.72
CA THR H 237 29.60 23.79 11.55
C THR H 237 30.47 23.10 12.59
N ASP H 238 29.96 22.01 13.16
CA ASP H 238 30.65 21.27 14.21
C ASP H 238 31.86 20.56 13.67
N VAL H 239 31.70 19.85 12.54
CA VAL H 239 32.80 19.14 11.89
C VAL H 239 33.95 20.11 11.59
N TRP H 240 33.60 21.24 10.96
CA TRP H 240 34.58 22.26 10.59
C TRP H 240 35.29 22.80 11.82
N LEU H 241 34.53 23.35 12.78
CA LEU H 241 35.13 23.97 13.99
C LEU H 241 36.06 23.04 14.79
N ARG H 242 35.76 21.73 14.78
CA ARG H 242 36.62 20.77 15.46
C ARG H 242 38.01 20.74 14.86
N GLU H 243 38.13 21.14 13.61
CA GLU H 243 39.42 21.15 12.90
C GLU H 243 40.01 22.53 12.63
N HIS H 244 39.20 23.60 12.58
CA HIS H 244 39.64 24.93 12.13
C HIS H 244 39.56 25.93 13.27
N VAL H 245 40.68 26.06 13.97
CA VAL H 245 40.72 26.57 15.34
C VAL H 245 41.43 27.89 15.53
N SER H 246 40.70 28.90 15.98
CA SER H 246 41.29 30.15 16.37
C SER H 246 41.98 29.96 17.72
N ARG H 247 43.26 30.28 17.79
CA ARG H 247 44.12 29.94 18.91
C ARG H 247 45.41 30.73 18.79
N PHE H 248 46.24 30.67 19.84
CA PHE H 248 47.46 31.44 19.85
C PHE H 248 48.64 30.52 19.90
N ASP H 249 49.74 30.96 19.29
CA ASP H 249 51.03 30.29 19.42
C ASP H 249 52.12 31.35 19.47
N HIS H 250 53.11 31.14 20.32
CA HIS H 250 54.26 32.05 20.40
C HIS H 250 53.78 33.46 20.68
N VAL H 251 53.00 33.63 21.74
CA VAL H 251 52.67 34.96 22.19
C VAL H 251 53.63 35.20 23.32
N THR H 252 54.38 36.31 23.25
CA THR H 252 55.29 36.72 24.36
C THR H 252 54.84 38.09 24.77
N ILE H 253 54.84 38.37 26.07
CA ILE H 253 54.56 39.70 26.60
C ILE H 253 55.63 39.99 27.65
N ARG H 254 56.38 41.05 27.41
CA ARG H 254 57.55 41.29 28.21
C ARG H 254 57.83 42.73 28.49
N ASN H 255 58.56 42.91 29.60
CA ASN H 255 59.12 44.22 30.05
C ASN H 255 58.08 45.33 30.17
N SER H 256 56.83 44.96 30.38
CA SER H 256 55.68 45.90 30.24
C SER H 256 55.08 46.18 31.61
N THR H 257 54.53 47.37 31.75
CA THR H 257 53.79 47.74 32.92
C THR H 257 52.33 47.89 32.57
N VAL H 258 51.47 47.27 33.40
CA VAL H 258 50.06 47.47 33.30
C VAL H 258 49.61 48.02 34.63
N LYS H 259 49.07 49.22 34.61
CA LYS H 259 48.65 49.94 35.80
C LYS H 259 47.28 50.62 35.68
N ASP H 260 46.51 50.59 36.77
CA ASP H 260 45.24 51.35 36.89
C ASP H 260 44.29 50.99 35.77
N VAL H 261 43.96 49.71 35.74
CA VAL H 261 43.15 49.16 34.68
C VAL H 261 42.03 48.35 35.30
N ASP H 262 40.92 48.27 34.58
CA ASP H 262 39.72 47.51 34.94
C ASP H 262 39.24 46.73 33.69
N ARG H 263 38.90 45.44 33.79
CA ARG H 263 39.04 44.60 34.98
C ARG H 263 40.43 43.94 35.12
N TRP H 264 40.80 43.15 34.12
CA TRP H 264 42.03 42.31 34.21
C TRP H 264 43.29 43.12 33.94
N GLY H 265 44.40 42.74 34.58
CA GLY H 265 45.70 43.25 34.21
C GLY H 265 46.12 42.75 32.84
N ILE H 266 46.56 41.51 32.81
CA ILE H 266 46.95 40.83 31.60
C ILE H 266 46.28 39.46 31.68
N ALA H 267 45.49 39.13 30.66
CA ALA H 267 44.84 37.84 30.55
C ALA H 267 45.12 37.29 29.18
N VAL H 268 45.56 36.04 29.10
CA VAL H 268 45.77 35.40 27.79
C VAL H 268 45.15 34.03 27.72
N GLY H 269 44.41 33.79 26.63
CA GLY H 269 44.12 32.44 26.16
C GLY H 269 42.66 32.04 26.21
N TYR H 270 41.79 32.85 26.83
CA TYR H 270 40.38 32.42 26.98
C TYR H 270 39.78 32.26 25.58
N THR H 271 38.94 31.26 25.40
CA THR H 271 38.62 30.86 24.05
C THR H 271 37.31 30.16 23.97
N ALA H 272 36.58 30.42 22.88
CA ALA H 272 35.35 29.68 22.54
C ALA H 272 35.54 28.21 22.48
N TYR H 273 36.73 27.77 22.08
CA TYR H 273 36.97 26.33 21.95
C TYR H 273 37.15 25.61 23.29
N LEU H 274 36.87 26.27 24.43
CA LEU H 274 36.65 25.57 25.71
C LEU H 274 35.42 24.63 25.60
N ASN H 275 34.60 24.80 24.59
CA ASN H 275 33.48 23.89 24.39
C ASN H 275 33.91 22.49 24.04
N TYR H 276 35.10 22.38 23.43
CA TYR H 276 35.79 21.09 23.19
C TYR H 276 36.77 20.72 24.30
N ILE H 277 37.59 21.66 24.76
CA ILE H 277 38.52 21.39 25.87
C ILE H 277 37.78 20.99 27.16
N ASP H 278 36.62 21.59 27.43
CA ASP H 278 35.88 21.35 28.66
C ASP H 278 34.63 20.46 28.50
N ALA H 279 34.52 19.79 27.34
CA ALA H 279 33.43 18.84 27.07
C ALA H 279 33.34 17.69 28.08
N ASN H 280 34.48 17.10 28.41
CA ASN H 280 34.60 16.10 29.45
C ASN H 280 35.61 16.64 30.43
N TYR H 281 35.19 16.91 31.67
CA TYR H 281 36.14 17.28 32.73
C TYR H 281 36.89 16.03 33.30
N GLY H 282 36.31 14.85 33.07
CA GLY H 282 36.91 13.58 33.48
C GLY H 282 37.36 13.67 34.90
N ASP H 283 38.59 13.26 35.15
CA ASP H 283 39.27 13.36 36.45
C ASP H 283 40.12 14.65 36.70
N GLY H 284 39.97 15.66 35.84
CA GLY H 284 40.76 16.90 35.93
C GLY H 284 42.11 16.90 35.22
N SER H 285 42.57 15.72 34.78
CA SER H 285 43.76 15.60 33.93
C SER H 285 43.44 16.26 32.62
N ILE H 286 44.46 16.85 32.00
CA ILE H 286 44.31 17.47 30.71
C ILE H 286 45.22 16.80 29.68
N ASP H 287 44.55 16.28 28.66
CA ASP H 287 45.18 15.42 27.69
C ASP H 287 46.14 16.30 26.87
N ASP H 288 47.40 15.88 26.72
CA ASP H 288 48.37 16.67 25.93
C ASP H 288 47.92 17.07 24.50
N ALA H 289 47.23 16.18 23.78
CA ALA H 289 46.86 16.44 22.37
C ALA H 289 45.78 17.50 22.27
N LEU H 290 44.82 17.36 23.19
CA LEU H 290 43.65 18.24 23.33
C LEU H 290 43.99 19.71 23.54
N ILE H 291 44.81 19.99 24.54
CA ILE H 291 45.21 21.38 24.86
C ILE H 291 46.15 21.94 23.75
N ALA H 292 46.97 21.09 23.13
CA ALA H 292 47.78 21.49 21.97
C ALA H 292 46.92 21.91 20.77
N LYS H 293 45.86 21.16 20.52
CA LYS H 293 45.03 21.41 19.39
C LYS H 293 44.12 22.60 19.59
N TYR H 294 43.48 22.68 20.74
CA TYR H 294 42.43 23.70 20.94
C TYR H 294 42.84 24.94 21.74
N GLY H 295 43.93 24.79 22.48
CA GLY H 295 44.47 25.82 23.35
C GLY H 295 45.62 26.53 22.68
N SER H 296 46.36 27.25 23.50
CA SER H 296 47.44 28.08 23.05
C SER H 296 48.79 27.55 23.53
N THR H 297 49.78 27.63 22.67
CA THR H 297 51.11 27.05 22.88
C THR H 297 52.18 28.13 22.89
N ASN H 298 53.32 27.77 23.47
CA ASN H 298 54.47 28.67 23.62
C ASN H 298 54.11 30.08 24.06
N VAL H 299 53.21 30.20 25.02
CA VAL H 299 52.93 31.51 25.59
C VAL H 299 54.03 31.79 26.61
N ARG H 300 54.52 33.03 26.62
CA ARG H 300 55.52 33.46 27.62
C ARG H 300 55.15 34.83 28.15
N ILE H 301 55.16 35.01 29.46
CA ILE H 301 54.79 36.22 30.12
C ILE H 301 55.97 36.54 31.07
N GLU H 302 56.82 37.47 30.65
CA GLU H 302 58.17 37.68 31.21
C GLU H 302 58.37 39.11 31.66
N ASN H 303 58.95 39.29 32.86
CA ASN H 303 59.48 40.59 33.34
C ASN H 303 58.50 41.73 33.32
N ASN H 304 57.26 41.49 33.71
CA ASN H 304 56.22 42.53 33.66
C ASN H 304 55.89 42.96 35.09
N TYR H 305 55.19 44.08 35.18
CA TYR H 305 54.76 44.64 36.42
C TYR H 305 53.31 44.92 36.28
N VAL H 306 52.48 44.28 37.09
CA VAL H 306 51.09 44.61 37.09
C VAL H 306 50.72 45.20 38.45
N LYS H 307 50.22 46.43 38.45
CA LYS H 307 49.83 47.15 39.67
C LYS H 307 48.48 47.81 39.56
N GLY H 308 47.56 47.53 40.48
CA GLY H 308 46.32 48.30 40.55
C GLY H 308 45.31 47.92 39.47
N ALA H 309 45.38 46.68 38.99
CA ALA H 309 44.23 46.08 38.27
C ALA H 309 43.00 46.05 39.16
N GLY H 310 41.83 46.25 38.59
CA GLY H 310 40.59 46.12 39.36
C GLY H 310 40.35 44.70 39.88
N GLY H 311 40.71 43.69 39.06
CA GLY H 311 40.60 42.32 39.44
C GLY H 311 41.96 41.66 39.52
N ASP H 312 42.08 40.55 38.77
CA ASP H 312 43.23 39.67 38.81
C ASP H 312 44.42 40.34 38.11
N ALA H 313 45.63 39.94 38.49
CA ALA H 313 46.84 40.58 37.96
C ALA H 313 47.24 39.93 36.65
N ILE H 314 47.63 38.66 36.71
CA ILE H 314 48.04 37.93 35.52
C ILE H 314 47.37 36.56 35.55
N THR H 315 46.71 36.23 34.46
CA THR H 315 46.07 34.94 34.33
C THR H 315 46.24 34.36 32.93
N LEU H 316 46.57 33.06 32.90
CA LEU H 316 46.70 32.28 31.70
C LEU H 316 45.55 31.25 31.71
N MET H 317 44.99 31.07 30.52
CA MET H 317 43.79 30.30 30.36
C MET H 317 43.95 29.42 29.12
N TYR H 318 43.65 28.13 29.23
CA TYR H 318 43.67 27.19 28.08
C TYR H 318 45.00 27.26 27.33
N CYS H 319 46.07 27.27 28.10
CA CYS H 319 47.41 27.37 27.59
C CYS H 319 48.18 26.04 27.86
N ASP H 320 48.86 25.55 26.81
CA ASP H 320 49.71 24.37 26.84
C ASP H 320 51.09 24.83 27.34
N ARG H 321 51.41 24.44 28.57
CA ARG H 321 52.75 24.72 29.10
C ARG H 321 53.25 26.18 28.89
N PRO H 322 52.52 27.17 29.43
CA PRO H 322 53.07 28.49 29.41
C PRO H 322 54.15 28.67 30.46
N VAL H 323 55.01 29.66 30.22
CA VAL H 323 56.03 30.12 31.20
C VAL H 323 55.65 31.49 31.63
N ILE H 324 55.53 31.69 32.94
CA ILE H 324 55.24 32.99 33.53
C ILE H 324 56.38 33.23 34.50
N GLU H 325 57.31 34.10 34.12
CA GLU H 325 58.53 34.23 34.92
C GLU H 325 59.03 35.65 35.08
N HIS H 326 59.64 35.92 36.24
CA HIS H 326 60.20 37.24 36.57
C HIS H 326 59.15 38.40 36.51
N ASN H 327 57.88 38.11 36.85
CA ASN H 327 56.86 39.18 36.92
C ASN H 327 56.64 39.68 38.35
N VAL H 328 56.03 40.86 38.48
CA VAL H 328 55.66 41.41 39.74
C VAL H 328 54.22 41.87 39.67
N GLY H 329 53.35 41.32 40.51
CA GLY H 329 52.06 41.90 40.79
C GLY H 329 51.98 42.56 42.17
N ASP H 330 51.13 43.57 42.24
CA ASP H 330 51.15 44.52 43.27
C ASP H 330 49.79 45.17 43.38
N SER H 331 49.12 44.92 44.50
CA SER H 331 47.96 45.69 44.89
C SER H 331 46.85 45.69 43.86
N VAL H 332 46.43 44.50 43.49
CA VAL H 332 45.35 44.29 42.55
C VAL H 332 44.11 43.83 43.37
N SER H 333 43.04 43.51 42.68
CA SER H 333 41.71 43.31 43.27
C SER H 333 41.19 44.61 43.88
N LYS H 334 41.60 45.73 43.29
CA LYS H 334 41.34 47.07 43.81
C LYS H 334 39.84 47.36 43.85
N HIS H 335 39.12 46.85 42.84
CA HIS H 335 37.66 47.01 42.72
C HIS H 335 36.79 45.82 43.18
N ILE H 336 37.40 44.83 43.85
CA ILE H 336 36.73 43.58 44.28
C ILE H 336 36.40 43.70 45.76
N ASN H 337 35.29 44.37 46.04
CA ASN H 337 34.93 44.72 47.40
C ASN H 337 33.48 45.23 47.39
N THR H 338 32.87 45.36 48.58
CA THR H 338 31.46 45.68 48.73
C THR H 338 31.13 47.12 48.39
N GLN H 339 32.13 47.96 48.29
CA GLN H 339 31.96 49.37 48.02
C GLN H 339 31.98 49.64 46.53
N ASP H 340 32.77 48.88 45.77
CA ASP H 340 32.93 49.10 44.33
C ASP H 340 32.29 48.05 43.43
N TYR H 341 32.08 46.85 43.94
CA TYR H 341 31.57 45.74 43.13
C TYR H 341 30.15 45.65 43.53
N THR H 342 29.37 46.67 43.19
CA THR H 342 27.98 46.78 43.75
C THR H 342 26.89 46.16 42.88
N GLN H 343 27.18 45.94 41.61
CA GLN H 343 26.18 45.38 40.68
C GLN H 343 26.56 44.01 40.06
N PRO H 344 26.90 43.00 40.88
CA PRO H 344 27.38 41.69 40.41
C PRO H 344 26.37 40.85 39.63
N GLY H 345 25.11 41.10 39.93
CA GLY H 345 24.03 40.55 39.17
C GLY H 345 23.98 39.04 39.20
N SER H 346 23.71 38.47 38.04
CA SER H 346 23.64 37.04 37.89
C SER H 346 25.05 36.48 37.70
N TYR H 347 25.99 37.31 37.26
CA TYR H 347 27.37 36.84 37.00
C TYR H 347 28.23 36.63 38.25
N GLY H 348 27.97 37.38 39.33
CA GLY H 348 28.82 37.26 40.54
C GLY H 348 30.25 37.73 40.24
N GLY H 349 31.23 36.92 40.60
CA GLY H 349 32.60 37.13 40.21
C GLY H 349 33.36 38.14 41.05
N ARG H 350 32.93 38.33 42.29
CA ARG H 350 33.62 39.17 43.26
C ARG H 350 34.76 38.40 43.97
N VAL H 351 35.70 37.95 43.14
CA VAL H 351 36.87 37.15 43.49
C VAL H 351 38.07 37.55 42.63
N ALA H 352 39.24 37.63 43.23
CA ALA H 352 40.43 37.68 42.40
C ALA H 352 41.65 37.21 43.15
N ALA H 353 42.51 36.48 42.45
CA ALA H 353 43.85 36.21 42.85
C ALA H 353 44.90 36.92 41.96
N GLY H 354 46.16 36.66 42.20
CA GLY H 354 47.22 37.40 41.56
C GLY H 354 47.64 36.86 40.23
N ILE H 355 48.49 35.84 40.26
CA ILE H 355 49.24 35.39 39.06
C ILE H 355 49.05 33.87 39.06
N TRP H 356 48.28 33.37 38.07
CA TRP H 356 47.66 32.04 38.14
C TRP H 356 47.14 31.51 36.79
N PRO H 357 46.74 30.23 36.74
CA PRO H 357 46.18 29.66 35.51
C PRO H 357 44.82 29.02 35.65
N TRP H 358 44.04 29.08 34.58
CA TRP H 358 42.75 28.39 34.50
C TRP H 358 42.83 27.41 33.33
N ARG H 359 42.72 26.13 33.67
CA ARG H 359 42.64 25.04 32.67
C ARG H 359 43.83 24.98 31.69
N CYS H 360 45.00 25.18 32.29
CA CYS H 360 46.29 25.01 31.65
C CYS H 360 46.88 23.63 31.88
N LYS H 361 47.87 23.32 31.04
CA LYS H 361 48.62 22.07 31.14
C LYS H 361 50.07 22.36 31.52
N ASP H 362 50.44 21.94 32.73
CA ASP H 362 51.80 22.10 33.23
C ASP H 362 52.39 23.52 33.09
N PRO H 363 51.63 24.55 33.43
CA PRO H 363 52.23 25.87 33.43
C PRO H 363 53.37 25.99 34.44
N VAL H 364 54.35 26.82 34.11
CA VAL H 364 55.43 27.06 35.02
C VAL H 364 55.33 28.51 35.44
N PHE H 365 55.19 28.73 36.74
CA PHE H 365 55.24 30.04 37.31
C PHE H 365 56.48 30.06 38.16
N GLN H 366 57.47 30.84 37.76
CA GLN H 366 58.72 30.88 38.54
C GLN H 366 59.32 32.23 38.63
N TYR H 367 60.02 32.49 39.74
CA TYR H 367 60.77 33.73 39.99
C TYR H 367 59.85 34.93 39.89
N ASN H 368 58.62 34.77 40.34
CA ASN H 368 57.70 35.88 40.33
C ASN H 368 57.68 36.52 41.71
N GLU H 369 57.26 37.79 41.73
CA GLU H 369 56.83 38.45 42.98
C GLU H 369 55.34 38.84 42.99
N MET H 370 54.67 38.64 44.13
CA MET H 370 53.27 39.06 44.30
C MET H 370 53.00 39.67 45.67
N TYR H 371 52.58 40.94 45.64
CA TYR H 371 52.36 41.80 46.81
C TYR H 371 50.89 42.24 46.98
N ASN H 372 50.40 42.17 48.21
CA ASN H 372 49.33 43.00 48.69
C ASN H 372 48.05 42.90 47.86
N ASN H 373 47.70 41.70 47.42
CA ASN H 373 46.43 41.48 46.77
C ASN H 373 45.35 41.85 47.74
N LEU H 374 44.40 42.66 47.27
CA LEU H 374 43.52 43.46 48.16
C LEU H 374 42.16 42.88 48.43
N ASN H 375 41.62 43.32 49.57
CA ASN H 375 40.18 43.38 49.82
C ASN H 375 39.48 42.11 50.23
N ALA H 376 40.22 41.07 50.55
CA ALA H 376 39.57 39.92 51.21
C ALA H 376 38.87 40.25 52.53
N GLU H 377 39.32 41.31 53.20
CA GLU H 377 38.63 41.82 54.40
C GLU H 377 37.34 42.55 54.03
N HIS H 378 37.19 42.97 52.79
CA HIS H 378 36.10 43.80 52.33
C HIS H 378 35.33 43.22 51.13
N GLY H 379 35.27 41.92 50.97
CA GLY H 379 34.39 41.33 49.95
C GLY H 379 35.05 40.41 48.93
N ASN H 380 36.38 40.43 48.89
CA ASN H 380 37.10 39.54 47.98
C ASN H 380 37.11 38.11 48.55
N GLY H 381 36.39 37.23 47.86
CA GLY H 381 36.28 35.81 48.22
C GLY H 381 37.52 34.96 48.02
N ASP H 382 38.51 35.55 47.35
CA ASP H 382 39.83 34.98 47.18
C ASP H 382 40.82 35.93 47.89
N GLY H 383 41.72 36.61 47.18
CA GLY H 383 42.77 37.47 47.80
C GLY H 383 44.17 36.86 47.90
N GLN H 384 44.37 35.75 47.21
CA GLN H 384 45.63 35.00 47.25
C GLN H 384 46.66 35.59 46.29
N ALA H 385 47.94 35.33 46.58
CA ALA H 385 49.02 35.65 45.64
C ALA H 385 48.96 34.72 44.46
N TRP H 386 48.93 33.43 44.77
CA TRP H 386 48.97 32.37 43.82
C TRP H 386 47.72 31.50 43.91
N ASP H 387 47.31 30.97 42.76
CA ASP H 387 46.09 30.13 42.70
C ASP H 387 46.23 29.01 41.69
N ALA H 388 46.45 27.78 42.19
CA ALA H 388 46.45 26.62 41.29
C ALA H 388 44.98 26.22 41.07
N ASP H 389 44.37 26.82 40.07
CA ASP H 389 42.94 26.69 39.90
C ASP H 389 42.67 25.41 39.10
N TYR H 390 41.45 25.25 38.58
CA TYR H 390 41.10 24.09 37.73
C TYR H 390 42.21 23.96 36.75
N GLY H 391 42.80 22.78 36.65
CA GLY H 391 43.79 22.52 35.60
C GLY H 391 44.69 21.43 36.09
N ASP H 392 45.72 21.10 35.31
CA ASP H 392 46.54 19.91 35.58
C ASP H 392 48.03 20.24 35.51
N GLY H 393 48.78 19.98 36.58
CA GLY H 393 50.26 20.10 36.59
C GLY H 393 50.89 21.46 36.89
N THR H 394 50.17 22.34 37.53
CA THR H 394 50.69 23.65 37.82
C THR H 394 51.94 23.59 38.69
N LEU H 395 53.01 24.17 38.18
CA LEU H 395 54.27 24.29 38.94
C LEU H 395 54.48 25.74 39.38
N TYR H 396 54.53 25.94 40.70
CA TYR H 396 54.86 27.21 41.27
C TYR H 396 56.21 27.05 41.95
N GLN H 397 57.24 27.68 41.39
CA GLN H 397 58.55 27.61 42.04
C GLN H 397 59.29 28.94 42.15
N TYR H 398 60.10 29.05 43.20
CA TYR H 398 61.03 30.20 43.38
C TYR H 398 60.30 31.54 43.42
N ASN H 399 59.04 31.58 43.89
CA ASN H 399 58.24 32.83 43.92
C ASN H 399 58.20 33.48 45.33
N TYR H 400 58.10 34.79 45.39
CA TYR H 400 57.93 35.49 46.63
C TYR H 400 56.55 36.14 46.70
N SER H 401 55.84 35.93 47.81
CA SER H 401 54.56 36.58 48.10
C SER H 401 54.68 37.33 49.43
N TYR H 402 54.11 38.54 49.47
CA TYR H 402 54.09 39.35 50.66
C TYR H 402 52.73 40.02 50.79
N GLY H 403 52.16 39.94 51.98
CA GLY H 403 51.13 40.90 52.39
C GLY H 403 49.81 40.74 51.70
N ASN H 404 49.53 39.55 51.20
CA ASN H 404 48.26 39.26 50.52
C ASN H 404 47.20 39.09 51.56
N SER H 405 46.01 39.58 51.22
CA SER H 405 44.94 39.72 52.19
C SER H 405 44.31 38.36 52.52
N PHE H 406 44.41 37.39 51.61
CA PHE H 406 43.96 36.01 51.87
C PHE H 406 44.87 34.94 51.27
N ALA H 407 45.83 34.49 52.07
CA ALA H 407 46.74 33.37 51.74
C ALA H 407 47.75 33.59 50.62
N SER H 408 48.87 32.88 50.73
CA SER H 408 49.84 32.73 49.62
C SER H 408 49.23 31.90 48.47
N LEU H 409 48.79 30.67 48.75
CA LEU H 409 48.41 29.71 47.67
C LEU H 409 47.02 29.16 47.91
N MET H 410 46.17 29.34 46.90
CA MET H 410 44.97 28.50 46.75
C MET H 410 45.23 27.33 45.81
N ILE H 411 44.71 26.16 46.21
CA ILE H 411 44.44 25.03 45.29
C ILE H 411 42.91 24.86 45.25
N CYS H 412 42.29 25.12 44.09
CA CYS H 412 40.87 25.47 44.05
C CYS H 412 39.95 24.37 43.51
N ASN H 413 39.30 23.66 44.45
CA ASN H 413 38.27 22.67 44.16
C ASN H 413 38.76 21.48 43.37
N TRP H 414 37.81 20.58 43.20
CA TRP H 414 37.96 19.27 42.59
C TRP H 414 38.85 19.20 41.39
N TYR H 415 38.63 20.09 40.44
CA TYR H 415 39.33 20.01 39.17
C TYR H 415 40.69 20.65 39.15
N ALA H 416 41.14 21.15 40.28
CA ALA H 416 42.51 21.56 40.46
C ALA H 416 43.29 20.36 41.02
N VAL H 417 44.17 19.80 40.18
CA VAL H 417 44.83 18.53 40.43
C VAL H 417 46.32 18.65 40.05
N ASN H 418 47.16 17.84 40.71
CA ASN H 418 48.57 17.64 40.29
C ASN H 418 49.47 18.90 40.41
N THR H 419 49.38 19.59 41.54
CA THR H 419 50.14 20.83 41.73
C THR H 419 51.48 20.59 42.45
N THR H 420 52.48 21.36 42.05
CA THR H 420 53.71 21.48 42.82
C THR H 420 53.94 22.91 43.21
N PHE H 421 54.32 23.09 44.47
CA PHE H 421 54.55 24.40 45.06
C PHE H 421 55.81 24.21 45.89
N ARG H 422 56.94 24.69 45.35
CA ARG H 422 58.22 24.39 45.96
C ARG H 422 59.22 25.51 45.91
N TYR H 423 60.06 25.59 46.95
CA TYR H 423 61.12 26.58 47.01
C TYR H 423 60.54 27.98 46.85
N ASN H 424 59.36 28.24 47.45
CA ASN H 424 58.82 29.57 47.49
C ASN H 424 58.99 30.16 48.91
N ILE H 425 58.87 31.47 49.03
CA ILE H 425 58.84 32.16 50.31
C ILE H 425 57.51 32.98 50.42
N SER H 426 56.81 32.82 51.54
CA SER H 426 55.63 33.57 51.88
C SER H 426 55.93 34.38 53.13
N GLN H 427 55.87 35.69 53.05
CA GLN H 427 56.03 36.54 54.25
C GLN H 427 54.77 37.41 54.49
N ASN H 428 54.18 37.28 55.68
CA ASN H 428 53.01 38.08 56.10
C ASN H 428 51.78 38.00 55.19
N ASP H 429 51.57 36.85 54.58
CA ASP H 429 50.30 36.62 53.92
C ASP H 429 49.33 36.30 55.01
N ARG H 430 48.12 36.87 54.95
CA ARG H 430 47.17 36.79 56.06
C ARG H 430 46.07 35.78 55.88
N GLN H 431 45.47 35.42 57.02
CA GLN H 431 44.30 34.54 57.10
C GLN H 431 44.59 33.10 56.72
N GLY H 432 45.83 32.66 56.88
CA GLY H 432 46.26 31.33 56.46
C GLY H 432 47.16 31.43 55.23
N VAL H 433 48.22 30.60 55.16
CA VAL H 433 49.18 30.62 54.05
C VAL H 433 48.70 29.71 52.91
N PHE H 434 48.21 28.52 53.26
CA PHE H 434 47.63 27.61 52.27
C PHE H 434 46.11 27.46 52.45
N ASP H 435 45.45 27.54 51.30
CA ASP H 435 44.05 27.51 51.18
C ASP H 435 43.77 26.31 50.32
N LEU H 436 43.20 25.31 50.98
CA LEU H 436 42.88 24.03 50.41
C LEU H 436 41.39 23.69 50.49
N PRO H 437 40.51 24.46 49.78
CA PRO H 437 39.10 24.18 49.77
C PRO H 437 38.74 23.12 48.73
N SER H 438 38.62 21.90 49.20
CA SER H 438 38.09 20.81 48.37
C SER H 438 38.88 20.56 47.08
N ASN H 439 40.13 21.01 47.02
CA ASN H 439 41.01 20.68 45.89
C ASN H 439 41.12 19.15 45.67
N GLY H 440 41.27 18.76 44.40
CA GLY H 440 41.56 17.36 44.03
C GLY H 440 42.93 16.88 44.51
N PRO H 441 43.30 15.65 44.16
CA PRO H 441 44.51 15.06 44.74
C PRO H 441 45.79 15.41 43.98
N GLY H 442 46.92 14.86 44.43
CA GLY H 442 48.19 14.92 43.68
C GLY H 442 49.06 16.17 43.88
N ASN H 443 48.89 16.82 45.02
CA ASN H 443 49.54 18.08 45.29
C ASN H 443 50.66 17.95 46.29
N HIS H 444 51.75 18.61 45.96
CA HIS H 444 52.96 18.42 46.67
C HIS H 444 53.50 19.80 46.99
N ILE H 445 53.81 20.01 48.26
CA ILE H 445 54.15 21.35 48.75
C ILE H 445 55.42 21.16 49.55
N TYR H 446 56.53 21.42 48.90
CA TYR H 446 57.81 21.17 49.57
C TYR H 446 58.90 22.20 49.46
N ASN H 447 59.68 22.29 50.53
CA ASN H 447 60.87 23.13 50.56
C ASN H 447 60.54 24.63 50.47
N ASN H 448 59.42 25.00 51.04
CA ASN H 448 59.09 26.43 51.09
C ASN H 448 59.47 26.97 52.47
N THR H 449 59.57 28.29 52.56
CA THR H 449 59.68 28.95 53.87
C THR H 449 58.47 29.87 54.01
N VAL H 450 57.71 29.66 55.06
CA VAL H 450 56.52 30.46 55.32
C VAL H 450 56.64 31.10 56.72
N TYR H 451 56.44 32.42 56.72
CA TYR H 451 56.68 33.28 57.88
C TYR H 451 55.29 33.80 58.27
N VAL H 452 54.74 33.23 59.33
CA VAL H 452 53.32 33.30 59.64
C VAL H 452 53.11 34.18 60.87
N ASP H 453 52.42 35.30 60.65
CA ASP H 453 52.32 36.32 61.69
C ASP H 453 50.99 36.12 62.42
N ALA H 454 50.67 37.02 63.33
CA ALA H 454 49.48 36.89 64.21
C ALA H 454 48.15 37.24 63.51
N ASP H 455 48.23 37.84 62.34
CA ASP H 455 47.11 37.88 61.40
C ASP H 455 46.87 36.62 60.56
N SER H 456 47.63 35.54 60.79
CA SER H 456 47.59 34.41 59.89
C SER H 456 47.73 33.08 60.63
N GLN H 457 47.76 32.02 59.85
CA GLN H 457 47.95 30.71 60.41
C GLN H 457 48.48 29.85 59.24
N VAL H 458 48.68 28.56 59.44
CA VAL H 458 49.26 27.73 58.38
C VAL H 458 48.25 27.38 57.29
N LEU H 459 47.06 26.95 57.69
CA LEU H 459 45.93 26.73 56.77
C LEU H 459 44.79 27.72 57.00
N THR H 460 44.10 28.10 55.93
CA THR H 460 42.87 28.86 56.02
C THR H 460 41.80 28.06 56.78
N LYS H 461 40.85 28.76 57.39
CA LYS H 461 39.74 28.09 58.09
C LYS H 461 38.94 27.15 57.19
N ARG H 462 38.77 27.52 55.92
CA ARG H 462 37.93 26.72 54.98
C ARG H 462 38.67 25.57 54.26
N SER H 463 39.94 25.39 54.60
CA SER H 463 40.75 24.28 54.12
C SER H 463 40.24 22.95 54.68
N ASN H 464 40.25 21.96 53.81
CA ASN H 464 39.79 20.62 54.11
C ASN H 464 40.39 19.47 53.26
N SER H 465 41.07 19.77 52.15
CA SER H 465 41.53 18.71 51.26
C SER H 465 43.03 18.39 51.30
N GLN H 466 43.49 17.73 50.24
CA GLN H 466 44.79 17.06 50.15
C GLN H 466 46.01 18.00 49.95
N SER H 467 47.09 17.68 50.66
CA SER H 467 48.40 18.18 50.34
C SER H 467 49.47 17.33 51.07
N LEU H 468 50.55 17.01 50.37
CA LEU H 468 51.73 16.42 51.00
C LEU H 468 52.76 17.55 51.27
N PHE H 469 53.00 17.84 52.55
CA PHE H 469 53.93 18.89 53.01
C PHE H 469 55.28 18.24 53.38
N GLU H 470 56.34 18.65 52.72
CA GLU H 470 57.65 18.11 53.00
C GLU H 470 58.70 19.18 52.97
N ASN H 471 59.72 19.00 53.80
CA ASN H 471 60.90 19.84 53.74
C ASN H 471 60.69 21.34 53.94
N ASN H 472 59.56 21.75 54.54
CA ASN H 472 59.21 23.15 54.65
C ASN H 472 59.75 23.69 55.96
N ILE H 473 60.02 24.98 56.02
CA ILE H 473 60.17 25.68 57.28
C ILE H 473 58.88 26.51 57.52
N PHE H 474 58.09 26.10 58.52
CA PHE H 474 56.97 26.87 59.02
C PHE H 474 57.49 27.72 60.18
N ILE H 475 57.22 29.02 60.18
CA ILE H 475 57.71 29.94 61.22
C ILE H 475 56.53 30.60 61.91
N ASN H 476 56.34 30.30 63.20
CA ASN H 476 55.40 31.05 64.03
C ASN H 476 56.11 32.32 64.51
N ALA H 477 55.82 33.43 63.84
CA ALA H 477 56.32 34.73 64.25
C ALA H 477 55.31 35.44 65.15
N THR H 478 55.02 34.84 66.30
CA THR H 478 54.23 35.52 67.32
C THR H 478 54.98 35.40 68.64
N ASN H 479 54.42 36.00 69.69
CA ASN H 479 55.11 36.15 70.98
C ASN H 479 54.74 35.07 72.02
N THR H 480 54.15 33.98 71.57
CA THR H 480 54.12 32.75 72.32
C THR H 480 54.47 31.60 71.39
N LYS H 481 54.60 30.42 71.97
CA LYS H 481 54.62 29.18 71.27
C LYS H 481 53.21 28.81 70.90
N LYS H 482 52.88 28.95 69.63
CA LYS H 482 51.52 28.70 69.19
C LYS H 482 51.15 27.21 69.20
N THR H 483 49.96 26.90 69.67
CA THR H 483 49.37 25.61 69.39
C THR H 483 48.60 25.77 68.10
N GLU H 484 49.15 25.25 67.02
CA GLU H 484 48.59 25.47 65.70
C GLU H 484 47.69 24.33 65.33
N THR H 485 46.71 24.64 64.52
CA THR H 485 45.84 23.67 63.89
C THR H 485 46.45 23.25 62.55
N TRP H 486 47.15 22.13 62.57
CA TRP H 486 47.81 21.60 61.38
C TRP H 486 46.91 20.82 60.40
N ASN H 487 45.80 20.29 60.86
CA ASN H 487 44.92 19.49 60.00
C ASN H 487 43.51 20.07 60.08
N ARG H 488 42.86 20.12 58.93
CA ARG H 488 41.47 20.52 58.84
C ARG H 488 40.86 19.62 57.79
N GLY H 489 39.72 19.02 58.10
CA GLY H 489 39.01 18.16 57.16
C GLY H 489 39.85 16.94 56.82
N SER H 490 39.37 16.11 55.91
CA SER H 490 40.04 14.86 55.59
C SER H 490 39.59 14.38 54.23
N GLN H 491 39.50 15.35 53.33
CA GLN H 491 39.02 15.15 52.00
C GLN H 491 40.24 14.74 51.18
N ASN H 492 40.13 13.63 50.44
CA ASN H 492 41.25 13.03 49.71
C ASN H 492 42.45 12.81 50.59
N GLY H 493 42.16 12.24 51.75
CA GLY H 493 42.46 12.80 53.07
C GLY H 493 43.79 12.72 53.79
N GLY H 494 44.38 13.85 54.11
CA GLY H 494 43.93 15.18 53.69
C GLY H 494 45.26 15.88 53.68
N GLN H 495 45.63 16.52 54.77
CA GLN H 495 46.94 17.16 54.85
C GLN H 495 47.90 16.21 55.54
N THR H 496 48.85 15.70 54.77
CA THR H 496 49.93 14.82 55.24
C THR H 496 51.26 15.60 55.29
N TYR H 497 52.00 15.41 56.38
CA TYR H 497 53.26 16.10 56.68
C TYR H 497 54.40 15.15 57.00
N ASP H 498 55.59 15.41 56.45
CA ASP H 498 56.76 14.59 56.77
C ASP H 498 58.06 15.33 56.50
N ASN H 499 58.91 15.31 57.51
CA ASN H 499 60.20 15.99 57.43
C ASN H 499 60.07 17.49 57.20
N ASN H 500 59.27 18.16 58.02
CA ASN H 500 59.29 19.62 58.03
C ASN H 500 59.86 20.14 59.32
N MET H 501 60.18 21.40 59.27
CA MET H 501 60.64 22.12 60.45
C MET H 501 59.54 23.01 60.98
N TYR H 502 59.37 23.01 62.29
CA TYR H 502 58.33 23.72 62.98
C TYR H 502 59.07 24.64 63.94
N VAL H 503 59.06 25.94 63.67
CA VAL H 503 59.86 26.91 64.44
C VAL H 503 58.96 27.65 65.38
N ASN H 504 59.36 27.74 66.64
CA ASN H 504 58.58 28.40 67.70
C ASN H 504 57.09 27.97 67.88
N TYR H 505 56.76 26.69 67.69
CA TYR H 505 55.42 26.13 67.96
C TYR H 505 55.39 25.32 69.27
N ALA H 506 54.20 25.23 69.89
CA ALA H 506 53.97 24.27 71.01
C ALA H 506 53.70 22.86 70.55
N ASN H 507 53.28 22.67 69.31
CA ASN H 507 52.90 21.34 68.79
C ASN H 507 53.43 21.14 67.39
N LYS H 508 52.99 20.06 66.75
CA LYS H 508 53.47 19.68 65.45
C LYS H 508 52.41 18.75 64.87
N PRO H 509 52.38 18.56 63.55
CA PRO H 509 51.43 17.59 62.97
C PRO H 509 51.56 16.18 63.54
N THR H 510 50.45 15.59 63.93
CA THR H 510 50.46 14.18 64.38
C THR H 510 50.97 13.25 63.25
N SER H 511 50.74 13.58 61.98
CA SER H 511 51.28 12.72 60.91
C SER H 511 52.78 12.84 60.64
N ASP H 512 53.52 13.71 61.35
CA ASP H 512 54.94 13.93 60.95
C ASP H 512 55.86 13.09 61.82
N ALA H 513 56.23 11.93 61.29
CA ALA H 513 57.14 11.04 61.99
C ALA H 513 58.60 11.56 62.08
N ASN H 514 58.95 12.51 61.20
CA ASN H 514 60.33 13.00 61.03
C ASN H 514 60.52 14.52 61.25
N ALA H 515 59.71 15.12 62.09
CA ALA H 515 59.72 16.55 62.37
C ALA H 515 61.04 17.04 62.98
N ILE H 516 61.49 18.23 62.52
CA ILE H 516 62.56 19.03 63.13
C ILE H 516 61.91 20.21 63.89
N GLU H 517 62.26 20.43 65.13
CA GLU H 517 61.61 21.47 65.92
C GLU H 517 62.70 22.43 66.36
N ALA H 518 62.54 23.73 66.08
CA ALA H 518 63.41 24.77 66.61
C ALA H 518 62.65 25.77 67.45
N ASP H 519 63.27 26.19 68.54
CA ASP H 519 62.64 27.10 69.49
C ASP H 519 62.58 28.52 68.94
N ASP H 520 63.63 28.91 68.22
CA ASP H 520 63.94 30.29 67.91
C ASP H 520 64.40 30.34 66.48
N VAL H 521 63.77 31.22 65.68
CA VAL H 521 64.13 31.41 64.26
C VAL H 521 65.49 32.07 64.07
N SER H 522 65.88 32.95 64.98
CA SER H 522 67.20 33.57 64.94
C SER H 522 68.36 32.61 64.87
N ALA H 523 68.17 31.38 65.32
CA ALA H 523 69.16 30.32 65.24
C ALA H 523 69.03 29.42 63.97
N VAL H 524 68.01 29.65 63.17
CA VAL H 524 67.72 28.82 61.98
C VAL H 524 68.05 29.61 60.72
N LEU H 525 67.53 30.83 60.63
CA LEU H 525 67.74 31.73 59.49
C LEU H 525 68.33 33.08 59.91
N ALA H 526 68.92 33.74 58.92
CA ALA H 526 69.71 34.94 59.17
C ALA H 526 68.89 36.12 59.68
N GLY H 527 67.75 36.37 59.04
CA GLY H 527 66.84 37.48 59.36
C GLY H 527 65.43 37.27 58.81
N ALA H 528 64.69 36.39 59.47
CA ALA H 528 63.34 36.00 59.03
C ALA H 528 62.40 37.18 59.17
N GLY H 529 61.58 37.41 58.16
CA GLY H 529 60.68 38.51 58.15
C GLY H 529 61.20 39.72 57.42
N SER H 530 62.43 39.64 56.90
CA SER H 530 63.11 40.83 56.43
C SER H 530 63.22 40.94 54.92
N ALA H 531 62.47 40.12 54.20
CA ALA H 531 62.30 40.22 52.75
C ALA H 531 61.39 41.38 52.44
N PRO H 532 61.32 41.81 51.16
CA PRO H 532 60.55 43.08 50.93
C PRO H 532 59.06 43.09 51.30
N THR H 533 58.61 44.25 51.74
CA THR H 533 57.23 44.51 52.05
C THR H 533 56.57 45.27 50.91
N SER H 534 57.29 45.48 49.83
CA SER H 534 56.78 46.30 48.78
C SER H 534 57.47 45.91 47.50
N ALA H 535 56.78 46.08 46.37
CA ALA H 535 57.42 45.96 45.08
C ALA H 535 58.38 47.15 44.93
N LEU H 536 59.46 46.98 44.18
CA LEU H 536 60.33 48.10 43.81
C LEU H 536 59.55 49.17 43.10
N LYS H 537 59.88 50.43 43.34
CA LYS H 537 59.24 51.54 42.64
C LYS H 537 59.19 51.33 41.10
N SER H 538 60.26 50.80 40.52
CA SER H 538 60.31 50.56 39.06
C SER H 538 59.40 49.41 38.59
N GLY H 539 58.99 48.54 39.51
CA GLY H 539 58.25 47.32 39.17
C GLY H 539 59.06 46.12 38.74
N ALA H 540 60.38 46.28 38.74
CA ALA H 540 61.33 45.23 38.47
C ALA H 540 61.32 44.29 39.65
N GLU H 541 61.65 43.04 39.41
CA GLU H 541 61.83 42.11 40.52
C GLU H 541 63.03 42.57 41.36
N HIS H 542 63.03 42.24 42.65
CA HIS H 542 64.19 42.48 43.52
C HIS H 542 65.38 41.57 43.13
N ALA H 543 66.58 42.06 43.35
CA ALA H 543 67.78 41.22 43.23
C ALA H 543 67.74 40.18 44.33
N ARG H 544 68.15 38.97 43.94
CA ARG H 544 68.35 37.85 44.84
C ARG H 544 69.82 37.55 45.17
N THR H 545 70.74 38.18 44.43
CA THR H 545 72.19 38.12 44.66
C THR H 545 72.82 39.51 44.51
N GLY H 546 74.07 39.62 44.96
CA GLY H 546 74.84 40.87 44.86
C GLY H 546 74.45 41.84 45.98
N GLU H 547 74.82 43.09 45.83
CA GLU H 547 74.70 44.07 46.94
C GLU H 547 73.26 44.43 47.27
N LYS H 548 72.37 44.31 46.28
CA LYS H 548 70.93 44.60 46.50
C LYS H 548 70.12 43.37 46.86
N ALA H 549 70.77 42.20 46.99
CA ALA H 549 70.09 40.97 47.40
C ALA H 549 69.05 41.27 48.48
N ALA H 550 67.81 40.88 48.24
CA ALA H 550 66.72 41.24 49.12
C ALA H 550 66.26 40.10 50.01
N PHE H 551 66.89 38.93 49.88
CA PHE H 551 66.36 37.74 50.49
C PHE H 551 67.36 37.05 51.37
N ASP H 552 68.42 37.73 51.76
CA ASP H 552 69.43 37.09 52.64
C ASP H 552 68.92 36.77 54.04
N GLY H 553 67.85 37.42 54.48
CA GLY H 553 67.19 37.03 55.72
C GLY H 553 66.73 35.57 55.76
N TYR H 554 66.46 35.00 54.58
CA TYR H 554 66.06 33.55 54.48
C TYR H 554 67.17 32.50 54.31
N ARG H 555 68.42 32.93 54.26
CA ARG H 555 69.55 31.99 54.22
C ARG H 555 69.72 31.36 55.60
N PRO H 556 69.97 30.05 55.65
CA PRO H 556 70.31 29.39 56.91
C PRO H 556 71.59 29.94 57.55
N VAL H 557 71.65 29.95 58.87
CA VAL H 557 72.88 30.34 59.56
C VAL H 557 73.83 29.16 59.89
N ALA H 558 75.03 29.49 60.33
CA ALA H 558 75.99 28.50 60.74
C ALA H 558 75.41 27.67 61.87
N GLY H 559 75.49 26.35 61.73
CA GLY H 559 74.91 25.41 62.71
C GLY H 559 73.42 25.17 62.58
N SER H 560 72.79 25.78 61.59
CA SER H 560 71.36 25.72 61.47
C SER H 560 70.88 24.25 61.34
N LYS H 561 69.79 23.93 62.05
CA LYS H 561 69.19 22.61 61.96
C LYS H 561 68.50 22.34 60.61
N ALA H 562 68.35 23.38 59.78
CA ALA H 562 67.83 23.22 58.44
C ALA H 562 68.85 22.59 57.52
N ILE H 563 70.13 22.68 57.88
CA ILE H 563 71.23 22.34 56.98
C ILE H 563 71.30 20.82 56.85
N ASN H 564 71.41 20.35 55.61
CA ASN H 564 71.45 18.92 55.30
C ASN H 564 70.38 18.08 55.97
N ALA H 565 69.23 18.70 56.26
CA ALA H 565 68.20 18.04 57.07
C ALA H 565 67.00 17.60 56.26
N GLY H 566 66.91 17.95 54.99
CA GLY H 566 65.71 17.60 54.22
C GLY H 566 65.86 16.19 53.70
N LYS H 567 64.75 15.58 53.34
CA LYS H 567 64.77 14.27 52.65
C LYS H 567 64.96 14.55 51.21
N VAL H 568 65.42 13.56 50.46
CA VAL H 568 65.42 13.64 49.00
C VAL H 568 63.96 13.52 48.61
N VAL H 569 63.48 14.50 47.84
CA VAL H 569 62.07 14.55 47.45
C VAL H 569 61.80 13.85 46.12
N SER H 570 60.79 13.01 46.11
CA SER H 570 60.22 12.40 44.89
C SER H 570 58.93 13.16 44.51
N ASP H 571 59.08 14.15 43.61
CA ASP H 571 58.02 15.06 43.13
C ASP H 571 56.87 14.24 42.59
N LEU H 572 55.66 14.57 43.05
CA LEU H 572 54.45 13.81 42.73
C LEU H 572 54.05 13.96 41.27
N ASN H 573 54.58 14.99 40.63
CA ASN H 573 54.27 15.37 39.24
C ASN H 573 55.46 15.32 38.31
N ASP H 574 56.54 14.62 38.72
CA ASP H 574 57.73 14.32 37.83
C ASP H 574 58.53 15.58 37.38
N TYR H 575 58.53 16.58 38.24
CA TYR H 575 59.30 17.78 37.95
C TYR H 575 60.51 17.59 38.79
N ALA H 576 61.66 17.39 38.15
CA ALA H 576 62.91 17.17 38.90
C ALA H 576 63.38 18.39 39.74
N VAL H 577 63.79 18.14 40.98
CA VAL H 577 64.47 19.16 41.79
C VAL H 577 65.77 19.67 41.09
N GLU H 578 65.78 20.95 40.68
CA GLU H 578 66.94 21.59 39.99
C GLU H 578 67.69 22.59 40.89
N ASN H 579 67.00 23.61 41.35
CA ASN H 579 67.67 24.67 42.13
C ASN H 579 66.75 25.21 43.22
N ASP H 580 67.31 26.08 44.07
CA ASP H 580 66.60 26.66 45.17
C ASP H 580 66.08 28.10 44.81
N PHE H 581 65.45 28.78 45.77
CA PHE H 581 64.85 30.15 45.56
C PHE H 581 65.85 31.22 45.03
N LEU H 582 67.11 31.13 45.45
CA LEU H 582 68.16 32.01 44.98
C LEU H 582 68.86 31.51 43.68
N GLY H 583 68.37 30.44 43.06
CA GLY H 583 68.96 29.92 41.83
C GLY H 583 70.17 28.99 41.99
N ASN H 584 70.60 28.78 43.23
CA ASN H 584 71.71 27.90 43.58
C ASN H 584 71.31 26.41 43.50
N ALA H 585 72.30 25.56 43.25
CA ALA H 585 72.02 24.17 42.89
C ALA H 585 71.74 23.40 44.15
N VAL H 586 70.74 22.52 44.11
CA VAL H 586 70.52 21.61 45.24
C VAL H 586 71.43 20.41 44.94
N LYS H 587 72.49 20.27 45.73
CA LYS H 587 73.45 19.17 45.55
C LYS H 587 73.04 17.97 46.40
N GLY H 588 73.61 17.80 47.59
CA GLY H 588 73.59 16.50 48.27
C GLY H 588 72.20 16.01 48.65
N ARG H 589 71.91 16.06 49.94
CA ARG H 589 70.55 15.95 50.42
C ARG H 589 70.12 17.39 50.73
N PRO H 590 68.89 17.75 50.35
CA PRO H 590 68.48 19.17 50.45
C PRO H 590 68.57 19.76 51.86
N ASP H 591 68.81 21.05 51.92
CA ASP H 591 68.49 21.79 53.14
C ASP H 591 66.97 21.97 53.24
N LEU H 592 66.50 22.14 54.47
CA LEU H 592 65.09 22.42 54.74
C LEU H 592 64.79 23.87 54.36
N GLY H 593 63.59 24.10 53.88
CA GLY H 593 63.18 25.40 53.42
C GLY H 593 63.60 25.66 52.00
N ALA H 594 63.36 26.89 51.60
CA ALA H 594 63.59 27.36 50.24
C ALA H 594 64.99 27.80 49.92
N VAL H 595 65.83 28.03 50.92
CA VAL H 595 67.18 28.56 50.63
C VAL H 595 68.25 27.58 51.10
N GLU H 596 69.09 27.12 50.17
CA GLU H 596 70.27 26.31 50.49
C GLU H 596 71.32 27.21 51.17
N ALA H 597 71.96 26.67 52.20
CA ALA H 597 73.10 27.34 52.85
C ALA H 597 74.30 27.44 51.87
N ALA H 598 74.93 28.63 51.77
CA ALA H 598 76.12 28.89 50.88
C ALA H 598 77.42 28.38 51.52
#